data_6U7H
#
_entry.id   6U7H
#
_cell.length_a   1.00
_cell.length_b   1.00
_cell.length_c   1.00
_cell.angle_alpha   90.00
_cell.angle_beta   90.00
_cell.angle_gamma   90.00
#
_symmetry.space_group_name_H-M   'P 1'
#
loop_
_entity.id
_entity.type
_entity.pdbx_description
1 polymer 'spike glycoprotein'
2 branched alpha-D-mannopyranose-(1-2)-alpha-D-mannopyranose-(1-3)-[alpha-D-mannopyranose-(1-3)-alpha-D-mannopyranose-(1-6)]beta-D-mannopyranose-(1-4)-2-acetamido-2-deoxy-beta-D-glucopyranose-(1-4)-2-acetamido-2-deoxy-beta-D-glucopyranose
3 branched 2-acetamido-2-deoxy-beta-D-glucopyranose-(1-4)-2-acetamido-2-deoxy-beta-D-glucopyranose
4 branched beta-D-mannopyranose-(1-4)-2-acetamido-2-deoxy-beta-D-glucopyranose-(1-4)-2-acetamido-2-deoxy-beta-D-glucopyranose
5 non-polymer 2-acetamido-2-deoxy-beta-D-glucopyranose
#
_entity_poly.entity_id   1
_entity_poly.type   'polypeptide(L)'
_entity_poly.pdbx_seq_one_letter_code
;MFVLLVAYALLHIAGCQTTNGLNTSYSVCNGCVGYSENVFAVESGGYIPSDFAFNNWFLLTNTSSVVDGVVRSFQPLLLN
CLWSVSGLRFTTGFVYFNGTGRGDCKGFSSDVLSDVIRYNLNFEENLRRGTILFKTSYGVVVFYCTNNTLVSGDAHIPFG
TVLGNFYCFVNTTIGTETTSAFVGALPKTVREFVISRTGHFYINGYRYFTLGNVEAVNFNVTTAETTDFFTVALASYADV
LVNVSQTSIANIIYCNSVINRLRCDQLSFYVPDGFYSTSPIQSVELPVSIVSLPVYHKHMFIVLYVDFKPQSGGGKCFNC
YPAGVNITLANFNETKGPLCVDTSHFTTKYVAVYANVGRWSASINTGNCPFSFGKVNNFVKFGSVCFSLKDIPGGCAMPI
VANWAYSKYYTIGTLYVSWSDGDGITGVPQPVEGVSSFMNVTLDKCTKYNIYDVSGVGVIRVSNDTFLNGITYTSTSGNL
LGFKDVTKGTIYSITPCNPPDQLVVYQQAVVGAMLSENFTSYGFSNVVELPKFFYASNGTYNCTDAVLTYSSFGVCADGS
IIAVQPRNVSYDSVSAIVTANLSIPSNWTISVQVEYLQITSTPIVVDCSTYVCNGNVRCVELLKQYTSACKTIEDALRNS
ARLESADVSEMLTFDKKAFTLANVSSFGDYNLSSVIPSLPTSGSRVAGRSAIEDILFSKIVTSGLGTVDADYKNCTKGLS
IADLACAQYYNGIMVLPGVADAERMAMYTGSLIGGIALGGLTSAVSIPFSLAIQARLNYVALQTDVLQENQKILAASFNK
AMTNIVDAFTGVNDAITQTSQALQTVATALNKIQDVVNQQGNSLNHLTSQLRQNFQAISSSIQAIYDRLDPPQADQQVDR
LITGRLAALNVFVSHTLTKYTEVRASRQLAQQKVNECVKSQSKRYGFCGNGTHIFSIVNAAPEGLVFLHTVLLPTQYKDV
EAWSGLCVDGTNGYVLRQPNLALYKEGNYYRITSRIMFEPRIPTMADFVQIENCNVTFVNISRSELQTIVPEYIDVNKTL
QELSYKLPNYTVPDLVVEQYNQTILNLTSEISTLENKSAELNYTVQKLQTLIDNINSTLVDLKWLNRVETYIKSGGYIPE
APRDGQAYVRKDGEWVLLSTFLNSENLYFQSGSHHHHHH
;
_entity_poly.pdbx_strand_id   A,B,C
#
# COMPACT_ATOMS: atom_id res chain seq x y z
N GLU A 37 -52.08 7.60 -21.70
CA GLU A 37 -51.12 8.61 -21.18
C GLU A 37 -49.87 7.90 -20.66
N ASN A 38 -48.69 8.54 -20.69
CA ASN A 38 -47.48 7.97 -20.09
C ASN A 38 -47.38 8.22 -18.57
N VAL A 39 -48.24 7.51 -17.86
CA VAL A 39 -48.43 7.46 -16.40
C VAL A 39 -48.76 6.02 -16.02
N PHE A 40 -48.60 5.62 -14.77
CA PHE A 40 -48.56 4.20 -14.40
C PHE A 40 -49.27 3.90 -13.09
N ALA A 41 -49.61 2.65 -12.87
CA ALA A 41 -50.14 2.15 -11.61
C ALA A 41 -48.98 1.89 -10.64
N VAL A 42 -49.04 2.48 -9.45
CA VAL A 42 -48.04 2.25 -8.41
C VAL A 42 -48.10 0.81 -7.91
N GLU A 43 -46.96 0.14 -7.77
CA GLU A 43 -46.91 -1.24 -7.26
C GLU A 43 -47.24 -1.27 -5.77
N SER A 44 -47.85 -2.35 -5.28
CA SER A 44 -48.20 -2.42 -3.87
C SER A 44 -46.97 -2.30 -2.98
N GLY A 45 -47.09 -1.49 -1.94
CA GLY A 45 -45.96 -1.06 -1.11
C GLY A 45 -45.38 0.29 -1.52
N GLY A 46 -45.67 0.78 -2.73
CA GLY A 46 -45.40 2.15 -3.17
C GLY A 46 -44.35 2.29 -4.28
N TYR A 47 -43.75 1.20 -4.74
CA TYR A 47 -42.67 1.25 -5.71
C TYR A 47 -43.13 1.68 -7.10
N ILE A 48 -42.19 2.15 -7.91
CA ILE A 48 -42.42 2.56 -9.29
C ILE A 48 -42.04 1.39 -10.20
N PRO A 49 -42.92 0.94 -11.10
CA PRO A 49 -42.71 -0.28 -11.85
C PRO A 49 -41.48 -0.19 -12.74
N SER A 50 -40.69 -1.24 -12.74
CA SER A 50 -39.30 -1.23 -13.21
C SER A 50 -39.12 -0.87 -14.67
N ASP A 51 -40.14 -1.04 -15.50
CA ASP A 51 -40.10 -0.69 -16.91
C ASP A 51 -40.27 0.81 -17.17
N PHE A 52 -40.72 1.58 -16.19
CA PHE A 52 -41.07 2.98 -16.38
C PHE A 52 -39.88 3.81 -16.89
N ALA A 53 -40.16 4.72 -17.81
CA ALA A 53 -39.14 5.49 -18.50
C ALA A 53 -38.55 6.64 -17.70
N PHE A 54 -39.18 7.06 -16.59
CA PHE A 54 -38.82 8.27 -15.86
C PHE A 54 -38.78 9.49 -16.78
N ASN A 55 -39.76 9.59 -17.67
CA ASN A 55 -39.68 10.44 -18.86
C ASN A 55 -39.37 11.92 -18.59
N ASN A 56 -39.96 12.48 -17.54
CA ASN A 56 -39.68 13.84 -17.07
C ASN A 56 -39.60 13.87 -15.54
N TRP A 57 -39.09 12.81 -14.93
CA TRP A 57 -38.88 12.72 -13.49
C TRP A 57 -37.40 12.91 -13.23
N PHE A 58 -37.01 13.87 -12.40
CA PHE A 58 -35.61 14.21 -12.21
C PHE A 58 -35.08 13.72 -10.88
N LEU A 59 -33.85 13.27 -10.92
CA LEU A 59 -33.05 13.04 -9.74
C LEU A 59 -32.82 14.39 -9.08
N LEU A 60 -33.36 14.60 -7.89
CA LEU A 60 -33.31 15.91 -7.24
C LEU A 60 -31.94 16.19 -6.69
N THR A 61 -31.56 17.46 -6.63
CA THR A 61 -30.26 17.90 -6.14
C THR A 61 -30.32 19.22 -5.42
N ASN A 62 -29.40 19.39 -4.47
CA ASN A 62 -29.05 20.69 -3.90
C ASN A 62 -27.93 21.39 -4.68
N THR A 63 -27.17 20.64 -5.49
CA THR A 63 -26.05 21.11 -6.31
C THR A 63 -25.65 20.04 -7.32
N SER A 64 -24.89 20.37 -8.36
CA SER A 64 -24.02 19.38 -9.04
C SER A 64 -24.70 18.10 -9.49
N SER A 65 -25.62 18.17 -10.43
CA SER A 65 -26.29 16.99 -10.99
C SER A 65 -25.35 16.18 -11.88
N VAL A 66 -25.18 14.88 -11.63
CA VAL A 66 -24.25 14.05 -12.39
C VAL A 66 -24.67 13.88 -13.84
N VAL A 67 -23.71 13.69 -14.76
CA VAL A 67 -23.98 13.57 -16.20
C VAL A 67 -24.29 12.13 -16.58
N ASP A 68 -23.34 11.24 -16.37
CA ASP A 68 -23.45 9.80 -16.55
C ASP A 68 -22.88 9.14 -15.30
N GLY A 69 -23.47 8.06 -14.81
CA GLY A 69 -22.93 7.33 -13.67
C GLY A 69 -23.99 6.57 -12.91
N VAL A 70 -23.57 5.74 -11.97
CA VAL A 70 -24.46 5.06 -11.05
C VAL A 70 -24.31 5.70 -9.68
N VAL A 71 -25.41 6.11 -9.06
CA VAL A 71 -25.40 6.85 -7.80
C VAL A 71 -26.43 6.31 -6.86
N ARG A 72 -26.13 6.32 -5.58
CA ARG A 72 -26.98 5.83 -4.50
C ARG A 72 -27.45 7.04 -3.73
N SER A 73 -28.74 7.23 -3.52
CA SER A 73 -29.22 8.37 -2.73
C SER A 73 -30.59 8.15 -2.15
N PHE A 74 -30.90 8.89 -1.09
CA PHE A 74 -32.28 9.11 -0.67
C PHE A 74 -32.96 10.02 -1.67
N GLN A 75 -34.08 9.60 -2.25
CA GLN A 75 -34.85 10.37 -3.20
C GLN A 75 -36.34 10.20 -2.94
N PRO A 76 -37.18 11.19 -3.19
CA PRO A 76 -38.61 11.04 -3.07
C PRO A 76 -39.14 10.27 -4.27
N LEU A 77 -38.98 8.96 -4.25
CA LEU A 77 -39.36 8.04 -5.32
C LEU A 77 -40.18 6.86 -4.84
N LEU A 78 -40.59 6.84 -3.57
CA LEU A 78 -41.54 5.85 -3.07
C LEU A 78 -42.87 6.56 -2.93
N LEU A 79 -43.90 6.06 -3.61
CA LEU A 79 -45.07 6.88 -3.88
C LEU A 79 -46.24 6.48 -3.00
N ASN A 80 -46.77 7.44 -2.26
CA ASN A 80 -47.87 7.23 -1.36
C ASN A 80 -49.21 7.33 -2.08
N CYS A 81 -49.29 8.15 -3.12
CA CYS A 81 -50.40 8.17 -4.06
C CYS A 81 -49.93 8.81 -5.36
N LEU A 82 -50.59 8.55 -6.48
CA LEU A 82 -50.34 9.25 -7.73
C LEU A 82 -51.64 9.39 -8.49
N TRP A 83 -51.86 10.49 -9.19
CA TRP A 83 -53.01 10.69 -10.07
C TRP A 83 -52.69 11.70 -11.16
N SER A 84 -53.65 12.04 -12.01
CA SER A 84 -53.46 13.04 -13.05
C SER A 84 -54.68 13.92 -13.23
N VAL A 85 -54.45 15.12 -13.76
CA VAL A 85 -55.50 16.11 -14.07
C VAL A 85 -55.29 16.63 -15.48
N SER A 86 -56.37 16.74 -16.25
CA SER A 86 -56.32 16.96 -17.70
C SER A 86 -57.21 18.13 -18.13
N GLY A 87 -56.74 18.90 -19.11
CA GLY A 87 -57.17 20.27 -19.38
C GLY A 87 -58.48 20.46 -20.16
N LEU A 88 -59.27 19.41 -20.31
CA LEU A 88 -60.65 19.50 -20.82
C LEU A 88 -61.50 20.44 -19.95
N ARG A 89 -61.26 20.35 -18.64
CA ARG A 89 -61.81 21.14 -17.53
C ARG A 89 -60.67 21.38 -16.53
N PHE A 90 -60.85 22.28 -15.57
CA PHE A 90 -59.88 22.42 -14.48
C PHE A 90 -60.51 22.40 -13.10
N THR A 91 -59.80 21.82 -12.14
CA THR A 91 -60.18 21.72 -10.74
C THR A 91 -59.02 22.18 -9.86
N THR A 92 -59.32 22.91 -8.78
CA THR A 92 -58.31 23.58 -7.95
C THR A 92 -58.57 23.18 -6.50
N GLY A 93 -57.51 22.67 -5.90
CA GLY A 93 -57.56 21.77 -4.76
C GLY A 93 -56.33 21.97 -3.90
N PHE A 94 -56.45 21.74 -2.60
CA PHE A 94 -55.32 21.87 -1.71
C PHE A 94 -55.00 20.48 -1.21
N VAL A 95 -53.76 20.09 -1.40
CA VAL A 95 -53.23 18.77 -1.15
C VAL A 95 -52.34 18.88 0.07
N TYR A 96 -52.63 18.06 1.07
CA TYR A 96 -51.93 18.09 2.34
C TYR A 96 -50.94 16.96 2.36
N PHE A 97 -49.73 17.16 2.88
CA PHE A 97 -48.78 16.07 2.98
C PHE A 97 -49.28 14.89 3.83
N ASN A 98 -50.25 15.10 4.72
CA ASN A 98 -50.94 14.00 5.40
C ASN A 98 -51.93 13.23 4.50
N GLY A 99 -51.97 13.52 3.20
CA GLY A 99 -52.82 12.86 2.20
C GLY A 99 -54.19 13.48 2.01
N THR A 100 -54.59 14.44 2.83
CA THR A 100 -55.92 15.06 2.69
C THR A 100 -56.03 15.79 1.37
N GLY A 101 -57.19 15.71 0.72
CA GLY A 101 -57.48 16.44 -0.51
C GLY A 101 -56.85 15.88 -1.79
N ARG A 102 -56.07 14.81 -1.73
CA ARG A 102 -55.44 14.19 -2.91
C ARG A 102 -56.46 13.69 -3.95
N GLY A 103 -56.01 13.46 -5.17
CA GLY A 103 -56.88 12.95 -6.24
C GLY A 103 -57.24 11.47 -6.12
N ASP A 104 -57.83 10.90 -7.16
CA ASP A 104 -58.19 9.49 -7.21
C ASP A 104 -56.98 8.60 -7.59
N CYS A 105 -56.32 8.02 -6.59
CA CYS A 105 -55.03 7.35 -6.74
C CYS A 105 -55.03 6.16 -7.71
N LYS A 106 -53.91 5.92 -8.41
CA LYS A 106 -53.74 4.77 -9.32
C LYS A 106 -52.85 3.67 -8.75
N GLY A 107 -53.34 2.45 -8.76
CA GLY A 107 -52.58 1.23 -8.50
C GLY A 107 -52.39 0.86 -7.04
N PHE A 108 -52.08 1.83 -6.19
CA PHE A 108 -51.83 1.61 -4.77
C PHE A 108 -52.01 2.92 -4.00
N SER A 109 -52.14 2.86 -2.68
CA SER A 109 -52.19 4.06 -1.85
C SER A 109 -51.62 3.79 -0.46
N SER A 110 -51.18 4.84 0.21
CA SER A 110 -50.82 4.83 1.61
C SER A 110 -51.22 6.16 2.22
N ASP A 111 -51.47 6.18 3.52
CA ASP A 111 -51.97 7.37 4.22
C ASP A 111 -50.94 7.92 5.22
N VAL A 112 -49.70 7.47 5.14
CA VAL A 112 -48.59 8.04 5.93
C VAL A 112 -48.38 9.51 5.62
N LEU A 113 -47.68 10.22 6.50
CA LEU A 113 -47.22 11.58 6.20
C LEU A 113 -46.17 11.52 5.09
N SER A 114 -46.48 12.06 3.92
CA SER A 114 -45.54 12.18 2.80
C SER A 114 -44.45 13.20 3.08
N ASP A 115 -43.32 13.06 2.41
CA ASP A 115 -42.23 14.02 2.50
C ASP A 115 -42.26 15.06 1.39
N VAL A 116 -42.91 14.74 0.28
CA VAL A 116 -42.83 15.52 -0.94
C VAL A 116 -44.13 15.44 -1.74
N ILE A 117 -44.44 16.45 -2.52
CA ILE A 117 -45.37 16.37 -3.65
C ILE A 117 -44.59 16.63 -4.93
N ARG A 118 -44.74 15.81 -5.96
CA ARG A 118 -44.16 16.04 -7.28
C ARG A 118 -45.26 16.42 -8.26
N TYR A 119 -45.09 17.50 -9.00
CA TYR A 119 -45.96 17.86 -10.12
C TYR A 119 -45.20 17.68 -11.40
N ASN A 120 -45.71 16.90 -12.33
CA ASN A 120 -45.04 16.60 -13.58
C ASN A 120 -45.85 17.12 -14.76
N LEU A 121 -45.32 18.04 -15.56
CA LEU A 121 -46.09 18.84 -16.49
C LEU A 121 -45.89 18.36 -17.93
N ASN A 122 -46.97 18.11 -18.65
CA ASN A 122 -46.88 17.72 -20.05
C ASN A 122 -46.81 18.89 -21.05
N PHE A 123 -46.95 20.15 -20.59
CA PHE A 123 -47.44 21.25 -21.43
C PHE A 123 -46.70 22.58 -21.24
N GLU A 124 -46.84 23.46 -22.23
CA GLU A 124 -45.82 24.46 -22.60
C GLU A 124 -46.02 25.87 -22.02
N GLU A 125 -47.17 26.20 -21.44
CA GLU A 125 -47.35 27.49 -20.72
C GLU A 125 -46.73 27.45 -19.31
N ASN A 126 -46.17 26.30 -18.91
CA ASN A 126 -45.24 26.15 -17.80
C ASN A 126 -45.81 26.77 -16.51
N LEU A 127 -45.01 27.55 -15.78
CA LEU A 127 -45.44 28.38 -14.65
C LEU A 127 -45.64 29.86 -15.03
N ARG A 128 -45.57 30.21 -16.32
CA ARG A 128 -45.60 31.61 -16.80
C ARG A 128 -46.96 32.29 -16.62
N ARG A 129 -47.96 31.56 -16.14
CA ARG A 129 -49.24 32.08 -15.65
C ARG A 129 -49.82 31.17 -14.57
N GLY A 130 -50.79 31.68 -13.82
CA GLY A 130 -51.28 30.98 -12.63
C GLY A 130 -50.34 31.13 -11.45
N THR A 131 -50.45 30.25 -10.48
CA THR A 131 -49.87 30.42 -9.15
C THR A 131 -49.63 29.07 -8.49
N ILE A 132 -48.82 29.07 -7.44
CA ILE A 132 -48.76 27.98 -6.48
C ILE A 132 -49.02 28.61 -5.12
N LEU A 133 -49.77 27.95 -4.25
CA LEU A 133 -50.08 28.46 -2.94
C LEU A 133 -49.71 27.42 -1.90
N PHE A 134 -49.08 27.85 -0.83
CA PHE A 134 -48.70 26.99 0.27
C PHE A 134 -49.45 27.45 1.51
N LYS A 135 -50.26 26.60 2.13
CA LYS A 135 -50.71 26.86 3.49
C LYS A 135 -49.56 26.53 4.41
N THR A 136 -48.94 27.58 4.90
CA THR A 136 -47.88 27.52 5.89
C THR A 136 -48.49 27.57 7.27
N SER A 137 -47.82 27.00 8.27
CA SER A 137 -48.36 26.91 9.63
C SER A 137 -48.76 28.26 10.25
N TYR A 138 -48.22 29.37 9.76
CA TYR A 138 -48.55 30.72 10.20
C TYR A 138 -49.31 31.57 9.18
N GLY A 139 -49.60 31.10 7.97
CA GLY A 139 -50.25 31.94 6.95
C GLY A 139 -50.24 31.35 5.53
N VAL A 140 -50.61 32.15 4.54
CA VAL A 140 -50.62 31.74 3.12
C VAL A 140 -49.44 32.36 2.41
N VAL A 141 -48.71 31.54 1.67
CA VAL A 141 -47.64 31.98 0.80
C VAL A 141 -48.07 31.79 -0.63
N VAL A 142 -47.97 32.80 -1.48
CA VAL A 142 -48.22 32.66 -2.92
C VAL A 142 -46.92 32.78 -3.66
N PHE A 143 -46.61 31.86 -4.56
CA PHE A 143 -45.51 31.97 -5.50
C PHE A 143 -46.06 32.27 -6.87
N TYR A 144 -45.45 33.20 -7.59
CA TYR A 144 -45.87 33.59 -8.94
C TYR A 144 -44.71 34.16 -9.73
N CYS A 145 -44.85 34.20 -11.06
CA CYS A 145 -43.79 34.70 -11.94
C CYS A 145 -44.34 35.71 -12.94
N THR A 146 -43.47 36.59 -13.42
CA THR A 146 -43.83 37.78 -14.19
C THR A 146 -42.69 38.17 -15.11
N ASN A 147 -43.00 38.85 -16.21
CA ASN A 147 -42.00 39.44 -17.11
C ASN A 147 -42.18 40.95 -17.33
N ASN A 148 -43.02 41.61 -16.54
CA ASN A 148 -43.24 43.05 -16.58
C ASN A 148 -42.16 43.81 -15.79
N LEU A 163 -34.45 41.34 -20.41
CA LEU A 163 -35.41 41.73 -19.38
C LEU A 163 -36.89 41.64 -19.83
N GLY A 164 -37.14 40.99 -20.96
CA GLY A 164 -38.47 40.50 -21.37
C GLY A 164 -38.79 39.07 -20.89
N ASN A 165 -37.82 38.42 -20.25
CA ASN A 165 -37.90 37.07 -19.67
C ASN A 165 -38.57 37.07 -18.28
N PHE A 166 -38.75 35.88 -17.68
CA PHE A 166 -39.60 35.69 -16.50
C PHE A 166 -38.82 35.57 -15.19
N TYR A 167 -39.28 36.32 -14.20
CA TYR A 167 -38.74 36.43 -12.85
C TYR A 167 -39.81 36.05 -11.83
N CYS A 168 -39.43 35.45 -10.71
CA CYS A 168 -40.36 34.84 -9.78
C CYS A 168 -40.29 35.42 -8.38
N PHE A 169 -41.45 35.52 -7.74
CA PHE A 169 -41.65 36.24 -6.51
C PHE A 169 -42.54 35.47 -5.57
N VAL A 170 -42.23 35.56 -4.29
CA VAL A 170 -42.95 34.90 -3.19
C VAL A 170 -43.64 35.95 -2.34
N ASN A 171 -44.94 35.83 -2.15
CA ASN A 171 -45.74 36.67 -1.27
C ASN A 171 -45.99 35.98 0.05
N THR A 172 -45.02 35.99 0.95
CA THR A 172 -45.32 35.68 2.34
C THR A 172 -46.33 36.70 2.84
N THR A 173 -47.49 36.22 3.27
CA THR A 173 -48.57 37.07 3.78
C THR A 173 -48.83 36.71 5.24
N ILE A 174 -48.74 37.67 6.14
CA ILE A 174 -48.97 37.48 7.58
C ILE A 174 -49.89 38.60 8.05
N GLY A 175 -50.91 38.30 8.86
CA GLY A 175 -51.83 39.31 9.39
C GLY A 175 -52.54 40.17 8.35
N THR A 176 -52.60 39.74 7.09
CA THR A 176 -53.02 40.50 5.90
C THR A 176 -52.14 41.71 5.52
N GLU A 177 -50.87 41.70 5.91
CA GLU A 177 -49.82 42.47 5.23
C GLU A 177 -48.94 41.52 4.40
N THR A 178 -48.64 41.92 3.16
CA THR A 178 -47.90 41.09 2.22
C THR A 178 -46.48 41.60 2.07
N THR A 179 -45.51 40.75 2.40
CA THR A 179 -44.08 41.04 2.27
C THR A 179 -43.56 40.36 1.02
N SER A 180 -43.95 40.89 -0.14
CA SER A 180 -43.60 40.32 -1.44
C SER A 180 -42.09 40.38 -1.68
N ALA A 181 -41.49 39.27 -2.08
CA ALA A 181 -40.04 39.13 -2.21
C ALA A 181 -39.65 38.52 -3.56
N PHE A 182 -38.59 39.01 -4.19
CA PHE A 182 -37.95 38.33 -5.31
C PHE A 182 -37.21 37.07 -4.85
N VAL A 183 -37.05 36.08 -5.72
CA VAL A 183 -36.40 34.81 -5.36
C VAL A 183 -35.55 34.18 -6.44
N GLY A 184 -35.78 34.48 -7.72
CA GLY A 184 -34.96 33.95 -8.81
C GLY A 184 -35.56 34.18 -10.19
N ALA A 185 -34.78 33.94 -11.23
CA ALA A 185 -35.31 33.82 -12.58
C ALA A 185 -35.90 32.42 -12.76
N LEU A 186 -36.94 32.31 -13.57
CA LEU A 186 -37.54 31.03 -13.89
C LEU A 186 -36.68 30.27 -14.91
N PRO A 187 -36.30 29.01 -14.68
CA PRO A 187 -35.64 28.22 -15.71
C PRO A 187 -36.57 28.02 -16.90
N LYS A 188 -36.01 27.93 -18.10
CA LYS A 188 -36.78 28.24 -19.31
C LYS A 188 -37.98 27.32 -19.55
N THR A 189 -37.79 26.00 -19.46
CA THR A 189 -38.83 25.00 -19.72
C THR A 189 -39.09 24.17 -18.48
N VAL A 190 -39.94 24.67 -17.59
CA VAL A 190 -40.32 23.92 -16.40
C VAL A 190 -41.10 22.70 -16.82
N ARG A 191 -40.58 21.52 -16.50
CA ARG A 191 -41.24 20.23 -16.77
C ARG A 191 -41.60 19.50 -15.50
N GLU A 192 -40.88 19.69 -14.41
CA GLU A 192 -41.26 19.17 -13.10
C GLU A 192 -41.02 20.22 -12.04
N PHE A 193 -41.87 20.29 -11.03
CA PHE A 193 -41.47 20.93 -9.79
C PHE A 193 -42.03 20.21 -8.58
N VAL A 194 -41.31 20.31 -7.48
CA VAL A 194 -41.44 19.43 -6.34
C VAL A 194 -41.39 20.22 -5.07
N ILE A 195 -42.28 19.98 -4.11
CA ILE A 195 -42.29 20.71 -2.86
C ILE A 195 -42.10 19.73 -1.72
N SER A 196 -41.08 19.90 -0.89
CA SER A 196 -40.98 19.09 0.30
C SER A 196 -41.86 19.63 1.40
N ARG A 197 -42.28 18.78 2.32
CA ARG A 197 -42.96 19.20 3.54
C ARG A 197 -42.14 20.18 4.37
N THR A 198 -40.82 20.09 4.34
CA THR A 198 -39.91 21.05 4.98
C THR A 198 -39.67 22.30 4.15
N GLY A 199 -40.36 22.45 3.01
CA GLY A 199 -40.47 23.68 2.25
C GLY A 199 -39.41 23.90 1.20
N HIS A 200 -38.59 22.90 0.88
CA HIS A 200 -37.71 22.94 -0.27
C HIS A 200 -38.52 22.97 -1.54
N PHE A 201 -38.16 23.82 -2.48
CA PHE A 201 -38.81 23.90 -3.77
C PHE A 201 -37.81 23.57 -4.86
N TYR A 202 -38.00 22.47 -5.57
CA TYR A 202 -37.10 22.06 -6.63
C TYR A 202 -37.79 22.27 -7.95
N ILE A 203 -37.16 22.94 -8.91
CA ILE A 203 -37.66 23.07 -10.27
C ILE A 203 -36.71 22.33 -11.18
N ASN A 204 -37.20 21.47 -12.05
CA ASN A 204 -36.37 20.65 -12.93
C ASN A 204 -35.18 20.02 -12.21
N GLY A 205 -35.40 19.52 -10.99
CA GLY A 205 -34.39 18.78 -10.25
C GLY A 205 -33.34 19.61 -9.51
N TYR A 206 -33.43 20.93 -9.48
CA TYR A 206 -32.55 21.76 -8.65
C TYR A 206 -33.34 22.59 -7.64
N ARG A 207 -32.88 22.69 -6.39
CA ARG A 207 -33.55 23.45 -5.34
C ARG A 207 -33.35 24.95 -5.53
N TYR A 208 -34.32 25.65 -6.09
CA TYR A 208 -34.17 27.08 -6.30
C TYR A 208 -34.22 27.89 -5.02
N PHE A 209 -35.04 27.52 -4.05
CA PHE A 209 -35.15 28.22 -2.77
C PHE A 209 -35.79 27.35 -1.70
N THR A 210 -36.18 27.94 -0.58
CA THR A 210 -36.84 27.25 0.52
C THR A 210 -37.83 28.16 1.20
N LEU A 211 -38.93 27.60 1.68
CA LEU A 211 -40.07 28.33 2.25
C LEU A 211 -40.29 28.05 3.73
N GLY A 212 -39.54 27.14 4.35
CA GLY A 212 -39.88 26.60 5.67
C GLY A 212 -41.16 25.77 5.64
N ASN A 213 -41.50 25.14 6.76
CA ASN A 213 -42.50 24.08 6.83
C ASN A 213 -43.85 24.44 6.20
N VAL A 214 -44.40 23.52 5.41
CA VAL A 214 -45.67 23.70 4.72
C VAL A 214 -46.64 22.64 5.20
N GLU A 215 -47.91 22.99 5.34
CA GLU A 215 -48.96 22.02 5.67
C GLU A 215 -49.56 21.43 4.39
N ALA A 216 -49.86 22.29 3.43
CA ALA A 216 -50.63 21.97 2.25
C ALA A 216 -50.20 22.81 1.08
N VAL A 217 -50.34 22.29 -0.12
CA VAL A 217 -49.96 22.94 -1.37
C VAL A 217 -51.13 22.88 -2.31
N ASN A 218 -51.35 23.94 -3.05
CA ASN A 218 -52.32 24.04 -4.12
C ASN A 218 -51.59 24.58 -5.32
N PHE A 219 -51.89 24.09 -6.51
CA PHE A 219 -51.26 24.51 -7.74
C PHE A 219 -52.36 24.85 -8.71
N ASN A 220 -52.31 26.06 -9.27
CA ASN A 220 -53.45 26.68 -9.90
C ASN A 220 -53.05 27.17 -11.29
N VAL A 221 -53.80 26.72 -12.27
CA VAL A 221 -53.42 26.68 -13.68
C VAL A 221 -54.67 26.84 -14.52
N THR A 222 -54.53 27.44 -15.69
CA THR A 222 -55.61 27.47 -16.67
C THR A 222 -55.04 26.89 -17.96
N THR A 223 -55.69 25.87 -18.50
CA THR A 223 -55.08 24.96 -19.48
C THR A 223 -55.58 25.26 -20.88
N ALA A 224 -54.65 25.53 -21.80
CA ALA A 224 -54.96 25.92 -23.17
C ALA A 224 -55.69 24.83 -23.98
N GLU A 225 -55.55 23.55 -23.64
CA GLU A 225 -56.11 22.44 -24.44
C GLU A 225 -56.59 21.26 -23.61
N THR A 226 -57.52 20.48 -24.17
CA THR A 226 -57.85 19.12 -23.68
C THR A 226 -56.61 18.22 -23.63
N THR A 227 -55.65 18.41 -24.54
CA THR A 227 -54.41 17.63 -24.62
C THR A 227 -53.46 17.88 -23.45
N ASP A 228 -53.61 18.98 -22.71
CA ASP A 228 -52.78 19.27 -21.55
C ASP A 228 -53.10 18.30 -20.41
N PHE A 229 -52.09 17.88 -19.68
CA PHE A 229 -52.27 17.25 -18.39
C PHE A 229 -51.04 17.46 -17.52
N PHE A 230 -51.19 17.24 -16.22
CA PHE A 230 -50.07 16.97 -15.36
C PHE A 230 -50.39 15.83 -14.43
N THR A 231 -49.41 14.99 -14.14
CA THR A 231 -49.53 14.03 -13.05
C THR A 231 -49.14 14.69 -11.75
N VAL A 232 -49.65 14.18 -10.65
CA VAL A 232 -49.26 14.60 -9.32
C VAL A 232 -48.95 13.36 -8.53
N ALA A 233 -47.89 13.37 -7.75
CA ALA A 233 -47.55 12.25 -6.89
C ALA A 233 -47.23 12.75 -5.51
N LEU A 234 -47.66 12.03 -4.49
CA LEU A 234 -47.25 12.26 -3.12
C LEU A 234 -46.20 11.22 -2.83
N ALA A 235 -45.05 11.62 -2.31
CA ALA A 235 -43.90 10.74 -2.21
C ALA A 235 -43.21 10.85 -0.87
N SER A 236 -42.44 9.82 -0.55
CA SER A 236 -41.64 9.74 0.65
C SER A 236 -40.21 9.48 0.28
N TYR A 237 -39.26 10.06 1.02
CA TYR A 237 -37.85 9.77 0.79
C TYR A 237 -37.62 8.28 0.99
N ALA A 238 -37.04 7.63 0.01
CA ALA A 238 -36.67 6.24 0.05
C ALA A 238 -35.30 6.06 -0.54
N ASP A 239 -34.66 4.94 -0.24
CA ASP A 239 -33.25 4.77 -0.49
C ASP A 239 -33.04 3.93 -1.74
N VAL A 240 -32.41 4.49 -2.76
CA VAL A 240 -32.40 3.92 -4.10
C VAL A 240 -31.03 3.99 -4.75
N LEU A 241 -30.78 3.07 -5.66
CA LEU A 241 -29.64 3.08 -6.54
C LEU A 241 -30.16 3.46 -7.90
N VAL A 242 -29.51 4.41 -8.54
CA VAL A 242 -30.00 5.06 -9.75
C VAL A 242 -28.94 4.99 -10.82
N ASN A 243 -29.34 4.66 -12.03
CA ASN A 243 -28.48 4.71 -13.18
C ASN A 243 -28.82 5.97 -13.94
N VAL A 244 -27.87 6.88 -14.04
CA VAL A 244 -28.06 8.18 -14.67
C VAL A 244 -27.33 8.22 -15.98
N SER A 245 -28.02 8.61 -17.05
CA SER A 245 -27.40 8.87 -18.34
C SER A 245 -27.89 10.18 -18.91
N GLN A 246 -27.00 10.99 -19.47
CA GLN A 246 -27.34 12.30 -20.02
C GLN A 246 -28.19 13.08 -19.03
N THR A 247 -27.72 13.04 -17.79
CA THR A 247 -28.26 13.65 -16.60
C THR A 247 -29.73 13.37 -16.30
N SER A 248 -30.26 12.25 -16.82
CA SER A 248 -31.63 11.81 -16.62
C SER A 248 -31.66 10.40 -16.04
N ILE A 249 -32.65 10.08 -15.22
CA ILE A 249 -32.79 8.75 -14.63
C ILE A 249 -33.11 7.76 -15.73
N ALA A 250 -32.29 6.74 -15.92
CA ALA A 250 -32.58 5.66 -16.84
C ALA A 250 -33.37 4.54 -16.17
N ASN A 251 -32.88 4.03 -15.05
CA ASN A 251 -33.51 2.98 -14.27
C ASN A 251 -33.02 3.03 -12.84
N ILE A 252 -33.77 2.44 -11.91
CA ILE A 252 -33.48 2.45 -10.48
C ILE A 252 -33.81 1.11 -9.85
N ILE A 253 -33.26 0.86 -8.67
CA ILE A 253 -33.74 -0.18 -7.75
C ILE A 253 -33.82 0.39 -6.36
N TYR A 254 -34.63 -0.21 -5.50
CA TYR A 254 -34.84 0.26 -4.13
C TYR A 254 -34.13 -0.65 -3.15
N CYS A 255 -33.34 -0.10 -2.25
CA CYS A 255 -32.50 -0.84 -1.31
C CYS A 255 -33.28 -1.43 -0.12
N ASN A 256 -34.38 -2.13 -0.39
CA ASN A 256 -35.32 -2.59 0.61
C ASN A 256 -35.18 -4.09 0.95
N SER A 257 -35.07 -4.95 -0.06
CA SER A 257 -34.89 -6.38 0.12
C SER A 257 -33.43 -6.73 0.40
N VAL A 258 -33.19 -7.93 0.91
CA VAL A 258 -31.86 -8.39 1.28
C VAL A 258 -30.91 -8.34 0.10
N ILE A 259 -31.36 -8.81 -1.05
CA ILE A 259 -30.55 -8.78 -2.27
C ILE A 259 -30.38 -7.37 -2.78
N ASN A 260 -31.42 -6.53 -2.82
CA ASN A 260 -31.21 -5.19 -3.34
C ASN A 260 -30.31 -4.39 -2.46
N ARG A 261 -30.29 -4.60 -1.15
CA ARG A 261 -29.31 -3.92 -0.31
C ARG A 261 -27.89 -4.29 -0.67
N LEU A 262 -27.66 -5.54 -1.05
CA LEU A 262 -26.34 -6.00 -1.47
C LEU A 262 -25.94 -5.46 -2.85
N ARG A 263 -26.89 -5.15 -3.71
CA ARG A 263 -26.65 -4.41 -4.95
C ARG A 263 -26.29 -2.98 -4.64
N CYS A 264 -27.12 -2.28 -3.87
CA CYS A 264 -26.90 -0.89 -3.53
C CYS A 264 -25.56 -0.67 -2.85
N ASP A 265 -25.24 -1.48 -1.84
CA ASP A 265 -24.00 -1.33 -1.09
C ASP A 265 -22.75 -1.67 -1.92
N GLN A 266 -22.91 -2.14 -3.15
CA GLN A 266 -21.84 -2.35 -4.11
C GLN A 266 -21.98 -1.49 -5.36
N LEU A 267 -22.95 -0.58 -5.38
CA LEU A 267 -23.22 0.32 -6.48
C LEU A 267 -23.31 -0.41 -7.81
N SER A 268 -23.94 -1.58 -7.82
CA SER A 268 -24.00 -2.42 -9.00
C SER A 268 -25.39 -2.96 -9.21
N PHE A 269 -25.94 -2.85 -10.41
CA PHE A 269 -27.24 -3.45 -10.70
C PHE A 269 -27.16 -4.96 -10.85
N TYR A 270 -25.98 -5.46 -11.18
CA TYR A 270 -25.65 -6.86 -11.30
C TYR A 270 -24.66 -7.22 -10.20
N VAL A 271 -24.94 -8.27 -9.42
CA VAL A 271 -24.01 -8.76 -8.40
C VAL A 271 -23.49 -10.12 -8.83
N PRO A 272 -22.19 -10.29 -9.11
CA PRO A 272 -21.62 -11.56 -9.51
C PRO A 272 -21.82 -12.63 -8.47
N ASP A 273 -21.85 -13.90 -8.86
CA ASP A 273 -21.94 -15.01 -7.91
C ASP A 273 -20.77 -14.98 -6.93
N GLY A 274 -21.00 -15.31 -5.67
CA GLY A 274 -19.94 -15.28 -4.68
C GLY A 274 -20.48 -15.21 -3.27
N PHE A 275 -19.58 -14.97 -2.33
CA PHE A 275 -19.88 -14.89 -0.93
C PHE A 275 -19.70 -13.44 -0.49
N TYR A 276 -20.74 -12.80 0.01
CA TYR A 276 -20.72 -11.39 0.35
C TYR A 276 -21.00 -11.19 1.82
N SER A 277 -20.16 -10.45 2.52
CA SER A 277 -20.40 -10.15 3.93
C SER A 277 -21.46 -9.08 4.08
N THR A 278 -22.39 -9.27 5.02
CA THR A 278 -23.34 -8.23 5.39
C THR A 278 -23.66 -8.32 6.86
N SER A 279 -23.92 -7.20 7.51
CA SER A 279 -24.51 -7.16 8.83
C SER A 279 -25.96 -6.72 8.69
N PRO A 280 -26.93 -7.45 9.28
CA PRO A 280 -28.32 -7.09 9.14
C PRO A 280 -28.59 -5.75 9.82
N ILE A 281 -29.54 -4.96 9.31
CA ILE A 281 -29.80 -3.61 9.81
C ILE A 281 -30.27 -3.65 11.26
N GLN A 282 -29.77 -2.74 12.09
CA GLN A 282 -30.00 -2.81 13.52
C GLN A 282 -31.33 -2.21 13.96
N SER A 283 -31.78 -2.60 15.16
CA SER A 283 -33.04 -2.13 15.73
C SER A 283 -33.06 -0.62 15.89
N VAL A 284 -34.17 0.00 15.50
CA VAL A 284 -34.19 1.42 15.15
C VAL A 284 -33.98 2.36 16.34
N GLU A 285 -34.43 1.97 17.53
CA GLU A 285 -34.14 2.68 18.76
C GLU A 285 -33.94 1.71 19.92
N LEU A 286 -33.12 2.14 20.88
CA LEU A 286 -32.40 1.26 21.78
C LEU A 286 -32.64 1.68 23.23
N PRO A 287 -32.83 0.74 24.16
CA PRO A 287 -32.72 1.02 25.57
C PRO A 287 -31.34 1.59 25.90
N VAL A 288 -31.25 2.30 27.02
CA VAL A 288 -30.00 2.77 27.57
C VAL A 288 -29.67 2.05 28.86
N SER A 289 -28.43 1.62 29.00
CA SER A 289 -27.92 1.03 30.23
C SER A 289 -26.68 1.75 30.70
N ILE A 290 -26.56 1.95 32.01
CA ILE A 290 -25.52 2.75 32.63
C ILE A 290 -24.93 1.96 33.78
N VAL A 291 -23.62 1.92 33.88
CA VAL A 291 -22.94 1.32 35.02
C VAL A 291 -21.82 2.23 35.45
N SER A 292 -21.64 2.46 36.74
CA SER A 292 -20.52 3.26 37.23
C SER A 292 -20.16 2.88 38.65
N LEU A 293 -18.93 3.13 39.06
CA LEU A 293 -18.51 2.92 40.44
C LEU A 293 -19.34 3.82 41.35
N PRO A 294 -19.81 3.36 42.51
CA PRO A 294 -20.51 4.21 43.46
C PRO A 294 -19.70 5.44 43.86
N VAL A 295 -20.34 6.60 43.95
CA VAL A 295 -19.72 7.87 44.34
C VAL A 295 -20.75 8.74 45.10
N TYR A 296 -20.27 9.72 45.87
CA TYR A 296 -21.16 10.63 46.57
C TYR A 296 -21.92 11.52 45.56
N HIS A 297 -23.24 11.37 45.48
CA HIS A 297 -24.08 12.05 44.47
C HIS A 297 -24.45 13.48 44.87
N LYS A 298 -23.43 14.34 44.93
CA LYS A 298 -23.63 15.79 44.94
C LYS A 298 -24.02 16.22 43.52
N HIS A 299 -25.13 16.93 43.37
CA HIS A 299 -25.73 17.18 42.06
C HIS A 299 -26.02 18.67 41.77
N MET A 300 -25.93 19.06 40.49
CA MET A 300 -26.09 20.45 40.04
C MET A 300 -26.78 20.53 38.68
N PHE A 301 -27.57 21.57 38.46
CA PHE A 301 -28.12 21.91 37.15
C PHE A 301 -27.47 23.16 36.57
N ILE A 302 -26.95 23.05 35.35
CA ILE A 302 -26.61 24.20 34.52
C ILE A 302 -27.80 24.47 33.62
N VAL A 303 -28.63 25.44 33.95
CA VAL A 303 -29.81 25.78 33.17
C VAL A 303 -29.55 27.06 32.42
N LEU A 304 -29.74 27.04 31.11
CA LEU A 304 -29.60 28.20 30.24
C LEU A 304 -30.96 28.57 29.66
N TYR A 305 -31.39 29.81 29.87
CA TYR A 305 -32.63 30.34 29.33
C TYR A 305 -32.32 31.30 28.19
N VAL A 306 -32.98 31.11 27.06
CA VAL A 306 -32.94 32.02 25.92
C VAL A 306 -34.31 32.61 25.68
N ASP A 307 -34.37 33.94 25.57
CA ASP A 307 -35.55 34.68 25.14
C ASP A 307 -35.18 35.71 24.07
N PHE A 308 -36.02 35.88 23.06
CA PHE A 308 -35.92 36.93 22.04
C PHE A 308 -37.28 37.11 21.36
N LYS A 309 -37.44 38.22 20.65
CA LYS A 309 -38.64 38.59 19.90
C LYS A 309 -38.31 38.92 18.46
N PRO A 310 -39.25 38.72 17.52
CA PRO A 310 -39.10 39.20 16.16
C PRO A 310 -39.25 40.73 16.12
N GLN A 311 -38.77 41.36 15.06
CA GLN A 311 -39.30 42.67 14.66
C GLN A 311 -40.74 42.49 14.14
N SER A 312 -41.55 43.53 13.97
CA SER A 312 -42.96 43.37 13.55
C SER A 312 -43.55 44.57 12.82
N GLY A 313 -44.58 44.29 12.00
CA GLY A 313 -45.38 45.30 11.30
C GLY A 313 -44.70 45.99 10.12
N GLY A 314 -43.49 45.59 9.74
CA GLY A 314 -42.71 46.20 8.65
C GLY A 314 -42.09 47.56 8.99
N GLY A 315 -42.68 48.31 9.94
CA GLY A 315 -42.11 49.55 10.49
C GLY A 315 -40.76 49.31 11.18
N LYS A 316 -40.63 48.16 11.85
CA LYS A 316 -39.36 47.47 12.05
C LYS A 316 -39.47 46.11 11.33
N CYS A 317 -38.58 45.84 10.38
CA CYS A 317 -38.75 44.76 9.41
C CYS A 317 -38.51 43.36 10.02
N PHE A 318 -39.49 42.46 9.87
CA PHE A 318 -39.70 41.31 10.75
C PHE A 318 -38.48 40.38 10.93
N ASN A 319 -37.67 40.23 9.88
CA ASN A 319 -36.52 39.33 9.84
C ASN A 319 -35.19 39.99 10.27
N CYS A 320 -35.16 41.31 10.47
CA CYS A 320 -33.92 42.09 10.27
C CYS A 320 -32.88 42.02 11.38
N TYR A 321 -33.29 41.86 12.63
CA TYR A 321 -32.45 41.55 13.80
C TYR A 321 -33.36 41.28 15.02
N PRO A 322 -33.09 40.28 15.86
CA PRO A 322 -33.91 39.97 17.02
C PRO A 322 -34.12 41.14 18.00
N ALA A 323 -35.37 41.51 18.23
CA ALA A 323 -35.76 42.40 19.31
C ALA A 323 -35.74 41.67 20.67
N GLY A 324 -35.79 42.41 21.77
CA GLY A 324 -36.14 41.86 23.08
C GLY A 324 -35.22 40.74 23.61
N VAL A 325 -33.97 40.66 23.16
CA VAL A 325 -33.05 39.58 23.53
C VAL A 325 -32.74 39.62 25.02
N ASN A 326 -33.01 38.51 25.71
CA ASN A 326 -32.59 38.25 27.07
C ASN A 326 -32.04 36.83 27.16
N ILE A 327 -30.91 36.65 27.82
CA ILE A 327 -30.25 35.36 28.00
C ILE A 327 -29.79 35.27 29.45
N THR A 328 -29.94 34.12 30.10
CA THR A 328 -29.26 33.89 31.38
C THR A 328 -28.88 32.43 31.59
N LEU A 329 -27.78 32.22 32.32
CA LEU A 329 -27.59 31.01 33.10
C LEU A 329 -28.31 31.20 34.43
N ALA A 330 -28.89 30.14 34.98
CA ALA A 330 -29.27 30.17 36.38
C ALA A 330 -28.01 30.35 37.25
N ASN A 331 -28.13 31.11 38.34
CA ASN A 331 -27.11 31.23 39.38
C ASN A 331 -25.72 31.74 38.93
N PHE A 332 -25.62 32.41 37.77
CA PHE A 332 -24.39 33.05 37.32
C PHE A 332 -24.20 34.43 37.98
N ASN A 333 -24.02 34.45 39.31
CA ASN A 333 -23.66 35.66 40.06
C ASN A 333 -22.20 36.03 39.75
N GLU A 334 -21.98 36.87 38.73
CA GLU A 334 -20.64 37.10 38.20
C GLU A 334 -19.70 37.85 39.17
N THR A 335 -20.22 38.40 40.26
CA THR A 335 -19.38 38.90 41.37
C THR A 335 -18.50 37.80 41.97
N LYS A 336 -18.94 36.54 41.87
CA LYS A 336 -18.18 35.32 42.24
C LYS A 336 -17.24 34.84 41.12
N GLY A 337 -17.34 35.42 39.91
CA GLY A 337 -16.70 34.94 38.68
C GLY A 337 -17.54 33.89 37.92
N PRO A 338 -16.94 33.20 36.93
CA PRO A 338 -17.58 32.15 36.14
C PRO A 338 -18.28 31.07 36.98
N LEU A 339 -19.43 30.58 36.53
CA LEU A 339 -20.15 29.52 37.21
C LEU A 339 -19.39 28.20 37.03
N CYS A 340 -19.05 27.52 38.12
CA CYS A 340 -18.24 26.30 38.06
C CYS A 340 -18.99 25.10 38.63
N VAL A 341 -18.76 23.94 38.02
CA VAL A 341 -19.35 22.69 38.49
C VAL A 341 -18.55 22.18 39.68
N ASP A 342 -19.07 22.45 40.87
CA ASP A 342 -18.50 22.00 42.14
C ASP A 342 -18.83 20.54 42.45
N THR A 343 -19.97 20.05 41.97
CA THR A 343 -20.54 18.76 42.35
C THR A 343 -20.07 17.62 41.45
N SER A 344 -20.30 16.36 41.83
CA SER A 344 -19.78 15.20 41.10
C SER A 344 -20.56 14.91 39.81
N HIS A 345 -21.89 15.05 39.86
CA HIS A 345 -22.79 14.87 38.73
C HIS A 345 -23.50 16.16 38.38
N PHE A 346 -23.55 16.54 37.10
CA PHE A 346 -24.30 17.72 36.68
C PHE A 346 -25.12 17.47 35.42
N THR A 347 -26.10 18.31 35.15
CA THR A 347 -26.97 18.19 33.98
C THR A 347 -27.18 19.54 33.33
N THR A 348 -27.24 19.57 32.01
CA THR A 348 -27.45 20.78 31.24
C THR A 348 -28.85 20.83 30.68
N LYS A 349 -29.51 21.98 30.84
CA LYS A 349 -30.85 22.24 30.30
C LYS A 349 -30.82 23.48 29.43
N TYR A 350 -31.43 23.42 28.26
CA TYR A 350 -31.70 24.58 27.42
C TYR A 350 -33.19 24.88 27.46
N VAL A 351 -33.57 26.10 27.81
CA VAL A 351 -34.97 26.50 27.93
C VAL A 351 -35.28 27.57 26.91
N ALA A 352 -36.19 27.26 25.98
CA ALA A 352 -36.69 28.19 24.98
C ALA A 352 -37.84 29.03 25.57
N VAL A 353 -37.55 30.23 26.02
CA VAL A 353 -38.58 31.15 26.54
C VAL A 353 -39.36 31.79 25.39
N TYR A 354 -38.75 31.96 24.23
CA TYR A 354 -39.36 32.47 23.00
C TYR A 354 -40.40 31.52 22.40
N ALA A 355 -41.38 32.05 21.68
CA ALA A 355 -42.25 31.28 20.79
C ALA A 355 -41.59 31.07 19.41
N ASN A 356 -41.94 30.00 18.71
CA ASN A 356 -41.57 29.79 17.30
C ASN A 356 -42.48 30.62 16.36
N VAL A 357 -42.51 31.93 16.59
CA VAL A 357 -43.25 32.91 15.79
C VAL A 357 -42.59 33.10 14.43
N GLY A 358 -43.35 32.93 13.35
CA GLY A 358 -42.82 32.96 11.99
C GLY A 358 -41.67 31.96 11.81
N ARG A 359 -40.73 32.28 10.91
CA ARG A 359 -39.57 31.43 10.61
C ARG A 359 -38.38 31.63 11.54
N TRP A 360 -38.58 32.25 12.70
CA TRP A 360 -37.53 32.37 13.71
C TRP A 360 -37.22 31.04 14.39
N SER A 361 -35.95 30.80 14.66
CA SER A 361 -35.40 29.67 15.42
C SER A 361 -34.24 30.14 16.27
N ALA A 362 -33.89 29.43 17.34
CA ALA A 362 -32.65 29.67 18.07
C ALA A 362 -32.08 28.39 18.70
N SER A 363 -30.77 28.40 18.95
CA SER A 363 -30.02 27.23 19.42
C SER A 363 -28.70 27.61 20.07
N ILE A 364 -28.12 26.71 20.87
CA ILE A 364 -26.67 26.68 21.09
C ILE A 364 -26.03 25.95 19.91
N ASN A 365 -24.79 26.24 19.56
CA ASN A 365 -23.98 25.43 18.65
C ASN A 365 -22.65 25.09 19.32
N THR A 366 -21.99 23.99 18.94
CA THR A 366 -20.69 23.63 19.51
C THR A 366 -19.66 24.74 19.40
N GLY A 367 -19.75 25.59 18.37
CA GLY A 367 -18.84 26.70 18.15
C GLY A 367 -17.44 26.19 17.82
N ASN A 368 -16.61 26.03 18.85
CA ASN A 368 -15.27 25.45 18.73
C ASN A 368 -14.91 24.46 19.85
N CYS A 369 -15.90 23.99 20.62
CA CYS A 369 -15.70 23.06 21.72
C CYS A 369 -15.62 21.59 21.28
N PRO A 370 -14.90 20.72 22.01
CA PRO A 370 -14.88 19.27 21.78
C PRO A 370 -16.08 18.54 22.44
N PHE A 371 -17.20 19.24 22.57
CA PHE A 371 -18.50 18.73 23.02
C PHE A 371 -19.59 19.75 22.67
N SER A 372 -20.85 19.38 22.76
CA SER A 372 -21.97 20.31 22.64
C SER A 372 -22.70 20.47 23.96
N PHE A 373 -23.22 21.66 24.23
CA PHE A 373 -24.27 21.79 25.23
C PHE A 373 -25.42 20.82 24.90
N GLY A 374 -26.08 20.29 25.93
CA GLY A 374 -26.98 19.15 25.79
C GLY A 374 -26.22 17.83 25.74
N LYS A 375 -25.35 17.63 24.76
CA LYS A 375 -24.61 16.36 24.60
C LYS A 375 -23.72 16.02 25.78
N VAL A 376 -23.22 16.98 26.53
CA VAL A 376 -22.50 16.70 27.77
C VAL A 376 -23.32 15.93 28.81
N ASN A 377 -24.65 15.86 28.69
CA ASN A 377 -25.45 14.97 29.51
C ASN A 377 -25.15 13.49 29.28
N ASN A 378 -24.48 13.11 28.19
CA ASN A 378 -24.12 11.73 27.87
C ASN A 378 -22.81 11.28 28.53
N PHE A 379 -22.70 11.39 29.84
CA PHE A 379 -21.60 10.79 30.61
C PHE A 379 -20.21 11.32 30.25
N VAL A 380 -20.13 12.46 29.60
CA VAL A 380 -18.89 13.17 29.34
C VAL A 380 -18.26 13.60 30.66
N LYS A 381 -16.93 13.49 30.77
CA LYS A 381 -16.21 13.70 32.03
C LYS A 381 -15.13 14.77 31.95
N PHE A 382 -14.94 15.46 33.07
CA PHE A 382 -14.03 16.58 33.22
C PHE A 382 -13.36 16.55 34.59
N GLY A 383 -12.16 17.11 34.70
CA GLY A 383 -11.53 17.39 36.00
C GLY A 383 -12.12 18.63 36.68
N SER A 384 -12.64 19.55 35.87
CA SER A 384 -13.30 20.79 36.30
C SER A 384 -13.94 21.40 35.08
N VAL A 385 -15.15 21.95 35.18
CA VAL A 385 -15.76 22.67 34.06
C VAL A 385 -16.51 23.88 34.58
N CYS A 386 -16.43 25.00 33.84
CA CYS A 386 -17.08 26.24 34.21
C CYS A 386 -17.61 26.97 32.97
N PHE A 387 -18.74 27.64 33.16
CA PHE A 387 -19.55 28.32 32.17
C PHE A 387 -19.69 29.80 32.53
N SER A 388 -19.81 30.66 31.53
CA SER A 388 -20.06 32.08 31.75
C SER A 388 -20.78 32.73 30.57
N LEU A 389 -21.45 33.85 30.82
CA LEU A 389 -21.97 34.75 29.77
C LEU A 389 -21.09 36.00 29.56
N LYS A 390 -19.94 36.05 30.22
CA LYS A 390 -18.83 36.99 29.97
C LYS A 390 -17.59 36.18 29.64
N ASP A 391 -16.72 36.63 28.75
CA ASP A 391 -15.65 35.76 28.23
C ASP A 391 -14.71 35.25 29.34
N ILE A 392 -14.23 34.01 29.19
CA ILE A 392 -13.36 33.32 30.15
C ILE A 392 -12.16 32.72 29.43
N PRO A 393 -10.96 32.77 30.05
CA PRO A 393 -9.70 32.56 29.36
C PRO A 393 -9.41 31.08 29.07
N GLY A 394 -8.84 30.81 27.91
CA GLY A 394 -8.59 29.45 27.40
C GLY A 394 -9.83 28.65 26.99
N GLY A 395 -11.02 29.06 27.44
CA GLY A 395 -12.30 28.41 27.12
C GLY A 395 -12.72 28.60 25.67
N CYS A 396 -13.39 27.58 25.12
CA CYS A 396 -14.11 27.70 23.86
C CYS A 396 -15.40 28.50 24.08
N ALA A 397 -16.04 28.92 22.98
CA ALA A 397 -17.30 29.64 23.05
C ALA A 397 -18.30 28.98 22.11
N MET A 398 -19.51 28.82 22.61
CA MET A 398 -20.63 28.25 21.91
C MET A 398 -21.56 29.41 21.57
N PRO A 399 -21.85 29.68 20.30
CA PRO A 399 -22.68 30.81 19.97
C PRO A 399 -24.14 30.48 20.20
N ILE A 400 -24.83 31.34 20.93
CA ILE A 400 -26.28 31.28 21.07
C ILE A 400 -26.82 32.01 19.85
N VAL A 401 -27.22 31.23 18.85
CA VAL A 401 -27.59 31.78 17.54
C VAL A 401 -29.09 31.77 17.41
N ALA A 402 -29.67 32.94 17.16
CA ALA A 402 -30.99 33.03 16.56
C ALA A 402 -30.82 33.07 15.06
N ASN A 403 -31.80 32.57 14.31
CA ASN A 403 -31.85 32.77 12.88
C ASN A 403 -33.30 32.89 12.39
N TRP A 404 -33.47 33.58 11.27
CA TRP A 404 -34.72 33.67 10.54
C TRP A 404 -34.59 32.91 9.22
N ALA A 405 -35.53 32.00 8.99
CA ALA A 405 -35.65 31.21 7.76
C ALA A 405 -34.39 30.43 7.36
N TYR A 406 -33.50 30.12 8.29
CA TYR A 406 -32.17 29.57 8.00
C TYR A 406 -31.38 30.38 6.98
N SER A 407 -31.70 31.68 6.86
CA SER A 407 -31.23 32.57 5.81
C SER A 407 -30.63 33.87 6.35
N LYS A 408 -30.99 34.30 7.57
CA LYS A 408 -30.28 35.34 8.30
C LYS A 408 -30.02 34.88 9.73
N TYR A 409 -28.80 35.08 10.23
CA TYR A 409 -28.33 34.50 11.48
C TYR A 409 -27.68 35.57 12.35
N TYR A 410 -27.97 35.52 13.65
CA TYR A 410 -27.53 36.51 14.62
C TYR A 410 -27.03 35.80 15.87
N THR A 411 -25.82 36.12 16.33
CA THR A 411 -25.34 35.61 17.61
C THR A 411 -25.95 36.45 18.73
N ILE A 412 -27.22 36.19 19.05
CA ILE A 412 -27.94 36.92 20.10
C ILE A 412 -27.23 36.86 21.45
N GLY A 413 -26.41 35.85 21.67
CA GLY A 413 -25.36 35.88 22.67
C GLY A 413 -24.35 34.79 22.39
N THR A 414 -23.47 34.52 23.34
CA THR A 414 -22.65 33.32 23.35
C THR A 414 -22.49 32.85 24.77
N LEU A 415 -22.25 31.55 24.91
CA LEU A 415 -21.92 30.88 26.14
C LEU A 415 -20.44 30.56 26.10
N TYR A 416 -19.68 30.96 27.10
CA TYR A 416 -18.26 30.71 27.18
C TYR A 416 -18.05 29.56 28.14
N VAL A 417 -17.30 28.54 27.73
CA VAL A 417 -17.11 27.33 28.53
C VAL A 417 -15.65 26.92 28.56
N SER A 418 -15.20 26.49 29.73
CA SER A 418 -13.81 26.22 30.06
C SER A 418 -13.74 24.98 30.90
N TRP A 419 -12.68 24.19 30.75
CA TRP A 419 -12.59 22.93 31.45
C TRP A 419 -11.15 22.44 31.63
N SER A 420 -10.99 21.54 32.58
CA SER A 420 -9.88 20.61 32.67
C SER A 420 -10.38 19.25 32.23
N ASP A 421 -9.63 18.55 31.40
CA ASP A 421 -9.77 17.10 31.27
C ASP A 421 -9.46 16.38 32.60
N GLY A 422 -9.59 15.06 32.60
CA GLY A 422 -9.64 14.24 33.82
C GLY A 422 -11.09 13.94 34.20
N ASP A 423 -11.34 13.71 35.48
CA ASP A 423 -12.65 13.26 35.97
C ASP A 423 -12.91 13.66 37.43
N GLY A 424 -13.93 13.07 38.05
CA GLY A 424 -14.54 13.58 39.28
C GLY A 424 -15.76 14.45 38.99
N ILE A 425 -15.84 15.06 37.80
CA ILE A 425 -17.05 15.71 37.27
C ILE A 425 -17.58 14.88 36.11
N THR A 426 -18.85 14.47 36.17
CA THR A 426 -19.54 13.76 35.09
C THR A 426 -20.83 14.48 34.73
N GLY A 427 -21.11 14.64 33.44
CA GLY A 427 -22.40 15.16 32.98
C GLY A 427 -23.39 14.01 32.76
N VAL A 428 -24.63 14.13 33.21
CA VAL A 428 -25.58 13.00 33.26
C VAL A 428 -27.00 13.39 32.84
N PRO A 429 -27.84 12.44 32.40
CA PRO A 429 -29.15 12.76 31.85
C PRO A 429 -30.15 13.37 32.83
N GLN A 430 -30.16 12.92 34.09
CA GLN A 430 -31.20 13.23 35.09
C GLN A 430 -30.70 13.10 36.54
N PRO A 431 -31.39 13.65 37.53
CA PRO A 431 -30.97 13.70 38.94
C PRO A 431 -30.54 12.38 39.60
N VAL A 432 -29.75 12.53 40.67
CA VAL A 432 -29.11 11.49 41.49
C VAL A 432 -29.02 11.93 42.96
N GLU A 433 -28.91 10.99 43.92
CA GLU A 433 -28.90 11.31 45.37
C GLU A 433 -28.05 10.33 46.23
N GLY A 434 -27.47 10.84 47.33
CA GLY A 434 -26.90 10.03 48.44
C GLY A 434 -25.56 9.36 48.15
N VAL A 435 -25.24 8.33 48.93
CA VAL A 435 -24.02 7.51 48.77
C VAL A 435 -24.24 6.33 47.80
N SER A 436 -25.40 5.66 47.88
CA SER A 436 -25.73 4.51 47.02
C SER A 436 -25.99 4.91 45.57
N SER A 437 -25.36 4.22 44.62
CA SER A 437 -25.46 4.50 43.18
C SER A 437 -26.06 3.33 42.38
N PHE A 438 -27.09 3.60 41.57
CA PHE A 438 -27.71 2.57 40.74
C PHE A 438 -26.80 2.10 39.59
N MET A 439 -26.96 0.83 39.26
CA MET A 439 -26.56 0.17 38.03
C MET A 439 -27.83 -0.17 37.27
N ASN A 440 -27.97 0.31 36.04
CA ASN A 440 -29.17 0.07 35.24
C ASN A 440 -28.79 -0.68 33.97
N VAL A 441 -29.30 -1.88 33.78
CA VAL A 441 -28.87 -2.79 32.72
C VAL A 441 -30.06 -3.44 32.04
N THR A 442 -30.00 -3.61 30.72
CA THR A 442 -31.05 -4.28 29.94
C THR A 442 -30.48 -5.53 29.31
N LEU A 443 -30.61 -6.67 29.98
CA LEU A 443 -30.04 -7.92 29.51
C LEU A 443 -30.66 -8.40 28.20
N ASP A 444 -29.88 -9.10 27.38
CA ASP A 444 -30.35 -9.88 26.24
C ASP A 444 -31.07 -9.12 25.12
N LYS A 445 -31.02 -7.79 25.09
CA LYS A 445 -31.62 -6.97 24.05
C LYS A 445 -30.59 -5.96 23.57
N CYS A 446 -30.51 -5.67 22.28
CA CYS A 446 -29.49 -4.71 21.85
C CYS A 446 -29.74 -3.35 22.49
N THR A 447 -28.70 -2.76 23.05
CA THR A 447 -28.74 -1.68 24.04
C THR A 447 -27.64 -0.69 23.75
N LYS A 448 -27.85 0.59 24.05
CA LYS A 448 -26.79 1.58 23.99
C LYS A 448 -26.29 1.78 25.40
N TYR A 449 -24.99 1.60 25.61
CA TYR A 449 -24.46 1.45 26.94
C TYR A 449 -23.41 2.48 27.26
N ASN A 450 -23.31 2.86 28.52
CA ASN A 450 -22.18 3.60 29.03
C ASN A 450 -21.78 2.96 30.36
N ILE A 451 -20.78 2.10 30.28
CA ILE A 451 -20.36 1.19 31.34
C ILE A 451 -19.00 1.62 31.81
N TYR A 452 -18.84 1.95 33.08
CA TYR A 452 -17.58 2.41 33.65
C TYR A 452 -16.87 3.42 32.73
N ASP A 453 -17.60 4.38 32.17
CA ASP A 453 -17.05 5.37 31.25
C ASP A 453 -16.42 4.77 29.98
N VAL A 454 -17.02 3.72 29.45
CA VAL A 454 -16.82 3.21 28.09
C VAL A 454 -18.18 3.11 27.45
N SER A 455 -18.35 3.50 26.19
CA SER A 455 -19.66 3.48 25.54
C SER A 455 -19.67 2.89 24.15
N GLY A 456 -20.83 2.42 23.75
CA GLY A 456 -21.03 1.69 22.52
C GLY A 456 -22.45 1.16 22.43
N VAL A 457 -22.68 0.25 21.50
CA VAL A 457 -23.95 -0.45 21.35
C VAL A 457 -23.71 -1.93 21.31
N GLY A 458 -24.53 -2.73 21.97
CA GLY A 458 -24.38 -4.17 21.98
C GLY A 458 -25.40 -4.84 22.85
N VAL A 459 -25.29 -6.15 23.02
CA VAL A 459 -26.14 -6.95 23.86
C VAL A 459 -25.37 -7.25 25.12
N ILE A 460 -25.93 -6.94 26.28
CA ILE A 460 -25.28 -7.22 27.55
C ILE A 460 -25.88 -8.51 28.06
N ARG A 461 -25.06 -9.47 28.43
CA ARG A 461 -25.55 -10.74 28.93
C ARG A 461 -24.75 -11.23 30.12
N VAL A 462 -25.42 -11.73 31.15
CA VAL A 462 -24.75 -12.37 32.28
C VAL A 462 -24.05 -13.63 31.82
N SER A 463 -22.88 -13.93 32.36
CA SER A 463 -22.02 -14.98 31.82
C SER A 463 -21.47 -15.89 32.88
N ASN A 464 -21.03 -17.05 32.42
CA ASN A 464 -20.61 -18.15 33.26
C ASN A 464 -19.19 -17.98 33.82
N ASP A 465 -18.41 -17.04 33.29
CA ASP A 465 -17.03 -16.85 33.73
C ASP A 465 -16.95 -16.31 35.15
N THR A 466 -15.83 -16.60 35.82
CA THR A 466 -15.40 -15.87 37.01
C THR A 466 -13.94 -15.50 36.83
N PHE A 467 -13.63 -14.23 37.09
CA PHE A 467 -12.32 -13.65 37.01
C PHE A 467 -12.13 -12.79 38.24
N LEU A 468 -10.97 -12.83 38.86
CA LEU A 468 -10.70 -11.94 39.98
C LEU A 468 -10.32 -10.55 39.49
N ASN A 469 -9.50 -10.47 38.45
CA ASN A 469 -8.89 -9.23 38.01
C ASN A 469 -9.90 -8.23 37.47
N GLY A 470 -9.64 -6.95 37.68
CA GLY A 470 -10.20 -5.87 36.88
C GLY A 470 -11.67 -5.57 37.13
N ILE A 471 -12.23 -4.68 36.32
CA ILE A 471 -13.67 -4.40 36.28
C ILE A 471 -14.22 -4.31 34.87
N THR A 472 -13.41 -3.99 33.87
CA THR A 472 -13.77 -4.05 32.45
C THR A 472 -12.79 -4.91 31.71
N TYR A 473 -13.25 -5.61 30.70
CA TYR A 473 -12.43 -6.50 29.92
C TYR A 473 -12.50 -6.09 28.47
N THR A 474 -11.39 -6.11 27.76
CA THR A 474 -11.34 -5.59 26.40
C THR A 474 -10.48 -6.40 25.48
N SER A 475 -10.77 -6.31 24.20
CA SER A 475 -9.97 -6.89 23.14
C SER A 475 -8.70 -6.07 22.88
N THR A 476 -7.88 -6.54 21.95
CA THR A 476 -6.77 -5.74 21.43
C THR A 476 -7.25 -4.45 20.79
N SER A 477 -8.37 -4.48 20.09
CA SER A 477 -9.00 -3.31 19.48
C SER A 477 -9.65 -2.35 20.46
N GLY A 478 -9.55 -2.59 21.76
CA GLY A 478 -10.09 -1.68 22.76
C GLY A 478 -11.60 -1.70 22.88
N ASN A 479 -12.29 -2.58 22.18
CA ASN A 479 -13.71 -2.80 22.40
C ASN A 479 -13.95 -3.47 23.73
N LEU A 480 -15.02 -3.11 24.40
CA LEU A 480 -15.48 -3.79 25.59
C LEU A 480 -15.96 -5.18 25.22
N LEU A 481 -15.46 -6.21 25.90
CA LEU A 481 -15.90 -7.58 25.76
C LEU A 481 -16.73 -8.03 26.94
N GLY A 482 -16.61 -7.37 28.09
CA GLY A 482 -17.39 -7.66 29.27
C GLY A 482 -17.05 -6.71 30.39
N PHE A 483 -17.75 -6.83 31.50
CA PHE A 483 -17.50 -6.03 32.68
C PHE A 483 -18.01 -6.75 33.92
N LYS A 484 -17.58 -6.32 35.08
CA LYS A 484 -17.90 -6.92 36.36
C LYS A 484 -18.80 -5.97 37.15
N ASP A 485 -19.93 -6.43 37.67
CA ASP A 485 -20.67 -5.63 38.65
C ASP A 485 -19.90 -5.62 39.95
N VAL A 486 -19.20 -4.53 40.22
CA VAL A 486 -18.27 -4.43 41.35
C VAL A 486 -18.93 -4.67 42.69
N THR A 487 -20.23 -4.40 42.81
CA THR A 487 -20.95 -4.57 44.06
C THR A 487 -21.29 -6.02 44.36
N LYS A 488 -21.34 -6.87 43.33
CA LYS A 488 -21.99 -8.18 43.39
C LYS A 488 -21.13 -9.32 42.87
N GLY A 489 -20.10 -9.02 42.09
CA GLY A 489 -19.15 -10.03 41.60
C GLY A 489 -19.65 -10.84 40.40
N THR A 490 -20.76 -10.44 39.77
CA THR A 490 -21.24 -11.04 38.53
C THR A 490 -20.45 -10.51 37.35
N ILE A 491 -20.20 -11.34 36.35
CA ILE A 491 -19.51 -10.95 35.13
C ILE A 491 -20.47 -10.99 33.96
N TYR A 492 -20.54 -9.89 33.24
CA TYR A 492 -21.38 -9.70 32.08
C TYR A 492 -20.51 -9.59 30.85
N SER A 493 -21.02 -10.07 29.72
CA SER A 493 -20.31 -10.09 28.46
C SER A 493 -21.06 -9.25 27.45
N ILE A 494 -20.34 -8.58 26.58
CA ILE A 494 -20.93 -7.76 25.54
C ILE A 494 -20.76 -8.48 24.22
N THR A 495 -21.85 -8.74 23.53
CA THR A 495 -21.84 -9.23 22.15
C THR A 495 -22.32 -8.08 21.30
N PRO A 496 -21.65 -7.68 20.22
CA PRO A 496 -22.22 -6.66 19.37
C PRO A 496 -23.47 -7.27 18.73
N CYS A 497 -24.62 -6.62 18.82
CA CYS A 497 -25.76 -7.10 18.04
C CYS A 497 -25.45 -6.89 16.56
N ASN A 498 -26.05 -7.70 15.68
CA ASN A 498 -25.70 -7.75 14.27
C ASN A 498 -24.18 -7.74 14.00
N PRO A 499 -23.44 -8.78 14.42
CA PRO A 499 -22.13 -9.03 13.84
C PRO A 499 -22.32 -9.45 12.38
N PRO A 500 -21.30 -9.40 11.52
CA PRO A 500 -21.49 -9.72 10.13
C PRO A 500 -21.85 -11.18 9.94
N ASP A 501 -22.91 -11.42 9.19
CA ASP A 501 -23.18 -12.69 8.56
C ASP A 501 -22.53 -12.69 7.19
N GLN A 502 -22.65 -13.80 6.48
CA GLN A 502 -22.16 -13.88 5.12
C GLN A 502 -23.19 -14.56 4.23
N LEU A 503 -23.42 -13.99 3.05
CA LEU A 503 -24.49 -14.37 2.15
C LEU A 503 -23.90 -15.05 0.94
N VAL A 504 -24.53 -16.11 0.47
CA VAL A 504 -24.14 -16.78 -0.76
C VAL A 504 -25.07 -16.28 -1.84
N VAL A 505 -24.54 -15.65 -2.86
CA VAL A 505 -25.32 -15.14 -3.99
C VAL A 505 -25.05 -16.02 -5.18
N TYR A 506 -26.08 -16.45 -5.87
CA TYR A 506 -25.91 -17.20 -7.11
C TYR A 506 -27.05 -16.88 -8.05
N GLN A 507 -26.75 -16.39 -9.24
CA GLN A 507 -27.71 -15.85 -10.19
C GLN A 507 -28.62 -14.80 -9.55
N GLN A 508 -28.03 -13.88 -8.82
CA GLN A 508 -28.68 -12.68 -8.31
C GLN A 508 -29.92 -12.95 -7.47
N ALA A 509 -29.81 -13.98 -6.64
CA ALA A 509 -30.63 -14.16 -5.46
C ALA A 509 -29.71 -14.67 -4.36
N VAL A 510 -30.04 -14.38 -3.11
CA VAL A 510 -29.31 -14.95 -1.99
C VAL A 510 -29.79 -16.36 -1.79
N VAL A 511 -28.98 -17.34 -2.15
CA VAL A 511 -29.41 -18.74 -2.10
C VAL A 511 -29.25 -19.36 -0.73
N GLY A 512 -28.40 -18.78 0.12
CA GLY A 512 -28.18 -19.23 1.47
C GLY A 512 -27.30 -18.27 2.25
N ALA A 513 -27.14 -18.47 3.54
CA ALA A 513 -26.32 -17.62 4.38
C ALA A 513 -25.59 -18.41 5.45
N MET A 514 -24.46 -17.90 5.90
CA MET A 514 -23.63 -18.48 6.94
C MET A 514 -23.75 -17.62 8.18
N LEU A 515 -24.11 -18.24 9.29
CA LEU A 515 -24.55 -17.58 10.50
C LEU A 515 -23.71 -18.02 11.69
N SER A 516 -23.48 -17.11 12.62
CA SER A 516 -22.90 -17.41 13.92
C SER A 516 -23.92 -17.92 14.94
N GLU A 517 -25.18 -18.14 14.57
CA GLU A 517 -26.22 -18.66 15.46
C GLU A 517 -27.30 -19.47 14.76
N ASN A 518 -27.92 -20.37 15.51
CA ASN A 518 -28.73 -21.46 15.00
C ASN A 518 -30.17 -21.09 14.67
N PHE A 519 -30.45 -19.97 13.99
CA PHE A 519 -31.81 -19.70 13.53
C PHE A 519 -31.87 -18.93 12.22
N THR A 520 -32.98 -19.09 11.50
CA THR A 520 -33.13 -18.72 10.10
C THR A 520 -33.29 -17.22 9.89
N SER A 521 -32.17 -16.52 9.86
CA SER A 521 -32.13 -15.15 9.32
C SER A 521 -32.51 -15.14 7.84
N TYR A 522 -32.81 -13.96 7.29
CA TYR A 522 -33.06 -13.79 5.85
C TYR A 522 -34.22 -14.62 5.31
N GLY A 523 -35.10 -15.11 6.16
CA GLY A 523 -36.31 -15.82 5.74
C GLY A 523 -36.07 -17.20 5.14
N PHE A 524 -34.90 -17.82 5.36
CA PHE A 524 -34.67 -19.20 4.91
C PHE A 524 -35.47 -20.24 5.68
N SER A 525 -35.60 -21.41 5.07
CA SER A 525 -36.45 -22.48 5.56
C SER A 525 -35.82 -23.30 6.67
N ASN A 526 -34.54 -23.64 6.57
CA ASN A 526 -33.89 -24.52 7.53
C ASN A 526 -32.42 -24.18 7.76
N VAL A 527 -31.88 -24.65 8.88
CA VAL A 527 -30.50 -24.46 9.29
C VAL A 527 -29.82 -25.80 9.52
N VAL A 528 -28.54 -25.91 9.19
CA VAL A 528 -27.70 -27.04 9.54
C VAL A 528 -26.44 -26.56 10.24
N GLU A 529 -25.94 -27.31 11.22
CA GLU A 529 -24.63 -27.05 11.80
C GLU A 529 -23.55 -27.56 10.86
N LEU A 530 -22.44 -26.85 10.81
CA LEU A 530 -21.22 -27.24 10.14
C LEU A 530 -20.05 -26.98 11.09
N PRO A 531 -18.86 -27.54 10.82
CA PRO A 531 -17.75 -27.53 11.75
C PRO A 531 -17.40 -26.20 12.40
N LYS A 532 -17.65 -25.07 11.73
CA LYS A 532 -17.22 -23.74 12.20
C LYS A 532 -18.27 -22.64 12.12
N PHE A 533 -19.49 -22.93 11.64
CA PHE A 533 -20.58 -21.97 11.47
C PHE A 533 -21.89 -22.71 11.28
N PHE A 534 -23.04 -22.05 11.42
CA PHE A 534 -24.31 -22.58 10.94
C PHE A 534 -24.56 -22.12 9.52
N TYR A 535 -25.33 -22.86 8.76
CA TYR A 535 -25.70 -22.49 7.40
C TYR A 535 -27.19 -22.59 7.21
N ALA A 536 -27.80 -21.60 6.58
CA ALA A 536 -29.23 -21.45 6.49
C ALA A 536 -29.66 -21.30 5.03
N SER A 537 -30.71 -21.98 4.62
CA SER A 537 -31.05 -22.09 3.20
C SER A 537 -32.48 -22.55 2.97
N ASN A 538 -32.95 -22.46 1.73
CA ASN A 538 -34.09 -23.25 1.28
C ASN A 538 -33.63 -24.55 0.63
N GLY A 539 -32.52 -25.10 1.10
CA GLY A 539 -31.95 -26.28 0.50
C GLY A 539 -32.76 -27.51 0.81
N THR A 540 -33.19 -28.23 -0.22
CA THR A 540 -33.41 -29.67 -0.11
C THR A 540 -32.03 -30.32 -0.13
N TYR A 541 -31.70 -31.20 0.79
CA TYR A 541 -30.34 -31.76 0.85
C TYR A 541 -30.18 -32.97 -0.07
N ASN A 542 -30.50 -32.74 -1.33
CA ASN A 542 -30.60 -33.74 -2.38
C ASN A 542 -30.04 -33.20 -3.70
N CYS A 543 -28.77 -32.80 -3.66
CA CYS A 543 -28.01 -32.33 -4.81
C CYS A 543 -26.55 -32.76 -4.67
N THR A 544 -25.83 -32.81 -5.78
CA THR A 544 -24.46 -33.33 -5.84
C THR A 544 -23.51 -32.52 -6.69
N ASP A 545 -24.01 -31.53 -7.43
CA ASP A 545 -23.20 -30.69 -8.31
C ASP A 545 -23.12 -29.28 -7.72
N ALA A 546 -21.93 -28.78 -7.42
CA ALA A 546 -21.72 -27.50 -6.76
C ALA A 546 -21.49 -26.37 -7.78
N VAL A 547 -22.27 -25.30 -7.70
CA VAL A 547 -22.09 -24.12 -8.55
C VAL A 547 -21.09 -23.13 -8.00
N LEU A 548 -20.78 -23.22 -6.71
CA LEU A 548 -19.78 -22.40 -6.01
C LEU A 548 -19.03 -23.27 -5.04
N THR A 549 -17.79 -22.90 -4.71
CA THR A 549 -17.02 -23.58 -3.68
C THR A 549 -16.25 -22.59 -2.83
N TYR A 550 -16.12 -22.92 -1.56
CA TYR A 550 -15.63 -22.05 -0.51
C TYR A 550 -14.91 -22.96 0.47
N SER A 551 -13.60 -22.99 0.40
CA SER A 551 -12.83 -23.99 1.13
C SER A 551 -13.33 -25.41 0.82
N SER A 552 -13.52 -26.25 1.83
CA SER A 552 -14.00 -27.63 1.68
C SER A 552 -15.47 -27.76 1.24
N PHE A 553 -16.22 -26.66 1.21
CA PHE A 553 -17.67 -26.67 1.07
C PHE A 553 -18.11 -26.21 -0.31
N GLY A 554 -18.94 -27.01 -0.98
CA GLY A 554 -19.59 -26.63 -2.22
C GLY A 554 -21.05 -26.30 -2.00
N VAL A 555 -21.56 -25.26 -2.66
CA VAL A 555 -22.98 -24.93 -2.65
C VAL A 555 -23.58 -25.26 -3.99
N CYS A 556 -24.67 -26.01 -4.02
CA CYS A 556 -25.34 -26.33 -5.28
C CYS A 556 -26.41 -25.28 -5.62
N ALA A 557 -26.96 -25.32 -6.82
CA ALA A 557 -27.85 -24.27 -7.31
C ALA A 557 -29.12 -24.05 -6.44
N ASP A 558 -29.57 -25.06 -5.72
CA ASP A 558 -30.68 -24.94 -4.76
C ASP A 558 -30.31 -24.15 -3.50
N GLY A 559 -29.08 -23.69 -3.37
CA GLY A 559 -28.51 -23.12 -2.16
C GLY A 559 -28.12 -24.16 -1.12
N SER A 560 -28.49 -25.41 -1.31
CA SER A 560 -28.12 -26.51 -0.42
C SER A 560 -26.61 -26.75 -0.43
N ILE A 561 -26.02 -27.11 0.71
CA ILE A 561 -24.57 -27.15 0.92
C ILE A 561 -24.07 -28.58 1.08
N ILE A 562 -22.92 -28.89 0.50
CA ILE A 562 -22.33 -30.22 0.45
C ILE A 562 -20.82 -30.15 0.63
N ALA A 563 -20.20 -31.24 1.07
CA ALA A 563 -18.75 -31.40 1.06
C ALA A 563 -18.25 -31.95 -0.30
N VAL A 564 -16.97 -31.76 -0.63
CA VAL A 564 -16.38 -32.22 -1.91
C VAL A 564 -15.00 -32.86 -1.75
N GLN A 565 -14.58 -33.65 -2.74
CA GLN A 565 -13.34 -34.43 -2.73
C GLN A 565 -12.51 -34.20 -4.00
N SER A 575 -9.38 -54.28 -13.53
CA SER A 575 -10.66 -54.97 -13.76
C SER A 575 -10.61 -55.90 -14.99
N ALA A 576 -9.68 -55.65 -15.92
CA ALA A 576 -9.24 -56.62 -16.93
C ALA A 576 -8.64 -57.88 -16.29
N ILE A 577 -8.25 -57.78 -15.01
CA ILE A 577 -7.87 -58.90 -14.13
C ILE A 577 -9.01 -59.94 -13.98
N VAL A 578 -10.28 -59.52 -14.07
CA VAL A 578 -11.46 -60.30 -13.65
C VAL A 578 -12.41 -60.61 -14.83
N THR A 579 -12.82 -61.88 -14.98
CA THR A 579 -13.99 -62.26 -15.79
C THR A 579 -15.23 -61.74 -15.06
N ALA A 580 -15.83 -60.71 -15.66
CA ALA A 580 -16.60 -59.69 -14.98
C ALA A 580 -17.77 -59.11 -15.80
N ASN A 581 -18.75 -58.54 -15.09
CA ASN A 581 -19.80 -57.73 -15.68
C ASN A 581 -19.62 -56.30 -15.15
N LEU A 582 -19.52 -55.39 -16.12
CA LEU A 582 -19.00 -54.02 -16.05
C LEU A 582 -19.80 -53.18 -17.02
N SER A 583 -19.97 -51.89 -16.74
CA SER A 583 -21.02 -51.07 -17.33
C SER A 583 -20.40 -49.94 -18.13
N ILE A 584 -20.81 -49.89 -19.39
CA ILE A 584 -20.07 -49.37 -20.54
C ILE A 584 -21.06 -48.62 -21.45
N PRO A 585 -20.71 -47.47 -22.05
CA PRO A 585 -21.60 -46.76 -22.95
C PRO A 585 -21.63 -47.36 -24.36
N SER A 586 -22.72 -48.01 -24.78
CA SER A 586 -22.80 -48.57 -26.15
C SER A 586 -22.99 -47.49 -27.23
N ASN A 587 -23.11 -46.24 -26.83
CA ASN A 587 -23.30 -45.06 -27.66
C ASN A 587 -22.52 -43.90 -27.03
N TRP A 588 -22.07 -42.96 -27.84
CA TRP A 588 -21.21 -41.86 -27.42
C TRP A 588 -21.83 -40.55 -27.89
N THR A 589 -21.85 -39.58 -26.99
CA THR A 589 -22.47 -38.28 -27.14
C THR A 589 -21.45 -37.23 -26.78
N ILE A 590 -21.55 -36.05 -27.37
CA ILE A 590 -20.56 -34.98 -27.21
C ILE A 590 -21.21 -33.70 -26.75
N SER A 591 -20.44 -33.01 -25.92
CA SER A 591 -20.81 -31.82 -25.20
C SER A 591 -19.74 -30.78 -25.46
N VAL A 592 -20.12 -29.52 -25.54
CA VAL A 592 -19.17 -28.42 -25.67
C VAL A 592 -19.22 -27.60 -24.41
N GLN A 593 -18.05 -27.33 -23.84
CA GLN A 593 -17.88 -26.82 -22.48
C GLN A 593 -16.97 -25.62 -22.56
N VAL A 594 -17.28 -24.61 -21.76
CA VAL A 594 -16.82 -23.25 -22.02
C VAL A 594 -16.11 -22.73 -20.80
N GLU A 595 -15.02 -22.05 -21.04
CA GLU A 595 -14.10 -21.62 -20.01
C GLU A 595 -13.52 -20.30 -20.43
N TYR A 596 -13.28 -19.39 -19.50
CA TYR A 596 -12.76 -18.07 -19.80
C TYR A 596 -11.55 -17.81 -18.94
N LEU A 597 -10.51 -17.28 -19.57
CA LEU A 597 -9.32 -16.83 -18.89
C LEU A 597 -9.05 -15.39 -19.28
N GLN A 598 -8.81 -14.54 -18.29
CA GLN A 598 -8.38 -13.19 -18.55
C GLN A 598 -6.96 -13.24 -19.05
N ILE A 599 -6.65 -12.57 -20.15
CA ILE A 599 -5.29 -12.54 -20.71
C ILE A 599 -4.55 -11.29 -20.33
N THR A 600 -5.26 -10.20 -20.11
CA THR A 600 -4.66 -8.89 -19.93
C THR A 600 -5.55 -7.99 -19.10
N SER A 601 -5.03 -6.87 -18.60
CA SER A 601 -5.89 -5.77 -18.22
C SER A 601 -5.42 -4.51 -18.91
N THR A 602 -6.37 -3.72 -19.40
CA THR A 602 -6.11 -2.46 -20.09
C THR A 602 -5.20 -1.59 -19.23
N PRO A 603 -3.98 -1.26 -19.69
CA PRO A 603 -3.06 -0.56 -18.85
C PRO A 603 -3.53 0.85 -18.56
N ILE A 604 -3.38 1.32 -17.33
CA ILE A 604 -3.76 2.65 -16.92
C ILE A 604 -2.53 3.40 -16.45
N VAL A 605 -2.29 4.58 -17.00
CA VAL A 605 -1.19 5.46 -16.66
C VAL A 605 -1.77 6.76 -16.14
N VAL A 606 -1.31 7.25 -15.00
CA VAL A 606 -1.83 8.48 -14.40
C VAL A 606 -0.77 9.56 -14.46
N ASP A 607 -1.12 10.77 -14.90
CA ASP A 607 -0.24 11.92 -14.75
C ASP A 607 -0.36 12.45 -13.33
N CYS A 608 0.58 12.07 -12.48
CA CYS A 608 0.48 12.29 -11.05
C CYS A 608 0.32 13.76 -10.71
N SER A 609 1.03 14.64 -11.39
CA SER A 609 0.89 16.08 -11.20
C SER A 609 -0.53 16.55 -11.44
N THR A 610 -1.15 16.13 -12.53
CA THR A 610 -2.53 16.53 -12.84
C THR A 610 -3.53 15.93 -11.89
N TYR A 611 -3.32 14.69 -11.46
CA TYR A 611 -4.24 14.08 -10.52
C TYR A 611 -4.22 14.81 -9.21
N VAL A 612 -3.03 15.06 -8.67
CA VAL A 612 -2.89 15.66 -7.36
C VAL A 612 -3.31 17.12 -7.36
N CYS A 613 -2.84 17.91 -8.31
CA CYS A 613 -3.04 19.35 -8.30
C CYS A 613 -4.17 19.88 -9.16
N ASN A 614 -4.86 19.06 -9.94
CA ASN A 614 -5.94 19.54 -10.81
C ASN A 614 -5.52 20.69 -11.74
N GLY A 615 -4.23 20.75 -12.09
CA GLY A 615 -3.65 21.75 -12.96
C GLY A 615 -3.37 23.10 -12.32
N ASN A 616 -3.68 23.30 -11.03
CA ASN A 616 -3.45 24.58 -10.37
C ASN A 616 -1.95 24.87 -10.24
N VAL A 617 -1.50 26.03 -10.69
CA VAL A 617 -0.07 26.29 -10.82
C VAL A 617 0.66 26.41 -9.48
N ARG A 618 0.06 27.02 -8.46
CA ARG A 618 0.70 27.13 -7.14
C ARG A 618 0.88 25.76 -6.52
N CYS A 619 -0.11 24.90 -6.68
CA CYS A 619 -0.03 23.55 -6.18
C CYS A 619 1.12 22.82 -6.81
N VAL A 620 1.35 22.94 -8.11
CA VAL A 620 2.44 22.22 -8.75
C VAL A 620 3.79 22.67 -8.19
N GLU A 621 3.98 23.96 -7.92
CA GLU A 621 5.23 24.41 -7.29
C GLU A 621 5.43 23.82 -5.90
N LEU A 622 4.36 23.63 -5.15
CA LEU A 622 4.40 23.01 -3.84
C LEU A 622 4.62 21.50 -3.94
N LEU A 623 4.07 20.85 -4.95
CA LEU A 623 4.20 19.43 -5.19
C LEU A 623 5.65 19.05 -5.46
N LYS A 624 6.45 19.92 -6.06
CA LYS A 624 7.89 19.65 -6.28
C LYS A 624 8.63 19.31 -4.99
N GLN A 625 8.22 19.83 -3.84
CA GLN A 625 8.84 19.52 -2.56
C GLN A 625 8.67 18.07 -2.13
N TYR A 626 7.74 17.33 -2.73
CA TYR A 626 7.50 15.92 -2.46
C TYR A 626 8.43 15.09 -3.32
N THR A 627 9.73 15.23 -3.06
CA THR A 627 10.81 14.77 -3.91
C THR A 627 10.58 13.36 -4.38
N SER A 628 10.49 13.16 -5.69
CA SER A 628 10.27 11.86 -6.34
C SER A 628 9.01 11.11 -5.97
N ALA A 629 8.08 11.68 -5.21
CA ALA A 629 6.84 11.01 -4.88
C ALA A 629 6.02 10.72 -6.12
N CYS A 630 5.79 11.70 -6.98
CA CYS A 630 5.12 11.40 -8.25
C CYS A 630 5.94 10.46 -9.10
N LYS A 631 7.25 10.66 -9.21
CA LYS A 631 8.11 9.85 -10.06
C LYS A 631 7.96 8.38 -9.73
N THR A 632 7.99 8.00 -8.46
CA THR A 632 7.86 6.58 -8.11
C THR A 632 6.47 6.02 -8.37
N ILE A 633 5.42 6.81 -8.25
CA ILE A 633 4.08 6.32 -8.54
C ILE A 633 3.94 6.06 -10.02
N GLU A 634 4.23 7.08 -10.82
CA GLU A 634 3.93 6.99 -12.23
C GLU A 634 4.89 6.08 -12.96
N ASP A 635 6.14 5.98 -12.54
CA ASP A 635 7.01 4.97 -13.13
C ASP A 635 6.62 3.55 -12.76
N ALA A 636 6.04 3.26 -11.59
CA ALA A 636 5.56 1.91 -11.32
C ALA A 636 4.45 1.52 -12.28
N LEU A 637 3.52 2.42 -12.55
CA LEU A 637 2.46 2.20 -13.54
C LEU A 637 3.01 2.05 -14.94
N ARG A 638 3.99 2.85 -15.33
CA ARG A 638 4.57 2.78 -16.66
C ARG A 638 5.33 1.49 -16.89
N ASN A 639 6.17 1.09 -15.95
CA ASN A 639 6.93 -0.14 -16.09
C ASN A 639 6.01 -1.34 -16.20
N SER A 640 5.00 -1.43 -15.36
CA SER A 640 4.08 -2.55 -15.42
C SER A 640 3.24 -2.54 -16.70
N ALA A 641 2.84 -1.38 -17.22
CA ALA A 641 2.19 -1.31 -18.51
C ALA A 641 3.08 -1.81 -19.65
N ARG A 642 4.36 -1.47 -19.62
CA ARG A 642 5.33 -1.91 -20.61
C ARG A 642 5.49 -3.43 -20.60
N LEU A 643 5.50 -4.05 -19.44
CA LEU A 643 5.54 -5.50 -19.31
C LEU A 643 4.27 -6.19 -19.81
N GLU A 644 3.07 -5.68 -19.51
CA GLU A 644 1.85 -6.22 -20.09
C GLU A 644 1.86 -6.12 -21.60
N SER A 645 2.26 -4.98 -22.14
CA SER A 645 2.30 -4.79 -23.58
C SER A 645 3.27 -5.77 -24.22
N ALA A 646 4.43 -5.99 -23.63
CA ALA A 646 5.39 -6.94 -24.14
C ALA A 646 4.84 -8.36 -24.13
N ASP A 647 4.32 -8.82 -23.00
CA ASP A 647 3.87 -10.20 -22.84
C ASP A 647 2.71 -10.54 -23.75
N VAL A 648 1.68 -9.70 -23.81
CA VAL A 648 0.56 -9.99 -24.67
C VAL A 648 0.96 -9.89 -26.13
N SER A 649 1.80 -8.93 -26.49
CA SER A 649 2.26 -8.81 -27.87
C SER A 649 3.12 -10.00 -28.30
N GLU A 650 3.86 -10.60 -27.38
CA GLU A 650 4.58 -11.85 -27.61
C GLU A 650 3.62 -13.02 -27.81
N MET A 651 2.58 -13.12 -26.99
CA MET A 651 1.63 -14.23 -27.05
C MET A 651 0.81 -14.26 -28.33
N LEU A 652 0.32 -13.12 -28.80
CA LEU A 652 -0.59 -13.04 -29.94
C LEU A 652 0.14 -13.17 -31.28
N THR A 653 0.60 -14.38 -31.60
CA THR A 653 1.19 -14.77 -32.88
C THR A 653 0.20 -14.66 -34.06
N PHE A 654 0.67 -14.91 -35.27
CA PHE A 654 -0.16 -15.00 -36.48
C PHE A 654 0.49 -15.95 -37.48
N ASP A 655 -0.30 -16.60 -38.33
CA ASP A 655 0.19 -17.46 -39.42
C ASP A 655 -0.76 -17.40 -40.61
N LYS A 656 -0.38 -16.66 -41.66
CA LYS A 656 -1.23 -16.36 -42.81
C LYS A 656 -1.82 -17.60 -43.46
N LYS A 657 -1.01 -18.66 -43.62
CA LYS A 657 -1.44 -19.94 -44.18
C LYS A 657 -2.59 -20.53 -43.37
N ALA A 658 -2.44 -20.61 -42.05
CA ALA A 658 -3.49 -21.13 -41.20
C ALA A 658 -4.70 -20.21 -41.23
N PHE A 659 -4.50 -18.90 -41.22
CA PHE A 659 -5.60 -17.95 -41.21
C PHE A 659 -6.46 -18.06 -42.48
N THR A 660 -5.88 -18.27 -43.66
CA THR A 660 -6.72 -18.45 -44.86
C THR A 660 -7.50 -19.76 -44.84
N LEU A 661 -6.93 -20.82 -44.24
CA LEU A 661 -7.62 -22.10 -44.06
C LEU A 661 -8.74 -22.07 -43.02
N ALA A 662 -8.70 -21.14 -42.06
CA ALA A 662 -9.65 -21.02 -40.96
C ALA A 662 -11.05 -20.55 -41.42
N ASN A 663 -11.78 -21.45 -42.07
CA ASN A 663 -12.97 -21.17 -42.86
C ASN A 663 -13.95 -22.35 -42.79
N VAL A 664 -15.26 -22.09 -42.89
CA VAL A 664 -16.30 -23.14 -42.88
C VAL A 664 -16.20 -24.08 -44.08
N SER A 665 -15.67 -23.57 -45.20
CA SER A 665 -15.31 -24.39 -46.36
C SER A 665 -14.39 -25.56 -45.99
N SER A 666 -13.53 -25.36 -45.00
CA SER A 666 -12.55 -26.33 -44.54
C SER A 666 -13.09 -27.31 -43.49
N PHE A 667 -14.40 -27.39 -43.24
CA PHE A 667 -14.94 -28.22 -42.14
C PHE A 667 -16.16 -29.08 -42.47
N GLY A 668 -16.76 -28.92 -43.64
CA GLY A 668 -17.83 -29.82 -44.11
C GLY A 668 -19.04 -29.82 -43.18
N ASP A 669 -19.34 -30.96 -42.59
CA ASP A 669 -20.46 -31.13 -41.66
C ASP A 669 -20.41 -30.24 -40.42
N TYR A 670 -19.21 -29.87 -39.96
CA TYR A 670 -19.03 -29.18 -38.69
C TYR A 670 -19.29 -27.69 -38.87
N ASN A 671 -20.40 -27.18 -38.34
CA ASN A 671 -20.83 -25.80 -38.53
C ASN A 671 -20.09 -24.83 -37.59
N LEU A 672 -18.78 -24.71 -37.78
CA LEU A 672 -17.92 -23.73 -37.11
C LEU A 672 -18.15 -22.29 -37.59
N SER A 673 -19.20 -22.02 -38.34
CA SER A 673 -19.50 -20.67 -38.87
C SER A 673 -19.61 -19.60 -37.78
N SER A 674 -20.07 -19.95 -36.59
CA SER A 674 -20.27 -19.00 -35.49
C SER A 674 -19.01 -18.55 -34.77
N VAL A 675 -17.87 -19.23 -34.98
CA VAL A 675 -16.63 -19.04 -34.21
C VAL A 675 -15.43 -18.59 -35.03
N ILE A 676 -15.47 -18.72 -36.36
CA ILE A 676 -14.43 -18.19 -37.24
C ILE A 676 -14.57 -16.67 -37.41
N PRO A 677 -13.46 -15.92 -37.47
CA PRO A 677 -13.50 -14.47 -37.54
C PRO A 677 -14.18 -14.01 -38.81
N SER A 678 -14.94 -12.92 -38.73
CA SER A 678 -15.66 -12.39 -39.89
C SER A 678 -14.73 -11.74 -40.89
N LEU A 679 -15.14 -11.74 -42.16
CA LEU A 679 -14.46 -11.03 -43.23
C LEU A 679 -14.41 -9.51 -42.94
N PRO A 680 -13.37 -8.80 -43.37
CA PRO A 680 -13.26 -7.37 -43.19
C PRO A 680 -14.15 -6.61 -44.18
N THR A 681 -15.44 -6.50 -43.86
CA THR A 681 -16.42 -5.73 -44.64
C THR A 681 -16.03 -4.25 -44.78
N SER A 682 -15.30 -3.70 -43.81
CA SER A 682 -14.71 -2.36 -43.88
C SER A 682 -13.53 -2.25 -44.85
N GLY A 683 -12.88 -3.35 -45.22
CA GLY A 683 -11.63 -3.39 -46.02
C GLY A 683 -10.38 -2.90 -45.28
N SER A 684 -10.54 -2.00 -44.31
CA SER A 684 -9.48 -1.38 -43.50
C SER A 684 -8.79 -2.30 -42.46
N ARG A 685 -9.08 -3.60 -42.49
CA ARG A 685 -8.58 -4.63 -41.55
C ARG A 685 -8.34 -5.94 -42.27
N VAL A 686 -7.50 -6.80 -41.72
CA VAL A 686 -7.36 -8.18 -42.20
C VAL A 686 -8.55 -9.04 -41.77
N ALA A 687 -9.14 -8.74 -40.61
CA ALA A 687 -10.12 -9.58 -39.93
C ALA A 687 -11.10 -8.77 -39.07
N GLY A 688 -12.20 -9.37 -38.66
CA GLY A 688 -13.17 -8.81 -37.71
C GLY A 688 -13.77 -9.85 -36.77
N ARG A 689 -14.52 -9.42 -35.76
CA ARG A 689 -15.06 -10.30 -34.71
C ARG A 689 -15.99 -11.37 -35.25
N SER A 690 -15.96 -12.56 -34.65
CA SER A 690 -16.86 -13.67 -34.95
C SER A 690 -18.26 -13.46 -34.37
N ALA A 691 -19.26 -14.19 -34.84
CA ALA A 691 -20.62 -14.06 -34.30
C ALA A 691 -20.68 -14.28 -32.78
N ILE A 692 -20.04 -15.33 -32.25
CA ILE A 692 -19.99 -15.56 -30.81
C ILE A 692 -19.19 -14.48 -30.07
N GLU A 693 -18.23 -13.82 -30.71
CA GLU A 693 -17.53 -12.71 -30.08
C GLU A 693 -18.42 -11.49 -30.01
N ASP A 694 -19.12 -11.14 -31.08
CA ASP A 694 -20.09 -10.04 -31.07
C ASP A 694 -21.23 -10.27 -30.09
N ILE A 695 -21.76 -11.49 -29.99
CA ILE A 695 -22.77 -11.81 -28.98
C ILE A 695 -22.18 -11.58 -27.60
N LEU A 696 -21.00 -12.11 -27.32
CA LEU A 696 -20.40 -11.99 -26.02
C LEU A 696 -20.08 -10.55 -25.63
N PHE A 697 -19.40 -9.77 -26.48
CA PHE A 697 -19.11 -8.37 -26.20
C PHE A 697 -20.39 -7.54 -26.04
N SER A 698 -21.43 -7.81 -26.81
CA SER A 698 -22.69 -7.06 -26.68
C SER A 698 -23.52 -7.47 -25.46
N LYS A 699 -23.44 -8.72 -25.01
CA LYS A 699 -24.22 -9.24 -23.89
C LYS A 699 -23.78 -8.71 -22.53
N ILE A 700 -22.57 -8.15 -22.41
CA ILE A 700 -21.98 -7.75 -21.14
C ILE A 700 -21.94 -6.23 -21.04
N VAL A 701 -22.57 -5.69 -19.99
CA VAL A 701 -22.78 -4.24 -19.86
C VAL A 701 -21.53 -3.56 -19.35
N THR A 702 -20.96 -2.65 -20.15
CA THR A 702 -19.82 -1.85 -19.74
C THR A 702 -20.17 -1.02 -18.51
N SER A 703 -19.26 -0.94 -17.54
CA SER A 703 -19.60 -0.46 -16.21
C SER A 703 -19.91 1.03 -16.19
N GLY A 704 -20.95 1.43 -15.44
CA GLY A 704 -21.24 2.83 -15.18
C GLY A 704 -20.20 3.52 -14.28
N LEU A 705 -19.32 2.75 -13.61
CA LEU A 705 -18.39 3.27 -12.61
C LEU A 705 -17.08 3.83 -13.20
N GLY A 706 -16.73 3.43 -14.42
CA GLY A 706 -15.54 3.90 -15.15
C GLY A 706 -15.24 3.07 -16.39
N THR A 707 -15.16 3.70 -17.55
CA THR A 707 -14.90 3.01 -18.82
C THR A 707 -13.42 2.73 -19.02
N VAL A 708 -13.11 1.69 -19.79
CA VAL A 708 -11.78 1.49 -20.38
C VAL A 708 -11.74 1.53 -21.90
N ASP A 709 -12.87 1.59 -22.59
CA ASP A 709 -12.91 1.91 -24.03
C ASP A 709 -12.75 3.43 -24.25
N ALA A 710 -11.59 3.96 -23.88
CA ALA A 710 -11.30 5.38 -23.99
C ALA A 710 -11.01 5.81 -25.42
N ASP A 711 -11.25 7.08 -25.76
CA ASP A 711 -10.87 7.69 -27.02
C ASP A 711 -10.71 9.18 -26.77
N TYR A 712 -9.48 9.67 -26.83
CA TYR A 712 -9.18 11.03 -26.42
C TYR A 712 -9.39 12.05 -27.50
N LYS A 713 -9.60 11.68 -28.77
CA LYS A 713 -9.50 12.66 -29.85
C LYS A 713 -10.69 13.62 -29.96
N ASN A 714 -11.68 13.52 -29.06
CA ASN A 714 -12.73 14.53 -28.88
C ASN A 714 -12.62 15.33 -27.57
N CYS A 715 -11.75 14.99 -26.63
CA CYS A 715 -11.84 15.53 -25.28
C CYS A 715 -11.52 17.02 -25.12
N THR A 716 -11.06 17.71 -26.16
CA THR A 716 -10.92 19.18 -26.13
C THR A 716 -11.61 19.90 -27.29
N LYS A 717 -12.11 19.17 -28.30
CA LYS A 717 -13.01 19.76 -29.29
C LYS A 717 -14.25 20.29 -28.59
N GLY A 718 -14.69 19.61 -27.53
CA GLY A 718 -15.57 20.18 -26.51
C GLY A 718 -17.01 20.45 -26.95
N LEU A 719 -17.49 19.86 -28.04
CA LEU A 719 -18.84 20.14 -28.54
C LEU A 719 -19.95 19.57 -27.66
N SER A 720 -19.64 18.68 -26.73
CA SER A 720 -20.58 18.10 -25.78
C SER A 720 -19.91 17.90 -24.44
N ILE A 721 -20.71 17.84 -23.38
CA ILE A 721 -20.20 17.65 -22.03
C ILE A 721 -19.61 16.26 -21.90
N ALA A 722 -18.45 16.16 -21.28
CA ALA A 722 -17.64 14.96 -21.24
C ALA A 722 -18.39 13.71 -20.75
N ASP A 723 -18.17 12.62 -21.45
CA ASP A 723 -18.46 11.27 -20.99
C ASP A 723 -17.39 10.81 -20.01
N LEU A 724 -17.58 9.67 -19.35
CA LEU A 724 -16.64 9.22 -18.33
C LEU A 724 -15.21 9.14 -18.82
N ALA A 725 -14.99 8.71 -20.05
CA ALA A 725 -13.66 8.60 -20.59
C ALA A 725 -12.93 9.93 -20.59
N CYS A 726 -13.55 11.01 -21.06
CA CYS A 726 -12.91 12.30 -20.99
C CYS A 726 -12.89 12.81 -19.55
N ALA A 727 -13.94 12.59 -18.78
CA ALA A 727 -14.03 13.12 -17.43
C ALA A 727 -12.89 12.62 -16.56
N GLN A 728 -12.56 11.34 -16.65
CA GLN A 728 -11.40 10.82 -15.95
C GLN A 728 -10.09 11.26 -16.59
N TYR A 729 -10.01 11.47 -17.90
CA TYR A 729 -8.82 12.06 -18.49
C TYR A 729 -8.53 13.46 -17.98
N TYR A 730 -9.54 14.27 -17.67
CA TYR A 730 -9.40 15.61 -17.03
C TYR A 730 -8.72 15.45 -15.65
N ASN A 731 -9.00 14.38 -14.92
CA ASN A 731 -8.33 14.04 -13.68
C ASN A 731 -6.94 13.45 -13.90
N GLY A 732 -6.41 13.51 -15.11
CA GLY A 732 -5.09 13.01 -15.42
C GLY A 732 -4.98 11.49 -15.50
N ILE A 733 -6.08 10.75 -15.60
CA ILE A 733 -6.04 9.29 -15.67
C ILE A 733 -6.18 8.89 -17.11
N MET A 734 -5.19 8.24 -17.69
CA MET A 734 -5.24 7.77 -19.07
C MET A 734 -5.25 6.27 -19.12
N VAL A 735 -6.29 5.70 -19.69
CA VAL A 735 -6.32 4.33 -20.13
C VAL A 735 -5.55 4.25 -21.44
N LEU A 736 -4.52 3.43 -21.50
CA LEU A 736 -3.79 3.18 -22.75
C LEU A 736 -4.65 2.37 -23.70
N PRO A 737 -4.44 2.45 -25.02
CA PRO A 737 -5.20 1.65 -25.97
C PRO A 737 -4.94 0.18 -25.72
N GLY A 738 -5.98 -0.63 -25.78
CA GLY A 738 -5.89 -2.06 -25.48
C GLY A 738 -4.79 -2.76 -26.27
N VAL A 739 -3.96 -3.53 -25.57
CA VAL A 739 -2.83 -4.29 -26.13
C VAL A 739 -3.24 -5.40 -27.09
N ALA A 740 -4.53 -5.72 -27.13
CA ALA A 740 -5.13 -6.82 -27.86
C ALA A 740 -6.33 -6.32 -28.67
N ASP A 741 -6.04 -5.50 -29.69
CA ASP A 741 -7.01 -4.98 -30.65
C ASP A 741 -7.87 -6.09 -31.23
N ALA A 742 -9.17 -5.85 -31.39
CA ALA A 742 -10.09 -6.79 -32.01
C ALA A 742 -9.58 -7.35 -33.34
N GLU A 743 -8.86 -6.57 -34.14
CA GLU A 743 -8.21 -7.09 -35.34
C GLU A 743 -7.12 -8.11 -35.02
N ARG A 744 -6.21 -7.78 -34.11
CA ARG A 744 -5.11 -8.68 -33.77
C ARG A 744 -5.59 -9.93 -33.07
N MET A 745 -6.65 -9.81 -32.28
CA MET A 745 -7.31 -10.96 -31.71
C MET A 745 -7.95 -11.82 -32.78
N ALA A 746 -8.69 -11.24 -33.73
CA ALA A 746 -9.28 -12.02 -34.79
C ALA A 746 -8.21 -12.72 -35.61
N MET A 747 -7.10 -12.06 -35.90
CA MET A 747 -5.96 -12.66 -36.59
C MET A 747 -5.37 -13.81 -35.79
N TYR A 748 -5.07 -13.64 -34.51
CA TYR A 748 -4.48 -14.69 -33.70
C TYR A 748 -5.41 -15.89 -33.59
N THR A 749 -6.66 -15.61 -33.23
CA THR A 749 -7.69 -16.62 -33.04
C THR A 749 -7.94 -17.38 -34.33
N GLY A 750 -8.13 -16.68 -35.45
CA GLY A 750 -8.35 -17.33 -36.73
C GLY A 750 -7.20 -18.26 -37.08
N SER A 751 -5.97 -17.79 -36.95
CA SER A 751 -4.79 -18.63 -37.22
C SER A 751 -4.80 -19.88 -36.36
N LEU A 752 -5.17 -19.74 -35.10
CA LEU A 752 -5.18 -20.84 -34.14
C LEU A 752 -6.31 -21.85 -34.39
N ILE A 753 -7.47 -21.41 -34.89
CA ILE A 753 -8.55 -22.30 -35.36
C ILE A 753 -8.13 -23.01 -36.64
N GLY A 754 -7.47 -22.29 -37.56
CA GLY A 754 -6.91 -22.87 -38.78
C GLY A 754 -5.87 -23.96 -38.50
N GLY A 755 -5.21 -23.91 -37.35
CA GLY A 755 -4.27 -24.93 -36.89
C GLY A 755 -4.85 -26.35 -36.77
N ILE A 756 -6.16 -26.53 -36.84
CA ILE A 756 -6.79 -27.87 -36.90
C ILE A 756 -6.96 -28.35 -38.35
N ALA A 757 -7.07 -27.46 -39.33
CA ALA A 757 -7.11 -27.82 -40.74
C ALA A 757 -5.74 -28.33 -41.24
N LEU A 758 -4.65 -27.84 -40.67
CA LEU A 758 -3.30 -28.39 -40.88
C LEU A 758 -3.17 -29.81 -40.32
N PRO A 768 -10.13 -33.35 -46.14
CA PRO A 768 -9.55 -34.24 -45.14
C PRO A 768 -9.76 -33.75 -43.71
N PHE A 769 -10.25 -32.53 -43.53
CA PHE A 769 -10.23 -31.82 -42.26
C PHE A 769 -11.22 -32.40 -41.24
N SER A 770 -12.40 -32.79 -41.71
CA SER A 770 -13.33 -33.61 -40.94
C SER A 770 -12.78 -35.01 -40.69
N LEU A 771 -11.98 -35.57 -41.59
CA LEU A 771 -11.32 -36.86 -41.39
C LEU A 771 -10.20 -36.76 -40.35
N ALA A 772 -9.53 -35.62 -40.24
CA ALA A 772 -8.57 -35.34 -39.17
C ALA A 772 -9.28 -35.18 -37.82
N ILE A 773 -10.44 -34.50 -37.81
CA ILE A 773 -11.32 -34.43 -36.64
C ILE A 773 -11.79 -35.84 -36.25
N GLN A 774 -12.14 -36.68 -37.22
CA GLN A 774 -12.44 -38.10 -36.98
C GLN A 774 -11.20 -38.85 -36.46
N ALA A 775 -9.99 -38.54 -36.91
CA ALA A 775 -8.78 -39.13 -36.36
C ALA A 775 -8.63 -38.79 -34.87
N ARG A 776 -9.01 -37.58 -34.45
CA ARG A 776 -9.08 -37.24 -33.02
C ARG A 776 -10.07 -38.12 -32.25
N LEU A 777 -11.15 -38.59 -32.88
CA LEU A 777 -12.00 -39.65 -32.30
C LEU A 777 -11.25 -40.98 -32.18
N ASN A 778 -10.38 -41.31 -33.13
CA ASN A 778 -9.72 -42.62 -33.21
C ASN A 778 -8.82 -42.90 -32.00
N TYR A 779 -8.25 -41.88 -31.38
CA TYR A 779 -7.59 -42.03 -30.08
C TYR A 779 -8.51 -42.58 -28.97
N VAL A 780 -9.81 -42.33 -29.03
CA VAL A 780 -10.80 -42.99 -28.18
C VAL A 780 -11.25 -44.32 -28.78
N ALA A 781 -11.54 -44.32 -30.08
CA ALA A 781 -12.33 -45.37 -30.71
C ALA A 781 -11.94 -45.61 -32.17
N LEU A 782 -11.19 -46.68 -32.41
CA LEU A 782 -10.64 -47.04 -33.73
C LEU A 782 -11.74 -47.43 -34.73
N GLN A 783 -12.39 -48.58 -34.53
CA GLN A 783 -13.20 -49.24 -35.57
C GLN A 783 -14.58 -48.61 -35.79
N THR A 784 -15.32 -48.36 -34.70
CA THR A 784 -16.70 -47.89 -34.78
C THR A 784 -16.80 -46.44 -35.23
N ASP A 785 -15.92 -45.56 -34.74
CA ASP A 785 -16.17 -44.12 -34.85
C ASP A 785 -15.78 -43.50 -36.21
N VAL A 786 -15.17 -44.30 -37.10
CA VAL A 786 -15.02 -44.00 -38.54
C VAL A 786 -16.15 -44.55 -39.42
N LEU A 787 -17.08 -45.34 -38.86
CA LEU A 787 -18.30 -45.73 -39.56
C LEU A 787 -19.18 -44.50 -39.80
N GLN A 788 -19.87 -44.44 -40.93
CA GLN A 788 -20.65 -43.26 -41.36
C GLN A 788 -21.66 -42.82 -40.30
N GLU A 789 -22.20 -43.76 -39.53
CA GLU A 789 -23.08 -43.46 -38.39
C GLU A 789 -22.42 -42.49 -37.43
N ASN A 790 -21.19 -42.76 -37.01
CA ASN A 790 -20.44 -41.87 -36.15
C ASN A 790 -19.96 -40.63 -36.89
N GLN A 791 -19.51 -40.73 -38.14
CA GLN A 791 -19.03 -39.56 -38.87
C GLN A 791 -20.11 -38.49 -38.97
N LYS A 792 -21.30 -38.88 -39.44
CA LYS A 792 -22.45 -38.00 -39.62
C LYS A 792 -23.11 -37.62 -38.30
N ILE A 793 -23.41 -38.59 -37.45
CA ILE A 793 -24.21 -38.31 -36.25
C ILE A 793 -23.39 -37.58 -35.21
N LEU A 794 -22.09 -37.84 -35.06
CA LEU A 794 -21.29 -37.01 -34.17
C LEU A 794 -21.17 -35.59 -34.70
N ALA A 795 -21.06 -35.37 -36.01
CA ALA A 795 -21.09 -34.02 -36.52
C ALA A 795 -22.44 -33.32 -36.29
N ALA A 796 -23.55 -34.03 -36.48
CA ALA A 796 -24.87 -33.48 -36.18
C ALA A 796 -25.01 -33.15 -34.68
N SER A 797 -24.52 -34.02 -33.81
CA SER A 797 -24.52 -33.83 -32.36
C SER A 797 -23.68 -32.62 -31.97
N PHE A 798 -22.50 -32.45 -32.57
CA PHE A 798 -21.70 -31.25 -32.41
C PHE A 798 -22.47 -30.00 -32.82
N ASN A 799 -23.12 -30.00 -33.99
CA ASN A 799 -23.90 -28.85 -34.43
C ASN A 799 -25.03 -28.54 -33.46
N LYS A 800 -25.71 -29.53 -32.91
CA LYS A 800 -26.73 -29.33 -31.86
C LYS A 800 -26.11 -28.73 -30.59
N ALA A 801 -24.97 -29.23 -30.13
CA ALA A 801 -24.31 -28.69 -28.96
C ALA A 801 -23.91 -27.23 -29.17
N MET A 802 -23.31 -26.91 -30.31
CA MET A 802 -23.02 -25.54 -30.72
C MET A 802 -24.27 -24.68 -30.74
N THR A 803 -25.38 -25.21 -31.26
CA THR A 803 -26.64 -24.48 -31.32
C THR A 803 -27.15 -24.14 -29.92
N ASN A 804 -26.98 -25.05 -28.96
CA ASN A 804 -27.35 -24.79 -27.59
C ASN A 804 -26.49 -23.70 -26.97
N ILE A 805 -25.15 -23.75 -27.10
CA ILE A 805 -24.32 -22.73 -26.46
C ILE A 805 -24.40 -21.37 -27.15
N VAL A 806 -24.59 -21.30 -28.47
CA VAL A 806 -24.80 -20.01 -29.11
C VAL A 806 -26.15 -19.42 -28.71
N ASP A 807 -27.18 -20.23 -28.51
CA ASP A 807 -28.41 -19.73 -27.91
C ASP A 807 -28.17 -19.21 -26.50
N ALA A 808 -27.44 -19.97 -25.67
CA ALA A 808 -27.22 -19.59 -24.28
C ALA A 808 -26.50 -18.25 -24.15
N PHE A 809 -25.49 -17.98 -24.98
CA PHE A 809 -24.91 -16.63 -25.05
C PHE A 809 -25.89 -15.61 -25.60
N THR A 810 -26.71 -15.96 -26.59
CA THR A 810 -27.62 -15.00 -27.27
C THR A 810 -28.72 -14.52 -26.33
N GLY A 811 -29.24 -15.40 -25.49
CA GLY A 811 -30.32 -15.07 -24.57
C GLY A 811 -30.60 -16.17 -23.55
N VAL A 812 -31.22 -15.79 -22.43
CA VAL A 812 -31.56 -16.71 -21.34
C VAL A 812 -32.50 -17.81 -21.86
N ASN A 813 -32.03 -19.05 -21.78
CA ASN A 813 -32.80 -20.26 -22.05
C ASN A 813 -32.58 -21.24 -20.89
N ASP A 814 -33.65 -21.87 -20.42
CA ASP A 814 -33.57 -22.72 -19.23
C ASP A 814 -32.76 -23.99 -19.51
N ALA A 815 -31.85 -24.33 -18.59
CA ALA A 815 -31.14 -25.59 -18.62
C ALA A 815 -31.85 -26.64 -17.75
N ILE A 816 -32.31 -27.72 -18.38
CA ILE A 816 -32.62 -28.99 -17.70
C ILE A 816 -31.30 -29.59 -17.20
N THR A 817 -31.29 -30.59 -16.31
CA THR A 817 -30.05 -31.07 -15.68
C THR A 817 -29.01 -31.60 -16.68
N GLN A 818 -29.45 -32.33 -17.71
CA GLN A 818 -28.57 -32.88 -18.75
C GLN A 818 -27.83 -31.77 -19.52
N THR A 819 -28.54 -30.76 -20.02
CA THR A 819 -27.91 -29.60 -20.65
C THR A 819 -27.17 -28.73 -19.65
N SER A 820 -27.63 -28.67 -18.40
CA SER A 820 -27.01 -27.88 -17.34
C SER A 820 -25.53 -28.20 -17.16
N GLN A 821 -25.03 -29.40 -17.44
CA GLN A 821 -23.56 -29.56 -17.37
C GLN A 821 -22.82 -28.63 -18.34
N ALA A 822 -23.26 -28.54 -19.59
CA ALA A 822 -22.72 -27.57 -20.53
C ALA A 822 -23.15 -26.14 -20.17
N LEU A 823 -24.45 -25.93 -19.95
CA LEU A 823 -25.01 -24.59 -19.84
C LEU A 823 -24.62 -23.88 -18.54
N GLN A 824 -24.42 -24.60 -17.45
CA GLN A 824 -23.78 -24.01 -16.28
C GLN A 824 -22.38 -23.47 -16.63
N THR A 825 -21.60 -24.12 -17.51
CA THR A 825 -20.32 -23.50 -17.87
C THR A 825 -20.47 -22.20 -18.64
N VAL A 826 -21.47 -22.05 -19.52
CA VAL A 826 -21.72 -20.75 -20.16
C VAL A 826 -22.13 -19.69 -19.14
N ALA A 827 -23.01 -20.02 -18.20
CA ALA A 827 -23.43 -19.09 -17.17
C ALA A 827 -22.27 -18.69 -16.25
N THR A 828 -21.42 -19.65 -15.92
CA THR A 828 -20.21 -19.41 -15.15
C THR A 828 -19.29 -18.46 -15.87
N ALA A 829 -19.07 -18.65 -17.16
CA ALA A 829 -18.21 -17.79 -17.95
C ALA A 829 -18.74 -16.37 -17.99
N LEU A 830 -20.00 -16.15 -18.31
CA LEU A 830 -20.52 -14.78 -18.36
C LEU A 830 -20.43 -14.08 -17.01
N ASN A 831 -20.65 -14.80 -15.91
CA ASN A 831 -20.53 -14.21 -14.59
C ASN A 831 -19.08 -13.87 -14.27
N LYS A 832 -18.12 -14.67 -14.72
CA LYS A 832 -16.71 -14.35 -14.55
C LYS A 832 -16.28 -13.15 -15.37
N ILE A 833 -16.80 -13.00 -16.57
CA ILE A 833 -16.44 -11.87 -17.43
C ILE A 833 -17.03 -10.59 -16.90
N GLN A 834 -18.30 -10.59 -16.51
CA GLN A 834 -18.94 -9.41 -15.96
C GLN A 834 -18.27 -8.99 -14.66
N ASP A 835 -17.77 -9.94 -13.88
CA ASP A 835 -17.00 -9.68 -12.67
C ASP A 835 -15.68 -8.99 -12.99
N VAL A 836 -14.96 -9.41 -14.03
CA VAL A 836 -13.72 -8.75 -14.43
C VAL A 836 -13.97 -7.31 -14.85
N VAL A 837 -15.00 -7.06 -15.65
CA VAL A 837 -15.38 -5.71 -16.04
C VAL A 837 -15.69 -4.86 -14.82
N ASN A 838 -16.47 -5.39 -13.88
CA ASN A 838 -16.89 -4.64 -12.71
C ASN A 838 -15.73 -4.36 -11.77
N GLN A 839 -14.77 -5.25 -11.61
CA GLN A 839 -13.60 -4.98 -10.78
C GLN A 839 -12.74 -3.89 -11.37
N GLN A 840 -12.55 -3.87 -12.68
CA GLN A 840 -11.81 -2.80 -13.33
C GLN A 840 -12.51 -1.45 -13.14
N GLY A 841 -13.83 -1.43 -13.29
CA GLY A 841 -14.62 -0.23 -13.05
C GLY A 841 -14.52 0.28 -11.62
N ASN A 842 -14.68 -0.58 -10.62
CA ASN A 842 -14.57 -0.18 -9.22
C ASN A 842 -13.19 0.34 -8.89
N SER A 843 -12.14 -0.32 -9.35
CA SER A 843 -10.77 0.14 -9.09
C SER A 843 -10.56 1.56 -9.57
N LEU A 844 -11.06 1.86 -10.76
CA LEU A 844 -10.94 3.17 -11.36
C LEU A 844 -11.85 4.18 -10.69
N ASN A 845 -13.02 3.76 -10.24
CA ASN A 845 -13.96 4.60 -9.54
C ASN A 845 -13.41 5.06 -8.20
N HIS A 846 -12.79 4.17 -7.44
CA HIS A 846 -12.20 4.51 -6.17
C HIS A 846 -11.10 5.55 -6.27
N LEU A 847 -10.37 5.57 -7.39
CA LEU A 847 -9.35 6.58 -7.59
C LEU A 847 -9.98 7.93 -7.89
N THR A 848 -10.88 7.97 -8.85
CA THR A 848 -11.44 9.26 -9.27
C THR A 848 -12.29 9.84 -8.16
N SER A 849 -13.01 9.02 -7.43
CA SER A 849 -13.84 9.47 -6.34
C SER A 849 -13.05 10.02 -5.16
N GLN A 850 -11.85 9.54 -4.88
CA GLN A 850 -11.03 10.14 -3.85
C GLN A 850 -10.72 11.60 -4.07
N LEU A 851 -10.64 12.10 -5.30
CA LEU A 851 -10.49 13.53 -5.51
C LEU A 851 -11.55 14.37 -4.80
N ARG A 852 -12.76 13.85 -4.63
CA ARG A 852 -13.88 14.53 -3.98
C ARG A 852 -13.75 14.64 -2.46
N GLN A 853 -12.75 14.03 -1.86
CA GLN A 853 -12.63 13.87 -0.42
C GLN A 853 -11.58 14.85 0.10
N ASN A 854 -11.90 15.62 1.13
CA ASN A 854 -11.11 16.81 1.48
C ASN A 854 -10.03 16.62 2.53
N PHE A 855 -9.76 15.41 3.00
CA PHE A 855 -8.61 15.10 3.87
C PHE A 855 -8.40 16.08 5.02
N GLN A 856 -9.47 16.45 5.73
CA GLN A 856 -9.40 17.34 6.89
C GLN A 856 -8.94 18.77 6.54
N ALA A 857 -8.86 19.14 5.26
CA ALA A 857 -8.70 20.52 4.80
C ALA A 857 -10.06 21.23 4.67
N ILE A 858 -10.03 22.52 4.33
CA ILE A 858 -11.23 23.34 4.14
C ILE A 858 -12.13 22.84 3.03
N SER A 859 -11.57 22.43 1.90
CA SER A 859 -12.32 21.97 0.74
C SER A 859 -11.47 21.04 -0.10
N SER A 860 -12.07 20.20 -0.95
CA SER A 860 -11.33 19.48 -1.97
C SER A 860 -10.97 20.34 -3.16
N SER A 861 -11.61 21.49 -3.34
CA SER A 861 -11.38 22.33 -4.49
C SER A 861 -10.14 23.16 -4.25
N ILE A 862 -9.02 22.73 -4.78
CA ILE A 862 -7.74 23.35 -4.50
C ILE A 862 -7.67 24.81 -4.93
N GLN A 863 -8.35 25.18 -6.01
CA GLN A 863 -8.46 26.59 -6.36
C GLN A 863 -9.21 27.37 -5.30
N ALA A 864 -10.24 26.81 -4.67
CA ALA A 864 -10.98 27.52 -3.65
C ALA A 864 -10.12 27.82 -2.43
N ILE A 865 -9.13 26.98 -2.12
CA ILE A 865 -8.23 27.26 -1.00
C ILE A 865 -7.41 28.49 -1.32
N TYR A 866 -6.81 28.55 -2.50
CA TYR A 866 -6.09 29.73 -2.94
C TYR A 866 -6.95 30.98 -3.13
N ASP A 867 -8.22 30.83 -3.50
CA ASP A 867 -9.15 31.95 -3.50
C ASP A 867 -9.33 32.54 -2.11
N ARG A 868 -9.48 31.71 -1.08
CA ARG A 868 -9.72 32.11 0.30
C ARG A 868 -8.54 32.69 1.07
N LEU A 869 -7.32 32.20 0.87
CA LEU A 869 -6.25 32.33 1.86
C LEU A 869 -4.97 32.97 1.33
N ASP A 870 -4.25 33.63 2.23
CA ASP A 870 -2.88 34.06 1.98
C ASP A 870 -1.98 32.84 1.75
N PRO A 871 -1.09 32.87 0.75
CA PRO A 871 -0.27 31.73 0.38
C PRO A 871 0.43 30.97 1.51
N PRO A 872 1.00 31.57 2.56
CA PRO A 872 1.66 30.80 3.61
C PRO A 872 0.71 29.85 4.33
N GLN A 873 -0.48 30.33 4.68
CA GLN A 873 -1.56 29.54 5.26
C GLN A 873 -2.25 28.62 4.27
N ALA A 874 -2.41 29.03 3.02
CA ALA A 874 -3.00 28.18 2.00
C ALA A 874 -2.15 26.95 1.75
N ASP A 875 -0.83 27.08 1.68
CA ASP A 875 0.03 25.96 1.36
C ASP A 875 -0.03 24.84 2.39
N GLN A 876 -0.23 25.16 3.67
CA GLN A 876 -0.39 24.14 4.69
C GLN A 876 -1.76 23.45 4.62
N GLN A 877 -2.82 24.14 4.20
CA GLN A 877 -4.05 23.42 3.81
C GLN A 877 -3.81 22.48 2.63
N VAL A 878 -3.20 22.97 1.56
CA VAL A 878 -2.96 22.18 0.37
C VAL A 878 -2.07 20.98 0.64
N ASP A 879 -1.12 21.07 1.55
CA ASP A 879 -0.31 19.92 1.94
C ASP A 879 -1.16 18.77 2.46
N ARG A 880 -2.30 19.04 3.09
CA ARG A 880 -3.22 17.95 3.44
C ARG A 880 -3.77 17.28 2.21
N LEU A 881 -4.21 18.03 1.21
CA LEU A 881 -4.71 17.42 -0.02
C LEU A 881 -3.63 16.70 -0.80
N ILE A 882 -2.42 17.24 -0.88
CA ILE A 882 -1.33 16.57 -1.58
C ILE A 882 -1.00 15.27 -0.89
N THR A 883 -0.89 15.26 0.43
CA THR A 883 -0.60 14.03 1.16
C THR A 883 -1.69 13.00 1.00
N GLY A 884 -2.95 13.41 1.02
CA GLY A 884 -4.07 12.52 0.82
C GLY A 884 -4.08 11.93 -0.58
N ARG A 885 -3.95 12.77 -1.59
CA ARG A 885 -4.03 12.34 -2.98
C ARG A 885 -2.84 11.52 -3.40
N LEU A 886 -1.65 11.74 -2.85
CA LEU A 886 -0.55 10.83 -3.09
C LEU A 886 -0.80 9.48 -2.43
N ALA A 887 -1.46 9.42 -1.28
CA ALA A 887 -1.83 8.13 -0.71
C ALA A 887 -2.86 7.43 -1.58
N ALA A 888 -3.86 8.14 -2.10
CA ALA A 888 -4.86 7.57 -2.98
C ALA A 888 -4.26 6.99 -4.25
N LEU A 889 -3.23 7.62 -4.81
CA LEU A 889 -2.51 7.05 -5.93
C LEU A 889 -1.76 5.81 -5.51
N ASN A 890 -1.07 5.81 -4.39
CA ASN A 890 -0.31 4.64 -3.97
C ASN A 890 -1.21 3.43 -3.73
N VAL A 891 -2.44 3.63 -3.28
CA VAL A 891 -3.42 2.57 -3.19
C VAL A 891 -3.78 2.05 -4.56
N PHE A 892 -4.09 2.94 -5.51
CA PHE A 892 -4.43 2.52 -6.86
C PHE A 892 -3.30 1.78 -7.57
N VAL A 893 -2.07 2.15 -7.31
CA VAL A 893 -0.93 1.42 -7.83
C VAL A 893 -0.91 0.01 -7.27
N SER A 894 -1.17 -0.19 -5.99
CA SER A 894 -1.24 -1.56 -5.46
C SER A 894 -2.37 -2.36 -6.09
N HIS A 895 -3.54 -1.76 -6.30
CA HIS A 895 -4.62 -2.45 -7.02
C HIS A 895 -4.16 -2.87 -8.40
N THR A 896 -3.52 -1.97 -9.12
CA THR A 896 -3.10 -2.22 -10.49
C THR A 896 -2.07 -3.31 -10.58
N LEU A 897 -1.00 -3.23 -9.79
CA LEU A 897 0.06 -4.23 -9.82
C LEU A 897 -0.42 -5.59 -9.37
N THR A 898 -1.27 -5.62 -8.36
CA THR A 898 -1.91 -6.85 -7.94
C THR A 898 -2.63 -7.48 -9.10
N LYS A 899 -3.45 -6.70 -9.81
CA LYS A 899 -4.24 -7.27 -10.89
C LYS A 899 -3.35 -7.76 -12.01
N TYR A 900 -2.25 -7.08 -12.35
CA TYR A 900 -1.32 -7.61 -13.33
C TYR A 900 -0.67 -8.91 -12.89
N THR A 901 -0.41 -9.11 -11.61
CA THR A 901 0.21 -10.35 -11.16
C THR A 901 -0.78 -11.50 -11.24
N GLU A 902 -2.03 -11.26 -10.86
CA GLU A 902 -3.11 -12.22 -11.00
C GLU A 902 -3.35 -12.56 -12.46
N VAL A 903 -3.35 -11.56 -13.33
CA VAL A 903 -3.52 -11.75 -14.76
C VAL A 903 -2.32 -12.45 -15.37
N ARG A 904 -1.09 -12.21 -14.93
CA ARG A 904 0.07 -12.91 -15.46
C ARG A 904 -0.05 -14.40 -15.22
N ALA A 905 -0.52 -14.81 -14.06
CA ALA A 905 -0.78 -16.22 -13.80
C ALA A 905 -1.88 -16.77 -14.71
N SER A 906 -2.97 -16.03 -14.88
CA SER A 906 -4.07 -16.41 -15.76
C SER A 906 -3.64 -16.54 -17.21
N ARG A 907 -2.81 -15.63 -17.70
CA ARG A 907 -2.26 -15.67 -19.06
C ARG A 907 -1.34 -16.86 -19.25
N GLN A 908 -0.49 -17.16 -18.29
CA GLN A 908 0.39 -18.33 -18.39
C GLN A 908 -0.41 -19.61 -18.49
N LEU A 909 -1.46 -19.74 -17.67
CA LEU A 909 -2.38 -20.86 -17.77
C LEU A 909 -3.04 -20.91 -19.13
N ALA A 910 -3.47 -19.78 -19.67
CA ALA A 910 -4.11 -19.76 -20.96
C ALA A 910 -3.20 -20.18 -22.09
N GLN A 911 -1.93 -19.78 -22.13
CA GLN A 911 -1.08 -20.21 -23.24
C GLN A 911 -0.69 -21.66 -23.15
N GLN A 912 -0.57 -22.25 -21.95
CA GLN A 912 -0.43 -23.71 -21.89
C GLN A 912 -1.74 -24.44 -22.19
N LYS A 913 -2.92 -23.89 -21.86
CA LYS A 913 -4.20 -24.41 -22.37
C LYS A 913 -4.24 -24.38 -23.88
N VAL A 914 -3.72 -23.33 -24.50
CA VAL A 914 -3.64 -23.29 -25.96
C VAL A 914 -2.77 -24.41 -26.47
N ASN A 915 -1.60 -24.67 -25.88
CA ASN A 915 -0.76 -25.73 -26.39
C ASN A 915 -1.42 -27.09 -26.25
N GLU A 916 -1.85 -27.42 -25.04
CA GLU A 916 -2.33 -28.76 -24.77
C GLU A 916 -3.69 -29.06 -25.37
N CYS A 917 -4.66 -28.20 -25.14
CA CYS A 917 -5.99 -28.39 -25.66
C CYS A 917 -6.19 -27.99 -27.10
N VAL A 918 -5.78 -26.77 -27.45
CA VAL A 918 -6.06 -26.18 -28.75
C VAL A 918 -5.21 -26.72 -29.88
N LYS A 919 -3.89 -26.75 -29.71
CA LYS A 919 -2.99 -27.20 -30.77
C LYS A 919 -2.88 -28.72 -30.76
N SER A 920 -2.43 -29.29 -29.65
CA SER A 920 -2.43 -30.74 -29.44
C SER A 920 -3.85 -31.27 -29.22
N GLN A 921 -4.00 -32.56 -28.94
CA GLN A 921 -5.18 -33.11 -28.29
C GLN A 921 -4.75 -33.55 -26.89
N SER A 922 -5.30 -32.97 -25.83
CA SER A 922 -4.84 -33.28 -24.48
C SER A 922 -5.16 -34.71 -24.08
N LYS A 923 -4.18 -35.39 -23.49
CA LYS A 923 -4.31 -36.74 -22.92
C LYS A 923 -4.80 -36.75 -21.48
N ARG A 924 -4.76 -35.59 -20.80
CA ARG A 924 -5.21 -35.42 -19.41
C ARG A 924 -6.72 -35.61 -19.33
N TYR A 925 -7.27 -35.69 -18.12
CA TYR A 925 -8.71 -35.67 -17.91
C TYR A 925 -9.11 -34.54 -16.96
N GLY A 926 -10.23 -33.88 -17.24
CA GLY A 926 -10.72 -32.75 -16.47
C GLY A 926 -9.97 -31.44 -16.68
N PHE A 927 -8.79 -31.46 -17.31
CA PHE A 927 -8.04 -30.26 -17.67
C PHE A 927 -8.68 -29.45 -18.79
N CYS A 928 -9.39 -30.10 -19.73
CA CYS A 928 -10.20 -29.43 -20.73
C CYS A 928 -11.59 -30.06 -20.81
N GLY A 929 -12.48 -29.54 -19.99
CA GLY A 929 -13.83 -30.06 -19.80
C GLY A 929 -13.87 -31.34 -18.96
N ASN A 930 -14.98 -31.55 -18.27
CA ASN A 930 -15.28 -32.84 -17.67
C ASN A 930 -15.78 -33.77 -18.78
N GLY A 931 -14.85 -34.41 -19.46
CA GLY A 931 -15.12 -35.39 -20.51
C GLY A 931 -13.87 -35.75 -21.28
N THR A 932 -13.93 -36.80 -22.10
CA THR A 932 -12.77 -37.23 -22.88
C THR A 932 -12.55 -36.29 -24.06
N HIS A 933 -11.41 -35.60 -24.10
CA HIS A 933 -11.17 -34.49 -25.02
C HIS A 933 -10.93 -34.89 -26.47
N ILE A 934 -11.45 -34.10 -27.41
CA ILE A 934 -11.08 -34.21 -28.82
C ILE A 934 -10.50 -32.93 -29.41
N PHE A 935 -11.12 -31.76 -29.32
CA PHE A 935 -10.49 -30.54 -29.80
C PHE A 935 -11.08 -29.28 -29.19
N SER A 936 -10.37 -28.18 -29.34
CA SER A 936 -10.76 -26.87 -28.83
C SER A 936 -10.80 -25.77 -29.88
N ILE A 937 -11.67 -24.81 -29.64
CA ILE A 937 -11.84 -23.56 -30.36
C ILE A 937 -11.57 -22.45 -29.37
N VAL A 938 -11.08 -21.32 -29.82
CA VAL A 938 -10.82 -20.15 -28.99
C VAL A 938 -11.53 -18.96 -29.59
N ASN A 939 -11.95 -18.01 -28.78
CA ASN A 939 -12.48 -16.74 -29.22
C ASN A 939 -12.07 -15.62 -28.29
N ALA A 940 -12.09 -14.40 -28.79
CA ALA A 940 -11.87 -13.21 -28.00
C ALA A 940 -13.02 -12.95 -27.03
N ALA A 941 -12.73 -12.27 -25.94
CA ALA A 941 -13.69 -11.83 -24.94
C ALA A 941 -13.13 -10.59 -24.23
N PRO A 942 -13.93 -9.86 -23.45
CA PRO A 942 -13.44 -8.72 -22.68
C PRO A 942 -12.16 -9.06 -21.90
N GLU A 943 -11.06 -8.38 -22.24
CA GLU A 943 -9.73 -8.54 -21.62
C GLU A 943 -9.24 -10.00 -21.57
N GLY A 944 -9.76 -10.80 -22.48
CA GLY A 944 -9.93 -12.22 -22.29
C GLY A 944 -9.85 -13.08 -23.53
N LEU A 945 -9.63 -14.35 -23.28
CA LEU A 945 -9.88 -15.41 -24.24
C LEU A 945 -10.87 -16.35 -23.60
N VAL A 946 -11.73 -16.91 -24.45
CA VAL A 946 -12.76 -17.85 -24.06
C VAL A 946 -12.58 -19.04 -24.97
N PHE A 947 -12.81 -20.20 -24.39
CA PHE A 947 -12.41 -21.50 -24.87
C PHE A 947 -13.66 -22.31 -24.96
N LEU A 948 -13.70 -23.15 -25.96
CA LEU A 948 -14.72 -24.12 -26.21
C LEU A 948 -13.94 -25.40 -26.38
N HIS A 949 -14.36 -26.44 -25.69
CA HIS A 949 -13.71 -27.73 -25.63
C HIS A 949 -14.77 -28.72 -26.01
N THR A 950 -14.40 -29.80 -26.69
CA THR A 950 -15.36 -30.73 -27.26
C THR A 950 -14.96 -32.11 -26.80
N VAL A 951 -15.91 -32.82 -26.19
CA VAL A 951 -15.61 -33.90 -25.28
C VAL A 951 -16.68 -34.96 -25.35
N LEU A 952 -16.31 -36.21 -25.09
CA LEU A 952 -17.05 -37.40 -25.47
C LEU A 952 -17.42 -38.17 -24.21
N LEU A 953 -18.70 -38.56 -24.13
CA LEU A 953 -19.43 -38.85 -22.90
C LEU A 953 -20.35 -40.06 -23.03
N PRO A 954 -20.50 -40.85 -21.96
CA PRO A 954 -21.23 -42.10 -21.99
C PRO A 954 -22.71 -41.92 -22.33
N THR A 955 -23.24 -42.80 -23.19
CA THR A 955 -24.66 -42.87 -23.56
C THR A 955 -25.03 -44.33 -23.87
N GLN A 956 -26.31 -44.71 -23.71
CA GLN A 956 -26.74 -46.12 -23.72
C GLN A 956 -25.87 -46.98 -22.78
N TYR A 957 -25.67 -46.49 -21.56
CA TYR A 957 -24.77 -47.07 -20.56
C TYR A 957 -25.34 -48.36 -19.97
N LYS A 958 -24.68 -49.50 -20.23
CA LYS A 958 -25.20 -50.86 -20.00
C LYS A 958 -24.06 -51.89 -19.92
N ASP A 959 -24.29 -53.12 -19.47
CA ASP A 959 -23.23 -54.13 -19.41
C ASP A 959 -22.56 -54.39 -20.78
N VAL A 960 -21.23 -54.31 -20.83
CA VAL A 960 -20.39 -55.06 -21.79
C VAL A 960 -19.37 -55.87 -21.00
N GLU A 961 -19.35 -57.19 -21.17
CA GLU A 961 -18.59 -58.10 -20.30
C GLU A 961 -17.10 -58.16 -20.65
N ALA A 962 -16.29 -58.44 -19.63
CA ALA A 962 -14.83 -58.36 -19.65
C ALA A 962 -14.19 -59.65 -19.14
N TRP A 963 -13.04 -60.04 -19.71
CA TRP A 963 -12.40 -61.34 -19.50
C TRP A 963 -11.07 -61.25 -18.72
N SER A 964 -10.92 -62.05 -17.66
CA SER A 964 -9.61 -62.28 -16.99
C SER A 964 -8.55 -62.78 -17.95
N GLY A 965 -8.94 -63.80 -18.72
CA GLY A 965 -8.03 -64.81 -19.24
C GLY A 965 -8.45 -65.37 -20.58
N LEU A 966 -7.48 -65.79 -21.38
CA LEU A 966 -7.72 -66.35 -22.70
C LEU A 966 -7.01 -67.70 -22.80
N CYS A 967 -7.63 -68.64 -23.49
CA CYS A 967 -7.15 -70.02 -23.56
C CYS A 967 -6.82 -70.32 -25.02
N VAL A 968 -5.58 -70.75 -25.20
CA VAL A 968 -4.79 -70.69 -26.42
C VAL A 968 -4.49 -72.12 -26.88
N ASP A 969 -4.88 -72.44 -28.12
CA ASP A 969 -4.94 -73.79 -28.66
C ASP A 969 -5.75 -74.76 -27.74
N GLY A 970 -6.70 -74.22 -26.97
CA GLY A 970 -7.46 -74.94 -25.94
C GLY A 970 -6.63 -75.51 -24.79
N THR A 971 -5.33 -75.16 -24.68
CA THR A 971 -4.33 -75.97 -23.93
C THR A 971 -3.42 -75.14 -23.02
N ASN A 972 -3.20 -73.87 -23.35
CA ASN A 972 -2.31 -72.94 -22.67
C ASN A 972 -3.08 -71.65 -22.37
N GLY A 973 -2.82 -70.99 -21.26
CA GLY A 973 -3.73 -70.01 -20.69
C GLY A 973 -3.01 -68.73 -20.41
N TYR A 974 -3.71 -67.62 -20.57
CA TYR A 974 -3.13 -66.29 -20.65
C TYR A 974 -3.82 -65.46 -19.57
N VAL A 975 -2.99 -64.85 -18.73
CA VAL A 975 -3.37 -64.12 -17.51
C VAL A 975 -2.70 -62.76 -17.59
N LEU A 976 -3.34 -61.71 -17.08
CA LEU A 976 -3.06 -60.35 -17.50
C LEU A 976 -2.80 -59.43 -16.31
N ARG A 977 -1.80 -58.57 -16.47
CA ARG A 977 -1.22 -57.69 -15.44
C ARG A 977 -1.40 -56.21 -15.80
N GLN A 978 -2.58 -55.87 -16.31
CA GLN A 978 -3.00 -54.53 -16.73
C GLN A 978 -4.25 -54.04 -15.96
N PRO A 979 -4.14 -53.82 -14.64
CA PRO A 979 -5.28 -53.54 -13.76
C PRO A 979 -5.90 -52.14 -13.98
N ASN A 980 -5.20 -51.22 -14.63
CA ASN A 980 -5.72 -49.88 -14.94
C ASN A 980 -6.95 -49.90 -15.87
N LEU A 981 -7.18 -51.01 -16.57
CA LEU A 981 -8.12 -51.13 -17.68
C LEU A 981 -9.14 -52.28 -17.46
N ALA A 982 -9.97 -52.50 -18.47
CA ALA A 982 -10.94 -53.57 -18.69
C ALA A 982 -10.70 -54.13 -20.11
N LEU A 983 -10.87 -55.43 -20.35
CA LEU A 983 -10.59 -56.09 -21.64
C LEU A 983 -11.80 -56.92 -22.10
N TYR A 984 -12.25 -56.67 -23.32
CA TYR A 984 -13.59 -57.03 -23.83
C TYR A 984 -13.54 -57.37 -25.32
N LYS A 985 -14.46 -58.23 -25.79
CA LYS A 985 -14.45 -58.76 -27.15
C LYS A 985 -15.80 -58.58 -27.86
N GLU A 986 -15.75 -58.09 -29.10
CA GLU A 986 -16.87 -57.89 -30.01
C GLU A 986 -16.41 -58.03 -31.47
N GLY A 987 -17.25 -58.58 -32.37
CA GLY A 987 -17.04 -58.49 -33.82
C GLY A 987 -15.66 -58.95 -34.34
N ASN A 988 -15.15 -60.08 -33.82
CA ASN A 988 -13.81 -60.64 -34.12
C ASN A 988 -12.61 -59.79 -33.64
N TYR A 989 -12.82 -58.90 -32.67
CA TYR A 989 -11.82 -58.00 -32.09
C TYR A 989 -11.82 -58.07 -30.56
N TYR A 990 -10.68 -57.73 -29.95
CA TYR A 990 -10.49 -57.65 -28.51
C TYR A 990 -9.88 -56.28 -28.22
N ARG A 991 -10.42 -55.64 -27.19
CA ARG A 991 -10.28 -54.21 -26.96
C ARG A 991 -10.04 -53.96 -25.48
N ILE A 992 -9.14 -53.05 -25.14
CA ILE A 992 -8.74 -52.75 -23.76
C ILE A 992 -8.87 -51.23 -23.46
N THR A 993 -9.56 -50.92 -22.36
CA THR A 993 -10.23 -49.63 -22.12
C THR A 993 -10.25 -49.24 -20.64
N SER A 994 -10.19 -47.96 -20.29
CA SER A 994 -10.43 -47.51 -18.90
C SER A 994 -11.72 -48.12 -18.32
N ARG A 995 -11.70 -48.50 -17.04
CA ARG A 995 -12.54 -49.59 -16.47
C ARG A 995 -14.06 -49.53 -16.77
N ILE A 996 -14.64 -48.34 -17.00
CA ILE A 996 -16.08 -48.13 -17.25
C ILE A 996 -16.41 -47.50 -18.62
N MET A 997 -15.51 -47.62 -19.60
CA MET A 997 -15.53 -46.87 -20.86
C MET A 997 -15.61 -47.76 -22.12
N PHE A 998 -16.13 -47.19 -23.22
CA PHE A 998 -16.23 -47.87 -24.51
C PHE A 998 -15.15 -47.38 -25.51
N GLU A 999 -13.89 -47.67 -25.22
CA GLU A 999 -12.80 -47.48 -26.20
C GLU A 999 -12.57 -48.78 -27.00
N PRO A 1000 -12.98 -48.86 -28.29
CA PRO A 1000 -12.48 -49.88 -29.18
C PRO A 1000 -11.03 -49.56 -29.58
N ARG A 1001 -10.10 -49.91 -28.69
CA ARG A 1001 -8.63 -49.81 -28.80
C ARG A 1001 -8.01 -51.16 -28.44
N ILE A 1002 -7.01 -51.63 -29.17
CA ILE A 1002 -6.53 -53.02 -29.05
C ILE A 1002 -5.51 -53.19 -27.89
N PRO A 1003 -5.46 -54.33 -27.16
CA PRO A 1003 -4.41 -54.64 -26.17
C PRO A 1003 -3.02 -54.89 -26.79
N THR A 1004 -2.01 -55.13 -25.94
CA THR A 1004 -0.58 -55.06 -26.31
C THR A 1004 0.27 -56.21 -25.74
N MET A 1005 1.49 -56.40 -26.25
CA MET A 1005 2.49 -57.29 -25.65
C MET A 1005 2.83 -56.89 -24.21
N ALA A 1006 3.17 -57.88 -23.38
CA ALA A 1006 3.45 -57.75 -21.95
C ALA A 1006 2.30 -57.20 -21.09
N ASP A 1007 1.08 -57.06 -21.65
CA ASP A 1007 -0.14 -57.11 -20.85
C ASP A 1007 -0.44 -58.54 -20.36
N PHE A 1008 0.09 -59.59 -21.02
CA PHE A 1008 -0.26 -61.00 -20.78
C PHE A 1008 0.96 -61.91 -20.56
N VAL A 1009 0.77 -62.89 -19.68
CA VAL A 1009 1.70 -63.91 -19.19
C VAL A 1009 1.04 -65.28 -19.35
N GLN A 1010 1.79 -66.34 -19.65
CA GLN A 1010 1.22 -67.59 -20.19
C GLN A 1010 1.67 -68.84 -19.43
N ILE A 1011 0.71 -69.77 -19.29
CA ILE A 1011 0.72 -70.88 -18.33
C ILE A 1011 0.26 -72.17 -19.04
N GLU A 1012 0.81 -73.34 -18.70
CA GLU A 1012 0.31 -74.65 -19.17
C GLU A 1012 -0.99 -75.09 -18.48
N ASN A 1013 -2.05 -74.27 -18.60
CA ASN A 1013 -3.35 -74.43 -17.95
C ASN A 1013 -4.46 -73.74 -18.77
N CYS A 1014 -5.73 -74.09 -18.55
CA CYS A 1014 -6.89 -73.26 -18.91
C CYS A 1014 -8.00 -73.41 -17.87
N ASN A 1015 -8.84 -72.38 -17.73
CA ASN A 1015 -9.98 -72.37 -16.80
C ASN A 1015 -11.27 -72.00 -17.56
N VAL A 1016 -12.42 -72.53 -17.14
CA VAL A 1016 -13.73 -72.30 -17.78
C VAL A 1016 -14.15 -70.82 -17.80
N THR A 1017 -13.62 -69.99 -16.90
CA THR A 1017 -13.82 -68.52 -16.90
C THR A 1017 -13.04 -67.76 -17.98
N PHE A 1018 -12.16 -68.42 -18.75
CA PHE A 1018 -11.43 -67.82 -19.88
C PHE A 1018 -12.28 -67.81 -21.17
N VAL A 1019 -11.71 -67.29 -22.27
CA VAL A 1019 -12.30 -67.28 -23.63
C VAL A 1019 -11.37 -68.17 -24.46
N ASN A 1020 -11.84 -68.68 -25.60
CA ASN A 1020 -10.92 -69.64 -26.25
C ASN A 1020 -10.61 -69.35 -27.74
N ILE A 1021 -9.33 -69.54 -28.05
CA ILE A 1021 -8.53 -68.89 -29.11
C ILE A 1021 -7.46 -69.86 -29.64
N SER A 1022 -7.12 -69.83 -30.93
CA SER A 1022 -5.88 -70.43 -31.46
C SER A 1022 -4.70 -69.44 -31.49
N ARG A 1023 -3.45 -69.91 -31.60
CA ARG A 1023 -2.29 -69.01 -31.78
C ARG A 1023 -2.29 -68.17 -33.07
N SER A 1024 -3.17 -68.45 -34.05
CA SER A 1024 -3.44 -67.53 -35.17
C SER A 1024 -4.58 -66.55 -34.86
N GLU A 1025 -5.65 -66.98 -34.18
CA GLU A 1025 -6.70 -66.13 -33.58
C GLU A 1025 -6.13 -65.08 -32.59
N LEU A 1026 -4.98 -65.36 -31.96
CA LEU A 1026 -4.22 -64.40 -31.16
C LEU A 1026 -3.92 -63.09 -31.90
N GLN A 1027 -3.90 -63.05 -33.24
CA GLN A 1027 -3.75 -61.82 -34.05
C GLN A 1027 -4.81 -60.74 -33.66
N THR A 1028 -6.00 -61.15 -33.23
CA THR A 1028 -7.04 -60.27 -32.66
C THR A 1028 -6.59 -59.54 -31.38
N ILE A 1029 -5.71 -60.18 -30.59
CA ILE A 1029 -5.02 -59.61 -29.42
C ILE A 1029 -3.81 -58.77 -29.88
N VAL A 1030 -2.78 -59.44 -30.42
CA VAL A 1030 -1.61 -58.85 -31.11
C VAL A 1030 -1.03 -59.85 -32.13
N PRO A 1031 -0.34 -59.40 -33.18
CA PRO A 1031 0.39 -60.29 -34.09
C PRO A 1031 1.63 -60.95 -33.46
N GLU A 1032 2.03 -60.46 -32.28
CA GLU A 1032 3.34 -60.70 -31.66
C GLU A 1032 3.46 -62.02 -30.87
N TYR A 1033 2.41 -62.47 -30.18
CA TYR A 1033 2.43 -63.72 -29.41
C TYR A 1033 2.47 -64.94 -30.33
N GLU B 37 4.60 -23.44 51.67
CA GLU B 37 3.70 -22.35 51.21
C GLU B 37 3.99 -22.05 49.73
N ASN B 38 3.00 -21.57 48.97
CA ASN B 38 3.24 -21.14 47.58
C ASN B 38 3.77 -19.69 47.49
N VAL B 39 5.04 -19.56 47.89
CA VAL B 39 5.89 -18.37 47.94
C VAL B 39 7.31 -18.79 47.59
N PHE B 40 8.19 -17.88 47.16
CA PHE B 40 9.43 -18.25 46.49
C PHE B 40 10.61 -17.38 46.90
N ALA B 41 11.82 -17.86 46.64
CA ALA B 41 13.04 -17.10 46.80
C ALA B 41 13.26 -16.21 45.58
N VAL B 42 13.44 -14.90 45.79
CA VAL B 42 13.72 -13.96 44.72
C VAL B 42 15.10 -14.25 44.12
N GLU B 43 15.21 -14.27 42.79
CA GLU B 43 16.50 -14.49 42.11
C GLU B 43 17.41 -13.27 42.27
N SER B 44 18.72 -13.48 42.32
CA SER B 44 19.64 -12.35 42.49
C SER B 44 19.49 -11.33 41.38
N GLY B 45 19.45 -10.06 41.76
CA GLY B 45 19.08 -8.96 40.87
C GLY B 45 17.61 -8.57 40.97
N GLY B 46 16.75 -9.41 41.54
CA GLY B 46 15.37 -9.07 41.91
C GLY B 46 14.28 -9.80 41.12
N TYR B 47 14.63 -10.62 40.14
CA TYR B 47 13.65 -11.25 39.27
C TYR B 47 12.81 -12.32 39.97
N ILE B 48 11.66 -12.63 39.40
CA ILE B 48 10.74 -13.66 39.89
C ILE B 48 11.00 -14.94 39.10
N PRO B 49 11.26 -16.07 39.75
CA PRO B 49 11.72 -17.28 39.10
C PRO B 49 10.69 -17.80 38.10
N SER B 50 11.17 -18.18 36.93
CA SER B 50 10.35 -18.35 35.72
C SER B 50 9.27 -19.40 35.83
N ASP B 51 9.39 -20.37 36.73
CA ASP B 51 8.40 -21.41 36.96
C ASP B 51 7.20 -20.93 37.78
N PHE B 52 7.30 -19.78 38.44
CA PHE B 52 6.28 -19.32 39.38
C PHE B 52 4.91 -19.17 38.72
N ALA B 53 3.86 -19.56 39.44
CA ALA B 53 2.51 -19.61 38.90
C ALA B 53 1.81 -18.26 38.82
N PHE B 54 2.32 -17.21 39.48
CA PHE B 54 1.62 -15.94 39.62
C PHE B 54 0.20 -16.14 40.19
N ASN B 55 0.08 -17.01 41.18
CA ASN B 55 -1.20 -17.61 41.56
C ASN B 55 -2.31 -16.60 41.91
N ASN B 56 -1.98 -15.53 42.60
CA ASN B 56 -2.87 -14.42 42.91
C ASN B 56 -2.16 -13.08 42.74
N TRP B 57 -1.25 -12.99 41.77
CA TRP B 57 -0.54 -11.75 41.44
C TRP B 57 -1.16 -11.20 40.17
N PHE B 58 -1.63 -9.95 40.17
CA PHE B 58 -2.37 -9.40 39.05
C PHE B 58 -1.54 -8.41 38.27
N LEU B 59 -1.72 -8.47 36.96
CA LEU B 59 -1.28 -7.43 36.06
C LEU B 59 -2.07 -6.17 36.40
N LEU B 60 -1.41 -5.13 36.88
CA LEU B 60 -2.08 -3.93 37.35
C LEU B 60 -2.57 -3.10 36.20
N THR B 61 -3.67 -2.37 36.41
CA THR B 61 -4.28 -1.52 35.40
C THR B 61 -4.90 -0.27 35.97
N ASN B 62 -4.93 0.78 35.15
CA ASN B 62 -5.76 1.95 35.37
C ASN B 62 -7.14 1.80 34.71
N THR B 63 -7.30 0.87 33.77
CA THR B 63 -8.53 0.57 33.03
C THR B 63 -8.40 -0.75 32.29
N SER B 64 -9.49 -1.36 31.82
CA SER B 64 -9.44 -2.28 30.66
C SER B 64 -8.42 -3.40 30.75
N SER B 65 -8.57 -4.33 31.68
CA SER B 65 -7.68 -5.48 31.80
C SER B 65 -7.90 -6.48 30.67
N VAL B 66 -6.85 -6.88 29.94
CA VAL B 66 -6.99 -7.79 28.81
C VAL B 66 -7.42 -9.19 29.22
N VAL B 67 -8.14 -9.90 28.34
CA VAL B 67 -8.67 -11.24 28.63
C VAL B 67 -7.64 -12.31 28.31
N ASP B 68 -7.25 -12.42 27.06
CA ASP B 68 -6.20 -13.29 26.56
C ASP B 68 -5.31 -12.44 25.65
N GLY B 69 -4.00 -12.64 25.68
CA GLY B 69 -3.08 -11.93 24.79
C GLY B 69 -1.69 -11.81 25.35
N VAL B 70 -0.75 -11.35 24.55
CA VAL B 70 0.60 -11.03 24.98
C VAL B 70 0.74 -9.52 25.03
N VAL B 71 1.19 -8.97 26.14
CA VAL B 71 1.27 -7.51 26.35
C VAL B 71 2.58 -7.14 26.99
N ARG B 72 3.09 -5.98 26.60
CA ARG B 72 4.35 -5.44 27.09
C ARG B 72 4.03 -4.26 27.97
N SER B 73 4.51 -4.19 29.20
CA SER B 73 4.24 -3.05 30.07
C SER B 73 5.27 -2.88 31.17
N PHE B 74 5.38 -1.66 31.68
CA PHE B 74 5.98 -1.42 32.98
C PHE B 74 5.05 -1.94 34.06
N GLN B 75 5.55 -2.83 34.92
CA GLN B 75 4.79 -3.40 36.02
C GLN B 75 5.67 -3.50 37.26
N PRO B 76 5.14 -3.37 38.47
CA PRO B 76 5.90 -3.58 39.69
C PRO B 76 6.08 -5.07 39.91
N LEU B 77 7.03 -5.66 39.20
CA LEU B 77 7.34 -7.08 39.22
C LEU B 77 8.81 -7.38 39.40
N LEU B 78 9.64 -6.37 39.67
CA LEU B 78 11.02 -6.58 40.05
C LEU B 78 11.11 -6.32 41.54
N LEU B 79 11.56 -7.31 42.30
CA LEU B 79 11.29 -7.34 43.73
C LEU B 79 12.52 -6.98 44.54
N ASN B 80 12.38 -5.96 45.37
CA ASN B 80 13.45 -5.46 46.20
C ASN B 80 13.55 -6.25 47.50
N CYS B 81 12.44 -6.76 48.01
CA CYS B 81 12.40 -7.74 49.08
C CYS B 81 11.07 -8.47 49.04
N LEU B 82 10.96 -9.66 49.60
CA LEU B 82 9.70 -10.35 49.78
C LEU B 82 9.75 -11.16 51.06
N TRP B 83 8.65 -11.26 51.79
CA TRP B 83 8.52 -12.11 52.97
C TRP B 83 7.08 -12.50 53.21
N SER B 84 6.79 -13.22 54.29
CA SER B 84 5.42 -13.60 54.63
C SER B 84 5.16 -13.52 56.12
N VAL B 85 3.88 -13.37 56.48
CA VAL B 85 3.40 -13.32 57.86
C VAL B 85 2.21 -14.25 58.01
N SER B 86 2.18 -15.03 59.09
CA SER B 86 1.26 -16.15 59.25
C SER B 86 0.53 -16.11 60.59
N GLY B 87 -0.75 -16.49 60.57
CA GLY B 87 -1.77 -16.14 61.57
C GLY B 87 -1.76 -16.92 62.88
N LEU B 88 -0.71 -17.70 63.16
CA LEU B 88 -0.47 -18.31 64.47
C LEU B 88 -0.40 -17.25 65.57
N ARG B 89 0.23 -16.13 65.22
CA ARG B 89 0.41 -14.88 65.98
C ARG B 89 0.28 -13.73 64.99
N PHE B 90 0.16 -12.48 65.46
CA PHE B 90 0.21 -11.33 64.57
C PHE B 90 1.18 -10.25 65.03
N THR B 91 1.82 -9.59 64.06
CA THR B 91 2.76 -8.49 64.25
C THR B 91 2.37 -7.33 63.35
N THR B 92 2.48 -6.10 63.86
CA THR B 92 1.99 -4.89 63.18
C THR B 92 3.12 -3.89 63.11
N GLY B 93 3.39 -3.44 61.91
CA GLY B 93 4.66 -2.91 61.47
C GLY B 93 4.45 -1.87 60.39
N PHE B 94 5.32 -0.89 60.30
CA PHE B 94 5.21 0.13 59.28
C PHE B 94 6.40 -0.07 58.35
N VAL B 95 6.07 -0.22 57.08
CA VAL B 95 6.99 -0.56 56.02
C VAL B 95 7.17 0.68 55.18
N TYR B 96 8.40 1.10 55.00
CA TYR B 96 8.74 2.32 54.29
C TYR B 96 9.21 1.95 52.91
N PHE B 97 8.82 2.70 51.88
CA PHE B 97 9.30 2.40 50.54
C PHE B 97 10.84 2.48 50.41
N ASN B 98 11.54 3.19 51.31
CA ASN B 98 12.99 3.13 51.39
C ASN B 98 13.52 1.81 52.03
N GLY B 99 12.67 0.84 52.28
CA GLY B 99 13.01 -0.48 52.82
C GLY B 99 13.00 -0.57 54.34
N THR B 100 12.86 0.54 55.06
CA THR B 100 12.86 0.51 56.53
C THR B 100 11.68 -0.30 57.05
N GLY B 101 11.88 -1.08 58.10
CA GLY B 101 10.82 -1.84 58.77
C GLY B 101 10.34 -3.10 58.06
N ARG B 102 10.87 -3.43 56.88
CA ARG B 102 10.48 -4.66 56.14
C ARG B 102 10.76 -5.95 56.91
N GLY B 103 10.13 -7.04 56.51
CA GLY B 103 10.33 -8.35 57.15
C GLY B 103 11.66 -9.02 56.80
N ASP B 104 11.81 -10.29 57.17
CA ASP B 104 13.01 -11.07 56.89
C ASP B 104 13.00 -11.64 55.44
N CYS B 105 13.67 -10.95 54.52
CA CYS B 105 13.57 -11.19 53.08
C CYS B 105 13.98 -12.61 52.64
N LYS B 106 13.35 -13.14 51.59
CA LYS B 106 13.70 -14.45 51.00
C LYS B 106 14.45 -14.34 49.68
N GLY B 107 15.58 -15.03 49.60
CA GLY B 107 16.32 -15.28 48.36
C GLY B 107 17.26 -14.17 47.92
N PHE B 108 16.83 -12.92 48.00
CA PHE B 108 17.61 -11.76 47.58
C PHE B 108 17.08 -10.50 48.25
N SER B 109 17.84 -9.42 48.23
CA SER B 109 17.37 -8.13 48.74
C SER B 109 18.05 -6.98 48.01
N SER B 110 17.41 -5.82 48.02
CA SER B 110 17.98 -4.56 47.59
C SER B 110 17.45 -3.46 48.48
N ASP B 111 18.20 -2.37 48.62
CA ASP B 111 17.85 -1.26 49.51
C ASP B 111 17.52 0.03 48.77
N VAL B 112 17.30 -0.05 47.46
CA VAL B 112 16.82 1.07 46.66
C VAL B 112 15.46 1.55 47.13
N LEU B 113 15.08 2.76 46.75
CA LEU B 113 13.71 3.25 46.95
C LEU B 113 12.76 2.43 46.06
N SER B 114 11.88 1.64 46.66
CA SER B 114 10.84 0.89 45.95
C SER B 114 9.76 1.80 45.40
N ASP B 115 9.06 1.34 44.37
CA ASP B 115 7.93 2.06 43.81
C ASP B 115 6.60 1.61 44.37
N VAL B 116 6.54 0.40 44.90
CA VAL B 116 5.30 -0.26 45.25
C VAL B 116 5.50 -1.20 46.45
N ILE B 117 4.46 -1.43 47.22
CA ILE B 117 4.33 -2.59 48.11
C ILE B 117 3.17 -3.43 47.61
N ARG B 118 3.33 -4.74 47.47
CA ARG B 118 2.24 -5.68 47.15
C ARG B 118 1.91 -6.51 48.37
N TYR B 119 0.65 -6.60 48.75
CA TYR B 119 0.17 -7.52 49.77
C TYR B 119 -0.66 -8.59 49.10
N ASN B 120 -0.32 -9.85 49.29
CA ASN B 120 -1.01 -10.95 48.65
C ASN B 120 -1.66 -11.85 49.70
N LEU B 121 -2.98 -12.00 49.68
CA LEU B 121 -3.75 -12.55 50.80
C LEU B 121 -4.19 -13.97 50.51
N ASN B 122 -3.93 -14.89 51.42
CA ASN B 122 -4.38 -16.27 51.27
C ASN B 122 -5.80 -16.54 51.81
N PHE B 123 -6.47 -15.57 52.43
CA PHE B 123 -7.52 -15.83 53.42
C PHE B 123 -8.74 -14.91 53.32
N GLU B 124 -9.86 -15.35 53.90
CA GLU B 124 -11.22 -15.02 53.46
C GLU B 124 -11.92 -13.88 54.20
N GLU B 125 -11.39 -13.40 55.34
CA GLU B 125 -11.93 -12.18 55.99
C GLU B 125 -11.44 -10.89 55.33
N ASN B 126 -10.61 -11.02 54.29
CA ASN B 126 -10.31 -9.99 53.31
C ASN B 126 -9.89 -8.67 53.99
N LEU B 127 -10.44 -7.53 53.55
CA LEU B 127 -10.33 -6.22 54.22
C LEU B 127 -11.56 -5.87 55.07
N ARG B 128 -12.51 -6.80 55.25
CA ARG B 128 -13.79 -6.53 55.93
C ARG B 128 -13.67 -6.27 57.43
N ARG B 129 -12.46 -6.37 57.97
CA ARG B 129 -12.08 -5.92 59.31
C ARG B 129 -10.61 -5.52 59.35
N GLY B 130 -10.21 -4.78 60.39
CA GLY B 130 -8.88 -4.19 60.45
C GLY B 130 -8.79 -2.94 59.57
N THR B 131 -7.57 -2.55 59.21
CA THR B 131 -7.27 -1.23 58.66
C THR B 131 -6.02 -1.28 57.81
N ILE B 132 -5.82 -0.25 57.01
CA ILE B 132 -4.52 0.05 56.41
C ILE B 132 -4.21 1.49 56.82
N LEU B 133 -2.97 1.79 57.14
CA LEU B 133 -2.55 3.12 57.53
C LEU B 133 -1.40 3.56 56.68
N PHE B 134 -1.43 4.80 56.22
CA PHE B 134 -0.38 5.39 55.42
C PHE B 134 0.20 6.56 56.20
N LYS B 135 1.50 6.54 56.51
CA LYS B 135 2.18 7.76 56.93
C LYS B 135 2.41 8.57 55.69
N THR B 136 1.61 9.61 55.54
CA THR B 136 1.72 10.61 54.49
C THR B 136 2.65 11.72 54.96
N SER B 137 3.30 12.41 54.04
CA SER B 137 4.28 13.45 54.37
C SER B 137 3.73 14.56 55.27
N TYR B 138 2.42 14.77 55.31
CA TYR B 138 1.75 15.76 56.15
C TYR B 138 0.90 15.16 57.29
N GLY B 139 0.77 13.85 57.44
CA GLY B 139 -0.12 13.27 58.45
C GLY B 139 -0.40 11.77 58.30
N VAL B 140 -1.35 11.24 59.06
CA VAL B 140 -1.75 9.83 59.00
C VAL B 140 -3.06 9.71 58.26
N VAL B 141 -3.12 8.79 57.30
CA VAL B 141 -4.33 8.44 56.59
C VAL B 141 -4.73 7.04 57.00
N VAL B 142 -5.98 6.82 57.42
CA VAL B 142 -6.49 5.48 57.69
C VAL B 142 -7.50 5.11 56.63
N PHE B 143 -7.37 3.94 56.02
CA PHE B 143 -8.38 3.37 55.15
C PHE B 143 -9.08 2.24 55.88
N TYR B 144 -10.40 2.17 55.80
CA TYR B 144 -11.21 1.14 56.43
C TYR B 144 -12.52 0.92 55.71
N CYS B 145 -13.17 -0.22 55.94
CA CYS B 145 -14.43 -0.56 55.29
C CYS B 145 -15.47 -1.02 56.29
N THR B 146 -16.73 -0.86 55.92
CA THR B 146 -17.88 -1.01 56.82
C THR B 146 -19.11 -1.43 56.04
N ASN B 147 -20.07 -2.09 56.69
CA ASN B 147 -21.37 -2.42 56.12
C ASN B 147 -22.56 -1.90 56.95
N ASN B 148 -22.32 -1.04 57.94
CA ASN B 148 -23.34 -0.41 58.77
C ASN B 148 -23.95 0.82 58.07
N LEU B 163 -27.58 -3.10 50.42
CA LEU B 163 -26.95 -2.18 51.38
C LEU B 163 -26.51 -2.85 52.70
N GLY B 164 -26.49 -4.18 52.73
CA GLY B 164 -25.77 -4.99 53.74
C GLY B 164 -24.32 -5.32 53.37
N ASN B 165 -23.90 -4.93 52.16
CA ASN B 165 -22.55 -5.10 51.62
C ASN B 165 -21.57 -4.00 52.09
N PHE B 166 -20.29 -4.10 51.70
CA PHE B 166 -19.20 -3.32 52.29
C PHE B 166 -18.78 -2.13 51.44
N TYR B 167 -18.64 -0.98 52.10
CA TYR B 167 -18.26 0.32 51.56
C TYR B 167 -17.03 0.83 52.28
N CYS B 168 -16.16 1.57 51.60
CA CYS B 168 -14.84 1.92 52.11
C CYS B 168 -14.60 3.41 52.18
N PHE B 169 -13.88 3.82 53.22
CA PHE B 169 -13.73 5.19 53.63
C PHE B 169 -12.29 5.49 54.02
N VAL B 170 -11.84 6.68 53.68
CA VAL B 170 -10.50 7.19 53.96
C VAL B 170 -10.58 8.31 54.97
N ASN B 171 -9.86 8.20 56.07
CA ASN B 171 -9.72 9.24 57.09
C ASN B 171 -8.41 10.00 56.91
N THR B 172 -8.38 10.94 55.97
CA THR B 172 -7.31 11.93 56.00
C THR B 172 -7.42 12.68 57.32
N THR B 173 -6.36 12.64 58.12
CA THR B 173 -6.31 13.32 59.41
C THR B 173 -5.18 14.35 59.39
N ILE B 174 -5.50 15.61 59.65
CA ILE B 174 -4.54 16.71 59.68
C ILE B 174 -4.76 17.51 60.95
N GLY B 175 -3.71 17.89 61.67
CA GLY B 175 -3.82 18.69 62.89
C GLY B 175 -4.72 18.09 63.99
N THR B 176 -5.01 16.79 63.94
CA THR B 176 -6.01 16.07 64.74
C THR B 176 -7.48 16.47 64.51
N GLU B 177 -7.80 17.01 63.34
CA GLU B 177 -9.16 16.98 62.78
C GLU B 177 -9.22 15.95 61.63
N THR B 178 -10.27 15.12 61.63
CA THR B 178 -10.42 14.03 60.68
C THR B 178 -11.46 14.39 59.63
N THR B 179 -11.04 14.41 58.37
CA THR B 179 -11.92 14.68 57.23
C THR B 179 -12.26 13.35 56.56
N SER B 180 -13.08 12.55 57.23
CA SER B 180 -13.46 11.21 56.77
C SER B 180 -14.24 11.28 55.46
N ALA B 181 -13.84 10.50 54.46
CA ALA B 181 -14.40 10.55 53.11
C ALA B 181 -14.78 9.17 52.60
N PHE B 182 -15.90 9.04 51.90
CA PHE B 182 -16.21 7.84 51.12
C PHE B 182 -15.33 7.75 49.88
N VAL B 183 -15.08 6.55 49.37
CA VAL B 183 -14.21 6.35 48.20
C VAL B 183 -14.63 5.25 47.24
N GLY B 184 -15.40 4.26 47.68
CA GLY B 184 -15.90 3.20 46.80
C GLY B 184 -16.52 2.03 47.53
N ALA B 185 -17.18 1.15 46.81
CA ALA B 185 -17.55 -0.16 47.33
C ALA B 185 -16.35 -1.08 47.27
N LEU B 186 -16.24 -2.00 48.21
CA LEU B 186 -15.18 -3.00 48.23
C LEU B 186 -15.48 -4.10 47.19
N PRO B 187 -14.56 -4.45 46.28
CA PRO B 187 -14.75 -5.61 45.42
C PRO B 187 -14.82 -6.89 46.27
N LYS B 188 -15.59 -7.88 45.82
CA LYS B 188 -16.12 -8.89 46.74
C LYS B 188 -15.06 -9.73 47.43
N THR B 189 -14.09 -10.27 46.68
CA THR B 189 -13.03 -11.14 47.20
C THR B 189 -11.67 -10.52 46.98
N VAL B 190 -11.25 -9.65 47.89
CA VAL B 190 -9.93 -9.05 47.82
C VAL B 190 -8.89 -10.14 48.02
N ARG B 191 -8.03 -10.35 47.02
CA ARG B 191 -6.93 -11.32 47.06
C ARG B 191 -5.59 -10.64 46.98
N GLU B 192 -5.48 -9.49 46.34
CA GLU B 192 -4.27 -8.68 46.34
C GLU B 192 -4.62 -7.22 46.51
N PHE B 193 -3.82 -6.46 47.22
CA PHE B 193 -3.84 -5.02 47.05
C PHE B 193 -2.44 -4.42 47.15
N VAL B 194 -2.27 -3.30 46.46
CA VAL B 194 -0.97 -2.78 46.11
C VAL B 194 -0.95 -1.29 46.31
N ILE B 195 0.09 -0.73 46.94
CA ILE B 195 0.17 0.70 47.17
C ILE B 195 1.41 1.24 46.48
N SER B 196 1.28 2.19 45.58
CA SER B 196 2.47 2.85 45.05
C SER B 196 2.96 3.90 46.00
N ARG B 197 4.25 4.21 45.93
CA ARG B 197 4.84 5.36 46.63
C ARG B 197 4.17 6.67 46.26
N THR B 198 3.68 6.82 45.04
CA THR B 198 2.90 7.99 44.60
C THR B 198 1.43 7.91 44.99
N GLY B 199 1.03 6.90 45.75
CA GLY B 199 -0.24 6.82 46.45
C GLY B 199 -1.38 6.20 45.66
N HIS B 200 -1.11 5.57 44.52
CA HIS B 200 -2.09 4.75 43.84
C HIS B 200 -2.42 3.54 44.67
N PHE B 201 -3.69 3.21 44.78
CA PHE B 201 -4.13 2.03 45.50
C PHE B 201 -4.84 1.09 44.55
N TYR B 202 -4.30 -0.08 44.29
CA TYR B 202 -4.89 -1.04 43.38
C TYR B 202 -5.44 -2.19 44.20
N ILE B 203 -6.68 -2.59 43.99
CA ILE B 203 -7.27 -3.77 44.60
C ILE B 203 -7.55 -4.75 43.49
N ASN B 204 -7.15 -6.00 43.62
CA ASN B 204 -7.30 -7.02 42.59
C ASN B 204 -6.95 -6.51 41.19
N GLY B 205 -5.87 -5.74 41.08
CA GLY B 205 -5.33 -5.30 39.79
C GLY B 205 -6.02 -4.09 39.16
N TYR B 206 -6.98 -3.44 39.81
CA TYR B 206 -7.55 -2.18 39.33
C TYR B 206 -7.33 -1.04 40.32
N ARG B 207 -6.97 0.16 39.85
CA ARG B 207 -6.75 1.32 40.70
C ARG B 207 -8.07 1.91 41.19
N TYR B 208 -8.47 1.61 42.41
CA TYR B 208 -9.73 2.16 42.92
C TYR B 208 -9.67 3.64 43.20
N PHE B 209 -8.56 4.16 43.71
CA PHE B 209 -8.42 5.58 44.02
C PHE B 209 -6.94 5.98 44.14
N THR B 210 -6.66 7.16 44.66
CA THR B 210 -5.31 7.66 44.87
C THR B 210 -5.26 8.53 46.10
N LEU B 211 -4.14 8.49 46.81
CA LEU B 211 -3.94 9.14 48.10
C LEU B 211 -2.87 10.25 48.08
N GLY B 212 -2.18 10.45 46.96
CA GLY B 212 -0.97 11.27 46.93
C GLY B 212 0.18 10.64 47.72
N ASN B 213 1.36 11.24 47.66
CA ASN B 213 2.61 10.62 48.10
C ASN B 213 2.56 10.03 49.51
N VAL B 214 3.09 8.82 49.66
CA VAL B 214 3.13 8.11 50.93
C VAL B 214 4.57 7.84 51.31
N GLU B 215 4.90 7.93 52.60
CA GLU B 215 6.22 7.57 53.09
C GLU B 215 6.27 6.09 53.46
N ALA B 216 5.26 5.63 54.19
CA ALA B 216 5.22 4.34 54.82
C ALA B 216 3.81 3.81 54.88
N VAL B 217 3.66 2.50 54.87
CA VAL B 217 2.38 1.81 54.91
C VAL B 217 2.43 0.78 56.01
N ASN B 218 1.34 0.62 56.72
CA ASN B 218 1.13 -0.40 57.71
C ASN B 218 -0.20 -1.05 57.38
N PHE B 219 -0.30 -2.36 57.52
CA PHE B 219 -1.50 -3.12 57.24
C PHE B 219 -1.80 -3.97 58.45
N ASN B 220 -3.02 -3.85 58.97
CA ASN B 220 -3.35 -4.28 60.31
C ASN B 220 -4.58 -5.16 60.27
N VAL B 221 -4.43 -6.35 60.82
CA VAL B 221 -5.27 -7.52 60.57
C VAL B 221 -5.30 -8.36 61.82
N THR B 222 -6.41 -9.06 62.04
CA THR B 222 -6.49 -10.07 63.10
C THR B 222 -6.94 -11.36 62.43
N THR B 223 -6.17 -12.42 62.61
CA THR B 223 -6.23 -13.61 61.74
C THR B 223 -6.96 -14.74 62.43
N ALA B 224 -8.00 -15.25 61.79
CA ALA B 224 -8.87 -16.29 62.33
C ALA B 224 -8.15 -17.64 62.57
N GLU B 225 -7.07 -17.95 61.87
CA GLU B 225 -6.40 -19.25 61.95
C GLU B 225 -4.87 -19.19 61.80
N THR B 226 -4.19 -20.20 62.34
CA THR B 226 -2.79 -20.50 62.00
C THR B 226 -2.58 -20.69 60.50
N THR B 227 -3.59 -21.22 59.80
CA THR B 227 -3.54 -21.47 58.35
C THR B 227 -3.53 -20.18 57.51
N ASP B 228 -3.92 -19.04 58.07
CA ASP B 228 -3.90 -17.77 57.37
C ASP B 228 -2.45 -17.31 57.15
N PHE B 229 -2.18 -16.72 56.00
CA PHE B 229 -0.97 -15.95 55.79
C PHE B 229 -1.19 -14.90 54.71
N PHE B 230 -0.31 -13.92 54.66
CA PHE B 230 -0.13 -13.13 53.46
C PHE B 230 1.35 -12.93 53.19
N THR B 231 1.72 -12.93 51.92
CA THR B 231 3.05 -12.48 51.53
C THR B 231 3.05 -10.98 51.37
N VAL B 232 4.19 -10.36 51.52
CA VAL B 232 4.39 -8.96 51.25
C VAL B 232 5.61 -8.83 50.38
N ALA B 233 5.57 -7.98 49.37
CA ALA B 233 6.72 -7.73 48.52
C ALA B 233 6.91 -6.25 48.34
N LEU B 234 8.13 -5.79 48.35
CA LEU B 234 8.49 -4.44 47.97
C LEU B 234 8.99 -4.53 46.55
N ALA B 235 8.48 -3.69 45.65
CA ALA B 235 8.72 -3.85 44.23
C ALA B 235 9.04 -2.53 43.56
N SER B 236 9.66 -2.63 42.39
CA SER B 236 10.02 -1.50 41.55
C SER B 236 9.43 -1.71 40.18
N TYR B 237 8.98 -0.65 39.53
CA TYR B 237 8.51 -0.75 38.16
C TYR B 237 9.64 -1.26 37.29
N ALA B 238 9.40 -2.33 36.56
CA ALA B 238 10.33 -2.91 35.63
C ALA B 238 9.59 -3.28 34.36
N ASP B 239 10.34 -3.46 33.28
CA ASP B 239 9.75 -3.53 31.95
C ASP B 239 9.68 -4.98 31.50
N VAL B 240 8.47 -5.47 31.24
CA VAL B 240 8.22 -6.90 31.08
C VAL B 240 7.28 -7.21 29.95
N LEU B 241 7.43 -8.39 29.38
CA LEU B 241 6.50 -8.95 28.43
C LEU B 241 5.74 -10.02 29.16
N VAL B 242 4.42 -10.01 29.04
CA VAL B 242 3.52 -10.81 29.86
C VAL B 242 2.60 -11.58 28.95
N ASN B 243 2.41 -12.86 29.26
CA ASN B 243 1.43 -13.68 28.61
C ASN B 243 0.23 -13.78 29.51
N VAL B 244 -0.91 -13.27 29.06
CA VAL B 244 -2.13 -13.20 29.84
C VAL B 244 -3.12 -14.20 29.30
N SER B 245 -3.68 -15.04 30.17
CA SER B 245 -4.78 -15.92 29.82
C SER B 245 -5.86 -15.85 30.88
N GLN B 246 -7.12 -15.79 30.47
CA GLN B 246 -8.26 -15.69 31.39
C GLN B 246 -8.00 -14.60 32.42
N THR B 247 -7.55 -13.48 31.88
CA THR B 247 -7.17 -12.24 32.54
C THR B 247 -6.20 -12.37 33.72
N SER B 248 -5.42 -13.44 33.75
CA SER B 248 -4.41 -13.71 34.77
C SER B 248 -3.04 -13.89 34.14
N ILE B 249 -1.97 -13.51 34.83
CA ILE B 249 -0.60 -13.66 34.33
C ILE B 249 -0.27 -15.14 34.27
N ALA B 250 0.07 -15.67 33.10
CA ALA B 250 0.53 -17.03 32.97
C ALA B 250 2.06 -17.13 33.14
N ASN B 251 2.80 -16.33 32.39
CA ASN B 251 4.25 -16.28 32.45
C ASN B 251 4.74 -14.94 31.92
N ILE B 252 5.97 -14.55 32.26
CA ILE B 252 6.56 -13.27 31.90
C ILE B 252 8.03 -13.43 31.56
N ILE B 253 8.60 -12.45 30.87
CA ILE B 253 10.05 -12.25 30.78
C ILE B 253 10.34 -10.79 31.00
N TYR B 254 11.56 -10.47 31.40
CA TYR B 254 11.99 -9.10 31.69
C TYR B 254 12.89 -8.58 30.58
N CYS B 255 12.60 -7.41 30.04
CA CYS B 255 13.30 -6.83 28.90
C CYS B 255 14.67 -6.22 29.26
N ASN B 256 15.51 -6.97 29.95
CA ASN B 256 16.76 -6.48 30.53
C ASN B 256 18.00 -6.90 29.72
N SER B 257 18.09 -8.17 29.33
CA SER B 257 19.20 -8.68 28.53
C SER B 257 19.01 -8.37 27.05
N VAL B 258 20.08 -8.48 26.28
CA VAL B 258 20.07 -8.16 24.84
C VAL B 258 19.04 -9.00 24.11
N ILE B 259 19.01 -10.29 24.39
CA ILE B 259 18.04 -11.18 23.76
C ILE B 259 16.64 -10.91 24.27
N ASN B 260 16.40 -10.71 25.56
CA ASN B 260 15.04 -10.47 26.00
C ASN B 260 14.51 -9.17 25.47
N ARG B 261 15.32 -8.16 25.27
CA ARG B 261 14.84 -6.94 24.62
C ARG B 261 14.35 -7.20 23.21
N LEU B 262 15.01 -8.10 22.49
CA LEU B 262 14.61 -8.47 21.15
C LEU B 262 13.34 -9.32 21.11
N ARG B 263 13.05 -10.07 22.18
CA ARG B 263 11.76 -10.74 22.38
C ARG B 263 10.69 -9.72 22.66
N CYS B 264 10.89 -8.85 23.64
CA CYS B 264 9.91 -7.85 24.02
C CYS B 264 9.55 -6.94 22.87
N ASP B 265 10.53 -6.42 22.15
CA ASP B 265 10.30 -5.49 21.04
C ASP B 265 9.62 -6.16 19.83
N GLN B 266 9.43 -7.48 19.87
CA GLN B 266 8.65 -8.22 18.88
C GLN B 266 7.43 -8.91 19.48
N LEU B 267 7.13 -8.64 20.75
CA LEU B 267 5.99 -9.19 21.46
C LEU B 267 5.91 -10.71 21.33
N SER B 268 7.05 -11.39 21.38
CA SER B 268 7.11 -12.82 21.17
C SER B 268 7.99 -13.49 22.20
N PHE B 269 7.53 -14.56 22.83
CA PHE B 269 8.38 -15.31 23.75
C PHE B 269 9.40 -16.15 23.03
N TYR B 270 9.13 -16.49 21.78
CA TYR B 270 10.01 -17.21 20.89
C TYR B 270 10.44 -16.28 19.76
N VAL B 271 11.73 -16.18 19.50
CA VAL B 271 12.24 -15.38 18.37
C VAL B 271 12.84 -16.33 17.35
N PRO B 272 12.30 -16.43 16.13
CA PRO B 272 12.81 -17.30 15.10
C PRO B 272 14.25 -16.96 14.73
N ASP B 273 15.02 -17.92 14.24
CA ASP B 273 16.38 -17.65 13.76
C ASP B 273 16.37 -16.61 12.65
N GLY B 274 17.36 -15.72 12.62
CA GLY B 274 17.41 -14.69 11.61
C GLY B 274 18.29 -13.52 12.01
N PHE B 275 18.21 -12.46 11.24
CA PHE B 275 18.98 -11.26 11.44
C PHE B 275 18.03 -10.16 11.88
N TYR B 276 18.22 -9.58 13.05
CA TYR B 276 17.31 -8.60 13.61
C TYR B 276 18.02 -7.28 13.85
N SER B 277 17.47 -6.19 13.36
CA SER B 277 18.05 -4.88 13.60
C SER B 277 17.76 -4.40 15.01
N THR B 278 18.75 -3.84 15.69
CA THR B 278 18.53 -3.16 16.96
C THR B 278 19.49 -2.00 17.10
N SER B 279 19.06 -0.94 17.76
CA SER B 279 19.95 0.12 18.22
C SER B 279 20.14 -0.02 19.73
N PRO B 280 21.38 -0.03 20.24
CA PRO B 280 21.62 -0.20 21.65
C PRO B 280 21.05 0.98 22.43
N ILE B 281 20.58 0.78 23.65
CA ILE B 281 19.92 1.82 24.44
C ILE B 281 20.88 2.97 24.73
N GLN B 282 20.40 4.21 24.62
CA GLN B 282 21.28 5.37 24.69
C GLN B 282 21.59 5.81 26.11
N SER B 283 22.67 6.59 26.25
CA SER B 283 23.12 7.10 27.55
C SER B 283 22.06 7.96 28.21
N VAL B 284 21.85 7.75 29.50
CA VAL B 284 20.60 8.13 30.16
C VAL B 284 20.41 9.64 30.29
N GLU B 285 21.49 10.40 30.44
CA GLU B 285 21.47 11.86 30.39
C GLU B 285 22.70 12.41 29.71
N LEU B 286 22.51 13.58 29.08
CA LEU B 286 23.35 14.04 27.99
C LEU B 286 23.86 15.45 28.27
N PRO B 287 25.13 15.76 27.97
CA PRO B 287 25.58 17.13 27.88
C PRO B 287 24.75 17.91 26.88
N VAL B 288 24.74 19.23 27.02
CA VAL B 288 24.15 20.15 26.05
C VAL B 288 25.21 20.95 25.35
N SER B 289 25.11 21.07 24.04
CA SER B 289 25.97 21.92 23.23
C SER B 289 25.15 22.87 22.40
N ILE B 290 25.61 24.11 22.28
CA ILE B 290 24.89 25.20 21.65
C ILE B 290 25.84 25.90 20.70
N VAL B 291 25.38 26.18 19.49
CA VAL B 291 26.14 26.99 18.53
C VAL B 291 25.20 27.98 17.89
N SER B 292 25.59 29.23 17.74
CA SER B 292 24.78 30.22 17.03
C SER B 292 25.64 31.31 16.44
N LEU B 293 25.14 31.99 15.41
CA LEU B 293 25.84 33.14 14.85
C LEU B 293 25.95 34.22 15.92
N PRO B 294 27.09 34.92 16.05
CA PRO B 294 27.21 36.03 16.98
C PRO B 294 26.15 37.10 16.75
N VAL B 295 25.57 37.64 17.82
CA VAL B 295 24.56 38.70 17.79
C VAL B 295 24.70 39.60 19.02
N TYR B 296 24.15 40.82 18.97
CA TYR B 296 24.19 41.72 20.11
C TYR B 296 23.31 41.16 21.25
N HIS B 297 23.91 40.80 22.38
CA HIS B 297 23.24 40.13 23.51
C HIS B 297 22.50 41.11 24.42
N LYS B 298 21.47 41.74 23.89
CA LYS B 298 20.45 42.42 24.69
C LYS B 298 19.57 41.35 25.33
N HIS B 299 19.40 41.38 26.65
CA HIS B 299 18.80 40.28 27.40
C HIS B 299 17.64 40.70 28.32
N MET B 300 16.66 39.81 28.52
CA MET B 300 15.45 40.07 29.29
C MET B 300 14.98 38.82 30.05
N PHE B 301 14.40 39.01 31.23
CA PHE B 301 13.70 37.96 31.97
C PHE B 301 12.20 38.18 31.97
N ILE B 302 11.46 37.17 31.56
CA ILE B 302 10.03 37.06 31.81
C ILE B 302 9.84 36.22 33.06
N VAL B 303 9.62 36.85 34.20
CA VAL B 303 9.44 36.14 35.47
C VAL B 303 7.98 36.16 35.84
N LEU B 304 7.42 35.00 36.11
CA LEU B 304 6.04 34.84 36.55
C LEU B 304 6.02 34.30 37.97
N TYR B 305 5.37 35.00 38.89
CA TYR B 305 5.19 34.60 40.27
C TYR B 305 3.77 34.14 40.49
N VAL B 306 3.61 32.96 41.09
CA VAL B 306 2.32 32.43 41.53
C VAL B 306 2.31 32.29 43.03
N ASP B 307 1.29 32.83 43.68
CA ASP B 307 0.98 32.62 45.09
C ASP B 307 -0.50 32.27 45.28
N PHE B 308 -0.79 31.34 46.19
CA PHE B 308 -2.14 31.00 46.63
C PHE B 308 -2.07 30.27 47.98
N LYS B 309 -3.20 30.18 48.65
CA LYS B 309 -3.37 29.52 49.95
C LYS B 309 -4.50 28.49 49.91
N PRO B 310 -4.42 27.44 50.74
CA PRO B 310 -5.53 26.53 50.92
C PRO B 310 -6.65 27.21 51.71
N GLN B 311 -7.87 26.68 51.64
CA GLN B 311 -8.84 26.89 52.72
C GLN B 311 -8.38 26.12 53.97
N SER B 312 -8.94 26.34 55.16
CA SER B 312 -8.43 25.68 56.38
C SER B 312 -9.47 25.53 57.50
N GLY B 313 -9.26 24.53 58.35
CA GLY B 313 -10.05 24.29 59.56
C GLY B 313 -11.46 23.72 59.35
N GLY B 314 -11.84 23.39 58.11
CA GLY B 314 -13.17 22.88 57.76
C GLY B 314 -14.28 23.94 57.77
N GLY B 315 -14.13 25.03 58.55
CA GLY B 315 -15.02 26.19 58.53
C GLY B 315 -15.06 26.88 57.17
N LYS B 316 -13.89 26.92 56.51
CA LYS B 316 -13.78 26.96 55.05
C LYS B 316 -13.08 25.67 54.61
N CYS B 317 -13.71 24.86 53.77
CA CYS B 317 -13.31 23.48 53.52
C CYS B 317 -12.04 23.37 52.65
N PHE B 318 -11.04 22.65 53.15
CA PHE B 318 -9.63 22.81 52.77
C PHE B 318 -9.33 22.71 51.26
N ASN B 319 -10.08 21.87 50.55
CA ASN B 319 -9.90 21.58 49.13
C ASN B 319 -10.71 22.49 48.19
N CYS B 320 -11.63 23.30 48.72
CA CYS B 320 -12.83 23.70 47.97
C CYS B 320 -12.65 24.80 46.91
N TYR B 321 -11.72 25.74 47.12
CA TYR B 321 -11.24 26.73 46.15
C TYR B 321 -10.05 27.49 46.76
N PRO B 322 -8.97 27.77 46.02
CA PRO B 322 -7.82 28.48 46.53
C PRO B 322 -8.13 29.86 47.15
N ALA B 323 -7.77 30.03 48.42
CA ALA B 323 -7.74 31.33 49.07
C ALA B 323 -6.51 32.14 48.64
N GLY B 324 -6.49 33.44 48.92
CA GLY B 324 -5.27 34.25 48.88
C GLY B 324 -4.52 34.30 47.55
N VAL B 325 -5.21 34.08 46.42
CA VAL B 325 -4.57 34.02 45.10
C VAL B 325 -3.98 35.37 44.72
N ASN B 326 -2.68 35.39 44.43
CA ASN B 326 -1.97 36.50 43.84
C ASN B 326 -1.06 35.98 42.72
N ILE B 327 -1.06 36.64 41.58
CA ILE B 327 -0.26 36.28 40.41
C ILE B 327 0.35 37.55 39.85
N THR B 328 1.62 37.53 39.44
CA THR B 328 2.16 38.63 38.63
C THR B 328 3.21 38.17 37.63
N LEU B 329 3.30 38.87 36.50
CA LEU B 329 4.53 38.98 35.75
C LEU B 329 5.35 40.09 36.39
N ALA B 330 6.67 39.96 36.40
CA ALA B 330 7.52 41.13 36.64
C ALA B 330 7.31 42.16 35.53
N ASN B 331 7.33 43.45 35.89
CA ASN B 331 7.35 44.56 34.95
C ASN B 331 6.16 44.65 33.95
N PHE B 332 5.04 44.00 34.24
CA PHE B 332 3.81 44.12 33.45
C PHE B 332 3.03 45.39 33.83
N ASN B 333 3.60 46.57 33.57
CA ASN B 333 2.92 47.86 33.72
C ASN B 333 1.87 48.01 32.59
N GLU B 334 0.64 47.58 32.85
CA GLU B 334 -0.36 47.45 31.77
C GLU B 334 -0.82 48.80 31.19
N THR B 335 -0.47 49.93 31.81
CA THR B 335 -0.63 51.26 31.19
C THR B 335 0.15 51.38 29.88
N LYS B 336 1.24 50.61 29.73
CA LYS B 336 2.02 50.46 28.50
C LYS B 336 1.43 49.42 27.52
N GLY B 337 0.44 48.65 27.96
CA GLY B 337 -0.09 47.46 27.26
C GLY B 337 0.67 46.16 27.62
N PRO B 338 0.45 45.07 26.85
CA PRO B 338 1.11 43.77 27.04
C PRO B 338 2.63 43.86 27.14
N LEU B 339 3.25 43.05 27.99
CA LEU B 339 4.70 43.00 28.12
C LEU B 339 5.30 42.33 26.89
N CYS B 340 6.23 42.99 26.20
CA CYS B 340 6.79 42.48 24.95
C CYS B 340 8.29 42.27 25.05
N VAL B 341 8.77 41.22 24.39
CA VAL B 341 10.19 40.92 24.33
C VAL B 341 10.86 41.82 23.31
N ASP B 342 11.47 42.89 23.80
CA ASP B 342 12.23 43.86 22.99
C ASP B 342 13.63 43.37 22.64
N THR B 343 14.21 42.52 23.48
CA THR B 343 15.63 42.14 23.41
C THR B 343 15.84 40.89 22.55
N SER B 344 17.08 40.57 22.18
CA SER B 344 17.38 39.46 21.27
C SER B 344 17.27 38.09 21.95
N HIS B 345 17.73 37.98 23.19
CA HIS B 345 17.67 36.77 24.01
C HIS B 345 16.79 36.98 25.23
N PHE B 346 15.89 36.06 25.54
CA PHE B 346 15.08 36.14 26.76
C PHE B 346 14.97 34.81 27.47
N THR B 347 14.59 34.83 28.74
CA THR B 347 14.46 33.62 29.56
C THR B 347 13.18 33.69 30.38
N THR B 348 12.51 32.56 30.54
CA THR B 348 11.29 32.44 31.32
C THR B 348 11.55 31.76 32.64
N LYS B 349 11.03 32.34 33.72
CA LYS B 349 11.11 31.79 35.07
C LYS B 349 9.72 31.65 35.65
N TYR B 350 9.42 30.52 36.26
CA TYR B 350 8.22 30.31 37.07
C TYR B 350 8.62 30.25 38.54
N VAL B 351 8.04 31.09 39.39
CA VAL B 351 8.36 31.15 40.81
C VAL B 351 7.15 30.74 41.63
N ALA B 352 7.30 29.64 42.37
CA ALA B 352 6.30 29.16 43.30
C ALA B 352 6.44 29.88 44.66
N VAL B 353 5.62 30.90 44.89
CA VAL B 353 5.60 31.62 46.17
C VAL B 353 4.87 30.82 47.24
N TYR B 354 3.89 30.01 46.84
CA TYR B 354 3.13 29.10 47.71
C TYR B 354 3.99 27.95 48.28
N ALA B 355 3.62 27.43 49.44
CA ALA B 355 4.11 26.15 49.96
C ALA B 355 3.31 24.97 49.37
N ASN B 356 3.91 23.79 49.27
CA ASN B 356 3.20 22.53 48.96
C ASN B 356 2.45 21.98 50.21
N VAL B 357 1.59 22.81 50.78
CA VAL B 357 0.75 22.48 51.93
C VAL B 357 -0.36 21.52 51.52
N GLY B 358 -0.46 20.38 52.22
CA GLY B 358 -1.39 19.31 51.85
C GLY B 358 -1.20 18.85 50.40
N ARG B 359 -2.28 18.40 49.77
CA ARG B 359 -2.26 17.91 48.38
C ARG B 359 -2.44 19.00 47.33
N TRP B 360 -2.23 20.27 47.69
CA TRP B 360 -2.24 21.36 46.72
C TRP B 360 -1.01 21.35 45.82
N SER B 361 -1.21 21.68 44.55
CA SER B 361 -0.19 21.86 43.52
C SER B 361 -0.60 23.02 42.60
N ALA B 362 0.34 23.65 41.91
CA ALA B 362 0.02 24.60 40.84
C ALA B 362 1.07 24.61 39.73
N SER B 363 0.66 25.04 38.54
CA SER B 363 1.47 25.00 37.33
C SER B 363 0.97 25.95 36.24
N ILE B 364 1.82 26.30 35.29
CA ILE B 364 1.36 26.71 33.95
C ILE B 364 1.06 25.45 33.14
N ASN B 365 0.15 25.50 32.18
CA ASN B 365 -0.03 24.45 31.17
C ASN B 365 0.04 25.08 29.78
N THR B 366 0.40 24.32 28.75
CA THR B 366 0.42 24.85 27.37
C THR B 366 -0.89 25.47 26.93
N GLY B 367 -2.02 24.98 27.46
CA GLY B 367 -3.35 25.47 27.15
C GLY B 367 -3.70 25.17 25.70
N ASN B 368 -3.40 26.11 24.80
CA ASN B 368 -3.57 25.95 23.36
C ASN B 368 -2.39 26.49 22.53
N CYS B 369 -1.25 26.76 23.15
CA CYS B 369 -0.06 27.29 22.48
C CYS B 369 0.79 26.20 21.81
N PRO B 370 1.53 26.53 20.73
CA PRO B 370 2.51 25.63 20.10
C PRO B 370 3.88 25.65 20.80
N PHE B 371 3.88 25.91 22.11
CA PHE B 371 5.02 25.85 23.01
C PHE B 371 4.51 25.87 24.46
N SER B 372 5.36 25.56 25.43
CA SER B 372 5.05 25.72 26.85
C SER B 372 5.90 26.82 27.47
N PHE B 373 5.35 27.53 28.43
CA PHE B 373 6.19 28.29 29.36
C PHE B 373 7.22 27.35 29.99
N GLY B 374 8.42 27.87 30.27
CA GLY B 374 9.59 27.05 30.60
C GLY B 374 10.25 26.49 29.34
N LYS B 375 9.54 25.69 28.55
CA LYS B 375 10.12 25.06 27.35
C LYS B 375 10.62 26.06 26.31
N VAL B 376 10.06 27.25 26.23
CA VAL B 376 10.61 28.30 25.35
C VAL B 376 12.04 28.67 25.68
N ASN B 377 12.58 28.33 26.85
CA ASN B 377 14.01 28.47 27.13
C ASN B 377 14.89 27.60 26.23
N ASN B 378 14.35 26.59 25.54
CA ASN B 378 15.09 25.70 24.66
C ASN B 378 15.23 26.26 23.24
N PHE B 379 15.78 27.46 23.08
CA PHE B 379 16.16 28.02 21.78
C PHE B 379 15.01 28.19 20.77
N VAL B 380 13.78 28.19 21.26
CA VAL B 380 12.59 28.51 20.47
C VAL B 380 12.68 29.96 20.00
N LYS B 381 12.28 30.23 18.75
CA LYS B 381 12.46 31.52 18.10
C LYS B 381 11.17 32.15 17.60
N PHE B 382 11.13 33.48 17.65
CA PHE B 382 9.98 34.30 17.30
C PHE B 382 10.43 35.57 16.58
N GLY B 383 9.58 36.14 15.74
CA GLY B 383 9.75 37.48 15.20
C GLY B 383 9.39 38.57 16.21
N SER B 384 8.51 38.25 17.15
CA SER B 384 8.06 39.11 18.24
C SER B 384 7.24 38.26 19.18
N VAL B 385 7.37 38.41 20.49
CA VAL B 385 6.50 37.70 21.44
C VAL B 385 6.15 38.60 22.60
N CYS B 386 4.90 38.52 23.06
CA CYS B 386 4.41 39.33 24.16
C CYS B 386 3.44 38.53 25.05
N PHE B 387 3.49 38.85 26.34
CA PHE B 387 2.81 38.19 27.43
C PHE B 387 1.93 39.20 28.18
N SER B 388 0.82 38.74 28.74
CA SER B 388 -0.06 39.57 29.55
C SER B 388 -0.84 38.76 30.57
N LEU B 389 -1.29 39.40 31.65
CA LEU B 389 -2.29 38.85 32.58
C LEU B 389 -3.70 39.42 32.35
N LYS B 390 -3.88 40.20 31.29
CA LYS B 390 -5.18 40.63 30.72
C LYS B 390 -5.24 40.15 29.28
N ASP B 391 -6.39 39.75 28.76
CA ASP B 391 -6.42 39.05 27.48
C ASP B 391 -5.87 39.91 26.32
N ILE B 392 -5.19 39.26 25.36
CA ILE B 392 -4.55 39.89 24.20
C ILE B 392 -4.95 39.17 22.92
N PRO B 393 -5.16 39.92 21.82
CA PRO B 393 -5.86 39.44 20.65
C PRO B 393 -5.01 38.51 19.78
N GLY B 394 -5.63 37.48 19.22
CA GLY B 394 -4.96 36.43 18.44
C GLY B 394 -4.05 35.49 19.25
N GLY B 395 -3.65 35.87 20.46
CA GLY B 395 -2.79 35.08 21.34
C GLY B 395 -3.49 33.85 21.92
N CYS B 396 -2.73 32.78 22.11
CA CYS B 396 -3.16 31.64 22.91
C CYS B 396 -3.12 32.00 24.40
N ALA B 397 -3.73 31.16 25.24
CA ALA B 397 -3.73 31.36 26.67
C ALA B 397 -3.30 30.07 27.35
N MET B 398 -2.43 30.23 28.34
CA MET B 398 -1.89 29.16 29.15
C MET B 398 -2.56 29.28 30.50
N PRO B 399 -3.29 28.28 30.98
CA PRO B 399 -3.98 28.41 32.24
C PRO B 399 -3.02 28.20 33.40
N ILE B 400 -3.01 29.14 34.33
CA ILE B 400 -2.30 28.99 35.60
C ILE B 400 -3.25 28.21 36.49
N VAL B 401 -3.01 26.90 36.59
CA VAL B 401 -3.93 25.99 37.26
C VAL B 401 -3.37 25.63 38.61
N ALA B 402 -4.14 25.88 39.65
CA ALA B 402 -3.97 25.20 40.92
C ALA B 402 -4.84 23.95 40.91
N ASN B 403 -4.43 22.91 41.62
CA ASN B 403 -5.29 21.77 41.86
C ASN B 403 -5.04 21.18 43.25
N TRP B 404 -6.05 20.52 43.78
CA TRP B 404 -5.98 19.73 45.00
C TRP B 404 -6.12 18.25 44.65
N ALA B 405 -5.17 17.46 45.11
CA ALA B 405 -5.15 16.00 44.98
C ALA B 405 -5.27 15.48 43.54
N TYR B 406 -4.94 16.28 42.53
CA TYR B 406 -5.20 15.98 41.12
C TYR B 406 -6.66 15.62 40.84
N SER B 407 -7.56 16.10 41.70
CA SER B 407 -8.97 15.70 41.75
C SER B 407 -9.93 16.90 41.72
N LYS B 408 -9.48 18.09 42.15
CA LYS B 408 -10.20 19.34 41.92
C LYS B 408 -9.24 20.39 41.37
N TYR B 409 -9.63 21.11 40.33
CA TYR B 409 -8.76 21.99 39.55
C TYR B 409 -9.39 23.36 39.37
N TYR B 410 -8.58 24.40 39.51
CA TYR B 410 -9.02 25.79 39.47
C TYR B 410 -8.05 26.60 38.63
N THR B 411 -8.56 27.34 37.65
CA THR B 411 -7.72 28.28 36.89
C THR B 411 -7.54 29.54 37.73
N ILE B 412 -6.65 29.49 38.72
CA ILE B 412 -6.39 30.62 39.61
C ILE B 412 -5.95 31.87 38.85
N GLY B 413 -5.41 31.70 37.66
CA GLY B 413 -5.35 32.75 36.65
C GLY B 413 -5.09 32.14 35.29
N THR B 414 -4.75 32.98 34.32
CA THR B 414 -4.18 32.53 33.06
C THR B 414 -3.16 33.55 32.61
N LEU B 415 -2.22 33.07 31.81
CA LEU B 415 -1.22 33.87 31.13
C LEU B 415 -1.60 33.91 29.66
N TYR B 416 -1.70 35.09 29.09
CA TYR B 416 -2.05 35.27 27.69
C TYR B 416 -0.78 35.58 26.93
N VAL B 417 -0.52 34.85 25.85
CA VAL B 417 0.72 34.98 25.09
C VAL B 417 0.44 35.05 23.60
N SER B 418 1.18 35.91 22.93
CA SER B 418 0.99 36.30 21.54
C SER B 418 2.32 36.43 20.86
N TRP B 419 2.41 36.09 19.58
CA TRP B 419 3.68 36.10 18.89
C TRP B 419 3.55 36.24 17.38
N SER B 420 4.65 36.65 16.78
CA SER B 420 4.95 36.46 15.37
C SER B 420 5.96 35.33 15.26
N ASP B 421 5.76 34.41 14.34
CA ASP B 421 6.86 33.57 13.85
C ASP B 421 7.95 34.41 13.16
N GLY B 422 9.00 33.75 12.70
CA GLY B 422 10.26 34.39 12.31
C GLY B 422 11.27 34.33 13.44
N ASP B 423 12.20 35.28 13.48
CA ASP B 423 13.33 35.27 14.40
C ASP B 423 13.86 36.68 14.71
N GLY B 424 15.05 36.76 15.32
CA GLY B 424 15.54 37.96 16.00
C GLY B 424 15.23 37.94 17.50
N ILE B 425 14.20 37.20 17.92
CA ILE B 425 13.93 36.87 19.32
C ILE B 425 14.20 35.38 19.53
N THR B 426 15.05 35.02 20.49
CA THR B 426 15.33 33.64 20.88
C THR B 426 15.13 33.47 22.38
N GLY B 427 14.47 32.39 22.79
CA GLY B 427 14.37 32.04 24.21
C GLY B 427 15.54 31.13 24.62
N VAL B 428 16.18 31.37 25.75
CA VAL B 428 17.45 30.71 26.10
C VAL B 428 17.53 30.31 27.58
N PRO B 429 18.37 29.33 27.96
CA PRO B 429 18.39 28.80 29.32
C PRO B 429 18.84 29.78 30.39
N GLN B 430 19.82 30.64 30.12
CA GLN B 430 20.50 31.47 31.12
C GLN B 430 21.14 32.74 30.49
N PRO B 431 21.50 33.75 31.28
CA PRO B 431 22.01 35.05 30.83
C PRO B 431 23.17 35.05 29.82
N VAL B 432 23.27 36.17 29.09
CA VAL B 432 24.22 36.47 28.00
C VAL B 432 24.59 37.97 28.00
N GLU B 433 25.74 38.35 27.42
CA GLU B 433 26.24 39.76 27.44
C GLU B 433 27.06 40.16 26.19
N GLY B 434 27.00 41.44 25.81
CA GLY B 434 27.92 42.10 24.87
C GLY B 434 27.75 41.74 23.38
N VAL B 435 28.80 41.97 22.59
CA VAL B 435 28.83 41.63 21.15
C VAL B 435 29.33 40.19 20.92
N SER B 436 30.35 39.75 21.65
CA SER B 436 30.93 38.39 21.52
C SER B 436 29.99 37.30 22.04
N SER B 437 29.78 36.25 21.25
CA SER B 437 28.88 35.12 21.56
C SER B 437 29.61 33.78 21.65
N PHE B 438 29.41 33.05 22.76
CA PHE B 438 30.03 31.73 22.92
C PHE B 438 29.43 30.67 21.99
N MET B 439 30.30 29.74 21.61
CA MET B 439 30.01 28.42 21.05
C MET B 439 30.40 27.40 22.11
N ASN B 440 29.48 26.56 22.54
CA ASN B 440 29.74 25.56 23.56
C ASN B 440 29.52 24.17 22.99
N VAL B 441 30.54 23.34 22.94
CA VAL B 441 30.51 22.05 22.24
C VAL B 441 31.15 20.96 23.08
N THR B 442 30.59 19.76 23.04
CA THR B 442 31.12 18.59 23.74
C THR B 442 31.52 17.53 22.75
N LEU B 443 32.79 17.54 22.32
CA LEU B 443 33.26 16.62 21.30
C LEU B 443 33.21 15.15 21.75
N ASP B 444 33.01 14.24 20.80
CA ASP B 444 33.22 12.80 20.97
C ASP B 444 32.39 12.10 22.04
N LYS B 445 31.33 12.73 22.56
CA LYS B 445 30.42 12.13 23.54
C LYS B 445 29.00 12.37 23.10
N CYS B 446 28.08 11.42 23.24
CA CYS B 446 26.72 11.68 22.78
C CYS B 446 26.12 12.85 23.55
N THR B 447 25.53 13.79 22.83
CA THR B 447 25.22 15.15 23.25
C THR B 447 23.88 15.57 22.72
N LYS B 448 23.15 16.41 23.44
CA LYS B 448 21.93 17.01 22.93
C LYS B 448 22.28 18.41 22.45
N TYR B 449 21.99 18.70 21.20
CA TYR B 449 22.56 19.87 20.56
C TYR B 449 21.51 20.81 20.03
N ASN B 450 21.83 22.09 20.01
CA ASN B 450 21.07 23.08 19.29
C ASN B 450 22.04 23.97 18.55
N ILE B 451 22.25 23.65 17.29
CA ILE B 451 23.31 24.18 16.44
C ILE B 451 22.66 25.02 15.36
N TYR B 452 22.98 26.30 15.27
CA TYR B 452 22.41 27.21 14.30
C TYR B 452 20.89 27.03 14.16
N ASP B 453 20.18 26.90 15.28
CA ASP B 453 18.74 26.68 15.29
C ASP B 453 18.28 25.39 14.56
N VAL B 454 19.06 24.34 14.68
CA VAL B 454 18.68 22.95 14.38
C VAL B 454 18.99 22.13 15.61
N SER B 455 18.13 21.21 16.02
CA SER B 455 18.34 20.43 17.24
C SER B 455 18.09 18.95 17.09
N GLY B 456 18.72 18.18 17.96
CA GLY B 456 18.74 16.73 17.92
C GLY B 456 19.67 16.18 18.97
N VAL B 457 20.00 14.90 18.85
CA VAL B 457 20.96 14.22 19.70
C VAL B 457 21.97 13.50 18.84
N GLY B 458 23.25 13.56 19.17
CA GLY B 458 24.28 12.88 18.42
C GLY B 458 25.66 13.15 18.98
N VAL B 459 26.68 12.67 18.29
CA VAL B 459 28.07 12.87 18.64
C VAL B 459 28.61 13.93 17.73
N ILE B 460 29.20 14.98 18.28
CA ILE B 460 29.79 16.04 17.48
C ILE B 460 31.27 15.76 17.42
N ARG B 461 31.85 15.74 16.23
CA ARG B 461 33.28 15.48 16.09
C ARG B 461 33.92 16.39 15.07
N VAL B 462 35.09 16.93 15.37
CA VAL B 462 35.88 17.70 14.41
C VAL B 462 36.31 16.81 13.27
N SER B 463 36.33 17.32 12.04
CA SER B 463 36.50 16.48 10.87
C SER B 463 37.50 17.05 9.88
N ASN B 464 37.97 16.16 9.03
CA ASN B 464 39.05 16.41 8.11
C ASN B 464 38.64 17.21 6.87
N ASP B 465 37.34 17.34 6.62
CA ASP B 465 36.84 18.03 5.43
C ASP B 465 37.12 19.53 5.48
N THR B 466 37.22 20.15 4.30
CA THR B 466 37.08 21.59 4.13
C THR B 466 36.11 21.85 3.00
N PHE B 467 35.17 22.74 3.26
CA PHE B 467 34.13 23.17 2.34
C PHE B 467 34.03 24.67 2.46
N LEU B 468 33.90 25.38 1.34
CA LEU B 468 33.68 26.81 1.41
C LEU B 468 32.22 27.13 1.70
N ASN B 469 31.30 26.40 1.08
CA ASN B 469 29.89 26.73 1.10
C ASN B 469 29.27 26.59 2.50
N GLY B 470 28.29 27.43 2.80
CA GLY B 470 27.29 27.18 3.83
C GLY B 470 27.81 27.30 5.26
N ILE B 471 26.95 26.94 6.21
CA ILE B 471 27.31 26.81 7.63
C ILE B 471 26.74 25.55 8.27
N THR B 472 25.67 24.97 7.75
CA THR B 472 25.14 23.68 8.15
C THR B 472 25.03 22.79 6.96
N TYR B 473 25.22 21.50 7.15
CA TYR B 473 25.17 20.53 6.08
C TYR B 473 24.16 19.47 6.44
N THR B 474 23.36 19.03 5.48
CA THR B 474 22.25 18.12 5.77
C THR B 474 22.06 17.08 4.71
N SER B 475 21.46 15.98 5.10
CA SER B 475 21.02 14.91 4.21
C SER B 475 19.76 15.30 3.46
N THR B 476 19.30 14.40 2.58
CA THR B 476 17.98 14.52 1.97
C THR B 476 16.88 14.52 3.01
N SER B 477 17.00 13.72 4.06
CA SER B 477 16.06 13.66 5.18
C SER B 477 16.09 14.87 6.10
N GLY B 478 16.89 15.88 5.81
CA GLY B 478 16.94 17.10 6.61
C GLY B 478 17.63 16.94 7.96
N ASN B 479 18.22 15.79 8.25
CA ASN B 479 19.07 15.65 9.41
C ASN B 479 20.35 16.43 9.22
N LEU B 480 20.87 17.00 10.30
CA LEU B 480 22.17 17.62 10.32
C LEU B 480 23.24 16.55 10.18
N LEU B 481 24.15 16.72 9.23
CA LEU B 481 25.32 15.86 9.04
C LEU B 481 26.59 16.53 9.49
N GLY B 482 26.62 17.85 9.59
CA GLY B 482 27.76 18.60 10.08
C GLY B 482 27.47 20.08 10.10
N PHE B 483 28.40 20.86 10.60
CA PHE B 483 28.29 22.30 10.63
C PHE B 483 29.67 22.93 10.68
N LYS B 484 29.76 24.21 10.39
CA LYS B 484 30.99 24.97 10.32
C LYS B 484 31.04 25.95 11.48
N ASP B 485 32.11 26.00 12.26
CA ASP B 485 32.30 27.10 13.20
C ASP B 485 32.65 28.36 12.41
N VAL B 486 31.66 29.23 12.24
CA VAL B 486 31.77 30.39 11.37
C VAL B 486 32.91 31.33 11.75
N THR B 487 33.30 31.35 13.02
CA THR B 487 34.36 32.23 13.51
C THR B 487 35.75 31.72 13.15
N LYS B 488 35.89 30.42 12.91
CA LYS B 488 37.18 29.73 12.92
C LYS B 488 37.43 28.87 11.69
N GLY B 489 36.39 28.50 10.96
CA GLY B 489 36.51 27.75 9.70
C GLY B 489 36.73 26.25 9.89
N THR B 490 36.57 25.72 11.10
CA THR B 490 36.58 24.28 11.36
C THR B 490 35.26 23.66 10.98
N ILE B 491 35.28 22.44 10.46
CA ILE B 491 34.09 21.69 10.11
C ILE B 491 33.92 20.51 11.05
N TYR B 492 32.74 20.41 11.63
CA TYR B 492 32.36 19.37 12.56
C TYR B 492 31.30 18.51 11.93
N SER B 493 31.30 17.23 12.25
CA SER B 493 30.39 16.24 11.71
C SER B 493 29.55 15.67 12.81
N ILE B 494 28.31 15.35 12.53
CA ILE B 494 27.39 14.76 13.49
C ILE B 494 27.19 13.30 13.13
N THR B 495 27.51 12.42 14.04
CA THR B 495 27.17 11.00 13.92
C THR B 495 26.06 10.74 14.91
N PRO B 496 24.93 10.12 14.57
CA PRO B 496 23.97 9.78 15.59
C PRO B 496 24.61 8.74 16.49
N CYS B 497 24.64 8.94 17.81
CA CYS B 497 25.07 7.86 18.68
C CYS B 497 24.05 6.74 18.61
N ASN B 498 24.46 5.49 18.86
CA ASN B 498 23.64 4.31 18.62
C ASN B 498 22.88 4.33 17.28
N PRO B 499 23.56 4.31 16.14
CA PRO B 499 22.93 3.90 14.90
C PRO B 499 22.59 2.42 14.99
N PRO B 500 21.70 1.86 14.17
CA PRO B 500 21.31 0.49 14.30
C PRO B 500 22.47 -0.45 14.00
N ASP B 501 22.71 -1.38 14.92
CA ASP B 501 23.47 -2.58 14.65
C ASP B 501 22.51 -3.65 14.16
N GLN B 502 23.03 -4.82 13.83
CA GLN B 502 22.21 -5.95 13.47
C GLN B 502 22.69 -7.21 14.16
N LEU B 503 21.77 -7.98 14.71
CA LEU B 503 22.02 -9.11 15.57
C LEU B 503 21.69 -10.38 14.83
N VAL B 504 22.51 -11.41 14.97
CA VAL B 504 22.24 -12.72 14.42
C VAL B 504 21.70 -13.56 15.56
N VAL B 505 20.48 -14.05 15.44
CA VAL B 505 19.85 -14.89 16.43
C VAL B 505 19.79 -16.30 15.90
N TYR B 506 20.19 -17.28 16.69
CA TYR B 506 20.07 -18.67 16.31
C TYR B 506 19.83 -19.52 17.55
N GLN B 507 18.72 -20.25 17.57
CA GLN B 507 18.23 -20.96 18.75
C GLN B 507 18.13 -20.06 19.98
N GLN B 508 17.55 -18.89 19.78
CA GLN B 508 17.17 -17.97 20.86
C GLN B 508 18.32 -17.57 21.78
N ALA B 509 19.48 -17.34 21.18
CA ALA B 509 20.54 -16.55 21.73
C ALA B 509 21.10 -15.71 20.62
N VAL B 510 21.66 -14.54 20.94
CA VAL B 510 22.35 -13.73 19.95
C VAL B 510 23.72 -14.33 19.75
N VAL B 511 23.96 -14.98 18.63
CA VAL B 511 25.21 -15.69 18.41
C VAL B 511 26.31 -14.78 17.89
N GLY B 512 25.96 -13.64 17.32
CA GLY B 512 26.89 -12.66 16.82
C GLY B 512 26.19 -11.38 16.39
N ALA B 513 26.93 -10.34 16.05
CA ALA B 513 26.38 -9.07 15.63
C ALA B 513 27.23 -8.42 14.56
N MET B 514 26.60 -7.61 13.73
CA MET B 514 27.23 -6.85 12.66
C MET B 514 27.25 -5.39 13.04
N LEU B 515 28.43 -4.79 13.01
CA LEU B 515 28.71 -3.50 13.60
C LEU B 515 29.31 -2.56 12.57
N SER B 516 28.99 -1.28 12.68
CA SER B 516 29.64 -0.22 11.94
C SER B 516 30.97 0.25 12.56
N GLU B 517 31.46 -0.39 13.62
CA GLU B 517 32.73 -0.04 14.25
C GLU B 517 33.44 -1.21 14.92
N ASN B 518 34.76 -1.10 15.04
CA ASN B 518 35.65 -2.20 15.33
C ASN B 518 35.80 -2.54 16.81
N PHE B 519 34.72 -2.63 17.59
CA PHE B 519 34.84 -3.11 18.97
C PHE B 519 33.61 -3.88 19.45
N THR B 520 33.83 -4.75 20.43
CA THR B 520 32.91 -5.81 20.84
C THR B 520 31.71 -5.29 21.65
N SER B 521 30.71 -4.79 20.96
CA SER B 521 29.39 -4.58 21.55
C SER B 521 28.78 -5.91 22.01
N TYR B 522 27.74 -5.86 22.83
CA TYR B 522 26.98 -7.05 23.24
C TYR B 522 27.81 -8.11 23.96
N GLY B 523 28.98 -7.76 24.47
CA GLY B 523 29.80 -8.66 25.28
C GLY B 523 30.44 -9.80 24.50
N PHE B 524 30.55 -9.73 23.18
CA PHE B 524 31.26 -10.75 22.41
C PHE B 524 32.77 -10.72 22.60
N SER B 525 33.41 -11.83 22.27
CA SER B 525 34.81 -12.07 22.52
C SER B 525 35.74 -11.41 21.52
N ASN B 526 35.42 -11.45 20.23
CA ASN B 526 36.31 -10.95 19.19
C ASN B 526 35.57 -10.34 18.00
N VAL B 527 36.27 -9.52 17.23
CA VAL B 527 35.76 -8.85 16.03
C VAL B 527 36.62 -9.20 14.83
N VAL B 528 36.01 -9.32 13.66
CA VAL B 528 36.69 -9.43 12.39
C VAL B 528 36.18 -8.39 11.41
N GLU B 529 37.04 -7.84 10.57
CA GLU B 529 36.58 -7.01 9.46
C GLU B 529 36.06 -7.88 8.33
N LEU B 530 35.05 -7.39 7.65
CA LEU B 530 34.49 -7.96 6.44
C LEU B 530 34.30 -6.82 5.43
N PRO B 531 34.10 -7.13 4.14
CA PRO B 531 34.12 -6.15 3.08
C PRO B 531 33.28 -4.89 3.30
N LYS B 532 32.20 -4.95 4.06
CA LYS B 532 31.25 -3.84 4.22
C LYS B 532 30.81 -3.55 5.65
N PHE B 533 31.28 -4.29 6.65
CA PHE B 533 30.92 -4.16 8.06
C PHE B 533 31.92 -4.90 8.93
N PHE B 534 31.95 -4.64 10.23
CA PHE B 534 32.63 -5.51 11.18
C PHE B 534 31.67 -6.55 11.71
N TYR B 535 32.17 -7.70 12.14
CA TYR B 535 31.36 -8.73 12.73
C TYR B 535 31.94 -9.19 14.04
N ALA B 536 31.11 -9.35 15.06
CA ALA B 536 31.55 -9.60 16.43
C ALA B 536 30.87 -10.84 16.97
N SER B 537 31.61 -11.70 17.66
CA SER B 537 31.11 -13.02 18.02
C SER B 537 31.93 -13.68 19.12
N ASN B 538 31.43 -14.78 19.67
CA ASN B 538 32.27 -15.73 20.39
C ASN B 538 32.73 -16.85 19.46
N GLY B 539 32.94 -16.53 18.19
CA GLY B 539 33.29 -17.53 17.20
C GLY B 539 34.72 -17.99 17.38
N THR B 540 34.92 -19.29 17.54
CA THR B 540 36.15 -19.94 17.10
C THR B 540 36.07 -20.05 15.59
N TYR B 541 37.07 -19.62 14.82
CA TYR B 541 36.96 -19.62 13.36
C TYR B 541 37.35 -20.97 12.76
N ASN B 542 36.67 -22.00 13.24
CA ASN B 542 36.94 -23.40 12.98
C ASN B 542 35.63 -24.18 12.81
N CYS B 543 34.83 -23.74 11.84
CA CYS B 543 33.58 -24.38 11.44
C CYS B 543 33.38 -24.23 9.94
N THR B 544 32.56 -25.10 9.36
CA THR B 544 32.37 -25.17 7.90
C THR B 544 30.92 -25.35 7.47
N ASP B 545 30.00 -25.60 8.40
CA ASP B 545 28.59 -25.81 8.11
C ASP B 545 27.78 -24.61 8.61
N ALA B 546 27.07 -23.91 7.73
CA ALA B 546 26.34 -22.69 8.05
C ALA B 546 24.89 -22.98 8.41
N VAL B 547 24.43 -22.52 9.56
CA VAL B 547 23.02 -22.65 9.98
C VAL B 547 22.16 -21.53 9.47
N LEU B 548 22.74 -20.41 9.05
CA LEU B 548 22.07 -19.26 8.47
C LEU B 548 22.91 -18.72 7.34
N THR B 549 22.29 -18.06 6.37
CA THR B 549 23.00 -17.37 5.30
C THR B 549 22.37 -16.04 4.98
N TYR B 550 23.21 -15.09 4.62
CA TYR B 550 22.89 -13.68 4.48
C TYR B 550 23.77 -13.16 3.37
N SER B 551 23.22 -13.02 2.17
CA SER B 551 24.03 -12.76 1.00
C SER B 551 25.16 -13.79 0.85
N SER B 552 26.39 -13.37 0.59
CA SER B 552 27.56 -14.24 0.43
C SER B 552 28.04 -14.92 1.72
N PHE B 553 27.50 -14.54 2.88
CA PHE B 553 28.03 -14.90 4.19
C PHE B 553 27.15 -15.94 4.89
N GLY B 554 27.76 -17.03 5.33
CA GLY B 554 27.12 -18.02 6.17
C GLY B 554 27.56 -17.91 7.61
N VAL B 555 26.66 -18.06 8.57
CA VAL B 555 26.99 -18.11 9.98
C VAL B 555 26.81 -19.52 10.47
N CYS B 556 27.81 -20.10 11.13
CA CYS B 556 27.69 -21.43 11.69
C CYS B 556 27.16 -21.39 13.13
N ALA B 557 26.81 -22.54 13.71
CA ALA B 557 26.14 -22.59 15.00
C ALA B 557 26.93 -21.95 16.15
N ASP B 558 28.25 -21.89 16.08
CA ASP B 558 29.10 -21.18 17.04
C ASP B 558 28.99 -19.67 16.98
N GLY B 559 28.19 -19.13 16.05
CA GLY B 559 28.14 -17.72 15.70
C GLY B 559 29.29 -17.27 14.82
N SER B 560 30.30 -18.09 14.62
CA SER B 560 31.42 -17.80 13.74
C SER B 560 30.99 -17.69 12.29
N ILE B 561 31.60 -16.78 11.51
CA ILE B 561 31.14 -16.39 10.18
C ILE B 561 32.10 -16.86 9.10
N ILE B 562 31.56 -17.32 7.98
CA ILE B 562 32.31 -17.91 6.87
C ILE B 562 31.74 -17.47 5.53
N ALA B 563 32.53 -17.53 4.47
CA ALA B 563 32.05 -17.38 3.10
C ALA B 563 31.58 -18.73 2.52
N VAL B 564 30.75 -18.72 1.48
CA VAL B 564 30.19 -19.94 0.84
C VAL B 564 30.20 -19.89 -0.69
N GLN B 565 30.13 -21.05 -1.34
CA GLN B 565 30.21 -21.23 -2.79
C GLN B 565 29.06 -22.06 -3.34
N SER B 575 38.18 -39.48 -14.15
CA SER B 575 39.11 -40.22 -13.30
C SER B 575 39.18 -41.72 -13.65
N ALA B 576 38.14 -42.25 -14.30
CA ALA B 576 38.18 -43.52 -15.04
C ALA B 576 39.22 -43.48 -16.18
N ILE B 577 39.63 -42.27 -16.58
CA ILE B 577 40.76 -41.99 -17.47
C ILE B 577 42.09 -42.55 -16.92
N VAL B 578 42.26 -42.64 -15.59
CA VAL B 578 43.53 -42.85 -14.89
C VAL B 578 43.57 -44.16 -14.10
N THR B 579 44.63 -44.97 -14.27
CA THR B 579 44.98 -46.04 -13.32
C THR B 579 45.47 -45.37 -12.03
N ALA B 580 44.63 -45.49 -11.00
CA ALA B 580 44.52 -44.53 -9.92
C ALA B 580 44.14 -45.14 -8.57
N ASN B 581 44.47 -44.41 -7.49
CA ASN B 581 43.99 -44.71 -6.14
C ASN B 581 43.09 -43.53 -5.72
N LEU B 582 41.87 -43.90 -5.34
CA LEU B 582 40.65 -43.09 -5.24
C LEU B 582 39.85 -43.64 -4.07
N SER B 583 39.08 -42.81 -3.38
CA SER B 583 38.60 -43.09 -2.02
C SER B 583 37.08 -43.13 -2.03
N ILE B 584 36.57 -44.25 -1.55
CA ILE B 584 35.29 -44.86 -1.91
C ILE B 584 34.66 -45.45 -0.62
N PRO B 585 33.35 -45.34 -0.39
CA PRO B 585 32.72 -45.93 0.79
C PRO B 585 32.48 -47.43 0.65
N SER B 586 33.20 -48.28 1.39
CA SER B 586 32.96 -49.74 1.31
C SER B 586 31.68 -50.18 2.04
N ASN B 587 30.98 -49.24 2.65
CA ASN B 587 29.75 -49.42 3.40
C ASN B 587 28.86 -48.19 3.17
N TRP B 588 27.55 -48.35 3.23
CA TRP B 588 26.58 -47.32 2.90
C TRP B 588 25.61 -47.19 4.06
N THR B 589 25.33 -45.94 4.42
CA THR B 589 24.52 -45.54 5.56
C THR B 589 23.48 -44.56 5.07
N ILE B 590 22.33 -44.52 5.73
CA ILE B 590 21.21 -43.69 5.30
C ILE B 590 20.72 -42.78 6.39
N SER B 591 20.30 -41.61 5.94
CA SER B 591 19.92 -40.48 6.74
C SER B 591 18.57 -40.02 6.24
N VAL B 592 17.72 -39.54 7.14
CA VAL B 592 16.43 -38.97 6.78
C VAL B 592 16.47 -37.49 7.08
N GLN B 593 16.07 -36.69 6.11
CA GLN B 593 16.29 -35.24 6.08
C GLN B 593 14.98 -34.58 5.79
N VAL B 594 14.75 -33.45 6.45
CA VAL B 594 13.40 -32.94 6.65
C VAL B 594 13.32 -31.53 6.14
N GLU B 595 12.24 -31.22 5.47
CA GLU B 595 12.07 -29.98 4.76
C GLU B 595 10.61 -29.60 4.85
N TYR B 596 10.29 -28.32 4.95
CA TYR B 596 8.92 -27.86 5.09
C TYR B 596 8.66 -26.80 4.04
N LEU B 597 7.52 -26.90 3.40
CA LEU B 597 7.03 -25.91 2.46
C LEU B 597 5.63 -25.51 2.88
N GLN B 598 5.39 -24.20 2.97
CA GLN B 598 4.06 -23.70 3.19
C GLN B 598 3.25 -23.93 1.92
N ILE B 599 2.06 -24.49 2.02
CA ILE B 599 1.20 -24.74 0.86
C ILE B 599 0.15 -23.69 0.70
N THR B 600 -0.28 -23.08 1.80
CA THR B 600 -1.44 -22.19 1.82
C THR B 600 -1.33 -21.18 2.94
N SER B 601 -2.14 -20.14 2.92
CA SER B 601 -2.42 -19.41 4.15
C SER B 601 -3.93 -19.32 4.33
N THR B 602 -4.38 -19.51 5.56
CA THR B 602 -5.80 -19.44 5.92
C THR B 602 -6.40 -18.14 5.42
N PRO B 603 -7.37 -18.18 4.51
CA PRO B 603 -7.87 -16.97 3.92
C PRO B 603 -8.60 -16.11 4.92
N ILE B 604 -8.38 -14.79 4.90
CA ILE B 604 -9.04 -13.87 5.80
C ILE B 604 -9.87 -12.90 4.99
N VAL B 605 -11.14 -12.76 5.32
CA VAL B 605 -12.09 -11.86 4.70
C VAL B 605 -12.58 -10.88 5.74
N VAL B 606 -12.55 -9.59 5.46
CA VAL B 606 -12.97 -8.56 6.41
C VAL B 606 -14.25 -7.91 5.94
N ASP B 607 -15.25 -7.75 6.80
CA ASP B 607 -16.41 -6.93 6.51
C ASP B 607 -16.04 -5.47 6.73
N CYS B 608 -15.71 -4.77 5.66
CA CYS B 608 -15.12 -3.45 5.74
C CYS B 608 -15.99 -2.48 6.50
N SER B 609 -17.30 -2.52 6.30
CA SER B 609 -18.24 -1.67 7.03
C SER B 609 -18.14 -1.89 8.52
N THR B 610 -18.11 -3.13 8.99
CA THR B 610 -18.01 -3.42 10.41
C THR B 610 -16.66 -3.07 10.98
N TYR B 611 -15.59 -3.25 10.22
CA TYR B 611 -14.27 -2.90 10.72
C TYR B 611 -14.16 -1.41 10.91
N VAL B 612 -14.57 -0.64 9.92
CA VAL B 612 -14.42 0.81 9.95
C VAL B 612 -15.36 1.45 10.97
N CYS B 613 -16.63 1.09 10.96
CA CYS B 613 -17.64 1.76 11.77
C CYS B 613 -18.01 1.09 13.07
N ASN B 614 -17.50 -0.09 13.39
CA ASN B 614 -17.86 -0.78 14.63
C ASN B 614 -19.38 -0.95 14.83
N GLY B 615 -20.13 -1.02 13.73
CA GLY B 615 -21.57 -1.18 13.71
C GLY B 615 -22.38 0.08 13.99
N ASN B 616 -21.76 1.22 14.26
CA ASN B 616 -22.49 2.45 14.55
C ASN B 616 -23.25 2.95 13.32
N VAL B 617 -24.55 3.20 13.46
CA VAL B 617 -25.41 3.45 12.30
C VAL B 617 -25.11 4.77 11.60
N ARG B 618 -24.81 5.85 12.33
CA ARG B 618 -24.49 7.14 11.70
C ARG B 618 -23.21 7.03 10.91
N CYS B 619 -22.23 6.32 11.43
CA CYS B 619 -20.98 6.11 10.73
C CYS B 619 -21.22 5.41 9.42
N VAL B 620 -22.07 4.38 9.37
CA VAL B 620 -22.30 3.66 8.12
C VAL B 620 -22.90 4.58 7.07
N GLU B 621 -23.83 5.46 7.43
CA GLU B 621 -24.35 6.43 6.46
C GLU B 621 -23.29 7.37 5.92
N LEU B 622 -22.32 7.74 6.74
CA LEU B 622 -21.20 8.58 6.34
C LEU B 622 -20.20 7.80 5.50
N LEU B 623 -20.00 6.52 5.78
CA LEU B 623 -19.09 5.66 5.06
C LEU B 623 -19.53 5.46 3.62
N LYS B 624 -20.83 5.50 3.32
CA LYS B 624 -21.32 5.42 1.94
C LYS B 624 -20.71 6.48 1.02
N GLN B 625 -20.36 7.66 1.53
CA GLN B 625 -19.73 8.71 0.75
C GLN B 625 -18.34 8.35 0.24
N TYR B 626 -17.71 7.32 0.80
CA TYR B 626 -16.40 6.83 0.37
C TYR B 626 -16.59 5.84 -0.76
N THR B 627 -17.10 6.35 -1.88
CA THR B 627 -17.63 5.57 -2.99
C THR B 627 -16.69 4.44 -3.36
N SER B 628 -17.16 3.20 -3.27
CA SER B 628 -16.43 1.98 -3.59
C SER B 628 -15.14 1.72 -2.80
N ALA B 629 -14.81 2.51 -1.78
CA ALA B 629 -13.62 2.26 -0.99
C ALA B 629 -13.70 0.92 -0.28
N CYS B 630 -14.79 0.62 0.42
CA CYS B 630 -14.92 -0.72 0.97
C CYS B 630 -14.98 -1.78 -0.10
N LYS B 631 -15.72 -1.56 -1.17
CA LYS B 631 -15.89 -2.54 -2.24
C LYS B 631 -14.55 -3.00 -2.77
N THR B 632 -13.63 -2.09 -3.05
CA THR B 632 -12.32 -2.50 -3.58
C THR B 632 -11.46 -3.22 -2.57
N ILE B 633 -11.57 -2.90 -1.28
CA ILE B 633 -10.78 -3.61 -0.27
C ILE B 633 -11.29 -5.02 -0.15
N GLU B 634 -12.58 -5.17 0.10
CA GLU B 634 -13.10 -6.47 0.43
C GLU B 634 -13.18 -7.39 -0.77
N ASP B 635 -13.41 -6.87 -1.97
CA ASP B 635 -13.29 -7.73 -3.14
C ASP B 635 -11.86 -8.16 -3.43
N ALA B 636 -10.82 -7.39 -3.13
CA ALA B 636 -9.46 -7.89 -3.31
C ALA B 636 -9.19 -9.09 -2.41
N LEU B 637 -9.62 -9.03 -1.15
CA LEU B 637 -9.53 -10.16 -0.24
C LEU B 637 -10.35 -11.35 -0.68
N ARG B 638 -11.56 -11.13 -1.20
CA ARG B 638 -12.41 -12.22 -1.64
C ARG B 638 -11.87 -12.92 -2.87
N ASN B 639 -11.43 -12.16 -3.87
CA ASN B 639 -10.87 -12.77 -5.07
C ASN B 639 -9.65 -13.59 -4.75
N SER B 640 -8.74 -13.07 -3.96
CA SER B 640 -7.54 -13.82 -3.61
C SER B 640 -7.85 -15.05 -2.76
N ALA B 641 -8.83 -14.99 -1.86
CA ALA B 641 -9.28 -16.19 -1.14
C ALA B 641 -9.84 -17.26 -2.07
N ARG B 642 -10.60 -16.86 -3.07
CA ARG B 642 -11.17 -17.77 -4.07
C ARG B 642 -10.09 -18.47 -4.87
N LEU B 643 -9.02 -17.77 -5.24
CA LEU B 643 -7.86 -18.36 -5.91
C LEU B 643 -7.08 -19.33 -5.03
N GLU B 644 -6.82 -19.01 -3.77
CA GLU B 644 -6.20 -19.98 -2.85
C GLU B 644 -7.05 -21.23 -2.71
N SER B 645 -8.35 -21.07 -2.54
CA SER B 645 -9.23 -22.20 -2.38
C SER B 645 -9.22 -23.08 -3.62
N ALA B 646 -9.23 -22.48 -4.81
CA ALA B 646 -9.16 -23.24 -6.04
C ALA B 646 -7.85 -24.00 -6.17
N ASP B 647 -6.72 -23.33 -5.98
CA ASP B 647 -5.42 -23.95 -6.18
C ASP B 647 -5.14 -25.08 -5.22
N VAL B 648 -5.39 -24.89 -3.94
CA VAL B 648 -5.14 -25.95 -2.98
C VAL B 648 -6.12 -27.09 -3.20
N SER B 649 -7.37 -26.79 -3.51
CA SER B 649 -8.35 -27.85 -3.76
C SER B 649 -8.02 -28.66 -5.02
N GLU B 650 -7.39 -28.04 -6.01
CA GLU B 650 -6.86 -28.72 -7.18
C GLU B 650 -5.68 -29.62 -6.82
N MET B 651 -4.76 -29.13 -5.99
CA MET B 651 -3.56 -29.88 -5.62
C MET B 651 -3.86 -31.12 -4.79
N LEU B 652 -4.76 -31.06 -3.82
CA LEU B 652 -5.03 -32.15 -2.89
C LEU B 652 -5.90 -33.25 -3.50
N THR B 653 -5.33 -34.03 -4.41
CA THR B 653 -5.93 -35.22 -5.01
C THR B 653 -6.20 -36.34 -4.00
N PHE B 654 -6.82 -37.43 -4.43
CA PHE B 654 -7.02 -38.64 -3.63
C PHE B 654 -7.07 -39.86 -4.56
N ASP B 655 -6.69 -41.03 -4.07
CA ASP B 655 -6.78 -42.31 -4.80
C ASP B 655 -7.04 -43.46 -3.82
N LYS B 656 -8.29 -43.93 -3.78
CA LYS B 656 -8.75 -44.92 -2.78
C LYS B 656 -7.89 -46.17 -2.75
N LYS B 657 -7.51 -46.69 -3.93
CA LYS B 657 -6.64 -47.86 -4.06
C LYS B 657 -5.31 -47.64 -3.35
N ALA B 658 -4.64 -46.52 -3.61
CA ALA B 658 -3.39 -46.22 -2.95
C ALA B 658 -3.60 -45.99 -1.46
N PHE B 659 -4.68 -45.31 -1.08
CA PHE B 659 -4.95 -45.03 0.32
C PHE B 659 -5.14 -46.31 1.14
N THR B 660 -5.82 -47.33 0.63
CA THR B 660 -5.96 -48.58 1.38
C THR B 660 -4.63 -49.33 1.50
N LEU B 661 -3.75 -49.24 0.50
CA LEU B 661 -2.40 -49.82 0.54
C LEU B 661 -1.44 -49.09 1.48
N ALA B 662 -1.68 -47.82 1.78
CA ALA B 662 -0.83 -46.96 2.60
C ALA B 662 -0.84 -47.35 4.10
N ASN B 663 -0.19 -48.47 4.40
CA ASN B 663 -0.31 -49.20 5.65
C ASN B 663 1.02 -49.88 6.02
N VAL B 664 1.31 -50.05 7.32
CA VAL B 664 2.54 -50.72 7.79
C VAL B 664 2.60 -52.20 7.39
N SER B 665 1.44 -52.82 7.22
CA SER B 665 1.31 -54.16 6.62
C SER B 665 2.02 -54.26 5.27
N SER B 666 2.01 -53.18 4.51
CA SER B 666 2.58 -53.09 3.17
C SER B 666 4.07 -52.75 3.15
N PHE B 667 4.80 -52.78 4.27
CA PHE B 667 6.20 -52.33 4.30
C PHE B 667 7.19 -53.22 5.05
N GLY B 668 6.73 -54.26 5.75
CA GLY B 668 7.61 -55.27 6.36
C GLY B 668 8.57 -54.67 7.38
N ASP B 669 9.88 -54.76 7.10
CA ASP B 669 10.92 -54.24 7.97
C ASP B 669 10.85 -52.72 8.21
N TYR B 670 10.32 -51.95 7.26
CA TYR B 670 10.36 -50.50 7.30
C TYR B 670 9.23 -49.97 8.19
N ASN B 671 9.58 -49.45 9.38
CA ASN B 671 8.61 -49.01 10.38
C ASN B 671 8.05 -47.61 10.06
N LEU B 672 7.31 -47.50 8.95
CA LEU B 672 6.57 -46.31 8.55
C LEU B 672 5.32 -46.06 9.42
N SER B 673 5.17 -46.75 10.55
CA SER B 673 4.01 -46.60 11.44
C SER B 673 3.78 -45.17 11.92
N SER B 674 4.85 -44.38 12.09
CA SER B 674 4.76 -43.01 12.60
C SER B 674 4.26 -41.96 11.60
N VAL B 675 4.21 -42.29 10.32
CA VAL B 675 3.94 -41.34 9.22
C VAL B 675 2.70 -41.63 8.40
N ILE B 676 2.15 -42.83 8.47
CA ILE B 676 0.86 -43.18 7.84
C ILE B 676 -0.32 -42.60 8.64
N PRO B 677 -1.37 -42.11 7.98
CA PRO B 677 -2.48 -41.47 8.64
C PRO B 677 -3.20 -42.46 9.55
N SER B 678 -3.68 -41.98 10.70
CA SER B 678 -4.36 -42.83 11.67
C SER B 678 -5.76 -43.22 11.18
N LEU B 679 -6.23 -44.39 11.66
CA LEU B 679 -7.59 -44.85 11.44
C LEU B 679 -8.61 -43.85 12.03
N PRO B 680 -9.80 -43.71 11.43
CA PRO B 680 -10.83 -42.84 11.94
C PRO B 680 -11.54 -43.47 13.15
N THR B 681 -10.93 -43.35 14.33
CA THR B 681 -11.53 -43.81 15.60
C THR B 681 -12.88 -43.15 15.90
N SER B 682 -13.10 -41.93 15.41
CA SER B 682 -14.39 -41.24 15.47
C SER B 682 -15.45 -41.83 14.54
N GLY B 683 -15.07 -42.57 13.49
CA GLY B 683 -15.95 -43.08 12.43
C GLY B 683 -16.46 -42.00 11.46
N SER B 684 -16.59 -40.75 11.92
CA SER B 684 -17.08 -39.59 11.18
C SER B 684 -16.15 -39.03 10.08
N ARG B 685 -15.05 -39.73 9.77
CA ARG B 685 -14.00 -39.34 8.82
C ARG B 685 -13.48 -40.56 8.08
N VAL B 686 -12.88 -40.37 6.91
CA VAL B 686 -12.14 -41.43 6.22
C VAL B 686 -10.78 -41.66 6.88
N ALA B 687 -10.17 -40.62 7.45
CA ALA B 687 -8.79 -40.61 7.92
C ALA B 687 -8.57 -39.62 9.08
N GLY B 688 -7.46 -39.75 9.78
CA GLY B 688 -7.01 -38.81 10.82
C GLY B 688 -5.49 -38.62 10.84
N ARG B 689 -5.00 -37.66 11.62
CA ARG B 689 -3.58 -37.28 11.66
C ARG B 689 -2.65 -38.41 12.06
N SER B 690 -1.47 -38.46 11.46
CA SER B 690 -0.41 -39.41 11.81
C SER B 690 0.30 -39.03 13.11
N ALA B 691 1.03 -39.95 13.74
CA ALA B 691 1.76 -39.65 14.97
C ALA B 691 2.71 -38.46 14.81
N ILE B 692 3.51 -38.41 13.74
CA ILE B 692 4.40 -37.28 13.49
C ILE B 692 3.64 -35.99 13.19
N GLU B 693 2.42 -36.06 12.66
CA GLU B 693 1.60 -34.87 12.46
C GLU B 693 1.08 -34.36 13.79
N ASP B 694 0.56 -35.22 14.66
CA ASP B 694 0.13 -34.84 16.00
C ASP B 694 1.27 -34.29 16.85
N ILE B 695 2.46 -34.88 16.79
CA ILE B 695 3.63 -34.34 17.47
C ILE B 695 3.90 -32.94 16.94
N LEU B 696 3.97 -32.77 15.63
CA LEU B 696 4.29 -31.49 15.04
C LEU B 696 3.25 -30.41 15.36
N PHE B 697 1.96 -30.65 15.15
CA PHE B 697 0.92 -29.68 15.49
C PHE B 697 0.89 -29.34 16.97
N SER B 698 1.15 -30.32 17.86
CA SER B 698 1.15 -30.04 19.30
C SER B 698 2.42 -29.33 19.78
N LYS B 699 3.56 -29.54 19.12
CA LYS B 699 4.85 -28.95 19.51
C LYS B 699 4.95 -27.45 19.25
N ILE B 700 4.09 -26.89 18.40
CA ILE B 700 4.19 -25.51 17.94
C ILE B 700 3.08 -24.67 18.56
N VAL B 701 3.45 -23.61 19.28
CA VAL B 701 2.51 -22.84 20.10
C VAL B 701 1.73 -21.86 19.23
N THR B 702 0.41 -22.02 19.18
CA THR B 702 -0.47 -21.09 18.47
C THR B 702 -0.33 -19.69 19.05
N SER B 703 -0.28 -18.67 18.20
CA SER B 703 0.18 -17.35 18.61
C SER B 703 -0.81 -16.65 19.54
N GLY B 704 -0.31 -15.99 20.59
CA GLY B 704 -1.13 -15.12 21.43
C GLY B 704 -1.61 -13.85 20.73
N LEU B 705 -1.06 -13.51 19.57
CA LEU B 705 -1.33 -12.25 18.87
C LEU B 705 -2.59 -12.27 17.98
N GLY B 706 -3.05 -13.45 17.58
CA GLY B 706 -4.26 -13.65 16.78
C GLY B 706 -4.38 -15.07 16.24
N THR B 707 -5.48 -15.76 16.54
CA THR B 707 -5.71 -17.14 16.09
C THR B 707 -6.19 -17.20 14.66
N VAL B 708 -5.93 -18.32 13.99
CA VAL B 708 -6.62 -18.70 12.74
C VAL B 708 -7.44 -19.99 12.85
N ASP B 709 -7.37 -20.74 13.95
CA ASP B 709 -8.32 -21.82 14.22
C ASP B 709 -9.65 -21.26 14.76
N ALA B 710 -10.35 -20.49 13.92
CA ALA B 710 -11.59 -19.84 14.28
C ALA B 710 -12.77 -20.82 14.32
N ASP B 711 -13.79 -20.53 15.11
CA ASP B 711 -15.05 -21.26 15.13
C ASP B 711 -16.13 -20.29 15.61
N TYR B 712 -17.04 -19.91 14.73
CA TYR B 712 -17.97 -18.85 15.03
C TYR B 712 -19.22 -19.31 15.74
N LYS B 713 -19.48 -20.61 15.85
CA LYS B 713 -20.82 -21.05 16.28
C LYS B 713 -21.11 -20.87 17.77
N ASN B 714 -20.19 -20.31 18.54
CA ASN B 714 -20.42 -19.84 19.91
C ASN B 714 -20.42 -18.31 20.07
N CYS B 715 -20.04 -17.52 19.06
CA CYS B 715 -19.72 -16.11 19.27
C CYS B 715 -20.91 -15.21 19.62
N THR B 716 -22.14 -15.69 19.60
CA THR B 716 -23.30 -14.92 20.10
C THR B 716 -24.15 -15.69 21.12
N LYS B 717 -23.91 -16.99 21.33
CA LYS B 717 -24.48 -17.70 22.47
C LYS B 717 -24.03 -17.04 23.76
N GLY B 718 -22.80 -16.53 23.78
CA GLY B 718 -22.35 -15.53 24.75
C GLY B 718 -22.19 -16.00 26.18
N LEU B 719 -22.09 -17.31 26.44
CA LEU B 719 -22.00 -17.83 27.81
C LEU B 719 -20.66 -17.53 28.49
N SER B 720 -19.65 -17.11 27.75
CA SER B 720 -18.34 -16.72 28.27
C SER B 720 -17.80 -15.56 27.49
N ILE B 721 -16.89 -14.80 28.09
CA ILE B 721 -16.27 -13.66 27.46
C ILE B 721 -15.39 -14.13 26.31
N ALA B 722 -15.48 -13.45 25.18
CA ALA B 722 -14.87 -13.87 23.93
C ALA B 722 -13.38 -14.18 24.02
N ASP B 723 -12.98 -15.27 23.41
CA ASP B 723 -11.60 -15.58 23.04
C ASP B 723 -11.20 -14.78 21.81
N LEU B 724 -9.93 -14.80 21.43
CA LEU B 724 -9.44 -13.98 20.31
C LEU B 724 -10.23 -14.21 19.05
N ALA B 725 -10.61 -15.44 18.75
CA ALA B 725 -11.34 -15.75 17.54
C ALA B 725 -12.65 -14.98 17.47
N CYS B 726 -13.45 -14.96 18.53
CA CYS B 726 -14.66 -14.17 18.51
C CYS B 726 -14.34 -12.69 18.60
N ALA B 727 -13.34 -12.30 19.39
CA ALA B 727 -13.03 -10.90 19.60
C ALA B 727 -12.67 -10.21 18.30
N GLN B 728 -11.89 -10.85 17.45
CA GLN B 728 -11.62 -10.31 16.13
C GLN B 728 -12.81 -10.43 15.20
N TYR B 729 -13.66 -11.45 15.32
CA TYR B 729 -14.90 -11.48 14.55
C TYR B 729 -15.82 -10.31 14.86
N TYR B 730 -15.86 -9.82 16.09
CA TYR B 730 -16.60 -8.58 16.50
C TYR B 730 -16.07 -7.38 15.72
N ASN B 731 -14.77 -7.32 15.45
CA ASN B 731 -14.17 -6.30 14.60
C ASN B 731 -14.40 -6.55 13.12
N GLY B 732 -15.27 -7.48 12.75
CA GLY B 732 -15.58 -7.76 11.37
C GLY B 732 -14.53 -8.56 10.63
N ILE B 733 -13.56 -9.17 11.30
CA ILE B 733 -12.50 -9.94 10.64
C ILE B 733 -12.87 -11.40 10.70
N MET B 734 -13.08 -12.05 9.57
CA MET B 734 -13.40 -13.47 9.52
C MET B 734 -12.28 -14.24 8.88
N VAL B 735 -11.72 -15.18 9.61
CA VAL B 735 -10.89 -16.23 9.07
C VAL B 735 -11.80 -17.26 8.43
N LEU B 736 -11.63 -17.54 7.16
CA LEU B 736 -12.38 -18.62 6.50
C LEU B 736 -11.88 -19.97 6.99
N PRO B 737 -12.70 -21.03 6.94
CA PRO B 737 -12.27 -22.35 7.33
C PRO B 737 -11.13 -22.82 6.45
N GLY B 738 -10.11 -23.43 7.04
CA GLY B 738 -8.92 -23.85 6.31
C GLY B 738 -9.24 -24.69 5.07
N VAL B 739 -8.64 -24.32 3.94
CA VAL B 739 -8.82 -24.99 2.63
C VAL B 739 -8.29 -26.42 2.60
N ALA B 740 -7.53 -26.82 3.62
CA ALA B 740 -6.82 -28.08 3.74
C ALA B 740 -7.13 -28.73 5.08
N ASP B 741 -8.37 -29.15 5.26
CA ASP B 741 -8.86 -29.89 6.43
C ASP B 741 -7.96 -31.07 6.77
N ALA B 742 -7.68 -31.30 8.05
CA ALA B 742 -6.90 -32.44 8.51
C ALA B 742 -7.37 -33.77 7.90
N GLU B 743 -8.67 -33.96 7.65
CA GLU B 743 -9.14 -35.15 6.94
C GLU B 743 -8.65 -35.18 5.50
N ARG B 744 -8.81 -34.09 4.76
CA ARG B 744 -8.42 -34.06 3.35
C ARG B 744 -6.91 -34.14 3.19
N MET B 745 -6.17 -33.57 4.13
CA MET B 745 -4.73 -33.75 4.18
C MET B 745 -4.36 -35.20 4.46
N ALA B 746 -4.98 -35.84 5.45
CA ALA B 746 -4.68 -37.23 5.73
C ALA B 746 -5.01 -38.10 4.52
N MET B 747 -6.11 -37.85 3.83
CA MET B 747 -6.47 -38.54 2.60
C MET B 747 -5.45 -38.33 1.50
N TYR B 748 -5.04 -37.09 1.21
CA TYR B 748 -4.07 -36.80 0.17
C TYR B 748 -2.73 -37.45 0.47
N THR B 749 -2.25 -37.21 1.69
CA THR B 749 -0.97 -37.70 2.16
C THR B 749 -0.93 -39.22 2.15
N GLY B 750 -1.95 -39.87 2.70
CA GLY B 750 -2.02 -41.32 2.72
C GLY B 750 -1.96 -41.89 1.31
N SER B 751 -2.75 -41.35 0.40
CA SER B 751 -2.74 -41.80 -0.99
C SER B 751 -1.35 -41.67 -1.60
N LEU B 752 -0.67 -40.58 -1.29
CA LEU B 752 0.64 -40.29 -1.84
C LEU B 752 1.76 -41.17 -1.24
N ILE B 753 1.65 -41.58 0.03
CA ILE B 753 2.52 -42.59 0.64
C ILE B 753 2.25 -43.97 0.05
N GLY B 754 0.97 -44.30 -0.16
CA GLY B 754 0.55 -45.54 -0.83
C GLY B 754 1.10 -45.66 -2.25
N GLY B 755 1.37 -44.54 -2.91
CA GLY B 755 2.00 -44.48 -4.23
C GLY B 755 3.37 -45.17 -4.34
N ILE B 756 4.01 -45.53 -3.23
CA ILE B 756 5.25 -46.33 -3.25
C ILE B 756 4.95 -47.83 -3.20
N ALA B 757 3.82 -48.26 -2.64
CA ALA B 757 3.40 -49.66 -2.66
C ALA B 757 2.97 -50.11 -4.06
N LEU B 758 2.45 -49.20 -4.88
CA LEU B 758 2.20 -49.43 -6.31
C LEU B 758 3.51 -49.62 -7.08
N PRO B 768 6.10 -57.47 -1.93
CA PRO B 768 7.04 -56.95 -2.92
C PRO B 768 7.49 -55.51 -2.62
N PHE B 769 6.85 -54.85 -1.67
CA PHE B 769 6.95 -53.41 -1.47
C PHE B 769 8.31 -52.98 -0.92
N SER B 770 8.85 -53.76 0.01
CA SER B 770 10.24 -53.65 0.43
C SER B 770 11.20 -54.03 -0.69
N LEU B 771 10.84 -54.95 -1.58
CA LEU B 771 11.66 -55.29 -2.75
C LEU B 771 11.66 -54.16 -3.80
N ALA B 772 10.57 -53.40 -3.91
CA ALA B 772 10.50 -52.19 -4.73
C ALA B 772 11.35 -51.07 -4.11
N ILE B 773 11.32 -50.93 -2.78
CA ILE B 773 12.22 -50.03 -2.05
C ILE B 773 13.68 -50.45 -2.28
N GLN B 774 13.98 -51.75 -2.25
CA GLN B 774 15.29 -52.28 -2.62
C GLN B 774 15.62 -51.99 -4.09
N ALA B 775 14.66 -52.03 -5.01
CA ALA B 775 14.89 -51.65 -6.40
C ALA B 775 15.32 -50.18 -6.50
N ARG B 776 14.77 -49.29 -5.65
CA ARG B 776 15.27 -47.91 -5.56
C ARG B 776 16.72 -47.84 -5.11
N LEU B 777 17.21 -48.79 -4.29
CA LEU B 777 18.66 -48.93 -4.04
C LEU B 777 19.42 -49.36 -5.29
N ASN B 778 18.83 -50.20 -6.15
CA ASN B 778 19.51 -50.78 -7.31
C ASN B 778 19.97 -49.74 -8.32
N TYR B 779 19.28 -48.62 -8.44
CA TYR B 779 19.79 -47.46 -9.20
C TYR B 779 21.14 -46.93 -8.70
N VAL B 780 21.45 -47.07 -7.41
CA VAL B 780 22.79 -46.82 -6.87
C VAL B 780 23.67 -48.06 -7.01
N ALA B 781 23.14 -49.22 -6.65
CA ALA B 781 23.94 -50.40 -6.35
C ALA B 781 23.22 -51.71 -6.69
N LEU B 782 23.60 -52.31 -7.82
CA LEU B 782 22.99 -53.53 -8.36
C LEU B 782 23.22 -54.77 -7.47
N GLN B 783 24.46 -55.25 -7.40
CA GLN B 783 24.77 -56.59 -6.89
C GLN B 783 24.75 -56.70 -5.36
N THR B 784 25.41 -55.77 -4.67
CA THR B 784 25.57 -55.84 -3.21
C THR B 784 24.29 -55.54 -2.46
N ASP B 785 23.51 -54.54 -2.91
CA ASP B 785 22.47 -53.97 -2.05
C ASP B 785 21.15 -54.78 -2.03
N VAL B 786 21.05 -55.84 -2.85
CA VAL B 786 20.03 -56.90 -2.76
C VAL B 786 20.48 -58.11 -1.91
N LEU B 787 21.73 -58.16 -1.46
CA LEU B 787 22.18 -59.15 -0.48
C LEU B 787 21.48 -58.90 0.86
N GLN B 788 21.15 -59.96 1.60
CA GLN B 788 20.36 -59.88 2.84
C GLN B 788 20.97 -58.92 3.85
N GLU B 789 22.30 -58.80 3.87
CA GLU B 789 23.00 -57.83 4.71
C GLU B 789 22.49 -56.42 4.46
N ASN B 790 22.39 -55.99 3.21
CA ASN B 790 21.86 -54.70 2.87
C ASN B 790 20.34 -54.66 3.03
N GLN B 791 19.60 -55.71 2.67
CA GLN B 791 18.14 -55.68 2.81
C GLN B 791 17.72 -55.43 4.25
N LYS B 792 18.27 -56.22 5.18
CA LYS B 792 17.98 -56.12 6.60
C LYS B 792 18.63 -54.92 7.25
N ILE B 793 19.93 -54.71 7.05
CA ILE B 793 20.64 -53.68 7.80
C ILE B 793 20.28 -52.28 7.29
N LEU B 794 20.03 -52.07 6.01
CA LEU B 794 19.52 -50.77 5.58
C LEU B 794 18.12 -50.52 6.13
N ALA B 795 17.26 -51.52 6.23
CA ALA B 795 15.97 -51.32 6.88
C ALA B 795 16.13 -51.00 8.38
N ALA B 796 17.01 -51.69 9.09
CA ALA B 796 17.29 -51.37 10.49
C ALA B 796 17.85 -49.95 10.64
N SER B 797 18.75 -49.55 9.76
CA SER B 797 19.34 -48.21 9.73
C SER B 797 18.28 -47.15 9.47
N PHE B 798 17.37 -47.39 8.55
CA PHE B 798 16.21 -46.54 8.33
C PHE B 798 15.36 -46.42 9.60
N ASN B 799 15.03 -47.52 10.26
CA ASN B 799 14.26 -47.47 11.50
C ASN B 799 14.98 -46.67 12.58
N LYS B 800 16.29 -46.79 12.71
CA LYS B 800 17.09 -45.96 13.63
C LYS B 800 17.02 -44.48 13.25
N ALA B 801 17.17 -44.14 11.97
CA ALA B 801 17.08 -42.76 11.52
C ALA B 801 15.70 -42.16 11.81
N MET B 802 14.63 -42.89 11.50
CA MET B 802 13.27 -42.53 11.86
C MET B 802 13.12 -42.34 13.37
N THR B 803 13.72 -43.22 14.16
CA THR B 803 13.65 -43.12 15.62
C THR B 803 14.30 -41.84 16.13
N ASN B 804 15.40 -41.43 15.51
CA ASN B 804 16.06 -40.18 15.85
C ASN B 804 15.19 -38.98 15.49
N ILE B 805 14.62 -38.91 14.29
CA ILE B 805 13.83 -37.72 13.93
C ILE B 805 12.47 -37.66 14.64
N VAL B 806 11.83 -38.79 14.94
CA VAL B 806 10.61 -38.76 15.75
C VAL B 806 10.92 -38.35 17.19
N ASP B 807 12.06 -38.74 17.74
CA ASP B 807 12.49 -38.18 19.02
C ASP B 807 12.71 -36.67 18.92
N ALA B 808 13.41 -36.22 17.88
CA ALA B 808 13.73 -34.80 17.74
C ALA B 808 12.49 -33.92 17.66
N PHE B 809 11.45 -34.34 16.94
CA PHE B 809 10.15 -33.65 17.01
C PHE B 809 9.50 -33.79 18.38
N THR B 810 9.59 -34.94 19.03
CA THR B 810 8.90 -35.20 20.31
C THR B 810 9.46 -34.34 21.44
N GLY B 811 10.77 -34.14 21.47
CA GLY B 811 11.44 -33.36 22.51
C GLY B 811 12.89 -33.06 22.20
N VAL B 812 13.43 -32.03 22.84
CA VAL B 812 14.82 -31.59 22.67
C VAL B 812 15.77 -32.72 23.08
N ASN B 813 16.57 -33.17 22.10
CA ASN B 813 17.65 -34.12 22.29
C ASN B 813 18.90 -33.56 21.58
N ASP B 814 20.06 -33.64 22.22
CA ASP B 814 21.26 -33.01 21.69
C ASP B 814 21.77 -33.73 20.44
N ALA B 815 22.11 -32.97 19.41
CA ALA B 815 22.76 -33.49 18.22
C ALA B 815 24.28 -33.36 18.34
N ILE B 816 24.98 -34.50 18.33
CA ILE B 816 26.41 -34.59 18.00
C ILE B 816 26.58 -34.23 16.52
N THR B 817 27.78 -33.96 16.01
CA THR B 817 27.96 -33.43 14.63
C THR B 817 27.43 -34.39 13.55
N GLN B 818 27.64 -35.70 13.71
CA GLN B 818 27.17 -36.71 12.77
C GLN B 818 25.64 -36.72 12.63
N THR B 819 24.91 -36.77 13.74
CA THR B 819 23.44 -36.65 13.73
C THR B 819 22.99 -35.24 13.37
N SER B 820 23.76 -34.22 13.72
CA SER B 820 23.45 -32.83 13.42
C SER B 820 23.17 -32.59 11.95
N GLN B 821 23.74 -33.33 10.99
CA GLN B 821 23.30 -33.10 9.60
C GLN B 821 21.80 -33.36 9.41
N ALA B 822 21.28 -34.47 9.94
CA ALA B 822 19.84 -34.71 9.95
C ALA B 822 19.11 -33.79 10.94
N LEU B 823 19.60 -33.70 12.17
CA LEU B 823 18.87 -33.05 13.25
C LEU B 823 18.83 -31.53 13.11
N GLN B 824 19.84 -30.90 12.53
CA GLN B 824 19.73 -29.51 12.12
C GLN B 824 18.58 -29.32 11.14
N THR B 825 18.30 -30.26 10.23
CA THR B 825 17.12 -30.06 9.36
C THR B 825 15.80 -30.13 10.13
N VAL B 826 15.65 -30.97 11.16
CA VAL B 826 14.45 -30.92 11.99
C VAL B 826 14.33 -29.60 12.74
N ALA B 827 15.41 -29.10 13.31
CA ALA B 827 15.41 -27.83 14.02
C ALA B 827 15.08 -26.66 13.09
N THR B 828 15.63 -26.70 11.88
CA THR B 828 15.35 -25.72 10.84
C THR B 828 13.89 -25.73 10.48
N ALA B 829 13.29 -26.90 10.30
CA ALA B 829 11.88 -27.02 9.96
C ALA B 829 10.99 -26.45 11.06
N LEU B 830 11.18 -26.82 12.31
CA LEU B 830 10.34 -26.29 13.38
C LEU B 830 10.45 -24.77 13.49
N ASN B 831 11.64 -24.22 13.31
CA ASN B 831 11.81 -22.77 13.34
C ASN B 831 11.12 -22.10 12.17
N LYS B 832 11.11 -22.72 11.00
CA LYS B 832 10.37 -22.18 9.85
C LYS B 832 8.88 -22.24 10.05
N ILE B 833 8.36 -23.29 10.68
CA ILE B 833 6.92 -23.41 10.90
C ILE B 833 6.46 -22.43 11.95
N GLN B 834 7.18 -22.31 13.06
CA GLN B 834 6.82 -21.36 14.10
C GLN B 834 6.89 -19.93 13.59
N ASP B 835 7.80 -19.64 12.67
CA ASP B 835 7.90 -18.35 12.00
C ASP B 835 6.67 -18.08 11.14
N VAL B 836 6.17 -19.05 10.39
CA VAL B 836 4.95 -18.88 9.59
C VAL B 836 3.76 -18.57 10.47
N VAL B 837 3.59 -19.31 11.57
CA VAL B 837 2.52 -19.06 12.52
C VAL B 837 2.62 -17.64 13.08
N ASN B 838 3.81 -17.23 13.49
CA ASN B 838 4.00 -15.93 14.10
C ASN B 838 3.80 -14.78 13.11
N GLN B 839 4.16 -14.93 11.85
CA GLN B 839 3.90 -13.89 10.86
C GLN B 839 2.42 -13.73 10.61
N GLN B 840 1.66 -14.82 10.54
CA GLN B 840 0.22 -14.74 10.39
C GLN B 840 -0.42 -14.03 11.58
N GLY B 841 0.02 -14.36 12.79
CA GLY B 841 -0.43 -13.70 14.00
C GLY B 841 -0.14 -12.22 14.03
N ASN B 842 1.08 -11.80 13.72
CA ASN B 842 1.45 -10.39 13.70
C ASN B 842 0.66 -9.62 12.65
N SER B 843 0.48 -10.17 11.46
CA SER B 843 -0.30 -9.50 10.41
C SER B 843 -1.70 -9.18 10.87
N LEU B 844 -2.32 -10.14 11.54
CA LEU B 844 -3.67 -10.00 12.05
C LEU B 844 -3.73 -9.09 13.25
N ASN B 845 -2.70 -9.09 14.09
CA ASN B 845 -2.60 -8.24 15.24
C ASN B 845 -2.49 -6.77 14.85
N HIS B 846 -1.69 -6.46 13.85
CA HIS B 846 -1.54 -5.10 13.37
C HIS B 846 -2.84 -4.50 12.84
N LEU B 847 -3.71 -5.33 12.27
CA LEU B 847 -5.00 -4.85 11.82
C LEU B 847 -5.93 -4.56 12.99
N THR B 848 -6.07 -5.52 13.90
CA THR B 848 -7.03 -5.34 14.99
C THR B 848 -6.56 -4.24 15.91
N SER B 849 -5.27 -4.13 16.16
CA SER B 849 -4.71 -3.10 17.01
C SER B 849 -4.87 -1.70 16.46
N GLN B 850 -4.85 -1.50 15.14
CA GLN B 850 -5.12 -0.18 14.59
C GLN B 850 -6.47 0.39 14.97
N LEU B 851 -7.50 -0.42 15.21
CA LEU B 851 -8.77 0.12 15.70
C LEU B 851 -8.61 0.97 16.97
N ARG B 852 -7.63 0.65 17.82
CA ARG B 852 -7.35 1.36 19.07
C ARG B 852 -6.72 2.75 18.89
N GLN B 853 -6.36 3.13 17.68
CA GLN B 853 -5.56 4.31 17.39
C GLN B 853 -6.46 5.40 16.84
N ASN B 854 -6.40 6.61 17.38
CA ASN B 854 -7.45 7.61 17.17
C ASN B 854 -7.21 8.60 16.03
N PHE B 855 -6.17 8.46 15.22
CA PHE B 855 -5.96 9.24 14.01
C PHE B 855 -6.21 10.75 14.15
N GLN B 856 -5.71 11.36 15.22
CA GLN B 856 -5.82 12.80 15.45
C GLN B 856 -7.27 13.27 15.69
N ALA B 857 -8.23 12.36 15.87
CA ALA B 857 -9.57 12.65 16.38
C ALA B 857 -9.62 12.67 17.90
N ILE B 858 -10.78 13.01 18.47
CA ILE B 858 -11.01 13.06 19.90
C ILE B 858 -10.82 11.70 20.59
N SER B 859 -11.32 10.63 19.99
CA SER B 859 -11.25 9.28 20.55
C SER B 859 -11.31 8.25 19.44
N SER B 860 -10.86 7.02 19.68
CA SER B 860 -11.13 5.91 18.78
C SER B 860 -12.54 5.37 18.92
N SER B 861 -13.24 5.66 20.01
CA SER B 861 -14.56 5.12 20.25
C SER B 861 -15.57 5.93 19.49
N ILE B 862 -15.97 5.45 18.33
CA ILE B 862 -16.82 6.20 17.43
C ILE B 862 -18.17 6.55 18.04
N GLN B 863 -18.73 5.69 18.89
CA GLN B 863 -19.92 6.05 19.63
C GLN B 863 -19.67 7.22 20.56
N ALA B 864 -18.51 7.33 21.19
CA ALA B 864 -18.23 8.43 22.09
C ALA B 864 -18.19 9.76 21.36
N ILE B 865 -17.80 9.78 20.09
CA ILE B 865 -17.81 11.02 19.31
C ILE B 865 -19.26 11.47 19.14
N TYR B 866 -20.14 10.59 18.70
CA TYR B 866 -21.56 10.90 18.61
C TYR B 866 -22.23 11.21 19.94
N ASP B 867 -21.79 10.61 21.04
CA ASP B 867 -22.26 11.00 22.36
C ASP B 867 -21.93 12.45 22.68
N ARG B 868 -20.71 12.91 22.37
CA ARG B 868 -20.23 14.25 22.65
C ARG B 868 -20.77 15.38 21.79
N LEU B 869 -21.00 15.17 20.51
CA LEU B 869 -21.03 16.26 19.53
C LEU B 869 -22.30 16.33 18.69
N ASP B 870 -22.64 17.54 18.27
CA ASP B 870 -23.66 17.75 17.25
C ASP B 870 -23.23 17.11 15.93
N PRO B 871 -24.11 16.42 15.20
CA PRO B 871 -23.77 15.68 14.00
C PRO B 871 -22.90 16.39 12.96
N PRO B 872 -23.07 17.68 12.63
CA PRO B 872 -22.23 18.31 11.63
C PRO B 872 -20.75 18.32 12.01
N GLN B 873 -20.45 18.65 13.26
CA GLN B 873 -19.12 18.60 13.84
C GLN B 873 -18.63 17.18 14.14
N ALA B 874 -19.52 16.28 14.55
CA ALA B 874 -19.15 14.89 14.79
C ALA B 874 -18.67 14.22 13.51
N ASP B 875 -19.36 14.44 12.39
CA ASP B 875 -19.02 13.76 11.16
C ASP B 875 -17.63 14.10 10.65
N GLN B 876 -17.15 15.32 10.86
CA GLN B 876 -15.78 15.68 10.49
C GLN B 876 -14.73 15.06 11.42
N GLN B 877 -15.04 14.85 12.71
CA GLN B 877 -14.19 13.98 13.53
C GLN B 877 -14.17 12.54 12.99
N VAL B 878 -15.33 11.97 12.74
CA VAL B 878 -15.43 10.59 12.27
C VAL B 878 -14.74 10.39 10.94
N ASP B 879 -14.75 11.37 10.04
CA ASP B 879 -14.00 11.28 8.79
C ASP B 879 -12.52 11.03 9.01
N ARG B 880 -11.94 11.51 10.11
CA ARG B 880 -10.56 11.14 10.44
C ARG B 880 -10.45 9.67 10.72
N LEU B 881 -11.34 9.10 11.52
CA LEU B 881 -11.30 7.67 11.81
C LEU B 881 -11.59 6.82 10.57
N ILE B 882 -12.54 7.21 9.73
CA ILE B 882 -12.83 6.46 8.52
C ILE B 882 -11.62 6.48 7.60
N THR B 883 -10.99 7.62 7.41
CA THR B 883 -9.82 7.70 6.55
C THR B 883 -8.66 6.90 7.09
N GLY B 884 -8.45 6.90 8.39
CA GLY B 884 -7.41 6.11 9.02
C GLY B 884 -7.67 4.63 8.89
N ARG B 885 -8.88 4.18 9.22
CA ARG B 885 -9.22 2.77 9.21
C ARG B 885 -9.29 2.21 7.81
N LEU B 886 -9.69 2.97 6.80
CA LEU B 886 -9.55 2.51 5.43
C LEU B 886 -8.09 2.38 5.02
N ALA B 887 -7.20 3.24 5.49
CA ALA B 887 -5.78 3.04 5.23
C ALA B 887 -5.27 1.78 5.92
N ALA B 888 -5.65 1.52 7.16
CA ALA B 888 -5.26 0.31 7.88
C ALA B 888 -5.70 -0.95 7.17
N LEU B 889 -6.89 -0.96 6.58
CA LEU B 889 -7.33 -2.09 5.77
C LEU B 889 -6.48 -2.21 4.52
N ASN B 890 -6.19 -1.13 3.81
CA ASN B 890 -5.40 -1.21 2.60
C ASN B 890 -4.00 -1.73 2.85
N VAL B 891 -3.41 -1.45 4.01
CA VAL B 891 -2.16 -2.05 4.43
C VAL B 891 -2.33 -3.54 4.63
N PHE B 892 -3.34 -3.97 5.36
CA PHE B 892 -3.57 -5.40 5.59
C PHE B 892 -3.83 -6.19 4.32
N VAL B 893 -4.49 -5.57 3.34
CA VAL B 893 -4.65 -6.18 2.04
C VAL B 893 -3.32 -6.39 1.37
N SER B 894 -2.40 -5.43 1.42
CA SER B 894 -1.07 -5.66 0.86
C SER B 894 -0.32 -6.76 1.56
N HIS B 895 -0.40 -6.85 2.88
CA HIS B 895 0.19 -7.97 3.61
C HIS B 895 -0.36 -9.29 3.12
N THR B 896 -1.68 -9.36 2.98
CA THR B 896 -2.35 -10.59 2.61
C THR B 896 -1.99 -11.03 1.21
N LEU B 897 -2.09 -10.15 0.24
CA LEU B 897 -1.79 -10.48 -1.15
C LEU B 897 -0.33 -10.83 -1.36
N THR B 898 0.55 -10.11 -0.67
CA THR B 898 1.96 -10.46 -0.66
C THR B 898 2.15 -11.88 -0.20
N LYS B 899 1.54 -12.24 0.92
CA LYS B 899 1.74 -13.57 1.46
C LYS B 899 1.18 -14.63 0.53
N TYR B 900 0.05 -14.41 -0.13
CA TYR B 900 -0.43 -15.36 -1.12
C TYR B 900 0.51 -15.51 -2.30
N THR B 901 1.20 -14.46 -2.71
CA THR B 901 2.11 -14.58 -3.84
C THR B 901 3.36 -15.36 -3.46
N GLU B 902 3.88 -15.12 -2.27
CA GLU B 902 4.99 -15.89 -1.69
C GLU B 902 4.59 -17.35 -1.51
N VAL B 903 3.40 -17.61 -1.03
CA VAL B 903 2.89 -18.95 -0.84
C VAL B 903 2.61 -19.62 -2.17
N ARG B 904 2.16 -18.92 -3.20
CA ARG B 904 1.95 -19.53 -4.51
C ARG B 904 3.24 -20.07 -5.07
N ALA B 905 4.34 -19.35 -4.91
CA ALA B 905 5.65 -19.85 -5.31
C ALA B 905 6.06 -21.08 -4.49
N SER B 906 5.85 -21.04 -3.19
CA SER B 906 6.15 -22.16 -2.30
C SER B 906 5.32 -23.40 -2.62
N ARG B 907 4.05 -23.25 -2.94
CA ARG B 907 3.17 -24.34 -3.35
C ARG B 907 3.60 -24.94 -4.67
N GLN B 908 3.96 -24.11 -5.65
CA GLN B 908 4.43 -24.63 -6.93
C GLN B 908 5.70 -25.46 -6.76
N LEU B 909 6.64 -24.99 -5.95
CA LEU B 909 7.82 -25.77 -5.59
C LEU B 909 7.42 -27.07 -4.92
N ALA B 910 6.47 -27.06 -4.01
CA ALA B 910 6.07 -28.26 -3.32
C ALA B 910 5.44 -29.29 -4.24
N GLN B 911 4.60 -28.93 -5.20
CA GLN B 911 4.01 -29.95 -6.06
C GLN B 911 5.00 -30.51 -7.06
N GLN B 912 6.00 -29.75 -7.51
CA GLN B 912 7.08 -30.38 -8.27
C GLN B 912 8.03 -31.20 -7.39
N LYS B 913 8.25 -30.85 -6.12
CA LYS B 913 8.93 -31.74 -5.16
C LYS B 913 8.15 -33.03 -5.00
N VAL B 914 6.83 -32.98 -4.96
CA VAL B 914 6.03 -34.19 -4.91
C VAL B 914 6.27 -35.04 -6.14
N ASN B 915 6.27 -34.46 -7.33
CA ASN B 915 6.49 -35.27 -8.52
C ASN B 915 7.86 -35.92 -8.53
N GLU B 916 8.90 -35.12 -8.37
CA GLU B 916 10.25 -35.61 -8.55
C GLU B 916 10.72 -36.49 -7.42
N CYS B 917 10.58 -36.03 -6.19
CA CYS B 917 11.01 -36.79 -5.04
C CYS B 917 10.05 -37.87 -4.57
N VAL B 918 8.79 -37.51 -4.39
CA VAL B 918 7.79 -38.38 -3.79
C VAL B 918 7.28 -39.48 -4.69
N LYS B 919 6.85 -39.14 -5.90
CA LYS B 919 6.29 -40.12 -6.83
C LYS B 919 7.40 -40.83 -7.59
N SER B 920 8.21 -40.07 -8.33
CA SER B 920 9.42 -40.60 -8.97
C SER B 920 10.52 -40.90 -7.94
N GLN B 921 11.70 -41.31 -8.39
CA GLN B 921 12.93 -41.21 -7.62
C GLN B 921 13.79 -40.15 -8.30
N SER B 922 14.12 -39.05 -7.63
CA SER B 922 14.84 -37.96 -8.28
C SER B 922 16.27 -38.37 -8.64
N LYS B 923 16.67 -38.03 -9.87
CA LYS B 923 18.04 -38.22 -10.38
C LYS B 923 18.97 -37.06 -10.06
N ARG B 924 18.43 -35.92 -9.63
CA ARG B 924 19.19 -34.71 -9.26
C ARG B 924 19.99 -34.98 -7.99
N TYR B 925 20.89 -34.07 -7.63
CA TYR B 925 21.57 -34.11 -6.34
C TYR B 925 21.36 -32.81 -5.57
N GLY B 926 21.16 -32.92 -4.25
CA GLY B 926 20.91 -31.79 -3.37
C GLY B 926 19.50 -31.21 -3.47
N PHE B 927 18.71 -31.57 -4.48
CA PHE B 927 17.31 -31.17 -4.62
C PHE B 927 16.40 -31.84 -3.60
N CYS B 928 16.70 -33.07 -3.18
CA CYS B 928 16.02 -33.76 -2.08
C CYS B 928 17.02 -34.35 -1.10
N GLY B 929 17.41 -33.54 -0.13
CA GLY B 929 18.45 -33.85 0.83
C GLY B 929 19.86 -33.75 0.25
N ASN B 930 20.83 -33.44 1.10
CA ASN B 930 22.24 -33.60 0.77
C ASN B 930 22.59 -35.08 0.90
N GLY B 931 22.35 -35.84 -0.16
CA GLY B 931 22.67 -37.25 -0.27
C GLY B 931 22.04 -37.88 -1.50
N THR B 932 22.45 -39.11 -1.83
CA THR B 932 21.90 -39.80 -3.01
C THR B 932 20.50 -40.32 -2.71
N HIS B 933 19.50 -39.83 -3.42
CA HIS B 933 18.08 -40.05 -3.09
C HIS B 933 17.56 -41.44 -3.36
N ILE B 934 16.70 -41.96 -2.48
CA ILE B 934 15.91 -43.16 -2.77
C ILE B 934 14.40 -42.95 -2.68
N PHE B 935 13.83 -42.40 -1.63
CA PHE B 935 12.39 -42.13 -1.61
C PHE B 935 11.98 -41.09 -0.58
N SER B 936 10.78 -40.56 -0.74
CA SER B 936 10.20 -39.55 0.14
C SER B 936 8.85 -39.93 0.74
N ILE B 937 8.60 -39.40 1.91
CA ILE B 937 7.37 -39.45 2.68
C ILE B 937 6.92 -38.01 2.84
N VAL B 938 5.62 -37.77 2.91
CA VAL B 938 5.06 -36.44 3.13
C VAL B 938 4.14 -36.50 4.34
N ASN B 939 4.00 -35.42 5.06
CA ASN B 939 3.03 -35.27 6.13
C ASN B 939 2.47 -33.85 6.17
N ALA B 940 1.31 -33.70 6.77
CA ALA B 940 0.72 -32.40 7.02
C ALA B 940 1.49 -31.62 8.08
N ALA B 941 1.39 -30.31 8.04
CA ALA B 941 1.97 -29.40 9.01
C ALA B 941 1.15 -28.09 9.01
N PRO B 942 1.32 -27.20 9.98
CA PRO B 942 0.64 -25.91 9.97
C PRO B 942 0.77 -25.19 8.62
N GLU B 943 -0.36 -24.97 7.95
CA GLU B 943 -0.47 -24.31 6.65
C GLU B 943 0.46 -24.88 5.56
N GLY B 944 0.82 -26.14 5.75
CA GLY B 944 2.06 -26.69 5.28
C GLY B 944 2.04 -28.17 4.92
N LEU B 945 3.05 -28.53 4.16
CA LEU B 945 3.47 -29.91 3.99
C LEU B 945 4.92 -29.99 4.43
N VAL B 946 5.27 -31.12 5.02
CA VAL B 946 6.60 -31.41 5.50
C VAL B 946 6.97 -32.74 4.89
N PHE B 947 8.24 -32.84 4.55
CA PHE B 947 8.81 -33.82 3.67
C PHE B 947 9.90 -34.49 4.44
N LEU B 948 10.04 -35.76 4.18
CA LEU B 948 11.07 -36.62 4.70
C LEU B 948 11.63 -37.26 3.46
N HIS B 949 12.94 -37.23 3.32
CA HIS B 949 13.69 -37.71 2.17
C HIS B 949 14.68 -38.69 2.73
N THR B 950 15.01 -39.74 1.98
CA THR B 950 15.83 -40.83 2.48
C THR B 950 16.93 -41.04 1.48
N VAL B 951 18.17 -41.01 1.98
CA VAL B 951 19.33 -40.70 1.17
C VAL B 951 20.54 -41.46 1.68
N LEU B 952 21.46 -41.78 0.78
CA LEU B 952 22.48 -42.81 0.96
C LEU B 952 23.85 -42.15 0.86
N LEU B 953 24.70 -42.48 1.83
CA LEU B 953 25.84 -41.69 2.27
C LEU B 953 27.08 -42.54 2.59
N PRO B 954 28.28 -42.02 2.29
CA PRO B 954 29.52 -42.77 2.41
C PRO B 954 29.81 -43.22 3.85
N THR B 955 30.26 -44.47 4.00
CA THR B 955 30.72 -45.05 5.27
C THR B 955 31.82 -46.09 4.99
N GLN B 956 32.70 -46.35 5.96
CA GLN B 956 33.95 -47.11 5.73
C GLN B 956 34.73 -46.57 4.50
N TYR B 957 34.89 -45.26 4.45
CA TYR B 957 35.45 -44.54 3.32
C TYR B 957 36.98 -44.74 3.21
N LYS B 958 37.44 -45.42 2.15
CA LYS B 958 38.80 -45.97 2.02
C LYS B 958 39.15 -46.21 0.54
N ASP B 959 40.41 -46.46 0.17
CA ASP B 959 40.77 -46.72 -1.23
C ASP B 959 40.00 -47.91 -1.84
N VAL B 960 39.37 -47.70 -3.00
CA VAL B 960 39.11 -48.75 -3.99
C VAL B 960 39.72 -48.30 -5.33
N GLU B 961 40.61 -49.08 -5.90
CA GLU B 961 41.43 -48.65 -7.04
C GLU B 961 40.69 -48.74 -8.38
N ALA B 962 41.09 -47.87 -9.31
CA ALA B 962 40.41 -47.61 -10.58
C ALA B 962 41.39 -47.69 -11.76
N TRP B 963 40.92 -48.18 -12.92
CA TRP B 963 41.75 -48.53 -14.07
C TRP B 963 41.54 -47.60 -15.28
N SER B 964 42.62 -47.05 -15.85
CA SER B 964 42.60 -46.38 -17.16
C SER B 964 42.06 -47.27 -18.27
N GLY B 965 42.60 -48.49 -18.31
CA GLY B 965 42.73 -49.27 -19.52
C GLY B 965 42.66 -50.77 -19.28
N LEU B 966 42.17 -51.50 -20.27
CA LEU B 966 42.02 -52.95 -20.21
C LEU B 966 42.71 -53.57 -21.42
N CYS B 967 43.32 -54.72 -21.23
CA CYS B 967 44.14 -55.37 -22.24
C CYS B 967 43.48 -56.71 -22.57
N VAL B 968 43.21 -56.88 -23.85
CA VAL B 968 42.23 -57.78 -24.44
C VAL B 968 42.96 -58.81 -25.30
N ASP B 969 42.73 -60.08 -25.00
CA ASP B 969 43.52 -61.22 -25.48
C ASP B 969 45.03 -61.03 -25.25
N GLY B 970 45.41 -60.26 -24.23
CA GLY B 970 46.79 -59.85 -23.93
C GLY B 970 47.46 -59.00 -25.01
N THR B 971 46.73 -58.53 -26.03
CA THR B 971 47.30 -58.12 -27.33
C THR B 971 46.77 -56.78 -27.86
N ASN B 972 45.54 -56.42 -27.48
CA ASN B 972 44.81 -55.23 -27.93
C ASN B 972 44.30 -54.47 -26.71
N GLY B 973 44.26 -53.16 -26.74
CA GLY B 973 44.19 -52.35 -25.53
C GLY B 973 43.05 -51.36 -25.64
N TYR B 974 42.41 -51.08 -24.52
CA TYR B 974 41.13 -50.40 -24.45
C TYR B 974 41.33 -49.19 -23.56
N VAL B 975 40.96 -48.04 -24.09
CA VAL B 975 41.18 -46.70 -23.53
C VAL B 975 39.83 -45.99 -23.54
N LEU B 976 39.55 -45.15 -22.54
CA LEU B 976 38.18 -44.81 -22.17
C LEU B 976 37.98 -43.30 -22.09
N ARG B 977 36.83 -42.85 -22.61
CA ARG B 977 36.47 -41.44 -22.82
C ARG B 977 35.23 -41.07 -21.99
N GLN B 978 35.20 -41.54 -20.74
CA GLN B 978 34.13 -41.31 -19.75
C GLN B 978 34.67 -40.62 -18.48
N PRO B 979 35.13 -39.35 -18.58
CA PRO B 979 35.82 -38.66 -17.50
C PRO B 979 34.91 -38.26 -16.32
N ASN B 980 33.59 -38.26 -16.50
CA ASN B 980 32.63 -37.96 -15.43
C ASN B 980 32.68 -38.97 -14.26
N LEU B 981 33.26 -40.15 -14.49
CA LEU B 981 33.18 -41.31 -13.61
C LEU B 981 34.57 -41.85 -13.21
N ALA B 982 34.58 -42.95 -12.48
CA ALA B 982 35.67 -43.82 -12.06
C ALA B 982 35.28 -45.28 -12.42
N LEU B 983 36.22 -46.14 -12.81
CA LEU B 983 35.95 -47.53 -13.25
C LEU B 983 36.84 -48.52 -12.49
N TYR B 984 36.22 -49.52 -11.89
CA TYR B 984 36.78 -50.35 -10.81
C TYR B 984 36.27 -51.79 -10.88
N LYS B 985 37.05 -52.76 -10.39
CA LYS B 985 36.76 -54.19 -10.53
C LYS B 985 36.83 -54.93 -9.19
N GLU B 986 35.81 -55.74 -8.93
CA GLU B 986 35.65 -56.61 -7.76
C GLU B 986 34.83 -57.87 -8.13
N GLY B 987 35.13 -59.03 -7.55
CA GLY B 987 34.24 -60.21 -7.60
C GLY B 987 33.78 -60.64 -8.99
N ASN B 988 34.68 -60.67 -9.98
CA ASN B 988 34.41 -60.98 -11.40
C ASN B 988 33.51 -59.96 -12.15
N TYR B 989 33.41 -58.73 -11.64
CA TYR B 989 32.61 -57.62 -12.19
C TYR B 989 33.45 -56.35 -12.34
N TYR B 990 33.02 -55.48 -13.26
CA TYR B 990 33.61 -54.17 -13.50
C TYR B 990 32.47 -53.15 -13.48
N ARG B 991 32.72 -52.05 -12.79
CA ARG B 991 31.70 -51.13 -12.31
C ARG B 991 32.16 -49.70 -12.53
N ILE B 992 31.27 -48.82 -12.97
CA ILE B 992 31.57 -47.42 -13.30
C ILE B 992 30.64 -46.45 -12.54
N THR B 993 31.24 -45.46 -11.88
CA THR B 993 30.65 -44.74 -10.74
C THR B 993 31.12 -43.29 -10.65
N SER B 994 30.29 -42.36 -10.18
CA SER B 994 30.75 -40.99 -9.88
C SER B 994 32.04 -40.99 -9.03
N ARG B 995 32.98 -40.07 -9.30
CA ARG B 995 34.43 -40.25 -9.06
C ARG B 995 34.85 -40.72 -7.66
N ILE B 996 34.08 -40.44 -6.60
CA ILE B 996 34.38 -40.79 -5.20
C ILE B 996 33.34 -41.72 -4.52
N MET B 997 32.57 -42.47 -5.31
CA MET B 997 31.36 -43.19 -4.87
C MET B 997 31.44 -44.71 -5.09
N PHE B 998 30.67 -45.47 -4.29
CA PHE B 998 30.57 -46.92 -4.40
C PHE B 998 29.25 -47.37 -5.08
N GLU B 999 29.09 -47.05 -6.37
CA GLU B 999 28.02 -47.63 -7.18
C GLU B 999 28.49 -48.91 -7.89
N PRO B 1000 28.08 -50.12 -7.46
CA PRO B 1000 28.19 -51.31 -8.29
C PRO B 1000 27.15 -51.25 -9.41
N ARG B 1001 27.49 -50.50 -10.47
CA ARG B 1001 26.75 -50.32 -11.74
C ARG B 1001 27.70 -50.56 -12.90
N ILE B 1002 27.29 -51.25 -13.96
CA ILE B 1002 28.20 -51.74 -15.01
C ILE B 1002 28.50 -50.66 -16.08
N PRO B 1003 29.72 -50.58 -16.67
CA PRO B 1003 30.03 -49.71 -17.82
C PRO B 1003 29.33 -50.13 -19.13
N THR B 1004 29.53 -49.36 -20.21
CA THR B 1004 28.70 -49.40 -21.44
C THR B 1004 29.52 -49.34 -22.74
N MET B 1005 28.89 -49.67 -23.88
CA MET B 1005 29.47 -49.42 -25.21
C MET B 1005 29.76 -47.93 -25.45
N ALA B 1006 30.78 -47.65 -26.25
CA ALA B 1006 31.29 -46.31 -26.56
C ALA B 1006 31.79 -45.49 -25.34
N ASP B 1007 31.89 -46.10 -24.15
CA ASP B 1007 32.85 -45.64 -23.13
C ASP B 1007 34.30 -45.96 -23.52
N PHE B 1008 34.55 -46.95 -24.40
CA PHE B 1008 35.87 -47.49 -24.72
C PHE B 1008 36.17 -47.54 -26.22
N VAL B 1009 37.44 -47.29 -26.54
CA VAL B 1009 38.09 -47.20 -27.87
C VAL B 1009 39.32 -48.12 -27.86
N GLN B 1010 39.65 -48.77 -28.97
CA GLN B 1010 40.56 -49.93 -28.96
C GLN B 1010 41.73 -49.81 -29.96
N ILE B 1011 42.89 -50.29 -29.52
CA ILE B 1011 44.21 -50.02 -30.09
C ILE B 1011 45.02 -51.32 -30.18
N GLU B 1012 45.86 -51.51 -31.20
CA GLU B 1012 46.80 -52.64 -31.29
C GLU B 1012 48.03 -52.46 -30.35
N ASN B 1013 47.78 -52.35 -29.04
CA ASN B 1013 48.77 -52.07 -28.00
C ASN B 1013 48.29 -52.63 -26.64
N CYS B 1014 49.18 -52.80 -25.67
CA CYS B 1014 48.84 -52.91 -24.24
C CYS B 1014 49.94 -52.26 -23.39
N ASN B 1015 49.58 -51.78 -22.20
CA ASN B 1015 50.50 -51.17 -21.24
C ASN B 1015 50.37 -51.85 -19.86
N VAL B 1016 51.46 -51.94 -19.09
CA VAL B 1016 51.49 -52.58 -17.76
C VAL B 1016 50.53 -51.95 -16.75
N THR B 1017 50.14 -50.69 -16.94
CA THR B 1017 49.11 -50.00 -16.12
C THR B 1017 47.66 -50.45 -16.40
N PHE B 1018 47.41 -51.28 -17.43
CA PHE B 1018 46.08 -51.84 -17.73
C PHE B 1018 45.77 -53.08 -16.86
N VAL B 1019 44.58 -53.68 -17.06
CA VAL B 1019 44.13 -54.94 -16.43
C VAL B 1019 44.00 -55.94 -17.59
N ASN B 1020 44.00 -57.24 -17.30
CA ASN B 1020 44.03 -58.11 -18.50
C ASN B 1020 42.94 -59.20 -18.55
N ILE B 1021 42.39 -59.35 -19.75
CA ILE B 1021 41.04 -59.82 -20.10
C ILE B 1021 41.06 -60.57 -21.44
N SER B 1022 40.25 -61.60 -21.65
CA SER B 1022 39.92 -62.15 -22.97
C SER B 1022 38.68 -61.50 -23.59
N ARG B 1023 38.47 -61.63 -24.91
CA ARG B 1023 37.22 -61.15 -25.55
C ARG B 1023 35.93 -61.85 -25.08
N SER B 1024 36.00 -62.98 -24.35
CA SER B 1024 34.84 -63.54 -23.62
C SER B 1024 34.73 -62.98 -22.19
N GLU B 1025 35.84 -62.78 -21.47
CA GLU B 1025 35.92 -62.01 -20.21
C GLU B 1025 35.40 -60.58 -20.33
N LEU B 1026 35.47 -59.98 -21.54
CA LEU B 1026 34.83 -58.70 -21.86
C LEU B 1026 33.33 -58.66 -21.51
N GLN B 1027 32.61 -59.78 -21.40
CA GLN B 1027 31.21 -59.85 -20.94
C GLN B 1027 31.02 -59.16 -19.56
N THR B 1028 32.05 -59.19 -18.69
CA THR B 1028 32.09 -58.44 -17.42
C THR B 1028 32.00 -56.92 -17.61
N ILE B 1029 32.52 -56.40 -18.73
CA ILE B 1029 32.40 -55.01 -19.20
C ILE B 1029 31.04 -54.80 -19.88
N VAL B 1030 30.85 -55.42 -21.06
CA VAL B 1030 29.57 -55.53 -21.79
C VAL B 1030 29.58 -56.80 -22.67
N PRO B 1031 28.41 -57.37 -23.02
CA PRO B 1031 28.33 -58.47 -23.99
C PRO B 1031 28.65 -58.04 -25.44
N GLU B 1032 28.71 -56.73 -25.68
CA GLU B 1032 28.66 -56.10 -26.99
C GLU B 1032 30.01 -56.05 -27.74
N TYR B 1033 31.14 -55.84 -27.04
CA TYR B 1033 32.47 -55.78 -27.67
C TYR B 1033 32.92 -57.16 -28.16
N GLU C 37 42.06 33.77 -18.20
CA GLU C 37 41.36 33.76 -16.89
C GLU C 37 40.28 32.69 -16.90
N ASN C 38 39.92 32.10 -15.75
CA ASN C 38 38.80 31.16 -15.67
C ASN C 38 37.43 31.87 -15.52
N VAL C 39 37.02 32.48 -16.62
CA VAL C 39 35.79 33.23 -16.87
C VAL C 39 35.35 32.96 -18.31
N PHE C 40 34.09 33.18 -18.67
CA PHE C 40 33.51 32.63 -19.89
C PHE C 40 32.58 33.59 -20.60
N ALA C 41 32.32 33.33 -21.87
CA ALA C 41 31.33 34.04 -22.65
C ALA C 41 29.93 33.46 -22.37
N VAL C 42 28.98 34.31 -21.98
CA VAL C 42 27.60 33.88 -21.75
C VAL C 42 26.95 33.45 -23.06
N GLU C 43 26.24 32.32 -23.07
CA GLU C 43 25.55 31.83 -24.26
C GLU C 43 24.33 32.72 -24.57
N SER C 44 23.97 32.87 -25.84
CA SER C 44 22.83 33.72 -26.19
C SER C 44 21.56 33.24 -25.53
N GLY C 45 20.80 34.17 -24.97
CA GLY C 45 19.66 33.88 -24.09
C GLY C 45 20.02 33.91 -22.61
N GLY C 46 21.30 33.85 -22.25
CA GLY C 46 21.80 34.11 -20.89
C GLY C 46 22.39 32.90 -20.17
N TYR C 47 22.39 31.72 -20.76
CA TYR C 47 22.82 30.50 -20.10
C TYR C 47 24.32 30.45 -19.85
N ILE C 48 24.75 29.62 -18.91
CA ILE C 48 26.15 29.39 -18.57
C ILE C 48 26.61 28.14 -19.31
N PRO C 49 27.70 28.20 -20.08
CA PRO C 49 28.09 27.12 -20.97
C PRO C 49 28.41 25.85 -20.20
N SER C 50 27.91 24.73 -20.70
CA SER C 50 27.76 23.48 -19.96
C SER C 50 29.06 22.88 -19.45
N ASP C 51 30.20 23.22 -20.05
CA ASP C 51 31.50 22.74 -19.63
C ASP C 51 32.06 23.49 -18.40
N PHE C 52 31.48 24.62 -18.03
CA PHE C 52 32.02 25.49 -16.99
C PHE C 52 32.13 24.77 -15.64
N ALA C 53 33.22 25.03 -14.93
CA ALA C 53 33.55 24.32 -13.70
C ALA C 53 32.76 24.78 -12.48
N PHE C 54 32.09 25.94 -12.53
CA PHE C 54 31.49 26.57 -11.35
C PHE C 54 32.50 26.73 -10.22
N ASN C 55 33.72 27.14 -10.56
CA ASN C 55 34.89 26.97 -9.70
C ASN C 55 34.76 27.57 -8.29
N ASN C 56 34.16 28.75 -8.18
CA ASN C 56 33.84 29.41 -6.92
C ASN C 56 32.44 30.02 -6.96
N TRP C 57 31.51 29.39 -7.66
CA TRP C 57 30.12 29.81 -7.73
C TRP C 57 29.30 28.89 -6.85
N PHE C 58 28.56 29.42 -5.88
CA PHE C 58 27.87 28.61 -4.90
C PHE C 58 26.38 28.55 -5.15
N LEU C 59 25.84 27.37 -4.91
CA LEU C 59 24.41 27.17 -4.80
C LEU C 59 23.95 27.94 -3.57
N LEU C 60 23.13 28.97 -3.74
CA LEU C 60 22.74 29.84 -2.65
C LEU C 60 21.73 29.17 -1.75
N THR C 61 21.74 29.53 -0.48
CA THR C 61 20.83 28.97 0.53
C THR C 61 20.42 29.98 1.57
N ASN C 62 19.23 29.77 2.12
CA ASN C 62 18.79 30.39 3.36
C ASN C 62 19.14 29.54 4.58
N THR C 63 19.43 28.24 4.39
CA THR C 63 19.78 27.27 5.42
C THR C 63 20.35 26.00 4.79
N SER C 64 21.02 25.12 5.53
CA SER C 64 21.12 23.70 5.18
C SER C 64 21.59 23.40 3.76
N SER C 65 22.84 23.72 3.43
CA SER C 65 23.40 23.41 2.12
C SER C 65 23.68 21.92 1.95
N VAL C 66 23.19 21.28 0.91
CA VAL C 66 23.36 19.83 0.73
C VAL C 66 24.80 19.44 0.47
N VAL C 67 25.19 18.22 0.87
CA VAL C 67 26.57 17.74 0.74
C VAL C 67 26.81 17.11 -0.62
N ASP C 68 26.09 16.04 -0.93
CA ASP C 68 26.07 15.36 -2.21
C ASP C 68 24.60 15.14 -2.57
N GLY C 69 24.22 15.28 -3.84
CA GLY C 69 22.87 15.01 -4.28
C GLY C 69 22.49 15.78 -5.53
N VAL C 70 21.34 15.46 -6.10
CA VAL C 70 20.76 16.21 -7.21
C VAL C 70 19.59 17.00 -6.68
N VAL C 71 19.54 18.30 -6.93
CA VAL C 71 18.52 19.20 -6.39
C VAL C 71 18.02 20.14 -7.44
N ARG C 72 16.74 20.46 -7.38
CA ARG C 72 16.05 21.34 -8.30
C ARG C 72 15.75 22.62 -7.57
N SER C 73 16.12 23.79 -8.07
CA SER C 73 15.79 25.05 -7.39
C SER C 73 15.80 26.24 -8.32
N PHE C 74 15.10 27.30 -7.92
CA PHE C 74 15.32 28.62 -8.47
C PHE C 74 16.65 29.15 -7.94
N GLN C 75 17.55 29.53 -8.83
CA GLN C 75 18.85 30.08 -8.48
C GLN C 75 19.19 31.24 -9.41
N PRO C 76 19.92 32.26 -8.97
CA PRO C 76 20.38 33.32 -9.83
C PRO C 76 21.55 32.82 -10.66
N LEU C 77 21.25 32.08 -11.71
CA LEU C 77 22.22 31.45 -12.61
C LEU C 77 21.93 31.71 -14.08
N LEU C 78 20.96 32.56 -14.40
CA LEU C 78 20.74 33.02 -15.76
C LEU C 78 21.27 34.44 -15.84
N LEU C 79 22.22 34.68 -16.74
CA LEU C 79 23.08 35.85 -16.61
C LEU C 79 22.71 36.92 -17.61
N ASN C 80 22.41 38.11 -17.11
CA ASN C 80 22.02 39.23 -17.91
C ASN C 80 23.23 39.99 -18.45
N CYS C 81 24.34 40.00 -17.71
CA CYS C 81 25.63 40.44 -18.19
C CYS C 81 26.71 39.83 -17.30
N LEU C 82 27.95 39.72 -17.77
CA LEU C 82 29.08 39.33 -16.95
C LEU C 82 30.32 40.05 -17.44
N TRP C 83 31.21 40.45 -16.54
CA TRP C 83 32.51 41.03 -16.89
C TRP C 83 33.51 40.80 -15.78
N SER C 84 34.73 41.33 -15.92
CA SER C 84 35.75 41.22 -14.88
C SER C 84 36.55 42.49 -14.72
N VAL C 85 37.14 42.67 -13.54
CA VAL C 85 38.00 43.81 -13.20
C VAL C 85 39.27 43.29 -12.54
N SER C 86 40.42 43.83 -12.92
CA SER C 86 41.74 43.28 -12.61
C SER C 86 42.68 44.32 -12.02
N GLY C 87 43.48 43.92 -11.05
CA GLY C 87 44.14 44.79 -10.06
C GLY C 87 45.39 45.53 -10.50
N LEU C 88 45.68 45.56 -11.80
CA LEU C 88 46.73 46.43 -12.38
C LEU C 88 46.44 47.90 -12.07
N ARG C 89 45.15 48.25 -12.12
CA ARG C 89 44.51 49.53 -11.80
C ARG C 89 43.19 49.22 -11.10
N PHE C 90 42.54 50.21 -10.48
CA PHE C 90 41.19 50.01 -9.96
C PHE C 90 40.21 51.09 -10.40
N THR C 91 38.96 50.68 -10.61
CA THR C 91 37.84 51.53 -11.00
C THR C 91 36.65 51.26 -10.07
N THR C 92 35.93 52.31 -9.67
CA THR C 92 34.88 52.23 -8.65
C THR C 92 33.62 52.85 -9.24
N GLY C 93 32.56 52.07 -9.19
CA GLY C 93 31.40 52.16 -10.07
C GLY C 93 30.17 51.70 -9.34
N PHE C 94 29.02 52.25 -9.70
CA PHE C 94 27.77 51.84 -9.07
C PHE C 94 26.96 51.14 -10.15
N VAL C 95 26.57 49.92 -9.83
CA VAL C 95 25.91 48.99 -10.73
C VAL C 95 24.47 48.91 -10.29
N TYR C 96 23.55 49.15 -11.20
CA TYR C 96 22.13 49.19 -10.91
C TYR C 96 21.52 47.90 -11.39
N PHE C 97 20.60 47.32 -10.64
CA PHE C 97 19.94 46.10 -11.10
C PHE C 97 19.19 46.28 -12.44
N ASN C 98 18.83 47.51 -12.82
CA ASN C 98 18.32 47.79 -14.16
C ASN C 98 19.42 47.78 -15.26
N GLY C 99 20.63 47.38 -14.93
CA GLY C 99 21.77 47.26 -15.84
C GLY C 99 22.61 48.53 -16.00
N THR C 100 22.19 49.66 -15.45
CA THR C 100 22.95 50.91 -15.57
C THR C 100 24.32 50.77 -14.90
N GLY C 101 25.36 51.33 -15.50
CA GLY C 101 26.70 51.36 -14.93
C GLY C 101 27.50 50.07 -15.00
N ARG C 102 26.94 48.97 -15.52
CA ARG C 102 27.66 47.69 -15.66
C ARG C 102 28.92 47.77 -16.52
N GLY C 103 29.79 46.78 -16.40
CA GLY C 103 31.02 46.73 -17.20
C GLY C 103 30.82 46.33 -18.65
N ASP C 104 31.91 46.05 -19.36
CA ASP C 104 31.86 45.62 -20.76
C ASP C 104 31.57 44.11 -20.89
N CYS C 105 30.30 43.76 -21.13
CA CYS C 105 29.80 42.38 -21.03
C CYS C 105 30.49 41.39 -21.98
N LYS C 106 30.62 40.13 -21.57
CA LYS C 106 31.17 39.04 -22.41
C LYS C 106 30.11 38.08 -22.93
N GLY C 107 30.13 37.85 -24.24
CA GLY C 107 29.38 36.79 -24.92
C GLY C 107 27.93 37.11 -25.25
N PHE C 108 27.20 37.72 -24.32
CA PHE C 108 25.79 38.04 -24.49
C PHE C 108 25.39 39.15 -23.52
N SER C 109 24.25 39.78 -23.73
CA SER C 109 23.71 40.76 -22.79
C SER C 109 22.20 40.81 -22.84
N SER C 110 21.59 41.27 -21.77
CA SER C 110 20.18 41.60 -21.69
C SER C 110 20.01 42.82 -20.80
N ASP C 111 18.95 43.59 -21.02
CA ASP C 111 18.71 44.84 -20.29
C ASP C 111 17.48 44.77 -19.37
N VAL C 112 16.97 43.57 -19.12
CA VAL C 112 15.91 43.34 -18.14
C VAL C 112 16.34 43.77 -16.74
N LEU C 113 15.38 43.96 -15.84
CA LEU C 113 15.68 44.15 -14.43
C LEU C 113 16.24 42.83 -13.86
N SER C 114 17.50 42.83 -13.46
CA SER C 114 18.14 41.68 -12.80
C SER C 114 17.61 41.47 -11.39
N ASP C 115 17.72 40.25 -10.89
CA ASP C 115 17.35 39.93 -9.51
C ASP C 115 18.53 39.98 -8.56
N VAL C 116 19.74 39.84 -9.08
CA VAL C 116 20.94 39.62 -8.27
C VAL C 116 22.16 40.22 -8.94
N ILE C 117 23.16 40.61 -8.17
CA ILE C 117 24.54 40.78 -8.62
C ILE C 117 25.41 39.76 -7.92
N ARG C 118 26.26 39.03 -8.62
CA ARG C 118 27.26 38.13 -8.03
C ARG C 118 28.64 38.72 -8.18
N TYR C 119 29.42 38.79 -7.11
CA TYR C 119 30.83 39.14 -7.16
C TYR C 119 31.64 37.91 -6.83
N ASN C 120 32.56 37.53 -7.70
CA ASN C 120 33.35 36.32 -7.51
C ASN C 120 34.83 36.68 -7.39
N LEU C 121 35.48 36.38 -6.28
CA LEU C 121 36.77 36.94 -5.90
C LEU C 121 37.89 35.93 -6.11
N ASN C 122 38.95 36.32 -6.81
CA ASN C 122 40.10 35.45 -7.00
C ASN C 122 41.16 35.54 -5.89
N PHE C 123 41.01 36.44 -4.90
CA PHE C 123 42.14 36.99 -4.15
C PHE C 123 41.89 37.15 -2.64
N GLU C 124 42.97 37.26 -1.88
CA GLU C 124 43.05 36.81 -0.48
C GLU C 124 42.84 37.89 0.59
N GLU C 125 42.84 39.19 0.24
CA GLU C 125 42.47 40.26 1.20
C GLU C 125 40.95 40.38 1.38
N ASN C 126 40.19 39.57 0.64
CA ASN C 126 38.79 39.27 0.91
C ASN C 126 37.96 40.57 1.05
N LEU C 127 37.10 40.65 2.07
CA LEU C 127 36.40 41.88 2.49
C LEU C 127 37.06 42.58 3.68
N ARG C 128 38.25 42.14 4.12
CA ARG C 128 38.92 42.63 5.34
C ARG C 128 39.44 44.07 5.23
N ARG C 129 39.29 44.69 4.06
CA ARG C 129 39.46 46.12 3.81
C ARG C 129 38.57 46.59 2.66
N GLY C 130 38.38 47.90 2.55
CA GLY C 130 37.42 48.46 1.61
C GLY C 130 35.98 48.32 2.13
N THR C 131 35.01 48.40 1.24
CA THR C 131 33.61 48.62 1.58
C THR C 131 32.70 48.07 0.50
N ILE C 132 31.42 47.91 0.83
CA ILE C 132 30.36 47.76 -0.16
C ILE C 132 29.36 48.85 0.16
N LEU C 133 28.77 49.47 -0.86
CA LEU C 133 27.80 50.53 -0.68
C LEU C 133 26.56 50.20 -1.46
N PHE C 134 25.40 50.39 -0.86
CA PHE C 134 24.12 50.16 -1.48
C PHE C 134 23.39 51.50 -1.56
N LYS C 135 23.02 51.96 -2.75
CA LYS C 135 22.03 53.03 -2.86
C LYS C 135 20.68 52.39 -2.62
N THR C 136 20.16 52.65 -1.45
CA THR C 136 18.83 52.24 -1.03
C THR C 136 17.85 53.33 -1.41
N SER C 137 16.58 52.98 -1.62
CA SER C 137 15.56 53.93 -2.08
C SER C 137 15.39 55.16 -1.17
N TYR C 138 15.79 55.07 0.10
CA TYR C 138 15.75 56.17 1.06
C TYR C 138 17.13 56.72 1.48
N GLY C 139 18.25 56.19 1.02
CA GLY C 139 19.57 56.64 1.48
C GLY C 139 20.74 55.73 1.09
N VAL C 140 21.91 55.97 1.66
CA VAL C 140 23.12 55.17 1.41
C VAL C 140 23.38 54.26 2.59
N VAL C 141 23.61 52.99 2.31
CA VAL C 141 24.02 52.00 3.31
C VAL C 141 25.45 51.62 3.03
N VAL C 142 26.34 51.67 4.01
CA VAL C 142 27.70 51.16 3.87
C VAL C 142 27.86 49.91 4.69
N PHE C 143 28.38 48.84 4.12
CA PHE C 143 28.80 47.65 4.85
C PHE C 143 30.31 47.62 4.92
N TYR C 144 30.86 47.30 6.08
CA TYR C 144 32.30 47.22 6.31
C TYR C 144 32.63 46.27 7.45
N CYS C 145 33.88 45.81 7.52
CA CYS C 145 34.32 44.88 8.54
C CYS C 145 35.60 45.34 9.22
N THR C 146 35.82 44.90 10.44
CA THR C 146 36.86 45.41 11.34
C THR C 146 37.28 44.34 12.32
N ASN C 147 38.51 44.43 12.83
CA ASN C 147 39.00 43.56 13.91
C ASN C 147 39.52 44.34 15.14
N ASN C 148 39.26 45.64 15.22
CA ASN C 148 39.62 46.49 16.35
C ASN C 148 38.60 46.38 17.49
N LEU C 163 39.18 37.33 19.61
CA LEU C 163 38.71 38.69 19.38
C LEU C 163 39.70 39.57 18.59
N GLY C 164 40.72 38.96 17.99
CA GLY C 164 41.55 39.55 16.93
C GLY C 164 41.01 39.31 15.50
N ASN C 165 39.93 38.53 15.38
CA ASN C 165 39.24 38.20 14.14
C ASN C 165 38.25 39.30 13.69
N PHE C 166 37.60 39.12 12.55
CA PHE C 166 36.86 40.18 11.87
C PHE C 166 35.34 40.10 12.06
N TYR C 167 34.75 41.25 12.39
CA TYR C 167 33.35 41.47 12.66
C TYR C 167 32.81 42.55 11.71
N CYS C 168 31.55 42.46 11.30
CA CYS C 168 31.01 43.28 10.24
C CYS C 168 29.81 44.11 10.66
N PHE C 169 29.72 45.32 10.12
CA PHE C 169 28.82 46.35 10.55
C PHE C 169 28.21 47.06 9.35
N VAL C 170 26.95 47.43 9.49
CA VAL C 170 26.16 48.13 8.49
C VAL C 170 25.85 49.54 8.97
N ASN C 171 26.20 50.55 8.20
CA ASN C 171 25.87 51.95 8.45
C ASN C 171 24.67 52.37 7.62
N THR C 172 23.47 52.03 8.07
CA THR C 172 22.29 52.71 7.53
C THR C 172 22.43 54.19 7.87
N THR C 173 22.44 55.03 6.84
CA THR C 173 22.55 56.48 6.97
C THR C 173 21.30 57.14 6.42
N ILE C 174 20.61 57.93 7.23
CA ILE C 174 19.38 58.64 6.85
C ILE C 174 19.51 60.08 7.30
N GLY C 175 19.16 61.06 6.46
CA GLY C 175 19.21 62.48 6.82
C GLY C 175 20.59 62.98 7.29
N THR C 176 21.67 62.26 6.98
CA THR C 176 23.04 62.44 7.52
C THR C 176 23.22 62.19 9.02
N GLU C 177 22.35 61.40 9.63
CA GLU C 177 22.64 60.68 10.88
C GLU C 177 22.88 59.19 10.57
N THR C 178 23.93 58.62 11.16
CA THR C 178 24.34 57.24 10.89
C THR C 178 23.97 56.35 12.05
N THR C 179 23.14 55.34 11.79
CA THR C 179 22.72 54.34 12.78
C THR C 179 23.52 53.07 12.55
N SER C 180 24.81 53.13 12.89
CA SER C 180 25.74 52.01 12.68
C SER C 180 25.35 50.80 13.51
N ALA C 181 25.27 49.62 12.90
CA ALA C 181 24.78 48.40 13.52
C ALA C 181 25.72 47.23 13.30
N PHE C 182 25.94 46.38 14.30
CA PHE C 182 26.57 45.09 14.11
C PHE C 182 25.65 44.11 13.38
N VAL C 183 26.20 43.13 12.67
CA VAL C 183 25.40 42.18 11.89
C VAL C 183 25.93 40.75 11.86
N GLY C 184 27.22 40.53 12.09
CA GLY C 184 27.77 39.17 12.13
C GLY C 184 29.29 39.14 12.13
N ALA C 185 29.87 37.97 12.40
CA ALA C 185 31.27 37.73 12.13
C ALA C 185 31.45 37.42 10.64
N LEU C 186 32.59 37.80 10.08
CA LEU C 186 32.91 37.50 8.70
C LEU C 186 33.35 36.03 8.56
N PRO C 187 32.78 35.24 7.66
CA PRO C 187 33.30 33.91 7.38
C PRO C 187 34.72 33.99 6.83
N LYS C 188 35.56 33.01 7.12
CA LYS C 188 37.01 33.22 7.09
C LYS C 188 37.57 33.57 5.72
N THR C 189 37.20 32.83 4.67
CA THR C 189 37.70 33.03 3.30
C THR C 189 36.55 33.35 2.37
N VAL C 190 36.18 34.63 2.31
CA VAL C 190 35.15 35.07 1.38
C VAL C 190 35.64 34.88 -0.04
N ARG C 191 34.95 34.06 -0.82
CA ARG C 191 35.25 33.81 -2.23
C ARG C 191 34.14 34.29 -3.14
N GLU C 192 32.90 34.32 -2.69
CA GLU C 192 31.80 34.91 -3.42
C GLU C 192 30.91 35.70 -2.48
N PHE C 193 30.38 36.82 -2.93
CA PHE C 193 29.20 37.37 -2.28
C PHE C 193 28.22 37.97 -3.27
N VAL C 194 26.96 37.95 -2.89
CA VAL C 194 25.85 38.11 -3.81
C VAL C 194 24.81 39.01 -3.19
N ILE C 195 24.28 39.99 -3.93
CA ILE C 195 23.27 40.89 -3.40
C ILE C 195 22.01 40.76 -4.22
N SER C 196 20.88 40.44 -3.62
CA SER C 196 19.63 40.49 -4.37
C SER C 196 19.11 41.90 -4.43
N ARG C 197 18.31 42.20 -5.44
CA ARG C 197 17.56 43.45 -5.52
C ARG C 197 16.64 43.66 -4.33
N THR C 198 16.11 42.60 -3.73
CA THR C 198 15.32 42.66 -2.49
C THR C 198 16.18 42.72 -1.23
N GLY C 199 17.50 42.82 -1.37
CA GLY C 199 18.43 43.17 -0.31
C GLY C 199 18.97 42.02 0.49
N HIS C 200 18.76 40.78 0.07
CA HIS C 200 19.44 39.63 0.64
C HIS C 200 20.91 39.70 0.35
N PHE C 201 21.75 39.42 1.34
CA PHE C 201 23.19 39.41 1.17
C PHE C 201 23.70 38.01 1.48
N TYR C 202 24.24 37.32 0.49
CA TYR C 202 24.76 35.97 0.68
C TYR C 202 26.26 36.03 0.60
N ILE C 203 26.97 35.45 1.57
CA ILE C 203 28.42 35.31 1.53
C ILE C 203 28.72 33.83 1.45
N ASN C 204 29.56 33.41 0.52
CA ASN C 204 29.88 31.99 0.30
C ASN C 204 28.64 31.09 0.31
N GLY C 205 27.55 31.55 -0.32
CA GLY C 205 26.35 30.75 -0.50
C GLY C 205 25.39 30.68 0.68
N TYR C 206 25.62 31.40 1.77
CA TYR C 206 24.65 31.50 2.87
C TYR C 206 24.20 32.94 3.11
N ARG C 207 22.91 33.18 3.33
CA ARG C 207 22.37 34.51 3.57
C ARG C 207 22.70 35.00 4.97
N TYR C 208 23.71 35.84 5.12
CA TYR C 208 24.07 36.33 6.44
C TYR C 208 23.06 37.31 7.01
N PHE C 209 22.48 38.18 6.21
CA PHE C 209 21.50 39.16 6.66
C PHE C 209 20.66 39.69 5.51
N THR C 210 19.90 40.75 5.74
CA THR C 210 19.08 41.39 4.72
C THR C 210 19.02 42.89 4.96
N LEU C 211 18.96 43.66 3.88
CA LEU C 211 19.02 45.12 3.89
C LEU C 211 17.74 45.81 3.42
N GLY C 212 16.73 45.05 2.97
CA GLY C 212 15.60 45.63 2.24
C GLY C 212 16.01 46.19 0.88
N ASN C 213 15.04 46.62 0.09
CA ASN C 213 15.21 46.89 -1.33
C ASN C 213 16.39 47.82 -1.65
N VAL C 214 17.18 47.45 -2.67
CA VAL C 214 18.35 48.21 -3.11
C VAL C 214 18.15 48.64 -4.55
N GLU C 215 18.60 49.83 -4.90
CA GLU C 215 18.58 50.30 -6.29
C GLU C 215 19.87 49.91 -7.00
N ALA C 216 21.00 50.14 -6.34
CA ALA C 216 22.32 50.06 -6.92
C ALA C 216 23.32 49.63 -5.90
N VAL C 217 24.38 48.96 -6.32
CA VAL C 217 25.45 48.44 -5.48
C VAL C 217 26.77 48.90 -6.05
N ASN C 218 27.69 49.25 -5.19
CA ASN C 218 29.06 49.58 -5.53
C ASN C 218 29.92 48.76 -4.59
N PHE C 219 31.03 48.23 -5.09
CA PHE C 219 31.96 47.42 -4.31
C PHE C 219 33.34 48.00 -4.50
N ASN C 220 34.01 48.31 -3.40
CA ASN C 220 35.15 49.20 -3.39
C ASN C 220 36.30 48.53 -2.66
N VAL C 221 37.43 48.45 -3.36
CA VAL C 221 38.52 47.53 -3.09
C VAL C 221 39.81 48.19 -3.52
N THR C 222 40.91 47.87 -2.85
CA THR C 222 42.23 48.27 -3.29
C THR C 222 43.07 47.00 -3.40
N THR C 223 43.65 46.76 -4.57
CA THR C 223 44.12 45.43 -4.97
C THR C 223 45.65 45.36 -4.86
N ALA C 224 46.12 44.38 -4.09
CA ALA C 224 47.54 44.21 -3.82
C ALA C 224 48.40 43.88 -5.06
N GLU C 225 47.83 43.30 -6.11
CA GLU C 225 48.58 42.84 -7.28
C GLU C 225 47.85 42.99 -8.61
N THR C 226 48.61 43.08 -9.70
CA THR C 226 48.08 42.88 -11.07
C THR C 226 47.38 41.53 -11.23
N THR C 227 47.84 40.50 -10.50
CA THR C 227 47.27 39.14 -10.55
C THR C 227 45.87 39.05 -9.94
N ASP C 228 45.45 40.02 -9.12
CA ASP C 228 44.11 40.03 -8.54
C ASP C 228 43.07 40.30 -9.61
N PHE C 229 41.92 39.64 -9.52
CA PHE C 229 40.73 40.03 -10.25
C PHE C 229 39.49 39.59 -9.53
N PHE C 230 38.36 40.16 -9.88
CA PHE C 230 37.07 39.54 -9.61
C PHE C 230 36.19 39.64 -10.83
N THR C 231 35.39 38.62 -11.07
CA THR C 231 34.30 38.72 -12.04
C THR C 231 33.08 39.30 -11.37
N VAL C 232 32.22 39.92 -12.14
CA VAL C 232 30.94 40.41 -11.69
C VAL C 232 29.90 39.92 -12.66
N ALA C 233 28.77 39.45 -12.17
CA ALA C 233 27.67 39.03 -13.03
C ALA C 233 26.37 39.63 -12.54
N LEU C 234 25.53 40.06 -13.46
CA LEU C 234 24.17 40.45 -13.15
C LEU C 234 23.31 39.26 -13.53
N ALA C 235 22.44 38.82 -12.66
CA ALA C 235 21.74 37.56 -12.83
C ALA C 235 20.25 37.67 -12.49
N SER C 236 19.49 36.72 -13.00
CA SER C 236 18.07 36.61 -12.77
C SER C 236 17.77 35.23 -12.23
N TYR C 237 16.82 35.11 -11.31
CA TYR C 237 16.40 33.81 -10.83
C TYR C 237 15.87 33.00 -12.01
N ALA C 238 16.42 31.81 -12.19
CA ALA C 238 16.01 30.88 -13.21
C ALA C 238 15.94 29.49 -12.62
N ASP C 239 15.23 28.60 -13.28
CA ASP C 239 14.85 27.33 -12.69
C ASP C 239 15.75 26.23 -13.23
N VAL C 240 16.49 25.57 -12.34
CA VAL C 240 17.60 24.70 -12.72
C VAL C 240 17.63 23.42 -11.91
N LEU C 241 18.19 22.39 -12.52
CA LEU C 241 18.52 21.14 -11.86
C LEU C 241 20.02 21.13 -11.69
N VAL C 242 20.48 20.82 -10.51
CA VAL C 242 21.87 20.98 -10.11
C VAL C 242 22.38 19.68 -9.54
N ASN C 243 23.58 19.30 -9.95
CA ASN C 243 24.28 18.17 -9.38
C ASN C 243 25.30 18.70 -8.41
N VAL C 244 25.15 18.38 -7.14
CA VAL C 244 25.99 18.89 -6.07
C VAL C 244 26.89 17.78 -5.57
N SER C 245 28.19 18.02 -5.50
CA SER C 245 29.14 17.12 -4.86
C SER C 245 30.06 17.89 -3.96
N GLN C 246 30.32 17.35 -2.76
CA GLN C 246 31.18 18.01 -1.77
C GLN C 246 30.77 19.46 -1.59
N THR C 247 29.46 19.63 -1.49
CA THR C 247 28.70 20.85 -1.34
C THR C 247 29.00 21.96 -2.34
N SER C 248 29.51 21.59 -3.52
CA SER C 248 29.81 22.51 -4.62
C SER C 248 29.07 22.10 -5.88
N ILE C 249 28.68 23.05 -6.72
CA ILE C 249 28.00 22.77 -7.98
C ILE C 249 28.95 22.05 -8.91
N ALA C 250 28.61 20.85 -9.36
CA ALA C 250 29.39 20.15 -10.36
C ALA C 250 28.93 20.50 -11.78
N ASN C 251 27.64 20.36 -12.05
CA ASN C 251 27.03 20.67 -13.33
C ASN C 251 25.55 20.94 -13.15
N ILE C 252 24.93 21.63 -14.11
CA ILE C 252 23.53 22.04 -14.05
C ILE C 252 22.88 21.91 -15.42
N ILE C 253 21.55 21.89 -15.45
CA ILE C 253 20.76 22.14 -16.65
C ILE C 253 19.64 23.09 -16.30
N TYR C 254 19.10 23.79 -17.29
CA TYR C 254 18.04 24.77 -17.10
C TYR C 254 16.71 24.21 -17.60
N CYS C 255 15.66 24.27 -16.79
CA CYS C 255 14.36 23.68 -17.07
C CYS C 255 13.52 24.51 -18.06
N ASN C 256 14.09 24.88 -19.20
CA ASN C 256 13.50 25.81 -20.15
C ASN C 256 12.90 25.12 -21.39
N SER C 257 13.63 24.18 -22.00
CA SER C 257 13.16 23.43 -23.15
C SER C 257 12.26 22.28 -22.73
N VAL C 258 11.50 21.74 -23.68
CA VAL C 258 10.54 20.66 -23.43
C VAL C 258 11.22 19.45 -22.81
N ILE C 259 12.36 19.06 -23.36
CA ILE C 259 13.12 17.93 -22.84
C ILE C 259 13.74 18.27 -21.50
N ASN C 260 14.34 19.44 -21.30
CA ASN C 260 14.95 19.71 -20.01
C ASN C 260 13.91 19.80 -18.92
N ARG C 261 12.70 20.25 -19.19
CA ARG C 261 11.65 20.21 -18.18
C ARG C 261 11.33 18.80 -17.76
N LEU C 262 11.38 17.85 -18.68
CA LEU C 262 11.14 16.44 -18.37
C LEU C 262 12.30 15.80 -17.61
N ARG C 263 13.52 16.30 -17.76
CA ARG C 263 14.65 15.93 -16.91
C ARG C 263 14.46 16.49 -15.52
N CYS C 264 14.21 17.79 -15.39
CA CYS C 264 14.05 18.44 -14.11
C CYS C 264 12.92 17.83 -13.30
N ASP C 265 11.76 17.63 -13.91
CA ASP C 265 10.60 17.09 -13.21
C ASP C 265 10.77 15.62 -12.80
N GLN C 266 11.86 14.98 -13.20
CA GLN C 266 12.26 13.65 -12.76
C GLN C 266 13.58 13.63 -12.01
N LEU C 267 14.14 14.79 -11.71
CA LEU C 267 15.39 14.96 -10.98
C LEU C 267 16.50 14.10 -11.57
N SER C 268 16.57 14.00 -12.89
CA SER C 268 17.53 13.13 -13.54
C SER C 268 18.20 13.83 -14.70
N PHE C 269 19.51 13.77 -14.80
CA PHE C 269 20.21 14.34 -15.95
C PHE C 269 20.06 13.49 -17.19
N TYR C 270 19.80 12.21 -17.00
CA TYR C 270 19.53 11.22 -18.03
C TYR C 270 18.09 10.78 -17.93
N VAL C 271 17.33 10.81 -19.02
CA VAL C 271 15.96 10.32 -19.05
C VAL C 271 15.91 9.08 -19.92
N PRO C 272 15.59 7.89 -19.38
CA PRO C 272 15.51 6.66 -20.15
C PRO C 272 14.48 6.75 -21.26
N ASP C 273 14.65 5.99 -22.34
CA ASP C 273 13.65 5.93 -23.40
C ASP C 273 12.29 5.48 -22.86
N GLY C 274 11.21 6.05 -23.36
CA GLY C 274 9.89 5.69 -22.87
C GLY C 274 8.84 6.74 -23.19
N PHE C 275 7.67 6.58 -22.60
CA PHE C 275 6.55 7.46 -22.79
C PHE C 275 6.34 8.22 -21.49
N TYR C 276 6.41 9.53 -21.50
CA TYR C 276 6.31 10.34 -20.30
C TYR C 276 5.15 11.30 -20.38
N SER C 277 4.30 11.33 -19.37
CA SER C 277 3.18 12.26 -19.34
C SER C 277 3.64 13.66 -18.98
N THR C 278 3.17 14.67 -19.67
CA THR C 278 3.38 16.06 -19.28
C THR C 278 2.19 16.90 -19.64
N SER C 279 1.89 17.92 -18.86
CA SER C 279 0.95 18.96 -19.22
C SER C 279 1.75 20.22 -19.57
N PRO C 280 1.50 20.85 -20.72
CA PRO C 280 2.24 22.03 -21.12
C PRO C 280 1.97 23.18 -20.15
N ILE C 281 2.94 24.05 -19.91
CA ILE C 281 2.82 25.13 -18.92
C ILE C 281 1.70 26.09 -19.30
N GLN C 282 0.92 26.52 -18.32
CA GLN C 282 -0.30 27.28 -18.62
C GLN C 282 -0.05 28.77 -18.81
N SER C 283 -1.00 29.45 -19.46
CA SER C 283 -0.92 30.88 -19.74
C SER C 283 -0.80 31.69 -18.45
N VAL C 284 0.09 32.66 -18.46
CA VAL C 284 0.65 33.22 -17.22
C VAL C 284 -0.34 34.03 -16.40
N GLU C 285 -1.29 34.70 -17.05
CA GLU C 285 -2.41 35.36 -16.39
C GLU C 285 -3.69 35.24 -17.21
N LEU C 286 -4.81 35.25 -16.50
CA LEU C 286 -6.06 34.67 -16.96
C LEU C 286 -7.20 35.67 -16.82
N PRO C 287 -8.10 35.77 -17.80
CA PRO C 287 -9.37 36.44 -17.61
C PRO C 287 -10.14 35.81 -16.45
N VAL C 288 -11.06 36.58 -15.88
CA VAL C 288 -12.00 36.09 -14.87
C VAL C 288 -13.41 36.05 -15.42
N SER C 289 -14.11 34.97 -15.18
CA SER C 289 -15.52 34.82 -15.52
C SER C 289 -16.33 34.44 -14.31
N ILE C 290 -17.52 35.01 -14.18
CA ILE C 290 -18.37 34.88 -13.01
C ILE C 290 -19.77 34.55 -13.48
N VAL C 291 -20.41 33.58 -12.86
CA VAL C 291 -21.81 33.27 -13.12
C VAL C 291 -22.51 33.05 -11.79
N SER C 292 -23.69 33.58 -11.59
CA SER C 292 -24.48 33.33 -10.38
C SER C 292 -25.95 33.50 -10.64
N LEU C 293 -26.79 32.86 -9.82
CA LEU C 293 -28.22 33.04 -9.90
C LEU C 293 -28.56 34.50 -9.61
N PRO C 294 -29.48 35.14 -10.33
CA PRO C 294 -29.90 36.50 -10.03
C PRO C 294 -30.40 36.64 -8.59
N VAL C 295 -30.03 37.74 -7.92
CA VAL C 295 -30.43 38.06 -6.55
C VAL C 295 -30.55 39.58 -6.39
N TYR C 296 -31.27 40.03 -5.36
CA TYR C 296 -31.39 41.46 -5.08
C TYR C 296 -30.03 42.02 -4.63
N HIS C 297 -29.43 42.92 -5.41
CA HIS C 297 -28.08 43.45 -5.18
C HIS C 297 -28.05 44.59 -4.16
N LYS C 298 -28.38 44.27 -2.92
CA LYS C 298 -28.07 45.12 -1.77
C LYS C 298 -26.57 45.01 -1.49
N HIS C 299 -25.86 46.14 -1.43
CA HIS C 299 -24.40 46.14 -1.43
C HIS C 299 -23.78 46.95 -0.26
N MET C 300 -22.60 46.53 0.21
CA MET C 300 -21.91 47.12 1.36
C MET C 300 -20.39 47.09 1.17
N PHE C 301 -19.70 48.10 1.69
CA PHE C 301 -18.24 48.11 1.79
C PHE C 301 -17.79 47.97 3.24
N ILE C 302 -16.92 47.00 3.50
CA ILE C 302 -16.14 46.94 4.72
C ILE C 302 -14.78 47.58 4.42
N VAL C 303 -14.59 48.82 4.81
CA VAL C 303 -13.34 49.55 4.57
C VAL C 303 -12.57 49.64 5.86
N LEU C 304 -11.32 49.21 5.85
CA LEU C 304 -10.41 49.29 6.97
C LEU C 304 -9.27 50.24 6.64
N TYR C 305 -9.08 51.26 7.47
CA TYR C 305 -8.00 52.23 7.35
C TYR C 305 -6.95 51.96 8.41
N VAL C 306 -5.69 51.88 8.00
CA VAL C 306 -4.54 51.79 8.89
C VAL C 306 -3.66 53.01 8.73
N ASP C 307 -3.32 53.66 9.84
CA ASP C 307 -2.33 54.73 9.91
C ASP C 307 -1.36 54.48 11.07
N PHE C 308 -0.07 54.76 10.86
CA PHE C 308 0.96 54.75 11.89
C PHE C 308 2.17 55.57 11.41
N LYS C 309 3.04 55.92 12.34
CA LYS C 309 4.26 56.69 12.10
C LYS C 309 5.49 55.97 12.67
N PRO C 310 6.67 56.18 12.09
CA PRO C 310 7.91 55.72 12.66
C PRO C 310 8.26 56.55 13.91
N GLN C 311 9.12 56.02 14.78
CA GLN C 311 9.91 56.89 15.66
C GLN C 311 10.94 57.68 14.82
N SER C 312 11.60 58.71 15.32
CA SER C 312 12.51 59.52 14.49
C SER C 312 13.61 60.24 15.29
N GLY C 313 14.72 60.52 14.59
CA GLY C 313 15.84 61.32 15.10
C GLY C 313 16.73 60.63 16.13
N GLY C 314 16.52 59.34 16.43
CA GLY C 314 17.28 58.58 17.43
C GLY C 314 16.93 58.92 18.88
N GLY C 315 16.44 60.14 19.16
CA GLY C 315 15.92 60.54 20.47
C GLY C 315 14.71 59.71 20.90
N LYS C 316 13.87 59.34 19.93
CA LYS C 316 13.05 58.13 19.95
C LYS C 316 13.53 57.24 18.79
N CYS C 317 13.97 56.02 19.07
CA CYS C 317 14.72 55.20 18.13
C CYS C 317 13.86 54.61 17.01
N PHE C 318 14.25 54.85 15.75
CA PHE C 318 13.35 54.83 14.58
C PHE C 318 12.54 53.54 14.39
N ASN C 319 13.12 52.40 14.75
CA ASN C 319 12.55 51.06 14.58
C ASN C 319 11.72 50.56 15.77
N CYS C 320 11.74 51.26 16.91
CA CYS C 320 11.55 50.62 18.21
C CYS C 320 10.10 50.27 18.60
N TYR C 321 9.13 51.06 18.16
CA TYR C 321 7.69 50.79 18.23
C TYR C 321 6.93 51.87 17.45
N PRO C 322 5.90 51.55 16.66
CA PRO C 322 5.14 52.52 15.90
C PRO C 322 4.54 53.67 16.73
N ALA C 323 4.90 54.90 16.39
CA ALA C 323 4.23 56.10 16.88
C ALA C 323 2.90 56.31 16.16
N GLY C 324 2.06 57.19 16.68
CA GLY C 324 0.91 57.75 15.94
C GLY C 324 -0.11 56.75 15.40
N VAL C 325 -0.23 55.57 16.00
CA VAL C 325 -1.12 54.50 15.50
C VAL C 325 -2.57 54.93 15.59
N ASN C 326 -3.26 54.90 14.45
CA ASN C 326 -4.71 55.04 14.34
C ASN C 326 -5.24 53.99 13.38
N ILE C 327 -6.32 53.32 13.76
CA ILE C 327 -6.97 52.28 12.97
C ILE C 327 -8.48 52.51 13.01
N THR C 328 -9.18 52.35 11.90
CA THR C 328 -10.64 52.28 11.95
C THR C 328 -11.23 51.38 10.87
N LEU C 329 -12.36 50.75 11.19
CA LEU C 329 -13.35 50.36 10.19
C LEU C 329 -14.20 51.59 9.88
N ALA C 330 -14.63 51.75 8.64
CA ALA C 330 -15.74 52.66 8.37
C ALA C 330 -17.01 52.17 9.10
N ASN C 331 -17.81 53.10 9.61
CA ASN C 331 -19.14 52.84 10.15
C ASN C 331 -19.22 51.84 11.32
N PHE C 332 -18.12 51.58 12.03
CA PHE C 332 -18.11 50.76 13.25
C PHE C 332 -18.55 51.57 14.47
N ASN C 333 -19.81 52.02 14.49
CA ASN C 333 -20.44 52.66 15.65
C ASN C 333 -20.69 51.60 16.74
N GLU C 334 -19.74 51.40 17.64
CA GLU C 334 -19.77 50.26 18.56
C GLU C 334 -20.91 50.33 19.61
N THR C 335 -21.59 51.47 19.74
CA THR C 335 -22.84 51.56 20.50
C THR C 335 -23.93 50.62 19.95
N LYS C 336 -23.87 50.29 18.65
CA LYS C 336 -24.70 49.29 17.97
C LYS C 336 -24.15 47.85 18.12
N GLY C 337 -22.94 47.69 18.65
CA GLY C 337 -22.18 46.43 18.66
C GLY C 337 -21.32 46.23 17.40
N PRO C 338 -20.79 45.00 17.17
CA PRO C 338 -19.98 44.64 16.01
C PRO C 338 -20.63 45.01 14.67
N LEU C 339 -19.83 45.46 13.69
CA LEU C 339 -20.32 45.79 12.36
C LEU C 339 -20.69 44.49 11.63
N CYS C 340 -21.92 44.37 11.13
CA CYS C 340 -22.39 43.14 10.50
C CYS C 340 -22.80 43.37 9.06
N VAL C 341 -22.53 42.37 8.22
CA VAL C 341 -22.91 42.41 6.82
C VAL C 341 -24.39 42.08 6.68
N ASP C 342 -25.20 43.12 6.56
CA ASP C 342 -26.65 43.02 6.37
C ASP C 342 -27.04 42.71 4.92
N THR C 343 -26.21 43.12 3.96
CA THR C 343 -26.53 43.10 2.53
C THR C 343 -26.10 41.79 1.86
N SER C 344 -26.55 41.52 0.63
CA SER C 344 -26.30 40.25 -0.05
C SER C 344 -24.87 40.14 -0.59
N HIS C 345 -24.35 41.24 -1.15
CA HIS C 345 -22.99 41.34 -1.68
C HIS C 345 -22.17 42.36 -0.89
N PHE C 346 -20.95 42.02 -0.50
CA PHE C 346 -20.07 42.98 0.16
C PHE C 346 -18.64 42.93 -0.36
N THR C 347 -17.86 43.97 -0.12
CA THR C 347 -16.48 44.06 -0.58
C THR C 347 -15.59 44.59 0.53
N THR C 348 -14.37 44.07 0.63
CA THR C 348 -13.39 44.49 1.62
C THR C 348 -12.31 45.34 0.99
N LYS C 349 -11.99 46.46 1.63
CA LYS C 349 -10.92 47.36 1.21
C LYS C 349 -9.96 47.57 2.36
N TYR C 350 -8.67 47.49 2.09
CA TYR C 350 -7.61 47.90 3.01
C TYR C 350 -6.98 49.19 2.52
N VAL C 351 -6.95 50.22 3.34
CA VAL C 351 -6.42 51.53 2.97
C VAL C 351 -5.19 51.84 3.81
N ALA C 352 -4.04 51.98 3.14
CA ALA C 352 -2.79 52.37 3.77
C ALA C 352 -2.71 53.91 3.86
N VAL C 353 -3.03 54.47 5.01
CA VAL C 353 -2.93 55.92 5.24
C VAL C 353 -1.47 56.33 5.48
N TYR C 354 -0.65 55.44 6.03
CA TYR C 354 0.79 55.61 6.25
C TYR C 354 1.59 55.68 4.94
N ALA C 355 2.73 56.37 4.96
CA ALA C 355 3.76 56.28 3.93
C ALA C 355 4.68 55.07 4.18
N ASN C 356 5.29 54.51 3.13
CA ASN C 356 6.38 53.51 3.25
C ASN C 356 7.73 54.20 3.58
N VAL C 357 7.74 54.96 4.67
CA VAL C 357 8.92 55.65 5.20
C VAL C 357 9.90 54.64 5.80
N GLY C 358 11.16 54.67 5.34
CA GLY C 358 12.16 53.69 5.74
C GLY C 358 11.70 52.25 5.48
N ARG C 359 12.17 51.31 6.30
CA ARG C 359 11.83 49.88 6.18
C ARG C 359 10.53 49.48 6.89
N TRP C 360 9.66 50.44 7.23
CA TRP C 360 8.35 50.14 7.78
C TRP C 360 7.40 49.56 6.74
N SER C 361 6.60 48.59 7.17
CA SER C 361 5.51 47.96 6.41
C SER C 361 4.34 47.67 7.34
N ALA C 362 3.12 47.53 6.82
CA ALA C 362 2.00 47.02 7.61
C ALA C 362 0.99 46.24 6.75
N SER C 363 0.24 45.37 7.40
CA SER C 363 -0.68 44.44 6.74
C SER C 363 -1.75 43.89 7.68
N ILE C 364 -2.85 43.37 7.14
CA ILE C 364 -3.64 42.35 7.84
C ILE C 364 -2.98 40.99 7.61
N ASN C 365 -3.12 40.04 8.52
CA ASN C 365 -2.76 38.64 8.31
C ASN C 365 -3.97 37.76 8.63
N THR C 366 -4.07 36.56 8.06
CA THR C 366 -5.19 35.64 8.36
C THR C 366 -5.32 35.35 9.85
N GLY C 367 -4.22 35.38 10.61
CA GLY C 367 -4.22 35.13 12.04
C GLY C 367 -4.58 33.68 12.34
N ASN C 368 -5.86 33.42 12.54
CA ASN C 368 -6.40 32.07 12.73
C ASN C 368 -7.71 31.81 11.97
N CYS C 369 -8.08 32.67 11.01
CA CYS C 369 -9.30 32.54 10.23
C CYS C 369 -9.17 31.57 9.04
N PRO C 370 -10.26 30.93 8.60
CA PRO C 370 -10.31 30.11 7.38
C PRO C 370 -10.52 30.95 6.10
N PHE C 371 -10.06 32.20 6.12
CA PHE C 371 -10.03 33.13 5.00
C PHE C 371 -9.10 34.29 5.36
N SER C 372 -8.72 35.12 4.39
CA SER C 372 -8.00 36.37 4.63
C SER C 372 -8.86 37.57 4.29
N PHE C 373 -8.70 38.66 5.03
CA PHE C 373 -9.14 39.96 4.54
C PHE C 373 -8.53 40.21 3.15
N GLY C 374 -9.27 40.90 2.29
CA GLY C 374 -8.96 40.97 0.85
C GLY C 374 -9.45 39.73 0.11
N LYS C 375 -8.95 38.55 0.45
CA LYS C 375 -9.32 37.31 -0.25
C LYS C 375 -10.80 36.98 -0.19
N VAL C 376 -11.53 37.39 0.85
CA VAL C 376 -12.99 37.24 0.87
C VAL C 376 -13.69 37.94 -0.28
N ASN C 377 -13.06 38.86 -1.00
CA ASN C 377 -13.61 39.40 -2.23
C ASN C 377 -13.76 38.35 -3.34
N ASN C 378 -13.13 37.18 -3.25
CA ASN C 378 -13.21 36.11 -4.22
C ASN C 378 -14.41 35.18 -4.00
N PHE C 379 -15.63 35.72 -3.95
CA PHE C 379 -16.86 34.93 -3.96
C PHE C 379 -17.03 33.97 -2.78
N VAL C 380 -16.28 34.18 -1.70
CA VAL C 380 -16.44 33.47 -0.45
C VAL C 380 -17.82 33.78 0.14
N LYS C 381 -18.48 32.77 0.71
CA LYS C 381 -19.87 32.87 1.16
C LYS C 381 -20.06 32.54 2.63
N PHE C 382 -21.04 33.21 3.24
CA PHE C 382 -21.35 33.13 4.65
C PHE C 382 -22.87 33.20 4.86
N GLY C 383 -23.37 32.61 5.93
CA GLY C 383 -24.75 32.82 6.40
C GLY C 383 -24.91 34.17 7.12
N SER C 384 -23.82 34.67 7.70
CA SER C 384 -23.75 35.95 8.40
C SER C 384 -22.29 36.21 8.70
N VAL C 385 -21.79 37.44 8.54
CA VAL C 385 -20.41 37.76 8.94
C VAL C 385 -20.37 39.14 9.57
N CYS C 386 -19.56 39.30 10.62
CA CYS C 386 -19.41 40.56 11.32
C CYS C 386 -17.97 40.78 11.77
N PHE C 387 -17.58 42.04 11.77
CA PHE C 387 -16.24 42.55 12.02
C PHE C 387 -16.26 43.54 13.19
N SER C 388 -15.18 43.61 13.95
CA SER C 388 -15.05 44.58 15.03
C SER C 388 -13.59 44.93 15.30
N LEU C 389 -13.35 46.09 15.91
CA LEU C 389 -12.04 46.46 16.50
C LEU C 389 -12.02 46.31 18.03
N LYS C 390 -13.07 45.75 18.61
CA LYS C 390 -13.15 45.26 19.99
C LYS C 390 -13.49 43.78 19.96
N ASP C 391 -12.98 42.95 20.85
CA ASP C 391 -13.10 41.50 20.67
C ASP C 391 -14.56 41.01 20.63
N ILE C 392 -14.82 39.98 19.82
CA ILE C 392 -16.15 39.40 19.61
C ILE C 392 -16.09 37.88 19.75
N PRO C 393 -17.13 37.27 20.35
CA PRO C 393 -17.07 35.92 20.85
C PRO C 393 -17.16 34.86 19.75
N GLY C 394 -16.40 33.78 19.90
CA GLY C 394 -16.28 32.71 18.90
C GLY C 394 -15.52 33.09 17.62
N GLY C 395 -15.37 34.39 17.32
CA GLY C 395 -14.67 34.90 16.15
C GLY C 395 -13.16 34.69 16.20
N CYS C 396 -12.57 34.46 15.04
CA CYS C 396 -11.11 34.51 14.86
C CYS C 396 -10.65 35.97 14.88
N ALA C 397 -9.34 36.18 15.00
CA ALA C 397 -8.77 37.52 14.98
C ALA C 397 -7.62 37.55 13.97
N MET C 398 -7.59 38.62 13.19
CA MET C 398 -6.60 38.89 12.18
C MET C 398 -5.73 40.00 12.74
N PRO C 399 -4.42 39.80 12.92
CA PRO C 399 -3.60 40.83 13.49
C PRO C 399 -3.26 41.88 12.45
N ILE C 400 -3.50 43.14 12.79
CA ILE C 400 -3.03 44.27 11.99
C ILE C 400 -1.60 44.50 12.43
N VAL C 401 -0.67 44.00 11.64
CA VAL C 401 0.75 43.98 12.02
C VAL C 401 1.47 45.05 11.26
N ALA C 402 2.12 45.95 11.99
CA ALA C 402 3.22 46.74 11.44
C ALA C 402 4.52 45.98 11.67
N ASN C 403 5.50 46.15 10.81
CA ASN C 403 6.84 45.66 11.06
C ASN C 403 7.88 46.61 10.48
N TRP C 404 9.07 46.58 11.06
CA TRP C 404 10.26 47.26 10.56
C TRP C 404 11.27 46.22 10.08
N ALA C 405 11.71 46.39 8.83
CA ALA C 405 12.73 45.57 8.19
C ALA C 405 12.45 44.06 8.18
N TYR C 406 11.20 43.63 8.31
CA TYR C 406 10.82 42.23 8.52
C TYR C 406 11.55 41.58 9.69
N SER C 407 12.00 42.40 10.65
CA SER C 407 12.89 42.02 11.74
C SER C 407 12.37 42.43 13.12
N LYS C 408 11.50 43.44 13.21
CA LYS C 408 10.72 43.74 14.41
C LYS C 408 9.26 43.93 14.04
N TYR C 409 8.35 43.33 14.79
CA TYR C 409 6.93 43.22 14.44
C TYR C 409 6.05 43.63 15.61
N TYR C 410 5.00 44.39 15.33
CA TYR C 410 4.11 44.95 16.34
C TYR C 410 2.67 44.77 15.88
N THR C 411 1.82 44.22 16.74
CA THR C 411 0.38 44.16 16.45
C THR C 411 -0.23 45.51 16.77
N ILE C 412 -0.05 46.49 15.88
CA ILE C 412 -0.57 47.85 16.07
C ILE C 412 -2.08 47.87 16.28
N GLY C 413 -2.77 46.85 15.80
CA GLY C 413 -4.10 46.50 16.29
C GLY C 413 -4.44 45.08 15.88
N THR C 414 -5.70 44.71 16.02
CA THR C 414 -6.23 43.50 15.42
C THR C 414 -7.65 43.77 14.97
N LEU C 415 -8.09 43.01 13.97
CA LEU C 415 -9.44 42.97 13.48
C LEU C 415 -10.06 41.67 13.96
N TYR C 416 -11.21 41.73 14.59
CA TYR C 416 -11.90 40.57 15.09
C TYR C 416 -13.05 40.27 14.14
N VAL C 417 -13.15 39.02 13.67
CA VAL C 417 -14.14 38.64 12.68
C VAL C 417 -14.83 37.35 13.07
N SER C 418 -16.13 37.31 12.82
CA SER C 418 -17.04 36.27 13.27
C SER C 418 -18.04 35.97 12.18
N TRP C 419 -18.46 34.72 12.06
CA TRP C 419 -19.33 34.34 10.97
C TRP C 419 -20.16 33.10 11.26
N SER C 420 -21.22 32.95 10.50
CA SER C 420 -21.91 31.70 10.26
C SER C 420 -21.53 31.22 8.86
N ASP C 421 -21.22 29.95 8.71
CA ASP C 421 -21.27 29.30 7.40
C ASP C 421 -22.70 29.30 6.84
N GLY C 422 -22.87 28.75 5.63
CA GLY C 422 -24.07 28.93 4.81
C GLY C 422 -23.87 30.04 3.79
N ASP C 423 -24.95 30.68 3.37
CA ASP C 423 -24.94 31.66 2.28
C ASP C 423 -26.08 32.69 2.39
N GLY C 424 -26.31 33.45 1.32
CA GLY C 424 -27.08 34.70 1.36
C GLY C 424 -26.17 35.92 1.51
N ILE C 425 -24.97 35.76 2.08
CA ILE C 425 -23.90 36.75 2.07
C ILE C 425 -22.78 36.25 1.17
N THR C 426 -22.37 37.04 0.17
CA THR C 426 -21.24 36.75 -0.71
C THR C 426 -20.27 37.93 -0.71
N GLY C 427 -18.97 37.65 -0.62
CA GLY C 427 -17.95 38.68 -0.79
C GLY C 427 -17.54 38.78 -2.26
N VAL C 428 -17.40 39.98 -2.82
CA VAL C 428 -17.24 40.17 -4.27
C VAL C 428 -16.22 41.26 -4.63
N PRO C 429 -15.64 41.24 -5.85
CA PRO C 429 -14.55 42.16 -6.19
C PRO C 429 -14.93 43.63 -6.24
N GLN C 430 -16.12 43.98 -6.74
CA GLN C 430 -16.54 45.35 -7.06
C GLN C 430 -18.07 45.52 -7.02
N PRO C 431 -18.59 46.76 -6.98
CA PRO C 431 -20.02 47.07 -6.83
C PRO C 431 -21.00 46.40 -7.80
N VAL C 432 -22.26 46.33 -7.35
CA VAL C 432 -23.43 45.70 -7.99
C VAL C 432 -24.72 46.48 -7.67
N GLU C 433 -25.77 46.35 -8.49
CA GLU C 433 -27.04 47.13 -8.32
C GLU C 433 -28.31 46.40 -8.80
N GLY C 434 -29.46 46.67 -8.15
CA GLY C 434 -30.80 46.33 -8.63
C GLY C 434 -31.21 44.86 -8.52
N VAL C 435 -32.21 44.46 -9.30
CA VAL C 435 -32.70 43.06 -9.37
C VAL C 435 -31.94 42.25 -10.42
N SER C 436 -31.64 42.83 -11.59
CA SER C 436 -30.92 42.15 -12.69
C SER C 436 -29.44 41.92 -12.36
N SER C 437 -28.96 40.69 -12.57
CA SER C 437 -27.58 40.27 -12.27
C SER C 437 -26.81 39.81 -13.51
N PHE C 438 -25.61 40.38 -13.74
CA PHE C 438 -24.78 39.98 -14.88
C PHE C 438 -24.20 38.57 -14.73
N MET C 439 -24.04 37.93 -15.89
CA MET C 439 -23.22 36.77 -16.16
C MET C 439 -22.06 37.24 -17.03
N ASN C 440 -20.83 37.05 -16.60
CA ASN C 440 -19.66 37.49 -17.36
C ASN C 440 -18.80 36.29 -17.72
N VAL C 441 -18.62 36.00 -18.99
CA VAL C 441 -17.98 34.77 -19.47
C VAL C 441 -17.00 35.07 -20.58
N THR C 442 -15.86 34.36 -20.59
CA THR C 442 -14.84 34.49 -21.64
C THR C 442 -14.71 33.18 -22.38
N LEU C 443 -15.44 33.03 -23.48
CA LEU C 443 -15.46 31.78 -24.22
C LEU C 443 -14.10 31.45 -24.86
N ASP C 444 -13.81 30.16 -25.00
CA ASP C 444 -12.72 29.64 -25.82
C ASP C 444 -11.29 30.08 -25.46
N LYS C 445 -11.08 30.67 -24.29
CA LYS C 445 -9.76 31.07 -23.80
C LYS C 445 -9.59 30.57 -22.38
N CYS C 446 -8.42 30.09 -21.99
CA CYS C 446 -8.30 29.59 -20.62
C CYS C 446 -8.54 30.72 -19.62
N THR C 447 -9.36 30.46 -18.63
CA THR C 447 -10.07 31.44 -17.80
C THR C 447 -10.10 30.96 -16.37
N LYS C 448 -10.08 31.88 -15.41
CA LYS C 448 -10.29 31.53 -14.01
C LYS C 448 -11.73 31.85 -13.69
N TYR C 449 -12.47 30.88 -13.20
CA TYR C 449 -13.92 30.98 -13.16
C TYR C 449 -14.47 30.81 -11.77
N ASN C 450 -15.58 31.47 -11.49
CA ASN C 450 -16.38 31.20 -10.32
C ASN C 450 -17.83 31.16 -10.76
N ILE C 451 -18.32 29.95 -10.98
CA ILE C 451 -19.58 29.65 -11.64
C ILE C 451 -20.50 29.02 -10.62
N TYR C 452 -21.65 29.62 -10.34
CA TYR C 452 -22.60 29.13 -9.35
C TYR C 452 -21.91 28.68 -8.06
N ASP C 453 -20.95 29.47 -7.57
CA ASP C 453 -20.18 29.13 -6.37
C ASP C 453 -19.39 27.81 -6.47
N VAL C 454 -18.84 27.53 -7.63
CA VAL C 454 -17.80 26.53 -7.86
C VAL C 454 -16.67 27.24 -8.59
N SER C 455 -15.41 27.01 -8.25
CA SER C 455 -14.30 27.71 -8.88
C SER C 455 -13.15 26.82 -9.29
N GLY C 456 -12.37 27.30 -10.25
CA GLY C 456 -11.31 26.57 -10.89
C GLY C 456 -10.74 27.35 -12.05
N VAL C 457 -9.97 26.68 -12.89
CA VAL C 457 -9.42 27.24 -14.11
C VAL C 457 -9.72 26.32 -15.27
N GLY C 458 -10.11 26.84 -16.41
CA GLY C 458 -10.41 26.03 -17.57
C GLY C 458 -10.89 26.86 -18.74
N VAL C 459 -11.29 26.21 -19.81
CA VAL C 459 -11.83 26.84 -21.00
C VAL C 459 -13.33 26.65 -20.96
N ILE C 460 -14.08 27.73 -21.07
CA ILE C 460 -15.53 27.66 -21.07
C ILE C 460 -15.96 27.71 -22.52
N ARG C 461 -16.79 26.78 -22.96
CA ARG C 461 -17.24 26.76 -24.35
C ARG C 461 -18.71 26.43 -24.45
N VAL C 462 -19.45 27.14 -25.28
CA VAL C 462 -20.85 26.81 -25.58
C VAL C 462 -20.92 25.47 -26.27
N SER C 463 -21.93 24.67 -25.97
CA SER C 463 -21.97 23.27 -26.40
C SER C 463 -23.30 22.87 -26.98
N ASN C 464 -23.26 21.78 -27.73
CA ASN C 464 -24.36 21.29 -28.52
C ASN C 464 -25.41 20.55 -27.71
N ASP C 465 -25.10 20.18 -26.46
CA ASP C 465 -26.03 19.41 -25.63
C ASP C 465 -27.26 20.22 -25.23
N THR C 466 -28.36 19.54 -24.97
CA THR C 466 -29.48 20.07 -24.21
C THR C 466 -29.87 19.06 -23.14
N PHE C 467 -30.02 19.56 -21.92
CA PHE C 467 -30.39 18.81 -20.74
C PHE C 467 -31.43 19.63 -20.00
N LEU C 468 -32.48 18.99 -19.50
CA LEU C 468 -33.44 19.70 -18.68
C LEU C 468 -32.93 19.87 -17.25
N ASN C 469 -32.32 18.84 -16.70
CA ASN C 469 -31.97 18.79 -15.29
C ASN C 469 -30.91 19.81 -14.90
N GLY C 470 -31.00 20.32 -13.67
CA GLY C 470 -29.87 20.92 -12.97
C GLY C 470 -29.45 22.29 -13.49
N ILE C 471 -28.34 22.80 -12.95
CA ILE C 471 -27.67 24.01 -13.43
C ILE C 471 -26.17 23.86 -13.52
N THR C 472 -25.55 22.96 -12.76
CA THR C 472 -24.15 22.59 -12.89
C THR C 472 -24.02 21.11 -13.08
N TYR C 473 -23.03 20.68 -13.83
CA TYR C 473 -22.81 19.28 -14.12
C TYR C 473 -21.42 18.91 -13.70
N THR C 474 -21.24 17.74 -13.10
CA THR C 474 -19.96 17.37 -12.52
C THR C 474 -19.62 15.92 -12.72
N SER C 475 -18.33 15.63 -12.70
CA SER C 475 -17.80 14.28 -12.70
C SER C 475 -17.95 13.61 -11.34
N THR C 476 -17.54 12.34 -11.25
CA THR C 476 -17.39 11.67 -9.97
C THR C 476 -16.41 12.38 -9.06
N SER C 477 -15.33 12.91 -9.60
CA SER C 477 -14.33 13.70 -8.87
C SER C 477 -14.79 15.08 -8.44
N GLY C 478 -16.03 15.45 -8.70
CA GLY C 478 -16.56 16.74 -8.26
C GLY C 478 -16.06 17.92 -9.05
N ASN C 479 -15.28 17.72 -10.11
CA ASN C 479 -14.93 18.78 -11.02
C ASN C 479 -16.14 19.21 -11.82
N LEU C 480 -16.25 20.49 -12.11
CA LEU C 480 -17.24 21.03 -13.01
C LEU C 480 -16.94 20.56 -14.43
N LEU C 481 -17.92 19.97 -15.10
CA LEU C 481 -17.84 19.59 -16.50
C LEU C 481 -18.63 20.52 -17.40
N GLY C 482 -19.60 21.24 -16.86
CA GLY C 482 -20.39 22.20 -17.58
C GLY C 482 -21.38 22.89 -16.68
N PHE C 483 -22.10 23.85 -17.22
CA PHE C 483 -23.13 24.56 -16.50
C PHE C 483 -24.15 25.14 -17.47
N LYS C 484 -25.31 25.52 -16.96
CA LYS C 484 -26.42 26.03 -17.74
C LYS C 484 -26.61 27.51 -17.44
N ASP C 485 -26.69 28.38 -18.44
CA ASP C 485 -27.13 29.75 -18.19
C ASP C 485 -28.62 29.73 -17.90
N VAL C 486 -28.96 29.86 -16.63
CA VAL C 486 -30.34 29.68 -16.16
C VAL C 486 -31.31 30.65 -16.80
N THR C 487 -30.84 31.82 -17.24
CA THR C 487 -31.70 32.84 -17.85
C THR C 487 -32.06 32.51 -19.29
N LYS C 488 -31.25 31.70 -19.96
CA LYS C 488 -31.25 31.58 -21.42
C LYS C 488 -31.33 30.15 -21.92
N GLY C 489 -31.00 29.17 -21.08
CA GLY C 489 -31.11 27.75 -21.44
C GLY C 489 -29.96 27.22 -22.30
N THR C 490 -28.88 27.98 -22.47
CA THR C 490 -27.68 27.50 -23.13
C THR C 490 -26.85 26.66 -22.19
N ILE C 491 -26.19 25.62 -22.70
CA ILE C 491 -25.31 24.77 -21.93
C ILE C 491 -23.87 24.97 -22.36
N TYR C 492 -23.02 25.23 -21.39
CA TYR C 492 -21.61 25.46 -21.56
C TYR C 492 -20.84 24.32 -20.94
N SER C 493 -19.70 23.99 -21.52
CA SER C 493 -18.86 22.89 -21.10
C SER C 493 -17.51 23.43 -20.68
N ILE C 494 -16.91 22.82 -19.67
CA ILE C 494 -15.60 23.22 -19.18
C ILE C 494 -14.60 22.16 -19.61
N THR C 495 -13.59 22.57 -20.35
CA THR C 495 -12.44 21.72 -20.65
C THR C 495 -11.28 22.27 -19.83
N PRO C 496 -10.52 21.49 -19.07
CA PRO C 496 -9.36 22.05 -18.43
C PRO C 496 -8.37 22.41 -19.53
N CYS C 497 -7.87 23.65 -19.57
CA CYS C 497 -6.79 23.95 -20.49
C CYS C 497 -5.55 23.17 -20.04
N ASN C 498 -4.65 22.85 -20.98
CA ASN C 498 -3.53 21.95 -20.74
C ASN C 498 -3.92 20.68 -19.94
N PRO C 499 -4.76 19.79 -20.49
CA PRO C 499 -4.82 18.43 -20.00
C PRO C 499 -3.50 17.74 -20.35
N PRO C 500 -3.15 16.61 -19.73
CA PRO C 500 -1.86 16.00 -19.98
C PRO C 500 -1.78 15.48 -21.41
N ASP C 501 -0.71 15.84 -22.10
CA ASP C 501 -0.25 15.16 -23.28
C ASP C 501 0.72 14.07 -22.85
N GLN C 502 1.22 13.30 -23.80
CA GLN C 502 2.22 12.30 -23.53
C GLN C 502 3.34 12.37 -24.56
N LEU C 503 4.57 12.31 -24.11
CA LEU C 503 5.76 12.54 -24.89
C LEU C 503 6.50 11.24 -25.10
N VAL C 504 7.00 11.00 -26.29
CA VAL C 504 7.85 9.85 -26.58
C VAL C 504 9.27 10.33 -26.54
N VAL C 505 10.07 9.79 -25.65
CA VAL C 505 11.49 10.13 -25.52
C VAL C 505 12.30 8.98 -26.05
N TYR C 506 13.28 9.25 -26.89
CA TYR C 506 14.20 8.23 -27.36
C TYR C 506 15.56 8.84 -27.60
N GLN C 507 16.59 8.33 -26.92
CA GLN C 507 17.92 8.91 -26.88
C GLN C 507 17.89 10.39 -26.49
N GLN C 508 17.15 10.70 -25.45
CA GLN C 508 17.15 12.00 -24.79
C GLN C 508 16.85 13.18 -25.71
N ALA C 509 15.90 12.96 -26.61
CA ALA C 509 15.14 13.99 -27.26
C ALA C 509 13.70 13.54 -27.32
N VAL C 510 12.76 14.47 -27.34
CA VAL C 510 11.36 14.12 -27.52
C VAL C 510 11.15 13.88 -29.00
N VAL C 511 10.98 12.64 -29.41
CA VAL C 511 10.89 12.31 -30.83
C VAL C 511 9.49 12.49 -31.38
N GLY C 512 8.48 12.50 -30.53
CA GLY C 512 7.09 12.69 -30.90
C GLY C 512 6.19 12.83 -29.68
N ALA C 513 4.94 13.17 -29.87
CA ALA C 513 3.98 13.33 -28.79
C ALA C 513 2.60 12.86 -29.19
N MET C 514 1.81 12.44 -28.21
CA MET C 514 0.44 11.99 -28.36
C MET C 514 -0.47 13.03 -27.78
N LEU C 515 -1.43 13.49 -28.57
CA LEU C 515 -2.23 14.66 -28.31
C LEU C 515 -3.71 14.33 -28.36
N SER C 516 -4.49 15.00 -27.53
CA SER C 516 -5.94 14.98 -27.59
C SER C 516 -6.52 15.96 -28.63
N GLU C 517 -5.70 16.64 -29.42
CA GLU C 517 -6.18 17.56 -30.46
C GLU C 517 -5.23 17.68 -31.66
N ASN C 518 -5.79 18.05 -32.80
CA ASN C 518 -5.19 17.91 -34.10
C ASN C 518 -4.23 19.04 -34.49
N PHE C 519 -3.34 19.49 -33.62
CA PHE C 519 -2.32 20.47 -34.05
C PHE C 519 -0.99 20.31 -33.32
N THR C 520 0.07 20.76 -33.96
CA THR C 520 1.47 20.45 -33.61
C THR C 520 1.96 21.20 -32.39
N SER C 521 1.65 20.68 -31.21
CA SER C 521 2.34 21.08 -29.98
C SER C 521 3.83 20.73 -30.05
N TYR C 522 4.63 21.29 -29.16
CA TYR C 522 6.05 20.94 -29.03
C TYR C 522 6.88 21.18 -30.28
N GLY C 523 6.40 21.99 -31.22
CA GLY C 523 7.16 22.37 -32.40
C GLY C 523 7.36 21.26 -33.42
N PHE C 524 6.60 20.17 -33.38
CA PHE C 524 6.68 19.13 -34.41
C PHE C 524 6.15 19.56 -35.76
N SER C 525 6.55 18.83 -36.80
CA SER C 525 6.29 19.17 -38.18
C SER C 525 4.90 18.78 -38.65
N ASN C 526 4.41 17.60 -38.29
CA ASN C 526 3.14 17.10 -38.79
C ASN C 526 2.38 16.25 -37.77
N VAL C 527 1.08 16.10 -37.99
CA VAL C 527 0.18 15.31 -37.15
C VAL C 527 -0.52 14.25 -37.98
N VAL C 528 -0.78 13.08 -37.39
CA VAL C 528 -1.62 12.05 -37.97
C VAL C 528 -2.68 11.62 -36.97
N GLU C 529 -3.88 11.31 -37.44
CA GLU C 529 -4.90 10.69 -36.59
C GLU C 529 -4.59 9.22 -36.42
N LEU C 530 -4.88 8.70 -35.24
CA LEU C 530 -4.84 7.30 -34.91
C LEU C 530 -6.13 6.94 -34.15
N PRO C 531 -6.47 5.66 -34.02
CA PRO C 531 -7.77 5.22 -33.53
C PRO C 531 -8.27 5.88 -32.24
N LYS C 532 -7.37 6.33 -31.35
CA LYS C 532 -7.76 6.86 -30.03
C LYS C 532 -7.07 8.16 -29.62
N PHE C 533 -6.20 8.73 -30.44
CA PHE C 533 -5.44 9.95 -30.16
C PHE C 533 -4.85 10.50 -31.44
N PHE C 534 -4.40 11.74 -31.46
CA PHE C 534 -3.54 12.25 -32.52
C PHE C 534 -2.08 12.05 -32.15
N TYR C 535 -1.20 11.94 -33.12
CA TYR C 535 0.22 11.81 -32.89
C TYR C 535 1.00 12.81 -33.72
N ALA C 536 1.97 13.48 -33.12
CA ALA C 536 2.66 14.60 -33.72
C ALA C 536 4.17 14.35 -33.69
N SER C 537 4.86 14.65 -34.77
CA SER C 537 6.25 14.24 -34.94
C SER C 537 6.97 15.00 -36.04
N ASN C 538 8.28 14.86 -36.11
CA ASN C 538 9.04 15.15 -37.33
C ASN C 538 9.22 13.88 -38.16
N GLY C 539 8.25 12.97 -38.11
CA GLY C 539 8.37 11.71 -38.79
C GLY C 539 8.22 11.87 -40.28
N THR C 540 9.20 11.40 -41.04
CA THR C 540 8.97 10.91 -42.40
C THR C 540 8.31 9.54 -42.25
N TYR C 541 7.20 9.26 -42.91
CA TYR C 541 6.49 7.99 -42.71
C TYR C 541 7.06 6.88 -43.60
N ASN C 542 8.37 6.68 -43.46
CA ASN C 542 9.18 5.82 -44.30
C ASN C 542 10.22 5.09 -43.45
N CYS C 543 9.73 4.33 -42.47
CA CYS C 543 10.53 3.48 -41.59
C CYS C 543 9.74 2.23 -41.24
N THR C 544 10.43 1.17 -40.83
CA THR C 544 9.84 -0.15 -40.58
C THR C 544 10.34 -0.84 -39.33
N ASP C 545 11.38 -0.31 -38.68
CA ASP C 545 11.97 -0.90 -37.48
C ASP C 545 11.64 -0.01 -36.28
N ALA C 546 10.96 -0.54 -35.27
CA ALA C 546 10.50 0.21 -34.11
C ALA C 546 11.49 0.13 -32.96
N VAL C 547 11.92 1.28 -32.43
CA VAL C 547 12.81 1.35 -31.26
C VAL C 547 12.05 1.30 -29.95
N LEU C 548 10.75 1.58 -29.96
CA LEU C 548 9.86 1.54 -28.81
C LEU C 548 8.53 0.96 -29.24
N THR C 549 7.79 0.35 -28.33
CA THR C 549 6.43 -0.13 -28.59
C THR C 549 5.51 0.15 -27.42
N TYR C 550 4.27 0.43 -27.73
CA TYR C 550 3.27 0.94 -26.82
C TYR C 550 1.94 0.39 -27.31
N SER C 551 1.47 -0.66 -26.66
CA SER C 551 0.33 -1.42 -27.18
C SER C 551 0.59 -1.86 -28.64
N SER C 552 -0.37 -1.68 -29.53
CA SER C 552 -0.28 -2.05 -30.95
C SER C 552 0.70 -1.19 -31.77
N PHE C 553 1.21 -0.10 -31.21
CA PHE C 553 1.94 0.93 -31.94
C PHE C 553 3.43 0.89 -31.66
N GLY C 554 4.23 0.84 -32.72
CA GLY C 554 5.68 0.98 -32.63
C GLY C 554 6.14 2.35 -33.10
N VAL C 555 7.11 2.95 -32.42
CA VAL C 555 7.73 4.20 -32.85
C VAL C 555 9.13 3.90 -33.33
N CYS C 556 9.48 4.35 -34.53
CA CYS C 556 10.83 4.16 -35.05
C CYS C 556 11.75 5.33 -34.66
N ALA C 557 13.05 5.21 -34.89
CA ALA C 557 14.01 6.19 -34.40
C ALA C 557 13.80 7.62 -34.91
N ASP C 558 13.17 7.80 -36.08
CA ASP C 558 12.78 9.11 -36.60
C ASP C 558 11.63 9.77 -35.83
N GLY C 559 11.08 9.11 -34.82
CA GLY C 559 9.86 9.49 -34.14
C GLY C 559 8.59 9.13 -34.91
N SER C 560 8.71 8.73 -36.16
CA SER C 560 7.59 8.29 -36.97
C SER C 560 6.93 7.03 -36.43
N ILE C 561 5.61 6.90 -36.52
CA ILE C 561 4.82 5.87 -35.83
C ILE C 561 4.23 4.87 -36.82
N ILE C 562 4.24 3.59 -36.46
CA ILE C 562 3.83 2.48 -37.30
C ILE C 562 3.05 1.45 -36.49
N ALA C 563 2.23 0.64 -37.15
CA ALA C 563 1.62 -0.55 -36.54
C ALA C 563 2.54 -1.77 -36.67
N VAL C 564 2.35 -2.80 -35.83
CA VAL C 564 3.18 -4.03 -35.82
C VAL C 564 2.36 -5.32 -35.70
N GLN C 565 2.96 -6.45 -36.08
CA GLN C 565 2.31 -7.77 -36.12
C GLN C 565 3.14 -8.83 -35.42
N SER C 575 7.14 -25.09 -50.37
CA SER C 575 7.77 -24.56 -51.58
C SER C 575 8.69 -25.58 -52.27
N ALA C 576 9.19 -26.56 -51.52
CA ALA C 576 9.76 -27.81 -52.05
C ALA C 576 8.72 -28.60 -52.89
N ILE C 577 7.43 -28.29 -52.69
CA ILE C 577 6.31 -28.73 -53.52
C ILE C 577 6.46 -28.32 -55.00
N VAL C 578 7.14 -27.19 -55.28
CA VAL C 578 7.12 -26.48 -56.58
C VAL C 578 8.51 -26.43 -57.24
N THR C 579 8.61 -26.80 -58.52
CA THR C 579 9.76 -26.45 -59.38
C THR C 579 9.70 -24.94 -59.62
N ALA C 580 10.65 -24.25 -58.99
CA ALA C 580 10.52 -22.87 -58.57
C ALA C 580 11.83 -22.06 -58.59
N ASN C 581 11.69 -20.73 -58.65
CA ASN C 581 12.78 -19.79 -58.44
C ASN C 581 12.47 -19.01 -57.16
N LEU C 582 13.44 -19.06 -56.25
CA LEU C 582 13.38 -18.77 -54.82
C LEU C 582 14.73 -18.17 -54.43
N SER C 583 14.75 -17.30 -53.43
CA SER C 583 15.85 -16.35 -53.21
C SER C 583 16.49 -16.63 -51.86
N ILE C 584 17.80 -16.84 -51.94
CA ILE C 584 18.61 -17.65 -51.03
C ILE C 584 19.97 -16.93 -50.82
N PRO C 585 20.54 -16.89 -49.61
CA PRO C 585 21.83 -16.27 -49.38
C PRO C 585 23.00 -17.15 -49.81
N SER C 586 23.73 -16.82 -50.88
CA SER C 586 24.90 -17.62 -51.30
C SER C 586 26.12 -17.43 -50.40
N ASN C 587 26.01 -16.56 -49.40
CA ASN C 587 27.03 -16.20 -48.44
C ASN C 587 26.34 -15.95 -47.09
N TRP C 588 27.03 -16.19 -45.98
CA TRP C 588 26.48 -16.13 -44.64
C TRP C 588 27.37 -15.23 -43.80
N THR C 589 26.72 -14.35 -43.04
CA THR C 589 27.32 -13.32 -42.22
C THR C 589 26.76 -13.43 -40.83
N ILE C 590 27.53 -13.03 -39.82
CA ILE C 590 27.15 -13.19 -38.42
C ILE C 590 27.20 -11.89 -37.67
N SER C 591 26.26 -11.77 -36.76
CA SER C 591 25.96 -10.60 -35.98
C SER C 591 25.92 -11.02 -34.52
N VAL C 592 26.36 -10.16 -33.63
CA VAL C 592 26.27 -10.40 -32.19
C VAL C 592 25.28 -9.42 -31.61
N GLN C 593 24.34 -9.93 -30.83
CA GLN C 593 23.14 -9.21 -30.40
C GLN C 593 23.03 -9.35 -28.91
N VAL C 594 22.60 -8.28 -28.25
CA VAL C 594 22.86 -8.08 -26.84
C VAL C 594 21.57 -7.84 -26.12
N GLU C 595 21.45 -8.45 -24.96
CA GLU C 595 20.21 -8.49 -24.21
C GLU C 595 20.57 -8.47 -22.75
N TYR C 596 19.78 -7.81 -21.91
CA TYR C 596 20.06 -7.69 -20.50
C TYR C 596 18.83 -8.11 -19.73
N LEU C 597 19.06 -8.91 -18.69
CA LEU C 597 18.03 -9.31 -17.75
C LEU C 597 18.50 -8.98 -16.35
N GLN C 598 17.66 -8.31 -15.58
CA GLN C 598 17.93 -8.10 -14.19
C GLN C 598 17.79 -9.43 -13.46
N ILE C 599 18.76 -9.81 -12.65
CA ILE C 599 18.72 -11.06 -11.90
C ILE C 599 18.27 -10.86 -10.48
N THR C 600 18.53 -9.70 -9.91
CA THR C 600 18.35 -9.44 -8.49
C THR C 600 18.10 -7.97 -8.23
N SER C 601 17.64 -7.60 -7.05
CA SER C 601 17.82 -6.25 -6.57
C SER C 601 18.46 -6.29 -5.20
N THR C 602 19.42 -5.40 -4.96
CA THR C 602 20.13 -5.29 -3.69
C THR C 602 19.13 -5.18 -2.55
N PRO C 603 19.10 -6.15 -1.62
CA PRO C 603 18.08 -6.15 -0.61
C PRO C 603 18.24 -4.98 0.34
N ILE C 604 17.14 -4.33 0.72
CA ILE C 604 17.17 -3.22 1.65
C ILE C 604 16.36 -3.58 2.88
N VAL C 605 16.94 -3.43 4.05
CA VAL C 605 16.33 -3.69 5.34
C VAL C 605 16.31 -2.40 6.13
N VAL C 606 15.18 -2.00 6.69
CA VAL C 606 15.05 -0.76 7.44
C VAL C 606 14.85 -1.06 8.90
N ASP C 607 15.58 -0.40 9.81
CA ASP C 607 15.28 -0.44 11.23
C ASP C 607 14.13 0.52 11.51
N CYS C 608 12.93 -0.02 11.60
CA CYS C 608 11.73 0.80 11.63
C CYS C 608 11.73 1.78 12.78
N SER C 609 12.19 1.37 13.96
CA SER C 609 12.31 2.26 15.11
C SER C 609 13.19 3.46 14.82
N THR C 610 14.35 3.25 14.21
CA THR C 610 15.25 4.35 13.89
C THR C 610 14.71 5.23 12.80
N TYR C 611 14.04 4.66 11.81
CA TYR C 611 13.48 5.48 10.74
C TYR C 611 12.39 6.38 11.27
N VAL C 612 11.49 5.84 12.06
CA VAL C 612 10.34 6.59 12.55
C VAL C 612 10.74 7.62 13.59
N CYS C 613 11.54 7.23 14.58
CA CYS C 613 11.85 8.09 15.71
C CYS C 613 13.17 8.82 15.66
N ASN C 614 14.03 8.61 14.66
CA ASN C 614 15.32 9.28 14.59
C ASN C 614 16.17 9.12 15.87
N GLY C 615 15.97 8.02 16.59
CA GLY C 615 16.67 7.69 17.81
C GLY C 615 16.20 8.41 19.07
N ASN C 616 15.21 9.30 18.99
CA ASN C 616 14.72 10.03 20.15
C ASN C 616 14.05 9.09 21.15
N VAL C 617 14.45 9.12 22.41
CA VAL C 617 14.02 8.10 23.37
C VAL C 617 12.55 8.19 23.74
N ARG C 618 11.97 9.39 23.88
CA ARG C 618 10.55 9.52 24.20
C ARG C 618 9.69 9.00 23.06
N CYS C 619 10.10 9.26 21.84
CA CYS C 619 9.40 8.77 20.67
C CYS C 619 9.37 7.26 20.69
N VAL C 620 10.47 6.58 21.00
CA VAL C 620 10.48 5.12 20.98
C VAL C 620 9.49 4.56 22.01
N GLU C 621 9.38 5.15 23.20
CA GLU C 621 8.38 4.71 24.17
C GLU C 621 6.95 4.87 23.66
N LEU C 622 6.69 5.91 22.90
CA LEU C 622 5.39 6.15 22.28
C LEU C 622 5.15 5.21 21.11
N LEU C 623 6.18 4.87 20.35
CA LEU C 623 6.09 3.97 19.21
C LEU C 623 5.70 2.58 19.63
N LYS C 624 6.04 2.13 20.84
CA LYS C 624 5.60 0.82 21.34
C LYS C 624 4.09 0.65 21.33
N GLN C 625 3.31 1.71 21.49
CA GLN C 625 1.86 1.65 21.44
C GLN C 625 1.31 1.26 20.07
N TYR C 626 2.11 1.35 19.01
CA TYR C 626 1.73 0.96 17.66
C TYR C 626 1.98 -0.53 17.48
N THR C 627 1.24 -1.32 18.24
CA THR C 627 1.48 -2.74 18.47
C THR C 627 1.77 -3.45 17.16
N SER C 628 2.96 -4.05 17.04
CA SER C 628 3.41 -4.80 15.87
C SER C 628 3.48 -4.04 14.55
N ALA C 629 3.26 -2.73 14.52
CA ALA C 629 3.37 -1.97 13.28
C ALA C 629 4.77 -2.03 12.71
N CYS C 630 5.81 -1.75 13.50
CA CYS C 630 7.16 -1.95 13.01
C CYS C 630 7.44 -3.39 12.67
N LYS C 631 7.03 -4.33 13.52
CA LYS C 631 7.31 -5.75 13.33
C LYS C 631 6.84 -6.20 11.96
N THR C 632 5.63 -5.86 11.55
CA THR C 632 5.14 -6.29 10.25
C THR C 632 5.85 -5.63 9.08
N ILE C 633 6.30 -4.39 9.22
CA ILE C 633 7.02 -3.74 8.13
C ILE C 633 8.37 -4.41 7.96
N GLU C 634 9.13 -4.47 9.03
CA GLU C 634 10.51 -4.90 8.91
C GLU C 634 10.62 -6.39 8.67
N ASP C 635 9.71 -7.20 9.19
CA ASP C 635 9.71 -8.61 8.80
C ASP C 635 9.32 -8.84 7.36
N ALA C 636 8.46 -8.04 6.73
CA ALA C 636 8.19 -8.21 5.31
C ALA C 636 9.45 -7.98 4.48
N LEU C 637 10.22 -6.95 4.80
CA LEU C 637 11.49 -6.68 4.15
C LEU C 637 12.51 -7.78 4.41
N ARG C 638 12.59 -8.31 5.63
CA ARG C 638 13.54 -9.36 5.95
C ARG C 638 13.21 -10.67 5.25
N ASN C 639 11.97 -11.09 5.26
CA ASN C 639 11.58 -12.32 4.59
C ASN C 639 11.86 -12.25 3.11
N SER C 640 11.50 -11.16 2.46
CA SER C 640 11.76 -11.04 1.03
C SER C 640 13.24 -10.95 0.72
N ALA C 641 14.06 -10.31 1.54
CA ALA C 641 15.51 -10.34 1.38
C ALA C 641 16.07 -11.75 1.48
N ARG C 642 15.58 -12.55 2.42
CA ARG C 642 16.01 -13.94 2.61
C ARG C 642 15.69 -14.79 1.39
N LEU C 643 14.53 -14.59 0.77
CA LEU C 643 14.16 -15.27 -0.48
C LEU C 643 15.02 -14.85 -1.67
N GLU C 644 15.32 -13.57 -1.85
CA GLU C 644 16.26 -13.16 -2.89
C GLU C 644 17.63 -13.78 -2.69
N SER C 645 18.13 -13.76 -1.47
CA SER C 645 19.43 -14.32 -1.19
C SER C 645 19.46 -15.81 -1.48
N ALA C 646 18.41 -16.54 -1.12
CA ALA C 646 18.34 -17.95 -1.42
C ALA C 646 18.30 -18.22 -2.92
N ASP C 647 17.43 -17.55 -3.66
CA ASP C 647 17.26 -17.81 -5.08
C ASP C 647 18.49 -17.49 -5.90
N VAL C 648 19.09 -16.33 -5.69
CA VAL C 648 20.29 -15.99 -6.45
C VAL C 648 21.44 -16.89 -6.05
N SER C 649 21.58 -17.22 -4.77
CA SER C 649 22.65 -18.10 -4.33
C SER C 649 22.49 -19.52 -4.88
N GLU C 650 21.25 -19.97 -5.10
CA GLU C 650 20.98 -21.22 -5.78
C GLU C 650 21.34 -21.15 -7.26
N MET C 651 21.03 -20.05 -7.94
CA MET C 651 21.28 -19.90 -9.37
C MET C 651 22.77 -19.84 -9.71
N LEU C 652 23.59 -19.12 -8.94
CA LEU C 652 24.99 -18.89 -9.25
C LEU C 652 25.88 -20.09 -8.89
N THR C 653 25.77 -21.16 -9.68
CA THR C 653 26.62 -22.36 -9.62
C THR C 653 28.10 -22.07 -9.93
N PHE C 654 28.96 -23.07 -9.82
CA PHE C 654 30.36 -23.01 -10.22
C PHE C 654 30.84 -24.40 -10.64
N ASP C 655 31.82 -24.48 -11.53
CA ASP C 655 32.46 -25.75 -11.94
C ASP C 655 33.92 -25.52 -12.28
N LYS C 656 34.82 -25.90 -11.37
CA LYS C 656 36.26 -25.61 -11.45
C LYS C 656 36.87 -26.05 -12.78
N LYS C 657 36.52 -27.25 -13.26
CA LYS C 657 36.99 -27.79 -14.53
C LYS C 657 36.63 -26.85 -15.69
N ALA C 658 35.38 -26.43 -15.78
CA ALA C 658 34.97 -25.51 -16.83
C ALA C 658 35.63 -24.15 -16.65
N PHE C 659 35.75 -23.67 -15.41
CA PHE C 659 36.35 -22.38 -15.15
C PHE C 659 37.82 -22.32 -15.60
N THR C 660 38.61 -23.37 -15.39
CA THR C 660 40.01 -23.35 -15.87
C THR C 660 40.09 -23.39 -17.40
N LEU C 661 39.16 -24.07 -18.07
CA LEU C 661 39.07 -24.10 -19.53
C LEU C 661 38.59 -22.77 -20.15
N ALA C 662 37.88 -21.93 -19.41
CA ALA C 662 37.29 -20.68 -19.87
C ALA C 662 38.34 -19.59 -20.13
N ASN C 663 39.08 -19.76 -21.23
CA ASN C 663 40.32 -19.06 -21.54
C ASN C 663 40.48 -18.86 -23.05
N VAL C 664 41.14 -17.78 -23.48
CA VAL C 664 41.39 -17.49 -24.92
C VAL C 664 42.28 -18.56 -25.57
N SER C 665 43.15 -19.19 -24.79
CA SER C 665 43.91 -20.37 -25.22
C SER C 665 43.01 -21.47 -25.79
N SER C 666 41.81 -21.59 -25.26
CA SER C 666 40.82 -22.61 -25.63
C SER C 666 39.95 -22.21 -26.82
N PHE C 667 40.24 -21.15 -27.57
CA PHE C 667 39.34 -20.67 -28.64
C PHE C 667 39.99 -20.31 -29.97
N GLY C 668 41.33 -20.28 -30.05
CA GLY C 668 42.04 -20.11 -31.32
C GLY C 668 41.70 -18.78 -32.01
N ASP C 669 41.10 -18.85 -33.20
CA ASP C 669 40.70 -17.68 -33.98
C ASP C 669 39.72 -16.75 -33.27
N TYR C 670 38.86 -17.28 -32.39
CA TYR C 670 37.76 -16.53 -31.80
C TYR C 670 38.27 -15.69 -30.63
N ASN C 671 38.34 -14.36 -30.80
CA ASN C 671 38.91 -13.45 -29.82
C ASN C 671 37.93 -13.14 -28.67
N LEU C 672 37.57 -14.16 -27.89
CA LEU C 672 36.78 -14.04 -26.67
C LEU C 672 37.54 -13.38 -25.50
N SER C 673 38.69 -12.77 -25.75
CA SER C 673 39.50 -12.12 -24.71
C SER C 673 38.76 -11.05 -23.93
N SER C 674 37.80 -10.35 -24.54
CA SER C 674 37.07 -9.26 -23.92
C SER C 674 35.97 -9.69 -22.94
N VAL C 675 35.58 -10.96 -22.94
CA VAL C 675 34.41 -11.49 -22.20
C VAL C 675 34.74 -12.54 -21.14
N ILE C 676 35.91 -13.15 -21.17
CA ILE C 676 36.38 -14.07 -20.13
C ILE C 676 36.83 -13.29 -18.89
N PRO C 677 36.55 -13.80 -17.68
CA PRO C 677 36.86 -13.09 -16.44
C PRO C 677 38.36 -12.91 -16.30
N SER C 678 38.78 -11.77 -15.75
CA SER C 678 40.19 -11.46 -15.58
C SER C 678 40.82 -12.30 -14.46
N LEU C 679 42.13 -12.53 -14.58
CA LEU C 679 42.93 -13.17 -13.54
C LEU C 679 42.89 -12.34 -12.24
N PRO C 680 42.98 -12.98 -11.07
CA PRO C 680 42.99 -12.29 -9.79
C PRO C 680 44.37 -11.67 -9.52
N THR C 681 44.63 -10.50 -10.11
CA THR C 681 45.86 -9.73 -9.87
C THR C 681 46.06 -9.36 -8.40
N SER C 682 44.98 -9.23 -7.63
CA SER C 682 45.02 -9.05 -6.18
C SER C 682 45.44 -10.32 -5.40
N GLY C 683 45.31 -11.51 -6.00
CA GLY C 683 45.52 -12.81 -5.35
C GLY C 683 44.43 -13.21 -4.34
N SER C 684 43.75 -12.23 -3.72
CA SER C 684 42.70 -12.38 -2.72
C SER C 684 41.34 -12.90 -3.23
N ARG C 685 41.27 -13.33 -4.50
CA ARG C 685 40.06 -13.79 -5.19
C ARG C 685 40.39 -14.93 -6.14
N VAL C 686 39.41 -15.74 -6.51
CA VAL C 686 39.56 -16.73 -7.58
C VAL C 686 39.51 -16.05 -8.96
N ALA C 687 38.77 -14.96 -9.08
CA ALA C 687 38.42 -14.33 -10.36
C ALA C 687 38.18 -12.82 -10.21
N GLY C 688 38.17 -12.09 -11.32
CA GLY C 688 37.80 -10.67 -11.40
C GLY C 688 37.04 -10.31 -12.67
N ARG C 689 36.51 -9.10 -12.75
CA ARG C 689 35.65 -8.66 -13.86
C ARG C 689 36.34 -8.70 -15.22
N SER C 690 35.59 -9.05 -16.26
CA SER C 690 36.05 -9.03 -17.65
C SER C 690 36.14 -7.62 -18.22
N ALA C 691 36.84 -7.41 -19.32
CA ALA C 691 36.94 -6.08 -19.94
C ALA C 691 35.56 -5.48 -20.27
N ILE C 692 34.67 -6.25 -20.89
CA ILE C 692 33.30 -5.77 -21.17
C ILE C 692 32.49 -5.54 -19.89
N GLU C 693 32.78 -6.22 -18.79
CA GLU C 693 32.11 -5.94 -17.53
C GLU C 693 32.61 -4.64 -16.94
N ASP C 694 33.92 -4.40 -16.91
CA ASP C 694 34.48 -3.13 -16.46
C ASP C 694 34.03 -1.96 -17.31
N ILE C 695 33.97 -2.09 -18.63
CA ILE C 695 33.41 -1.05 -19.49
C ILE C 695 31.97 -0.79 -19.10
N LEU C 696 31.15 -1.82 -18.97
CA LEU C 696 29.75 -1.65 -18.67
C LEU C 696 29.51 -1.02 -17.29
N PHE C 697 30.12 -1.53 -16.23
CA PHE C 697 29.98 -0.94 -14.89
C PHE C 697 30.50 0.49 -14.83
N SER C 698 31.57 0.82 -15.55
CA SER C 698 32.09 2.20 -15.55
C SER C 698 31.27 3.16 -16.40
N LYS C 699 30.63 2.68 -17.48
CA LYS C 699 29.86 3.51 -18.40
C LYS C 699 28.54 4.03 -17.82
N ILE C 700 28.04 3.44 -16.74
CA ILE C 700 26.72 3.73 -16.20
C ILE C 700 26.85 4.48 -14.88
N VAL C 701 26.26 5.68 -14.81
CA VAL C 701 26.47 6.59 -13.68
C VAL C 701 25.61 6.20 -12.50
N THR C 702 26.25 5.86 -11.37
CA THR C 702 25.55 5.56 -10.13
C THR C 702 24.71 6.76 -9.70
N SER C 703 23.49 6.53 -9.23
CA SER C 703 22.51 7.60 -9.09
C SER C 703 22.86 8.58 -7.98
N GLY C 704 22.68 9.88 -8.22
CA GLY C 704 22.79 10.89 -7.17
C GLY C 704 21.67 10.83 -6.14
N LEU C 705 20.59 10.08 -6.39
CA LEU C 705 19.39 10.05 -5.55
C LEU C 705 19.47 9.08 -4.36
N GLY C 706 20.35 8.09 -4.44
CA GLY C 706 20.59 7.10 -3.37
C GLY C 706 21.45 5.93 -3.85
N THR C 707 22.57 5.67 -3.18
CA THR C 707 23.49 4.58 -3.53
C THR C 707 23.01 3.25 -3.02
N VAL C 708 23.41 2.17 -3.69
CA VAL C 708 23.35 0.80 -3.14
C VAL C 708 24.72 0.13 -2.98
N ASP C 709 25.82 0.72 -3.44
CA ASP C 709 27.17 0.28 -3.09
C ASP C 709 27.55 0.80 -1.69
N ALA C 710 26.83 0.34 -0.67
CA ALA C 710 27.04 0.76 0.71
C ALA C 710 28.28 0.12 1.33
N ASP C 711 28.88 0.78 2.31
CA ASP C 711 29.95 0.23 3.13
C ASP C 711 29.92 0.94 4.48
N TYR C 712 29.55 0.22 5.53
CA TYR C 712 29.27 0.83 6.81
C TYR C 712 30.50 1.02 7.67
N LYS C 713 31.65 0.44 7.34
CA LYS C 713 32.75 0.38 8.31
C LYS C 713 33.49 1.70 8.54
N ASN C 714 33.07 2.79 7.89
CA ASN C 714 33.50 4.15 8.21
C ASN C 714 32.42 5.03 8.85
N CYS C 715 31.16 4.61 8.93
CA CYS C 715 30.06 5.53 9.25
C CYS C 715 30.04 6.08 10.67
N THR C 716 30.90 5.62 11.58
CA THR C 716 31.06 6.24 12.91
C THR C 716 32.49 6.59 13.27
N LYS C 717 33.48 6.18 12.48
CA LYS C 717 34.85 6.73 12.59
C LYS C 717 34.81 8.23 12.37
N GLY C 718 33.92 8.70 11.48
CA GLY C 718 33.47 10.08 11.45
C GLY C 718 34.50 11.12 10.99
N LEU C 719 35.57 10.71 10.31
CA LEU C 719 36.62 11.65 9.91
C LEU C 719 36.20 12.61 8.79
N SER C 720 35.09 12.34 8.12
CA SER C 720 34.52 13.19 7.07
C SER C 720 33.01 13.17 7.14
N ILE C 721 32.37 14.21 6.60
CA ILE C 721 30.93 14.32 6.60
C ILE C 721 30.35 13.25 5.68
N ALA C 722 29.30 12.58 6.16
CA ALA C 722 28.72 11.40 5.53
C ALA C 722 28.40 11.58 4.04
N ASP C 723 28.76 10.59 3.25
CA ASP C 723 28.24 10.35 1.91
C ASP C 723 26.85 9.74 1.99
N LEU C 724 26.15 9.62 0.86
CA LEU C 724 24.77 9.13 0.87
C LEU C 724 24.61 7.80 1.57
N ALA C 725 25.55 6.89 1.40
CA ALA C 725 25.48 5.59 2.01
C ALA C 725 25.39 5.68 3.54
N CYS C 726 26.25 6.47 4.18
CA CYS C 726 26.13 6.64 5.61
C CYS C 726 24.92 7.49 5.95
N ALA C 727 24.61 8.52 5.17
CA ALA C 727 23.53 9.43 5.48
C ALA C 727 22.20 8.71 5.56
N GLN C 728 21.94 7.79 4.64
CA GLN C 728 20.75 6.96 4.73
C GLN C 728 20.86 5.91 5.82
N TYR C 729 22.05 5.38 6.13
CA TYR C 729 22.18 4.50 7.29
C TYR C 729 21.83 5.19 8.60
N TYR C 730 22.09 6.47 8.76
CA TYR C 730 21.67 7.31 9.92
C TYR C 730 20.14 7.30 10.03
N ASN C 731 19.43 7.32 8.91
CA ASN C 731 17.98 7.17 8.88
C ASN C 731 17.51 5.75 9.09
N GLY C 732 18.39 4.85 9.49
CA GLY C 732 18.04 3.47 9.76
C GLY C 732 17.83 2.62 8.52
N ILE C 733 18.24 3.05 7.34
CA ILE C 733 18.05 2.28 6.10
C ILE C 733 19.34 1.56 5.80
N MET C 734 19.35 0.24 5.78
CA MET C 734 20.54 -0.54 5.45
C MET C 734 20.33 -1.29 4.16
N VAL C 735 21.18 -1.02 3.19
CA VAL C 735 21.37 -1.86 2.04
C VAL C 735 22.20 -3.05 2.45
N LEU C 736 21.70 -4.25 2.27
CA LEU C 736 22.49 -5.47 2.53
C LEU C 736 23.56 -5.63 1.46
N PRO C 737 24.67 -6.31 1.73
CA PRO C 737 25.71 -6.54 0.75
C PRO C 737 25.14 -7.35 -0.41
N GLY C 738 25.49 -6.97 -1.64
CA GLY C 738 24.95 -7.61 -2.83
C GLY C 738 25.09 -9.12 -2.82
N VAL C 739 24.00 -9.82 -3.11
CA VAL C 739 23.90 -11.29 -3.15
C VAL C 739 24.76 -11.93 -4.25
N ALA C 740 25.27 -11.13 -5.17
CA ALA C 740 25.99 -11.53 -6.36
C ALA C 740 27.30 -10.73 -6.47
N ASP C 741 28.22 -10.99 -5.55
CA ASP C 741 29.57 -10.42 -5.52
C ASP C 741 30.26 -10.55 -6.87
N ALA C 742 30.97 -9.52 -7.31
CA ALA C 742 31.76 -9.55 -8.54
C ALA C 742 32.65 -10.79 -8.66
N GLU C 743 33.20 -11.31 -7.56
CA GLU C 743 33.93 -12.57 -7.60
C GLU C 743 33.02 -13.75 -7.95
N ARG C 744 31.89 -13.89 -7.27
CA ARG C 744 30.99 -15.01 -7.51
C ARG C 744 30.35 -14.95 -8.88
N MET C 745 30.09 -13.74 -9.37
CA MET C 745 29.67 -13.55 -10.74
C MET C 745 30.75 -13.95 -11.72
N ALA C 746 31.99 -13.52 -11.52
CA ALA C 746 33.07 -13.90 -12.41
C ALA C 746 33.25 -15.42 -12.41
N MET C 747 33.16 -16.07 -11.26
CA MET C 747 33.21 -17.52 -11.14
C MET C 747 32.07 -18.19 -11.89
N TYR C 748 30.83 -17.77 -11.69
CA TYR C 748 29.68 -18.37 -12.35
C TYR C 748 29.77 -18.21 -13.86
N THR C 749 30.00 -16.97 -14.28
CA THR C 749 30.10 -16.59 -15.68
C THR C 749 31.23 -17.33 -16.37
N GLY C 750 32.42 -17.33 -15.79
CA GLY C 750 33.57 -18.03 -16.36
C GLY C 750 33.25 -19.51 -16.55
N SER C 751 32.70 -20.16 -15.53
CA SER C 751 32.33 -21.57 -15.64
C SER C 751 31.36 -21.80 -16.78
N LEU C 752 30.40 -20.90 -16.94
CA LEU C 752 29.38 -21.02 -17.96
C LEU C 752 29.89 -20.75 -19.38
N ILE C 753 30.89 -19.88 -19.56
CA ILE C 753 31.61 -19.70 -20.83
C ILE C 753 32.46 -20.92 -21.13
N GLY C 754 33.14 -21.48 -20.11
CA GLY C 754 33.90 -22.71 -20.22
C GLY C 754 33.06 -23.90 -20.67
N GLY C 755 31.76 -23.88 -20.37
CA GLY C 755 30.80 -24.88 -20.81
C GLY C 755 30.69 -25.09 -22.33
N ILE C 756 31.26 -24.20 -23.15
CA ILE C 756 31.36 -24.41 -24.60
C ILE C 756 32.65 -25.14 -24.99
N ALA C 757 33.71 -25.05 -24.21
CA ALA C 757 34.94 -25.81 -24.44
C ALA C 757 34.75 -27.31 -24.14
N LEU C 758 33.86 -27.66 -23.21
CA LEU C 758 33.42 -29.04 -22.99
C LEU C 758 32.63 -29.58 -24.19
N PRO C 768 40.13 -28.54 -30.31
CA PRO C 768 38.85 -28.98 -30.86
C PRO C 768 37.72 -27.96 -30.66
N PHE C 769 37.97 -26.92 -29.87
CA PHE C 769 36.93 -26.04 -29.34
C PHE C 769 36.32 -25.14 -30.41
N SER C 770 37.17 -24.62 -31.31
CA SER C 770 36.73 -23.98 -32.54
C SER C 770 36.05 -24.98 -33.49
N LEU C 771 36.44 -26.25 -33.50
CA LEU C 771 35.78 -27.28 -34.29
C LEU C 771 34.39 -27.63 -33.72
N ALA C 772 34.20 -27.54 -32.41
CA ALA C 772 32.91 -27.67 -31.76
C ALA C 772 32.02 -26.46 -32.08
N ILE C 773 32.59 -25.25 -32.08
CA ILE C 773 31.92 -24.04 -32.56
C ILE C 773 31.52 -24.20 -34.04
N GLN C 774 32.40 -24.76 -34.86
CA GLN C 774 32.07 -25.12 -36.25
C GLN C 774 30.98 -26.19 -36.31
N ALA C 775 30.94 -27.16 -35.39
CA ALA C 775 29.85 -28.12 -35.33
C ALA C 775 28.50 -27.43 -35.07
N ARG C 776 28.49 -26.36 -34.26
CA ARG C 776 27.29 -25.53 -34.11
C ARG C 776 26.85 -24.87 -35.42
N LEU C 777 27.79 -24.55 -36.33
CA LEU C 777 27.44 -24.17 -37.71
C LEU C 777 26.81 -25.33 -38.48
N ASN C 778 27.26 -26.56 -38.26
CA ASN C 778 26.84 -27.73 -39.03
C ASN C 778 25.35 -28.03 -38.92
N TYR C 779 24.72 -27.69 -37.80
CA TYR C 779 23.25 -27.70 -37.69
C TYR C 779 22.54 -26.79 -38.71
N VAL C 780 23.18 -25.70 -39.16
CA VAL C 780 22.71 -24.90 -40.29
C VAL C 780 23.22 -25.47 -41.61
N ALA C 781 24.50 -25.82 -41.66
CA ALA C 781 25.22 -26.00 -42.92
C ALA C 781 26.33 -27.05 -42.82
N LEU C 782 26.06 -28.25 -43.33
CA LEU C 782 26.96 -29.41 -43.27
C LEU C 782 28.25 -29.20 -44.08
N GLN C 783 28.15 -29.17 -45.41
CA GLN C 783 29.30 -29.33 -46.31
C GLN C 783 30.16 -28.08 -46.45
N THR C 784 29.54 -26.92 -46.70
CA THR C 784 30.27 -25.67 -46.99
C THR C 784 30.94 -25.09 -45.75
N ASP C 785 30.27 -25.12 -44.59
CA ASP C 785 30.71 -24.28 -43.47
C ASP C 785 31.87 -24.87 -42.64
N VAL C 786 32.29 -26.10 -42.95
CA VAL C 786 33.58 -26.70 -42.50
C VAL C 786 34.73 -26.49 -43.49
N LEU C 787 34.48 -25.93 -44.67
CA LEU C 787 35.55 -25.49 -45.59
C LEU C 787 36.33 -24.33 -44.94
N GLN C 788 37.65 -24.27 -45.16
CA GLN C 788 38.52 -23.29 -44.51
C GLN C 788 38.06 -21.85 -44.72
N GLU C 789 37.44 -21.56 -45.87
CA GLU C 789 36.84 -20.25 -46.14
C GLU C 789 35.86 -19.87 -45.04
N ASN C 790 34.94 -20.75 -44.68
CA ASN C 790 34.00 -20.51 -43.60
C ASN C 790 34.67 -20.60 -42.24
N GLN C 791 35.59 -21.53 -42.01
CA GLN C 791 36.23 -21.64 -40.70
C GLN C 791 36.95 -20.34 -40.32
N LYS C 792 37.79 -19.84 -41.22
CA LYS C 792 38.55 -18.63 -41.03
C LYS C 792 37.71 -17.36 -41.14
N ILE C 793 36.91 -17.23 -42.19
CA ILE C 793 36.21 -15.97 -42.44
C ILE C 793 35.06 -15.78 -41.48
N LEU C 794 34.34 -16.83 -41.06
CA LEU C 794 33.35 -16.65 -40.00
C LEU C 794 34.02 -16.28 -38.68
N ALA C 795 35.18 -16.82 -38.35
CA ALA C 795 35.88 -16.38 -37.15
C ALA C 795 36.33 -14.91 -37.26
N ALA C 796 36.85 -14.49 -38.42
CA ALA C 796 37.20 -13.09 -38.63
C ALA C 796 35.98 -12.17 -38.53
N SER C 797 34.85 -12.59 -39.10
CA SER C 797 33.58 -11.87 -39.04
C SER C 797 33.08 -11.75 -37.61
N PHE C 798 33.17 -12.82 -36.82
CA PHE C 798 32.88 -12.78 -35.40
C PHE C 798 33.78 -11.77 -34.69
N ASN C 799 35.09 -11.79 -34.92
CA ASN C 799 35.99 -10.83 -34.30
C ASN C 799 35.64 -9.40 -34.67
N LYS C 800 35.26 -9.12 -35.92
CA LYS C 800 34.77 -7.80 -36.33
C LYS C 800 33.48 -7.42 -35.60
N ALA C 801 32.51 -8.33 -35.50
CA ALA C 801 31.27 -8.06 -34.78
C ALA C 801 31.53 -7.75 -33.30
N MET C 802 32.37 -8.54 -32.64
CA MET C 802 32.84 -8.28 -31.28
C MET C 802 33.51 -6.92 -31.18
N THR C 803 34.34 -6.56 -32.16
CA THR C 803 35.03 -5.27 -32.16
C THR C 803 34.04 -4.11 -32.23
N ASN C 804 32.96 -4.27 -32.99
CA ASN C 804 31.93 -3.26 -33.07
C ASN C 804 31.19 -3.12 -31.74
N ILE C 805 30.76 -4.21 -31.10
CA ILE C 805 30.01 -4.08 -29.86
C ILE C 805 30.88 -3.66 -28.67
N VAL C 806 32.15 -4.05 -28.61
CA VAL C 806 33.03 -3.54 -27.55
C VAL C 806 33.33 -2.06 -27.76
N ASP C 807 33.43 -1.58 -29.00
CA ASP C 807 33.48 -0.14 -29.23
C ASP C 807 32.19 0.54 -28.77
N ALA C 808 31.04 -0.02 -29.11
CA ALA C 808 29.76 0.60 -28.78
C ALA C 808 29.56 0.76 -27.27
N PHE C 809 29.94 -0.23 -26.48
CA PHE C 809 29.98 -0.05 -25.02
C PHE C 809 31.05 0.95 -24.60
N THR C 810 32.22 0.97 -25.23
CA THR C 810 33.34 1.83 -24.81
C THR C 810 33.04 3.31 -25.03
N GLY C 811 32.36 3.64 -26.12
CA GLY C 811 32.02 5.02 -26.45
C GLY C 811 31.04 5.14 -27.61
N VAL C 812 30.36 6.28 -27.69
CA VAL C 812 29.37 6.57 -28.73
C VAL C 812 30.04 6.53 -30.11
N ASN C 813 29.57 5.60 -30.95
CA ASN C 813 29.93 5.47 -32.35
C ASN C 813 28.64 5.34 -33.17
N ASP C 814 28.55 6.04 -34.29
CA ASP C 814 27.32 6.09 -35.06
C ASP C 814 27.02 4.74 -35.74
N ALA C 815 25.77 4.28 -35.63
CA ALA C 815 25.30 3.12 -36.35
C ALA C 815 24.64 3.53 -37.68
N ILE C 816 25.23 3.09 -38.79
CA ILE C 816 24.53 2.99 -40.08
C ILE C 816 23.44 1.91 -39.97
N THR C 817 22.48 1.81 -40.90
CA THR C 817 21.32 0.91 -40.72
C THR C 817 21.71 -0.57 -40.58
N GLN C 818 22.70 -1.03 -41.35
CA GLN C 818 23.18 -2.41 -41.30
C GLN C 818 23.74 -2.78 -39.92
N THR C 819 24.65 -1.97 -39.37
CA THR C 819 25.15 -2.16 -38.00
C THR C 819 24.09 -1.86 -36.96
N SER C 820 23.17 -0.94 -37.23
CA SER C 820 22.09 -0.58 -36.32
C SER C 820 21.27 -1.76 -35.86
N GLN C 821 21.12 -2.86 -36.61
CA GLN C 821 20.43 -4.01 -36.02
C GLN C 821 21.15 -4.54 -34.77
N ALA C 822 22.46 -4.71 -34.82
CA ALA C 822 23.25 -5.05 -33.64
C ALA C 822 23.34 -3.88 -32.66
N LEU C 823 23.70 -2.70 -33.15
CA LEU C 823 24.05 -1.57 -32.30
C LEU C 823 22.84 -0.96 -31.59
N GLN C 824 21.66 -0.99 -32.18
CA GLN C 824 20.44 -0.68 -31.44
C GLN C 824 20.28 -1.63 -30.25
N THR C 825 20.65 -2.91 -30.34
CA THR C 825 20.53 -3.75 -29.13
C THR C 825 21.51 -3.34 -28.03
N VAL C 826 22.73 -2.89 -28.35
CA VAL C 826 23.61 -2.34 -27.31
C VAL C 826 23.04 -1.08 -26.67
N ALA C 827 22.51 -0.17 -27.48
CA ALA C 827 21.90 1.06 -26.97
C ALA C 827 20.67 0.77 -26.11
N THR C 828 19.87 -0.20 -26.53
CA THR C 828 18.72 -0.66 -25.77
C THR C 828 19.14 -1.22 -24.43
N ALA C 829 20.18 -2.04 -24.39
CA ALA C 829 20.67 -2.61 -23.16
C ALA C 829 21.16 -1.54 -22.19
N LEU C 830 22.00 -0.61 -22.63
CA LEU C 830 22.48 0.42 -21.71
C LEU C 830 21.35 1.28 -21.16
N ASN C 831 20.34 1.58 -21.97
CA ASN C 831 19.19 2.34 -21.50
C ASN C 831 18.37 1.55 -20.50
N LYS C 832 18.25 0.24 -20.67
CA LYS C 832 17.57 -0.61 -19.69
C LYS C 832 18.33 -0.71 -18.38
N ILE C 833 19.65 -0.76 -18.43
CA ILE C 833 20.44 -0.86 -17.21
C ILE C 833 20.42 0.45 -16.45
N GLN C 834 20.59 1.57 -17.12
CA GLN C 834 20.55 2.87 -16.47
C GLN C 834 19.17 3.13 -15.87
N ASP C 835 18.11 2.64 -16.50
CA ASP C 835 16.76 2.70 -15.97
C ASP C 835 16.62 1.89 -14.68
N VAL C 836 17.18 0.69 -14.61
CA VAL C 836 17.15 -0.11 -13.37
C VAL C 836 17.86 0.60 -12.23
N VAL C 837 19.04 1.15 -12.48
CA VAL C 837 19.77 1.93 -11.49
C VAL C 837 18.93 3.11 -11.00
N ASN C 838 18.33 3.85 -11.92
CA ASN C 838 17.58 5.04 -11.58
C ASN C 838 16.30 4.71 -10.82
N GLN C 839 15.62 3.61 -11.12
CA GLN C 839 14.44 3.22 -10.35
C GLN C 839 14.80 2.84 -8.93
N GLN C 840 15.90 2.14 -8.72
CA GLN C 840 16.35 1.81 -7.38
C GLN C 840 16.68 3.07 -6.59
N GLY C 841 17.36 4.02 -7.22
CA GLY C 841 17.67 5.31 -6.62
C GLY C 841 16.42 6.11 -6.24
N ASN C 842 15.46 6.25 -7.14
CA ASN C 842 14.23 6.96 -6.84
C ASN C 842 13.43 6.31 -5.72
N SER C 843 13.31 4.99 -5.71
CA SER C 843 12.60 4.28 -4.64
C SER C 843 13.17 4.61 -3.28
N LEU C 844 14.49 4.62 -3.20
CA LEU C 844 15.19 4.90 -1.97
C LEU C 844 15.14 6.37 -1.60
N ASN C 845 15.13 7.25 -2.58
CA ASN C 845 15.03 8.68 -2.39
C ASN C 845 13.68 9.06 -1.82
N HIS C 846 12.60 8.49 -2.33
CA HIS C 846 11.26 8.76 -1.83
C HIS C 846 11.08 8.39 -0.37
N LEU C 847 11.78 7.36 0.09
CA LEU C 847 11.72 6.98 1.50
C LEU C 847 12.47 7.98 2.37
N THR C 848 13.71 8.27 2.01
CA THR C 848 14.51 9.14 2.86
C THR C 848 13.96 10.55 2.85
N SER C 849 13.46 11.02 1.72
CA SER C 849 12.90 12.34 1.60
C SER C 849 11.61 12.52 2.39
N GLN C 850 10.79 11.49 2.56
CA GLN C 850 9.62 11.62 3.42
C GLN C 850 9.93 11.99 4.85
N LEU C 851 11.09 11.64 5.40
CA LEU C 851 11.45 12.13 6.73
C LEU C 851 11.38 13.65 6.86
N ARG C 852 11.64 14.38 5.79
CA ARG C 852 11.63 15.85 5.75
C ARG C 852 10.23 16.46 5.81
N GLN C 853 9.18 15.67 5.74
CA GLN C 853 7.81 16.13 5.56
C GLN C 853 7.08 16.03 6.88
N ASN C 854 6.41 17.10 7.31
CA ASN C 854 5.97 17.23 8.70
C ASN C 854 4.55 16.77 9.01
N PHE C 855 3.82 16.18 8.08
CA PHE C 855 2.51 15.54 8.31
C PHE C 855 1.55 16.36 9.18
N GLN C 856 1.42 17.65 8.92
CA GLN C 856 0.49 18.54 9.62
C GLN C 856 0.85 18.73 11.11
N ALA C 857 2.03 18.30 11.56
CA ALA C 857 2.61 18.65 12.86
C ALA C 857 3.39 19.96 12.80
N ILE C 858 3.89 20.42 13.94
CA ILE C 858 4.68 21.65 14.06
C ILE C 858 5.97 21.60 13.25
N SER C 859 6.69 20.49 13.27
CA SER C 859 7.97 20.32 12.58
C SER C 859 8.23 18.86 12.28
N SER C 860 9.09 18.54 11.32
CA SER C 860 9.58 17.19 11.15
C SER C 860 10.65 16.82 12.17
N SER C 861 11.26 17.78 12.84
CA SER C 861 12.34 17.51 13.77
C SER C 861 11.75 17.08 15.09
N ILE C 862 11.70 15.79 15.32
CA ILE C 862 11.02 15.24 16.49
C ILE C 862 11.62 15.72 17.79
N GLN C 863 12.92 15.94 17.86
CA GLN C 863 13.52 16.56 19.03
C GLN C 863 13.00 17.96 19.25
N ALA C 864 12.76 18.75 18.21
CA ALA C 864 12.26 20.10 18.36
C ALA C 864 10.86 20.12 18.96
N ILE C 865 10.04 19.10 18.72
CA ILE C 865 8.72 19.03 19.33
C ILE C 865 8.87 18.87 20.83
N TYR C 866 9.69 17.93 21.27
CA TYR C 866 9.98 17.76 22.69
C TYR C 866 10.70 18.95 23.32
N ASP C 867 11.53 19.67 22.59
CA ASP C 867 12.10 20.92 23.08
C ASP C 867 11.03 21.95 23.39
N ARG C 868 10.02 22.10 22.53
CA ARG C 868 8.95 23.08 22.65
C ARG C 868 7.87 22.80 23.69
N LEU C 869 7.47 21.56 23.89
CA LEU C 869 6.16 21.24 24.47
C LEU C 869 6.21 20.34 25.71
N ASP C 870 5.22 20.51 26.57
CA ASP C 870 4.96 19.57 27.66
C ASP C 870 4.59 18.20 27.08
N PRO C 871 5.13 17.09 27.64
CA PRO C 871 4.94 15.77 27.09
C PRO C 871 3.52 15.35 26.71
N PRO C 872 2.44 15.67 27.44
CA PRO C 872 1.10 15.24 27.04
C PRO C 872 0.69 15.82 25.69
N GLN C 873 0.95 17.11 25.46
CA GLN C 873 0.73 17.80 24.20
C GLN C 873 1.76 17.44 23.13
N ALA C 874 3.01 17.22 23.50
CA ALA C 874 4.03 16.81 22.54
C ALA C 874 3.70 15.46 21.93
N ASP C 875 3.25 14.50 22.72
CA ASP C 875 3.00 13.16 22.22
C ASP C 875 1.92 13.12 21.14
N GLN C 876 0.90 13.97 21.23
CA GLN C 876 -0.11 14.04 20.19
C GLN C 876 0.40 14.72 18.91
N GLN C 877 1.32 15.67 19.00
CA GLN C 877 2.06 16.09 17.79
C GLN C 877 2.87 14.94 17.19
N VAL C 878 3.65 14.24 18.01
CA VAL C 878 4.50 13.16 17.53
C VAL C 878 3.69 12.03 16.92
N ASP C 879 2.50 11.74 17.43
CA ASP C 879 1.63 10.75 16.81
C ASP C 879 1.32 11.05 15.35
N ARG C 880 1.28 12.33 14.95
CA ARG C 880 1.16 12.65 13.54
C ARG C 880 2.37 12.20 12.77
N LEU C 881 3.58 12.46 13.27
CA LEU C 881 4.79 12.02 12.58
C LEU C 881 4.92 10.50 12.57
N ILE C 882 4.60 9.81 13.66
CA ILE C 882 4.66 8.36 13.68
C ILE C 882 3.70 7.78 12.68
N THR C 883 2.47 8.27 12.63
CA THR C 883 1.49 7.76 11.66
C THR C 883 1.91 8.02 10.24
N GLY C 884 2.47 9.18 9.96
CA GLY C 884 2.97 9.51 8.63
C GLY C 884 4.13 8.63 8.23
N ARG C 885 5.13 8.51 9.09
CA ARG C 885 6.34 7.75 8.78
C ARG C 885 6.09 6.27 8.71
N LEU C 886 5.16 5.71 9.47
CA LEU C 886 4.76 4.32 9.26
C LEU C 886 4.05 4.15 7.92
N ALA C 887 3.27 5.12 7.46
CA ALA C 887 2.71 5.03 6.12
C ALA C 887 3.81 5.09 5.06
N ALA C 888 4.79 5.96 5.20
CA ALA C 888 5.90 6.06 4.26
C ALA C 888 6.69 4.78 4.16
N LEU C 889 6.88 4.07 5.27
CA LEU C 889 7.50 2.74 5.24
C LEU C 889 6.62 1.76 4.51
N ASN C 890 5.33 1.72 4.78
CA ASN C 890 4.45 0.76 4.12
C ASN C 890 4.41 0.96 2.62
N VAL C 891 4.54 2.18 2.14
CA VAL C 891 4.68 2.46 0.71
C VAL C 891 5.98 1.88 0.20
N PHE C 892 7.10 2.14 0.87
CA PHE C 892 8.39 1.60 0.43
C PHE C 892 8.45 0.08 0.43
N VAL C 893 7.75 -0.56 1.35
CA VAL C 893 7.63 -2.01 1.34
C VAL C 893 6.90 -2.46 0.10
N SER C 894 5.82 -1.81 -0.31
CA SER C 894 5.16 -2.19 -1.56
C SER C 894 6.05 -1.99 -2.77
N HIS C 895 6.82 -0.91 -2.83
CA HIS C 895 7.80 -0.73 -3.91
C HIS C 895 8.77 -1.89 -3.94
N THR C 896 9.31 -2.25 -2.79
CA THR C 896 10.32 -3.28 -2.69
C THR C 896 9.80 -4.63 -3.10
N LEU C 897 8.67 -5.06 -2.56
CA LEU C 897 8.10 -6.36 -2.86
C LEU C 897 7.67 -6.47 -4.31
N THR C 898 7.11 -5.39 -4.84
CA THR C 898 6.79 -5.32 -6.26
C THR C 898 8.02 -5.59 -7.07
N LYS C 899 9.12 -4.90 -6.77
CA LYS C 899 10.32 -5.05 -7.57
C LYS C 899 10.89 -6.44 -7.45
N TYR C 900 10.85 -7.09 -6.30
CA TYR C 900 11.27 -8.48 -6.21
C TYR C 900 10.39 -9.41 -7.03
N THR C 901 9.11 -9.15 -7.16
CA THR C 901 8.25 -10.03 -7.94
C THR C 901 8.53 -9.87 -9.42
N GLU C 902 8.73 -8.64 -9.89
CA GLU C 902 9.16 -8.34 -11.26
C GLU C 902 10.52 -8.96 -11.55
N VAL C 903 11.45 -8.87 -10.62
CA VAL C 903 12.77 -9.45 -10.77
C VAL C 903 12.72 -10.96 -10.71
N ARG C 904 11.86 -11.58 -9.92
CA ARG C 904 11.74 -13.03 -9.90
C ARG C 904 11.33 -13.56 -11.25
N ALA C 905 10.41 -12.90 -11.94
CA ALA C 905 10.06 -13.27 -13.29
C ALA C 905 11.24 -13.10 -14.26
N SER C 906 11.96 -11.98 -14.16
CA SER C 906 13.13 -11.72 -14.98
C SER C 906 14.24 -12.74 -14.76
N ARG C 907 14.50 -13.14 -13.52
CA ARG C 907 15.48 -14.17 -13.17
C ARG C 907 15.08 -15.52 -13.72
N GLN C 908 13.82 -15.90 -13.61
CA GLN C 908 13.36 -17.18 -14.16
C GLN C 908 13.57 -17.23 -15.67
N LEU C 909 13.23 -16.15 -16.38
CA LEU C 909 13.52 -16.03 -17.80
C LEU C 909 15.01 -16.15 -18.07
N ALA C 910 15.86 -15.51 -17.27
CA ALA C 910 17.28 -15.57 -17.48
C ALA C 910 17.85 -16.97 -17.29
N GLN C 911 17.42 -17.75 -16.31
CA GLN C 911 18.02 -19.08 -16.16
C GLN C 911 17.53 -20.05 -17.22
N GLN C 912 16.31 -19.91 -17.75
CA GLN C 912 15.96 -20.69 -18.94
C GLN C 912 16.65 -20.18 -20.21
N LYS C 913 16.93 -18.88 -20.35
CA LYS C 913 17.82 -18.37 -21.42
C LYS C 913 19.20 -18.98 -21.30
N VAL C 914 19.71 -19.15 -20.09
CA VAL C 914 20.99 -19.82 -19.90
C VAL C 914 20.92 -21.25 -20.39
N ASN C 915 19.86 -21.99 -20.06
CA ASN C 915 19.80 -23.37 -20.51
C ASN C 915 19.72 -23.48 -22.02
N GLU C 916 18.77 -22.78 -22.62
CA GLU C 916 18.50 -22.95 -24.03
C GLU C 916 19.54 -22.33 -24.92
N CYS C 917 19.87 -21.07 -24.69
CA CYS C 917 20.86 -20.38 -25.49
C CYS C 917 22.30 -20.66 -25.14
N VAL C 918 22.64 -20.53 -23.86
CA VAL C 918 24.02 -20.60 -23.39
C VAL C 918 24.60 -21.99 -23.34
N LYS C 919 23.91 -22.94 -22.72
CA LYS C 919 24.41 -24.30 -22.57
C LYS C 919 24.10 -25.11 -23.82
N SER C 920 22.83 -25.25 -24.16
CA SER C 920 22.41 -25.87 -25.43
C SER C 920 22.70 -24.95 -26.62
N GLN C 921 22.31 -25.34 -27.82
CA GLN C 921 22.12 -24.43 -28.94
C GLN C 921 20.61 -24.36 -29.21
N SER C 922 19.98 -23.20 -29.07
CA SER C 922 18.53 -23.11 -29.20
C SER C 922 18.07 -23.39 -30.62
N LYS C 923 17.03 -24.20 -30.75
CA LYS C 923 16.35 -24.51 -32.03
C LYS C 923 15.25 -23.52 -32.39
N ARG C 924 14.82 -22.69 -31.43
CA ARG C 924 13.79 -21.66 -31.61
C ARG C 924 14.30 -20.57 -32.55
N TYR C 925 13.43 -19.67 -32.98
CA TYR C 925 13.83 -18.48 -33.71
C TYR C 925 13.32 -17.21 -33.02
N GLY C 926 14.15 -16.17 -32.98
CA GLY C 926 13.84 -14.90 -32.33
C GLY C 926 13.93 -14.94 -30.81
N PHE C 927 14.01 -16.12 -30.18
CA PHE C 927 14.22 -16.26 -28.74
C PHE C 927 15.62 -15.86 -28.29
N CYS C 928 16.64 -16.05 -29.12
CA CYS C 928 17.99 -15.55 -28.89
C CYS C 928 18.54 -14.84 -30.12
N GLY C 929 18.24 -13.54 -30.19
CA GLY C 929 18.55 -12.69 -31.33
C GLY C 929 17.60 -12.92 -32.52
N ASN C 930 17.39 -11.88 -33.32
CA ASN C 930 16.77 -12.01 -34.62
C ASN C 930 17.82 -12.56 -35.58
N GLY C 931 17.95 -13.88 -35.62
CA GLY C 931 18.84 -14.60 -36.52
C GLY C 931 18.96 -16.07 -36.13
N THR C 932 19.55 -16.88 -37.01
CA THR C 932 19.70 -18.32 -36.72
C THR C 932 20.82 -18.54 -35.72
N HIS C 933 20.50 -19.08 -34.55
CA HIS C 933 21.41 -19.13 -33.40
C HIS C 933 22.55 -20.13 -33.52
N ILE C 934 23.73 -19.77 -33.03
CA ILE C 934 24.83 -20.72 -32.83
C ILE C 934 25.33 -20.79 -31.39
N PHE C 935 25.69 -19.71 -30.72
CA PHE C 935 26.07 -19.80 -29.31
C PHE C 935 25.98 -18.48 -28.57
N SER C 936 25.99 -18.56 -27.25
CA SER C 936 25.90 -17.40 -26.36
C SER C 936 27.04 -17.30 -25.35
N ILE C 937 27.34 -16.06 -24.99
CA ILE C 937 28.27 -15.64 -23.95
C ILE C 937 27.44 -14.87 -22.95
N VAL C 938 27.83 -14.90 -21.69
CA VAL C 938 27.16 -14.17 -20.61
C VAL C 938 28.19 -13.31 -19.91
N ASN C 939 27.79 -12.18 -19.36
CA ASN C 939 28.62 -11.35 -18.50
C ASN C 939 27.79 -10.72 -17.40
N ALA C 940 28.46 -10.32 -16.33
CA ALA C 940 27.84 -9.57 -15.25
C ALA C 940 27.48 -8.15 -15.68
N ALA C 941 26.50 -7.57 -15.03
CA ALA C 941 26.06 -6.20 -15.22
C ALA C 941 25.40 -5.70 -13.92
N PRO C 942 25.15 -4.41 -13.76
CA PRO C 942 24.45 -3.89 -12.59
C PRO C 942 23.17 -4.69 -12.29
N GLU C 943 23.13 -5.34 -11.13
CA GLU C 943 22.00 -6.16 -10.64
C GLU C 943 21.51 -7.22 -11.64
N GLY C 944 22.42 -7.60 -12.54
CA GLY C 944 22.08 -8.08 -13.85
C GLY C 944 23.02 -9.10 -14.45
N LEU C 945 22.50 -9.78 -15.44
CA LEU C 945 23.29 -10.51 -16.42
C LEU C 945 22.97 -9.94 -17.78
N VAL C 946 23.99 -9.93 -18.63
CA VAL C 946 23.91 -9.44 -19.99
C VAL C 946 24.46 -10.54 -20.85
N PHE C 947 23.85 -10.68 -22.01
CA PHE C 947 23.91 -11.82 -22.88
C PHE C 947 24.36 -11.30 -24.21
N LEU C 948 25.14 -12.12 -24.87
CA LEU C 948 25.62 -11.92 -26.21
C LEU C 948 25.25 -13.21 -26.90
N HIS C 949 24.63 -13.10 -28.05
CA HIS C 949 24.10 -14.20 -28.83
C HIS C 949 24.72 -14.03 -30.20
N THR C 950 25.00 -15.13 -30.89
CA THR C 950 25.75 -15.10 -32.13
C THR C 950 24.94 -15.87 -33.15
N VAL C 951 24.68 -15.23 -34.28
CA VAL C 951 23.56 -15.59 -35.12
C VAL C 951 23.89 -15.32 -36.58
N LEU C 952 23.30 -16.09 -37.48
CA LEU C 952 23.75 -16.28 -38.85
C LEU C 952 22.64 -15.82 -39.79
N LEU C 953 23.04 -15.01 -40.77
CA LEU C 953 22.19 -14.05 -41.49
C LEU C 953 22.49 -14.00 -42.99
N PRO C 954 21.46 -13.80 -43.82
CA PRO C 954 21.57 -13.87 -45.26
C PRO C 954 22.52 -12.81 -45.83
N THR C 955 23.36 -13.20 -46.79
CA THR C 955 24.26 -12.32 -47.55
C THR C 955 24.45 -12.89 -48.97
N GLN C 956 24.78 -12.04 -49.94
CA GLN C 956 24.73 -12.40 -51.37
C GLN C 956 23.39 -13.06 -51.75
N TYR C 957 22.29 -12.44 -51.31
CA TYR C 957 20.94 -12.97 -51.43
C TYR C 957 20.42 -12.91 -52.88
N LYS C 958 20.21 -14.08 -53.51
CA LYS C 958 20.00 -14.24 -54.95
C LYS C 958 19.29 -15.57 -55.26
N ASP C 959 18.77 -15.79 -56.48
CA ASP C 959 18.11 -17.07 -56.81
C ASP C 959 19.02 -18.30 -56.59
N VAL C 960 18.55 -19.29 -55.84
CA VAL C 960 18.94 -20.70 -55.99
C VAL C 960 17.67 -21.53 -56.23
N GLU C 961 17.61 -22.26 -57.34
CA GLU C 961 16.37 -22.90 -57.80
C GLU C 961 16.06 -24.21 -57.07
N ALA C 962 14.77 -24.52 -56.98
CA ALA C 962 14.21 -25.60 -56.17
C ALA C 962 13.27 -26.49 -56.99
N TRP C 963 13.25 -27.80 -56.70
CA TRP C 963 12.59 -28.82 -57.51
C TRP C 963 11.36 -29.45 -56.82
N SER C 964 10.21 -29.49 -57.51
CA SER C 964 9.04 -30.30 -57.10
C SER C 964 9.38 -31.77 -56.92
N GLY C 965 10.06 -32.31 -57.93
CA GLY C 965 9.99 -33.70 -58.30
C GLY C 965 11.27 -34.24 -58.91
N LEU C 966 11.53 -35.53 -58.70
CA LEU C 966 12.72 -36.20 -59.20
C LEU C 966 12.29 -37.43 -60.00
N CYS C 967 13.02 -37.72 -61.06
CA CYS C 967 12.66 -38.78 -62.00
C CYS C 967 13.79 -39.81 -61.98
N VAL C 968 13.38 -41.04 -61.71
CA VAL C 968 14.16 -42.14 -61.18
C VAL C 968 14.20 -43.26 -62.21
N ASP C 969 15.42 -43.66 -62.59
CA ASP C 969 15.71 -44.50 -63.75
C ASP C 969 15.06 -43.96 -65.05
N GLY C 970 14.86 -42.64 -65.13
CA GLY C 970 14.13 -41.97 -66.20
C GLY C 970 12.65 -42.37 -66.36
N THR C 971 12.08 -43.14 -65.42
CA THR C 971 10.88 -43.96 -65.66
C THR C 971 9.81 -43.86 -64.56
N ASN C 972 10.23 -43.56 -63.33
CA ASN C 972 9.40 -43.49 -62.13
C ASN C 972 9.66 -42.15 -61.43
N GLY C 973 8.66 -41.55 -60.82
CA GLY C 973 8.69 -40.13 -60.49
C GLY C 973 8.34 -39.93 -59.03
N TYR C 974 8.96 -38.93 -58.42
CA TYR C 974 9.01 -38.75 -56.98
C TYR C 974 8.46 -37.36 -56.70
N VAL C 975 7.48 -37.32 -55.83
CA VAL C 975 6.64 -36.16 -55.48
C VAL C 975 6.65 -36.04 -53.96
N LEU C 976 6.64 -34.82 -53.42
CA LEU C 976 7.13 -34.56 -52.08
C LEU C 976 6.10 -33.80 -51.25
N ARG C 977 5.98 -34.21 -49.99
CA ARG C 977 4.95 -33.77 -49.02
C ARG C 977 5.59 -33.07 -47.82
N GLN C 978 6.60 -32.23 -48.09
CA GLN C 978 7.36 -31.45 -47.11
C GLN C 978 7.26 -29.93 -47.38
N PRO C 979 6.06 -29.33 -47.23
CA PRO C 979 5.80 -27.94 -47.64
C PRO C 979 6.47 -26.89 -46.73
N ASN C 980 6.91 -27.26 -45.54
CA ASN C 980 7.62 -26.35 -44.62
C ASN C 980 8.96 -25.83 -45.20
N LEU C 981 9.50 -26.50 -46.21
CA LEU C 981 10.86 -26.33 -46.71
C LEU C 981 10.90 -26.01 -48.22
N ALA C 982 12.11 -25.92 -48.77
CA ALA C 982 12.53 -25.81 -50.16
C ALA C 982 13.61 -26.88 -50.42
N LEU C 983 13.68 -27.49 -51.60
CA LEU C 983 14.62 -28.58 -51.93
C LEU C 983 15.39 -28.26 -53.22
N TYR C 984 16.71 -28.33 -53.14
CA TYR C 984 17.66 -27.71 -54.08
C TYR C 984 18.93 -28.56 -54.24
N LYS C 985 19.58 -28.48 -55.40
CA LYS C 985 20.72 -29.34 -55.76
C LYS C 985 21.93 -28.54 -56.23
N GLU C 986 23.10 -28.87 -55.69
CA GLU C 986 24.41 -28.32 -56.02
C GLU C 986 25.51 -29.38 -55.80
N GLY C 987 26.56 -29.40 -56.62
CA GLY C 987 27.80 -30.15 -56.34
C GLY C 987 27.62 -31.63 -56.00
N ASN C 988 26.77 -32.35 -56.75
CA ASN C 988 26.40 -33.76 -56.53
C ASN C 988 25.61 -34.06 -55.22
N TYR C 989 24.97 -33.05 -54.64
CA TYR C 989 24.18 -33.11 -53.40
C TYR C 989 22.80 -32.48 -53.59
N TYR C 990 21.85 -32.91 -52.76
CA TYR C 990 20.48 -32.40 -52.69
C TYR C 990 20.20 -32.07 -51.24
N ARG C 991 19.61 -30.91 -51.03
CA ARG C 991 19.57 -30.21 -49.75
C ARG C 991 18.18 -29.63 -49.53
N ILE C 992 17.66 -29.72 -48.31
CA ILE C 992 16.31 -29.28 -47.96
C ILE C 992 16.34 -28.31 -46.75
N THR C 993 15.69 -27.16 -46.90
CA THR C 993 15.96 -25.93 -46.15
C THR C 993 14.69 -25.08 -45.94
N SER C 994 14.57 -24.36 -44.83
CA SER C 994 13.49 -23.35 -44.67
C SER C 994 13.40 -22.42 -45.90
N ARG C 995 12.19 -22.05 -46.32
CA ARG C 995 11.84 -21.70 -47.71
C ARG C 995 12.74 -20.65 -48.41
N ILE C 996 13.37 -19.73 -47.67
CA ILE C 996 14.23 -18.64 -48.20
C ILE C 996 15.70 -18.68 -47.72
N MET C 997 16.19 -19.85 -47.30
CA MET C 997 17.46 -20.02 -46.56
C MET C 997 18.47 -20.94 -47.27
N PHE C 998 19.76 -20.75 -46.96
CA PHE C 998 20.86 -21.56 -47.49
C PHE C 998 21.39 -22.57 -46.46
N GLU C 999 20.56 -23.55 -46.08
CA GLU C 999 21.02 -24.71 -45.31
C GLU C 999 21.44 -25.86 -46.24
N PRO C 1000 22.74 -26.15 -46.42
CA PRO C 1000 23.18 -27.41 -46.98
C PRO C 1000 23.00 -28.52 -45.93
N ARG C 1001 21.76 -29.01 -45.83
CA ARG C 1001 21.28 -30.13 -45.00
C ARG C 1001 20.47 -31.10 -45.87
N ILE C 1002 20.64 -32.40 -45.72
CA ILE C 1002 20.11 -33.39 -46.67
C ILE C 1002 18.61 -33.74 -46.39
N PRO C 1003 17.77 -34.02 -47.40
CA PRO C 1003 16.40 -34.53 -47.21
C PRO C 1003 16.34 -35.98 -46.67
N THR C 1004 15.12 -36.49 -46.43
CA THR C 1004 14.87 -37.70 -45.62
C THR C 1004 13.82 -38.66 -46.23
N MET C 1005 13.76 -39.89 -45.73
CA MET C 1005 12.65 -40.83 -46.03
C MET C 1005 11.29 -40.26 -45.63
N ALA C 1006 10.25 -40.64 -46.37
CA ALA C 1006 8.87 -40.18 -46.22
C ALA C 1006 8.66 -38.65 -46.40
N ASP C 1007 9.68 -37.91 -46.85
CA ASP C 1007 9.46 -36.66 -47.58
C ASP C 1007 8.91 -36.91 -48.99
N PHE C 1008 9.11 -38.11 -49.58
CA PHE C 1008 8.81 -38.42 -50.98
C PHE C 1008 7.97 -39.69 -51.16
N VAL C 1009 7.11 -39.65 -52.16
CA VAL C 1009 6.10 -40.63 -52.60
C VAL C 1009 6.30 -40.87 -54.10
N GLN C 1010 6.08 -42.08 -54.62
CA GLN C 1010 6.61 -42.49 -55.93
C GLN C 1010 5.53 -43.10 -56.85
N ILE C 1011 5.64 -42.76 -58.14
CA ILE C 1011 4.60 -42.90 -59.16
C ILE C 1011 5.22 -43.48 -60.45
N GLU C 1012 4.49 -44.32 -61.20
CA GLU C 1012 4.92 -44.79 -62.53
C GLU C 1012 4.76 -43.70 -63.63
N ASN C 1013 5.43 -42.56 -63.45
CA ASN C 1013 5.35 -41.37 -64.29
C ASN C 1013 6.65 -40.54 -64.21
N CYS C 1014 6.92 -39.65 -65.16
CA CYS C 1014 7.86 -38.53 -65.00
C CYS C 1014 7.35 -37.30 -65.78
N ASN C 1015 7.74 -36.11 -65.33
CA ASN C 1015 7.38 -34.84 -65.97
C ASN C 1015 8.64 -34.00 -66.24
N VAL C 1016 8.65 -33.21 -67.32
CA VAL C 1016 9.80 -32.37 -67.74
C VAL C 1016 10.24 -31.35 -66.67
N THR C 1017 9.34 -30.97 -65.75
CA THR C 1017 9.66 -30.10 -64.59
C THR C 1017 10.45 -30.79 -63.46
N PHE C 1018 10.66 -32.12 -63.53
CA PHE C 1018 11.47 -32.87 -62.56
C PHE C 1018 12.98 -32.78 -62.88
N VAL C 1019 13.82 -33.43 -62.06
CA VAL C 1019 15.28 -33.58 -62.25
C VAL C 1019 15.51 -35.08 -62.48
N ASN C 1020 16.64 -35.46 -63.07
CA ASN C 1020 16.68 -36.90 -63.38
C ASN C 1020 17.94 -37.65 -62.87
N ILE C 1021 17.67 -38.85 -62.35
CA ILE C 1021 18.39 -39.60 -61.32
C ILE C 1021 18.27 -41.11 -61.57
N SER C 1022 19.29 -41.91 -61.28
CA SER C 1022 19.17 -43.38 -61.12
C SER C 1022 18.87 -43.80 -59.67
N ARG C 1023 18.38 -45.03 -59.44
CA ARG C 1023 18.21 -45.55 -58.06
C ARG C 1023 19.51 -45.69 -57.25
N SER C 1024 20.70 -45.61 -57.85
CA SER C 1024 21.97 -45.43 -57.12
C SER C 1024 22.33 -43.95 -56.87
N GLU C 1025 22.07 -43.06 -57.84
CA GLU C 1025 22.11 -41.59 -57.68
C GLU C 1025 21.16 -41.09 -56.57
N LEU C 1026 20.07 -41.81 -56.28
CA LEU C 1026 19.19 -41.58 -55.13
C LEU C 1026 19.96 -41.49 -53.80
N GLN C 1027 21.16 -42.07 -53.65
CA GLN C 1027 22.02 -41.94 -52.46
C GLN C 1027 22.28 -40.45 -52.09
N THR C 1028 22.31 -39.55 -53.08
CA THR C 1028 22.38 -38.09 -52.89
C THR C 1028 21.15 -37.52 -52.14
N ILE C 1029 19.98 -38.16 -52.29
CA ILE C 1029 18.75 -37.90 -51.54
C ILE C 1029 18.80 -38.61 -50.17
N VAL C 1030 18.75 -39.95 -50.18
CA VAL C 1030 18.98 -40.84 -49.04
C VAL C 1030 19.50 -42.21 -49.53
N PRO C 1031 20.24 -42.97 -48.71
CA PRO C 1031 20.62 -44.36 -49.04
C PRO C 1031 19.42 -45.34 -49.03
N GLU C 1032 18.28 -44.90 -48.50
CA GLU C 1032 17.15 -45.74 -48.07
C GLU C 1032 16.19 -46.13 -49.21
N TYR C 1033 15.92 -45.25 -50.19
CA TYR C 1033 15.01 -45.54 -51.31
C TYR C 1033 15.63 -46.56 -52.27
#